data_3ZSS
#
_entry.id   3ZSS
#
_cell.length_a   113.090
_cell.length_b   112.980
_cell.length_c   314.240
_cell.angle_alpha   90.00
_cell.angle_beta   90.00
_cell.angle_gamma   90.00
#
_symmetry.space_group_name_H-M   'P 21 21 21'
#
loop_
_entity.id
_entity.type
_entity.pdbx_description
1 polymer 'PUTATIVE GLUCANOHYDROLASE PEP1A'
2 water water
#
_entity_poly.entity_id   1
_entity_poly.type   'polypeptide(L)'
_entity_poly.pdbx_seq_one_letter_code
;MGSSHHHHHHSSGLVPRGSHMPATHHSSATSAERPTVVGRIPVLDVRPVVQRGRRPAKAVTGESFEVSATVFREGHDAVG
ANVVLRDPRGRPGPWTPMRELAPGTDRWGATVTAGETGTWSYTVEAWGDPVTTWRHHARIKIPAGLDTDLVLEEGARLYE
RAAADVPGREDRRELLAAVDALRDESRPAASRLAAALTPQVDAVLARHPLRDLVTSSDPLPLLVERERALYGAWYEFFPR
SEGTPHTPHGTFRTAARRLPAIAAMGFDVVYLPPIHPIGTTHRKGRNNTLSATGDDVGVPWAIGSPEGGHDSIHPALGTL
DDFDHFVTEAGKLGLEIALDFALQCSPDHPWVHKHPEWFHHRPDGTIAHAENPPKKYQDIYPIAFDADPDGLATETVRIL
RHWMDHGVRIFRVDNPHTKPVAFWERVIADINGTDPDVIFLAEAFTRPAMMATLAQIGFQQSYTYFTWRNTKQELTEYLT
ELSGEAASYMRPNFFANTPDILHAYLQHGGRPAFEVRAVLAATLSPTWGIYSGYELCENTPLREGSEEYLDSEKYQLKPR
DWTRAAREGTTIAPLVTRLNTIRRENPALRQLRDLHFHPTDKEEVIAYSKRQGSNTVLVVVNLDPRHTQEATVSLDMPQL
GLDWHESVPVRDELTGETYHWGRANYVRLEPGRTPAHVCTVLRPSHPQIGGSHTT
;
_entity_poly.pdbx_strand_id   A,B,C,D
#
# COMPACT_ATOMS: atom_id res chain seq x y z
N PRO A 35 -20.44 47.29 5.07
CA PRO A 35 -20.45 47.64 3.66
C PRO A 35 -20.49 46.41 2.76
N THR A 36 -21.26 46.49 1.67
CA THR A 36 -21.36 45.40 0.71
C THR A 36 -20.25 45.49 -0.35
N VAL A 37 -20.07 44.41 -1.09
CA VAL A 37 -19.02 44.34 -2.12
C VAL A 37 -19.58 44.84 -3.45
N VAL A 38 -20.87 44.57 -3.71
CA VAL A 38 -21.57 45.15 -4.83
C VAL A 38 -22.26 46.43 -4.41
N GLY A 39 -22.20 47.43 -5.29
CA GLY A 39 -22.87 48.69 -5.08
C GLY A 39 -24.29 48.68 -5.60
N ARG A 40 -24.96 49.81 -5.48
CA ARG A 40 -26.39 49.88 -5.83
C ARG A 40 -26.67 49.41 -7.25
N ILE A 41 -25.86 49.87 -8.21
CA ILE A 41 -25.88 49.37 -9.56
C ILE A 41 -24.58 48.62 -9.79
N PRO A 42 -24.66 47.29 -9.88
CA PRO A 42 -23.52 46.42 -10.16
C PRO A 42 -22.60 46.89 -11.30
N VAL A 43 -21.35 47.17 -10.96
CA VAL A 43 -20.29 47.38 -11.93
C VAL A 43 -19.12 46.48 -11.52
N LEU A 44 -18.85 45.45 -12.33
CA LEU A 44 -17.99 44.33 -11.93
C LEU A 44 -16.94 44.02 -12.99
N ASP A 45 -15.77 43.56 -12.55
CA ASP A 45 -14.75 43.08 -13.48
C ASP A 45 -14.33 44.13 -14.50
N VAL A 46 -13.99 45.30 -14.01
CA VAL A 46 -13.48 46.35 -14.87
C VAL A 46 -12.14 45.92 -15.45
N ARG A 47 -12.05 46.05 -16.78
CA ARG A 47 -10.81 45.78 -17.51
C ARG A 47 -10.40 46.98 -18.38
N PRO A 48 -9.10 47.08 -18.69
CA PRO A 48 -8.01 46.21 -18.31
C PRO A 48 -7.62 46.19 -16.82
N VAL A 49 -7.11 45.04 -16.40
CA VAL A 49 -6.62 44.82 -15.04
C VAL A 49 -5.35 43.98 -15.14
N VAL A 50 -4.35 44.31 -14.32
CA VAL A 50 -3.09 43.60 -14.36
C VAL A 50 -2.77 43.18 -12.92
N GLN A 51 -2.61 41.88 -12.69
CA GLN A 51 -2.27 41.39 -11.38
C GLN A 51 -3.31 41.78 -10.35
N ARG A 52 -4.58 41.81 -10.75
CA ARG A 52 -5.71 42.07 -9.84
C ARG A 52 -5.70 43.50 -9.33
N GLY A 53 -5.05 44.40 -10.06
CA GLY A 53 -4.89 45.80 -9.63
C GLY A 53 -3.59 46.14 -8.90
N ARG A 54 -2.70 45.16 -8.70
CA ARG A 54 -1.47 45.35 -7.97
C ARG A 54 -0.37 45.96 -8.86
N ARG A 55 -0.60 45.91 -10.17
CA ARG A 55 0.32 46.49 -11.14
C ARG A 55 -0.51 47.26 -12.15
N PRO A 56 0.07 48.33 -12.71
CA PRO A 56 -0.72 49.19 -13.57
C PRO A 56 -0.89 48.60 -14.98
N ALA A 57 -2.01 48.95 -15.60
CA ALA A 57 -2.14 48.77 -17.04
C ALA A 57 -1.32 49.86 -17.71
N LYS A 58 -0.97 49.63 -18.96
CA LYS A 58 -0.09 50.52 -19.71
C LYS A 58 -0.78 51.19 -20.89
N ALA A 59 -0.34 52.43 -21.13
CA ALA A 59 -0.53 53.10 -22.38
C ALA A 59 0.64 54.01 -22.66
N VAL A 60 0.60 54.67 -23.81
CA VAL A 60 1.51 55.77 -24.06
C VAL A 60 0.66 56.96 -24.43
N THR A 61 1.28 58.13 -24.44
CA THR A 61 0.63 59.36 -24.84
C THR A 61 -0.02 59.24 -26.22
N GLY A 62 -1.28 59.69 -26.32
CA GLY A 62 -2.04 59.63 -27.55
C GLY A 62 -2.56 58.27 -27.94
N GLU A 63 -2.33 57.25 -27.12
CA GLU A 63 -2.84 55.91 -27.41
C GLU A 63 -4.25 55.76 -26.88
N SER A 64 -5.12 55.18 -27.71
CA SER A 64 -6.46 54.84 -27.34
C SER A 64 -6.61 53.35 -27.02
N PHE A 65 -7.39 53.05 -25.98
CA PHE A 65 -7.71 51.67 -25.62
C PHE A 65 -9.08 51.61 -24.99
N GLU A 66 -9.62 50.38 -24.94
CA GLU A 66 -10.96 50.15 -24.41
C GLU A 66 -10.92 49.86 -22.91
N VAL A 67 -11.75 50.59 -22.17
CA VAL A 67 -12.07 50.22 -20.79
C VAL A 67 -13.44 49.52 -20.81
N SER A 68 -13.52 48.37 -20.13
CA SER A 68 -14.73 47.60 -20.14
C SER A 68 -15.14 47.17 -18.72
N ALA A 69 -16.41 46.84 -18.59
CA ALA A 69 -16.97 46.36 -17.30
C ALA A 69 -18.26 45.63 -17.53
N THR A 70 -18.65 44.82 -16.53
CA THR A 70 -19.94 44.14 -16.55
C THR A 70 -20.88 44.97 -15.70
N VAL A 71 -21.88 45.55 -16.38
CA VAL A 71 -22.84 46.47 -15.80
C VAL A 71 -24.26 46.01 -16.07
N PHE A 72 -25.07 46.08 -15.04
CA PHE A 72 -26.46 45.67 -15.11
C PHE A 72 -27.15 46.13 -13.81
N ARG A 73 -28.47 45.94 -13.77
CA ARG A 73 -29.22 46.18 -12.54
C ARG A 73 -30.31 45.13 -12.35
N GLU A 74 -30.95 45.20 -11.19
CA GLU A 74 -32.08 44.34 -10.88
C GLU A 74 -33.28 44.81 -11.71
N GLY A 75 -34.22 43.90 -11.98
CA GLY A 75 -35.48 44.27 -12.61
C GLY A 75 -35.26 44.39 -14.10
N HIS A 76 -36.13 45.15 -14.76
CA HIS A 76 -36.11 45.20 -16.22
C HIS A 76 -35.78 46.55 -16.84
N ASP A 77 -35.49 47.54 -16.02
CA ASP A 77 -35.18 48.89 -16.49
C ASP A 77 -33.76 49.02 -17.06
N ALA A 78 -33.53 50.09 -17.82
CA ALA A 78 -32.29 50.25 -18.56
C ALA A 78 -31.17 50.76 -17.63
N VAL A 79 -29.94 50.34 -17.90
CA VAL A 79 -28.77 50.92 -17.23
C VAL A 79 -27.99 51.74 -18.25
N GLY A 80 -27.12 52.62 -17.74
CA GLY A 80 -26.14 53.30 -18.55
C GLY A 80 -24.81 53.21 -17.84
N ALA A 81 -23.73 53.50 -18.57
CA ALA A 81 -22.40 53.51 -17.95
C ALA A 81 -21.45 54.46 -18.66
N ASN A 82 -20.39 54.88 -17.95
CA ASN A 82 -19.41 55.78 -18.52
C ASN A 82 -18.07 55.58 -17.82
N VAL A 83 -17.01 55.96 -18.51
CA VAL A 83 -15.66 55.83 -18.00
C VAL A 83 -15.14 57.21 -17.55
N VAL A 84 -14.53 57.23 -16.37
CA VAL A 84 -13.94 58.43 -15.81
C VAL A 84 -12.43 58.19 -15.70
N LEU A 85 -11.70 58.87 -16.58
CA LEU A 85 -10.26 58.80 -16.62
C LEU A 85 -9.73 60.00 -15.86
N ARG A 86 -8.84 59.75 -14.92
CA ARG A 86 -8.25 60.81 -14.13
C ARG A 86 -6.74 60.85 -14.34
N ASP A 87 -6.23 62.06 -14.51
CA ASP A 87 -4.81 62.29 -14.79
C ASP A 87 -3.99 62.26 -13.52
N PRO A 88 -2.66 62.44 -13.61
CA PRO A 88 -1.80 62.46 -12.44
C PRO A 88 -2.19 63.51 -11.39
N ARG A 89 -2.83 64.59 -11.80
CA ARG A 89 -3.34 65.60 -10.87
C ARG A 89 -4.74 65.22 -10.34
N GLY A 90 -5.33 64.15 -10.88
CA GLY A 90 -6.62 63.66 -10.43
C GLY A 90 -7.76 64.33 -11.18
N ARG A 91 -7.45 65.02 -12.26
CA ARG A 91 -8.45 65.77 -13.01
C ARG A 91 -9.17 64.83 -13.97
N PRO A 92 -10.52 64.88 -13.99
CA PRO A 92 -11.35 63.98 -14.80
C PRO A 92 -11.30 64.32 -16.29
N GLY A 93 -11.47 63.30 -17.12
CA GLY A 93 -11.49 63.49 -18.55
C GLY A 93 -12.87 63.88 -19.01
N PRO A 94 -13.08 63.88 -20.35
CA PRO A 94 -14.37 64.18 -20.94
C PRO A 94 -15.39 63.09 -20.68
N TRP A 95 -16.65 63.48 -20.72
CA TRP A 95 -17.79 62.57 -20.73
C TRP A 95 -17.55 61.43 -21.69
N THR A 96 -17.48 60.21 -21.18
CA THR A 96 -17.18 59.02 -22.00
C THR A 96 -18.21 57.93 -21.79
N PRO A 97 -19.32 58.03 -22.52
CA PRO A 97 -20.34 57.04 -22.34
C PRO A 97 -19.95 55.71 -22.94
N MET A 98 -20.35 54.65 -22.25
CA MET A 98 -20.12 53.30 -22.70
C MET A 98 -21.37 52.75 -23.39
N ARG A 99 -21.19 51.68 -24.13
CA ARG A 99 -22.26 50.96 -24.82
C ARG A 99 -22.13 49.47 -24.54
N GLU A 100 -23.24 48.73 -24.51
CA GLU A 100 -23.13 47.27 -24.33
C GLU A 100 -22.42 46.77 -25.57
N LEU A 101 -21.39 45.94 -25.39
CA LEU A 101 -20.56 45.51 -26.54
C LEU A 101 -21.13 44.34 -27.34
N ALA A 102 -21.99 43.55 -26.72
CA ALA A 102 -22.73 42.52 -27.48
C ALA A 102 -24.05 42.24 -26.74
N PRO A 103 -25.13 41.96 -27.49
CA PRO A 103 -26.45 41.81 -26.89
C PRO A 103 -26.53 40.66 -25.90
N GLY A 104 -27.22 40.89 -24.78
CA GLY A 104 -27.40 39.85 -23.79
C GLY A 104 -26.20 39.64 -22.88
N THR A 105 -25.07 40.27 -23.19
CA THR A 105 -23.80 40.00 -22.49
C THR A 105 -23.56 40.82 -21.23
N ASP A 106 -24.19 41.99 -21.10
CA ASP A 106 -24.00 42.86 -19.92
C ASP A 106 -22.56 43.32 -19.81
N ARG A 107 -21.84 43.29 -20.94
CA ARG A 107 -20.48 43.76 -20.98
C ARG A 107 -20.46 45.09 -21.70
N TRP A 108 -19.98 46.12 -21.01
CA TRP A 108 -19.98 47.46 -21.56
C TRP A 108 -18.56 47.95 -21.80
N GLY A 109 -18.40 48.84 -22.78
CA GLY A 109 -17.09 49.40 -23.09
C GLY A 109 -17.16 50.76 -23.74
N ALA A 110 -16.09 51.53 -23.54
CA ALA A 110 -15.84 52.77 -24.22
C ALA A 110 -14.36 52.90 -24.51
N THR A 111 -14.04 53.66 -25.55
CA THR A 111 -12.65 53.95 -25.84
C THR A 111 -12.21 55.24 -25.10
N VAL A 112 -11.04 55.19 -24.48
CA VAL A 112 -10.43 56.35 -23.84
C VAL A 112 -9.04 56.59 -24.42
N THR A 113 -8.52 57.79 -24.23
CA THR A 113 -7.20 58.16 -24.77
C THR A 113 -6.31 58.80 -23.71
N ALA A 114 -5.09 58.27 -23.60
CA ALA A 114 -4.10 58.73 -22.64
C ALA A 114 -3.49 60.05 -23.10
N GLY A 115 -3.33 60.96 -22.15
CA GLY A 115 -2.71 62.27 -22.38
C GLY A 115 -1.23 62.23 -22.00
N GLU A 116 -0.83 63.16 -21.15
CA GLU A 116 0.56 63.30 -20.68
C GLU A 116 1.01 62.08 -19.92
N THR A 117 2.32 61.90 -19.82
CA THR A 117 2.86 60.74 -19.14
C THR A 117 2.66 60.88 -17.61
N GLY A 118 2.64 59.74 -16.91
CA GLY A 118 2.47 59.70 -15.46
C GLY A 118 1.52 58.57 -15.06
N THR A 119 1.13 58.58 -13.80
CA THR A 119 0.22 57.58 -13.26
C THR A 119 -1.18 58.15 -13.21
N TRP A 120 -2.07 57.48 -13.94
CA TRP A 120 -3.46 57.85 -14.04
C TRP A 120 -4.30 56.79 -13.33
N SER A 121 -5.62 56.99 -13.31
CA SER A 121 -6.53 55.96 -12.86
C SER A 121 -7.81 56.00 -13.67
N TYR A 122 -8.56 54.92 -13.63
CA TYR A 122 -9.84 54.89 -14.33
C TYR A 122 -10.90 54.18 -13.53
N THR A 123 -12.09 54.77 -13.57
CA THR A 123 -13.24 54.24 -12.89
C THR A 123 -14.37 54.14 -13.90
N VAL A 124 -15.24 53.15 -13.70
CA VAL A 124 -16.49 53.00 -14.43
C VAL A 124 -17.60 53.43 -13.52
N GLU A 125 -18.44 54.33 -14.01
CA GLU A 125 -19.70 54.71 -13.30
C GLU A 125 -20.87 54.00 -13.99
N ALA A 126 -21.75 53.39 -13.19
CA ALA A 126 -22.94 52.69 -13.66
C ALA A 126 -24.17 53.30 -12.98
N TRP A 127 -25.29 53.28 -13.67
CA TRP A 127 -26.41 54.09 -13.26
C TRP A 127 -27.66 53.64 -13.97
N GLY A 128 -28.77 53.76 -13.26
CA GLY A 128 -30.09 53.63 -13.88
C GLY A 128 -30.30 54.69 -14.94
N ASP A 129 -30.90 54.27 -16.08
CA ASP A 129 -31.21 55.15 -17.17
C ASP A 129 -32.73 55.20 -17.30
N PRO A 130 -33.38 56.01 -16.46
CA PRO A 130 -34.87 56.01 -16.44
C PRO A 130 -35.53 56.62 -17.66
N VAL A 131 -34.84 57.53 -18.35
CA VAL A 131 -35.40 58.12 -19.56
C VAL A 131 -35.55 57.10 -20.68
N THR A 132 -34.53 56.26 -20.91
CA THR A 132 -34.60 55.21 -21.94
C THR A 132 -35.72 54.22 -21.64
N THR A 133 -35.86 53.93 -20.36
CA THR A 133 -36.87 53.04 -19.83
C THR A 133 -38.25 53.59 -20.10
N TRP A 134 -38.44 54.86 -19.75
CA TRP A 134 -39.74 55.52 -19.94
C TRP A 134 -40.12 55.57 -21.40
N ARG A 135 -39.18 55.98 -22.25
CA ARG A 135 -39.43 56.08 -23.68
C ARG A 135 -39.90 54.75 -24.31
N HIS A 136 -39.23 53.66 -23.91
CA HIS A 136 -39.60 52.31 -24.30
C HIS A 136 -41.07 52.00 -23.99
N HIS A 137 -41.50 52.26 -22.76
CA HIS A 137 -42.91 52.01 -22.37
C HIS A 137 -43.88 52.97 -23.03
N ALA A 138 -43.46 54.24 -23.13
CA ALA A 138 -44.24 55.29 -23.73
C ALA A 138 -44.56 55.01 -25.19
N ARG A 139 -43.57 54.55 -25.96
CA ARG A 139 -43.79 54.21 -27.36
C ARG A 139 -44.78 53.07 -27.54
N ILE A 140 -44.92 52.23 -26.53
CA ILE A 140 -45.84 51.10 -26.57
C ILE A 140 -47.23 51.46 -26.00
N LYS A 141 -47.27 52.09 -24.83
CA LYS A 141 -48.53 52.40 -24.15
C LYS A 141 -49.35 53.48 -24.83
N ILE A 142 -48.69 54.51 -25.32
CA ILE A 142 -49.38 55.68 -25.89
C ILE A 142 -50.15 55.34 -27.18
N PRO A 143 -49.56 54.51 -28.06
CA PRO A 143 -50.29 54.03 -29.26
C PRO A 143 -51.41 53.07 -28.90
N ALA A 144 -51.19 52.28 -27.86
CA ALA A 144 -52.21 51.37 -27.36
C ALA A 144 -53.25 52.09 -26.48
N GLY A 145 -52.99 53.37 -26.17
CA GLY A 145 -53.95 54.20 -25.44
C GLY A 145 -54.06 53.81 -23.98
N LEU A 146 -52.98 53.24 -23.43
CA LEU A 146 -53.01 52.80 -22.02
C LEU A 146 -52.52 53.89 -21.11
N ASP A 147 -53.38 54.33 -20.18
CA ASP A 147 -53.03 55.34 -19.15
C ASP A 147 -52.23 56.50 -19.69
N THR A 148 -52.69 57.11 -20.75
CA THR A 148 -51.85 58.03 -21.51
C THR A 148 -51.46 59.26 -20.68
N ASP A 149 -52.40 59.82 -19.93
CA ASP A 149 -52.13 60.99 -19.09
C ASP A 149 -51.08 60.67 -18.02
N LEU A 150 -51.18 59.49 -17.43
CA LEU A 150 -50.24 59.08 -16.37
C LEU A 150 -48.82 58.87 -16.92
N VAL A 151 -48.73 58.14 -18.04
CA VAL A 151 -47.44 57.91 -18.72
C VAL A 151 -46.80 59.26 -19.13
N LEU A 152 -47.61 60.17 -19.66
CA LEU A 152 -47.09 61.44 -20.16
C LEU A 152 -46.62 62.36 -19.04
N GLU A 153 -47.35 62.35 -17.92
CA GLU A 153 -46.94 63.10 -16.74
C GLU A 153 -45.66 62.52 -16.14
N GLU A 154 -45.55 61.21 -16.13
CA GLU A 154 -44.32 60.55 -15.69
C GLU A 154 -43.11 60.98 -16.49
N GLY A 155 -43.30 61.12 -17.80
CA GLY A 155 -42.23 61.57 -18.70
C GLY A 155 -41.84 63.02 -18.39
N ALA A 156 -42.85 63.86 -18.21
CA ALA A 156 -42.63 65.27 -17.90
C ALA A 156 -41.76 65.41 -16.64
N ARG A 157 -42.02 64.62 -15.60
CA ARG A 157 -41.24 64.75 -14.32
C ARG A 157 -39.78 64.28 -14.48
N LEU A 158 -39.54 63.24 -15.27
CA LEU A 158 -38.17 62.80 -15.58
C LEU A 158 -37.45 63.90 -16.33
N TYR A 159 -38.09 64.44 -17.38
CA TYR A 159 -37.47 65.50 -18.19
C TYR A 159 -37.20 66.78 -17.36
N GLU A 160 -38.05 67.06 -16.36
CA GLU A 160 -37.83 68.18 -15.43
C GLU A 160 -36.58 68.00 -14.56
N ARG A 161 -36.40 66.78 -14.05
CA ARG A 161 -35.21 66.42 -13.28
C ARG A 161 -33.94 66.48 -14.12
N ALA A 162 -34.03 65.97 -15.35
CA ALA A 162 -32.91 66.02 -16.28
C ALA A 162 -32.55 67.47 -16.60
N ALA A 163 -33.59 68.31 -16.71
CA ALA A 163 -33.43 69.72 -17.03
C ALA A 163 -32.72 70.49 -15.92
N ALA A 164 -32.98 70.11 -14.66
CA ALA A 164 -32.45 70.81 -13.50
C ALA A 164 -30.94 70.67 -13.39
N ASP A 165 -30.40 69.63 -14.00
CA ASP A 165 -28.96 69.37 -13.99
C ASP A 165 -28.20 70.04 -15.14
N VAL A 166 -28.93 70.42 -16.20
CA VAL A 166 -28.31 70.96 -17.41
C VAL A 166 -27.80 72.40 -17.23
N PRO A 167 -26.48 72.61 -17.32
CA PRO A 167 -25.95 73.97 -17.19
C PRO A 167 -26.38 74.88 -18.33
N GLY A 168 -26.29 74.42 -19.57
CA GLY A 168 -26.69 75.24 -20.72
C GLY A 168 -28.10 75.79 -20.53
N ARG A 169 -28.29 77.05 -20.92
CA ARG A 169 -29.60 77.70 -20.79
C ARG A 169 -30.49 77.31 -21.97
N GLU A 170 -29.89 77.25 -23.17
CA GLU A 170 -30.62 76.79 -24.35
C GLU A 170 -31.04 75.33 -24.21
N ASP A 171 -30.16 74.49 -23.68
CA ASP A 171 -30.46 73.09 -23.44
C ASP A 171 -31.56 72.95 -22.38
N ARG A 172 -31.45 73.71 -21.30
CA ARG A 172 -32.47 73.71 -20.26
C ARG A 172 -33.87 74.08 -20.82
N ARG A 173 -33.93 75.17 -21.60
CA ARG A 173 -35.16 75.59 -22.25
C ARG A 173 -35.68 74.57 -23.26
N GLU A 174 -34.78 73.89 -23.97
CA GLU A 174 -35.16 72.83 -24.88
C GLU A 174 -35.90 71.68 -24.14
N LEU A 175 -35.39 71.30 -22.96
CA LEU A 175 -35.99 70.24 -22.15
C LEU A 175 -37.31 70.69 -21.51
N LEU A 176 -37.35 71.92 -20.98
CA LEU A 176 -38.58 72.46 -20.39
C LEU A 176 -39.68 72.63 -21.42
N ALA A 177 -39.29 73.02 -22.64
CA ALA A 177 -40.21 73.12 -23.75
C ALA A 177 -40.89 71.76 -24.01
N ALA A 178 -40.12 70.66 -23.97
CA ALA A 178 -40.67 69.31 -24.13
C ALA A 178 -41.57 68.93 -22.96
N VAL A 179 -41.16 69.30 -21.75
CA VAL A 179 -41.96 69.08 -20.55
C VAL A 179 -43.36 69.68 -20.73
N ASP A 180 -43.41 70.94 -21.15
CA ASP A 180 -44.69 71.65 -21.41
C ASP A 180 -45.55 70.93 -22.44
N ALA A 181 -44.93 70.51 -23.53
CA ALA A 181 -45.64 69.79 -24.56
C ALA A 181 -46.14 68.42 -24.03
N LEU A 182 -45.32 67.71 -23.22
CA LEU A 182 -45.70 66.43 -22.60
C LEU A 182 -46.98 66.62 -21.75
N ARG A 183 -47.09 67.79 -21.14
CA ARG A 183 -48.13 68.10 -20.20
C ARG A 183 -49.36 68.75 -20.80
N ASP A 184 -49.32 69.05 -22.09
CA ASP A 184 -50.41 69.79 -22.73
C ASP A 184 -51.54 68.80 -23.01
N GLU A 185 -52.45 68.72 -22.05
CA GLU A 185 -53.57 67.80 -22.08
C GLU A 185 -54.61 68.11 -23.14
N SER A 186 -54.48 69.25 -23.82
CA SER A 186 -55.38 69.59 -24.91
C SER A 186 -54.92 68.98 -26.24
N ARG A 187 -53.72 68.40 -26.25
CA ARG A 187 -53.13 67.83 -27.47
C ARG A 187 -53.23 66.30 -27.54
N PRO A 188 -53.26 65.75 -28.79
CA PRO A 188 -53.25 64.32 -28.95
C PRO A 188 -52.04 63.66 -28.24
N ALA A 189 -52.28 62.50 -27.63
CA ALA A 189 -51.26 61.75 -26.87
C ALA A 189 -49.98 61.52 -27.67
N ALA A 190 -50.11 60.97 -28.88
CA ALA A 190 -48.93 60.63 -29.67
C ALA A 190 -48.18 61.90 -30.13
N SER A 191 -48.88 63.02 -30.16
CA SER A 191 -48.26 64.33 -30.45
C SER A 191 -47.42 64.80 -29.28
N ARG A 192 -48.01 64.77 -28.08
CA ARG A 192 -47.29 65.17 -26.88
C ARG A 192 -46.02 64.31 -26.76
N LEU A 193 -46.17 63.01 -26.99
CA LEU A 193 -45.03 62.06 -26.89
C LEU A 193 -43.92 62.39 -27.89
N ALA A 194 -44.30 62.59 -29.15
CA ALA A 194 -43.35 62.94 -30.23
C ALA A 194 -42.46 64.15 -29.84
N ALA A 195 -43.06 65.15 -29.20
CA ALA A 195 -42.33 66.33 -28.73
C ALA A 195 -41.20 66.04 -27.75
N ALA A 196 -41.26 64.88 -27.09
CA ALA A 196 -40.21 64.46 -26.20
C ALA A 196 -39.15 63.55 -26.89
N LEU A 197 -39.34 63.26 -28.18
CA LEU A 197 -38.49 62.30 -28.86
C LEU A 197 -37.74 62.92 -30.03
N THR A 198 -37.66 64.24 -30.05
CA THR A 198 -37.03 64.93 -31.17
C THR A 198 -35.52 64.77 -31.15
N PRO A 199 -34.87 64.96 -32.31
CA PRO A 199 -33.41 64.90 -32.39
C PRO A 199 -32.65 65.82 -31.44
N GLN A 200 -33.13 67.05 -31.25
CA GLN A 200 -32.46 68.03 -30.35
C GLN A 200 -32.66 67.70 -28.87
N VAL A 201 -33.79 67.13 -28.53
CA VAL A 201 -34.00 66.60 -27.18
C VAL A 201 -33.04 65.41 -26.93
N ASP A 202 -32.93 64.52 -27.92
CA ASP A 202 -32.00 63.38 -27.87
C ASP A 202 -30.57 63.85 -27.63
N ALA A 203 -30.17 64.89 -28.35
CA ALA A 203 -28.80 65.40 -28.29
C ALA A 203 -28.46 65.96 -26.91
N VAL A 204 -29.42 66.68 -26.32
CA VAL A 204 -29.24 67.26 -25.00
C VAL A 204 -29.03 66.13 -23.99
N LEU A 205 -29.87 65.10 -24.09
CA LEU A 205 -29.86 63.98 -23.16
C LEU A 205 -28.67 63.05 -23.31
N ALA A 206 -28.16 62.94 -24.53
CA ALA A 206 -26.98 62.13 -24.78
C ALA A 206 -25.74 62.74 -24.11
N ARG A 207 -25.71 64.07 -24.08
CA ARG A 207 -24.60 64.84 -23.49
C ARG A 207 -24.75 65.01 -21.97
N HIS A 208 -26.00 65.10 -21.48
CA HIS A 208 -26.27 65.30 -20.05
C HIS A 208 -27.36 64.36 -19.55
N PRO A 209 -27.07 63.04 -19.50
CA PRO A 209 -28.18 62.13 -19.23
C PRO A 209 -28.64 62.23 -17.79
N LEU A 210 -29.91 61.93 -17.57
CA LEU A 210 -30.41 61.77 -16.21
C LEU A 210 -29.95 60.40 -15.70
N ARG A 211 -29.07 60.40 -14.71
CA ARG A 211 -28.49 59.19 -14.18
C ARG A 211 -29.05 58.91 -12.80
N ASP A 212 -29.71 57.77 -12.63
CA ASP A 212 -30.17 57.29 -11.33
C ASP A 212 -29.09 56.46 -10.60
N LEU A 213 -28.97 56.63 -9.28
CA LEU A 213 -28.27 55.65 -8.43
C LEU A 213 -26.83 55.38 -8.87
N VAL A 214 -26.10 56.47 -9.11
CA VAL A 214 -24.77 56.39 -9.67
C VAL A 214 -23.85 55.56 -8.76
N THR A 215 -23.20 54.56 -9.36
CA THR A 215 -22.32 53.64 -8.62
C THR A 215 -20.98 53.60 -9.33
N SER A 216 -19.89 53.64 -8.55
CA SER A 216 -18.54 53.66 -9.07
C SER A 216 -17.75 52.44 -8.66
N SER A 217 -16.98 51.90 -9.62
CA SER A 217 -15.95 50.92 -9.27
C SER A 217 -14.85 51.57 -8.49
N ASP A 218 -14.04 50.74 -7.84
CA ASP A 218 -12.79 51.24 -7.27
C ASP A 218 -11.85 51.56 -8.42
N PRO A 219 -11.08 52.67 -8.30
CA PRO A 219 -10.19 53.07 -9.37
C PRO A 219 -9.11 52.03 -9.71
N LEU A 220 -8.73 51.91 -10.99
CA LEU A 220 -7.61 51.08 -11.38
C LEU A 220 -6.46 51.92 -11.92
N PRO A 221 -5.22 51.46 -11.72
CA PRO A 221 -4.07 52.23 -12.15
C PRO A 221 -3.71 52.13 -13.64
N LEU A 222 -3.34 53.28 -14.21
CA LEU A 222 -2.82 53.35 -15.56
C LEU A 222 -1.47 54.11 -15.60
N LEU A 223 -0.41 53.45 -16.05
CA LEU A 223 0.88 54.10 -16.26
C LEU A 223 1.02 54.49 -17.73
N VAL A 224 1.11 55.80 -17.95
CA VAL A 224 1.23 56.38 -19.28
C VAL A 224 2.69 56.76 -19.46
N GLU A 225 3.31 56.21 -20.50
CA GLU A 225 4.73 56.44 -20.82
C GLU A 225 4.87 57.10 -22.18
N ARG A 226 6.10 57.46 -22.55
CA ARG A 226 6.34 58.21 -23.77
C ARG A 226 6.12 57.37 -25.04
N GLU A 227 5.88 58.08 -26.14
CA GLU A 227 5.54 57.49 -27.45
C GLU A 227 6.52 56.36 -27.80
N ARG A 228 7.81 56.57 -27.62
CA ARG A 228 8.80 55.59 -28.00
C ARG A 228 8.66 54.23 -27.34
N ALA A 229 8.05 54.18 -26.16
CA ALA A 229 7.84 52.90 -25.51
C ALA A 229 6.97 51.98 -26.38
N LEU A 230 6.04 52.56 -27.13
CA LEU A 230 5.18 51.80 -28.05
C LEU A 230 5.63 51.83 -29.52
N TYR A 231 6.13 52.98 -29.97
CA TYR A 231 6.34 53.20 -31.40
C TYR A 231 7.79 53.59 -31.70
N GLY A 232 8.39 52.92 -32.67
CA GLY A 232 9.75 53.28 -33.12
C GLY A 232 10.37 52.20 -33.96
N ALA A 233 11.32 52.60 -34.80
CA ALA A 233 12.04 51.70 -35.67
C ALA A 233 13.40 51.55 -35.05
N TRP A 234 13.85 50.31 -34.90
CA TRP A 234 15.15 49.96 -34.28
C TRP A 234 16.13 49.33 -35.24
N TYR A 235 17.41 49.73 -35.10
CA TYR A 235 18.48 49.20 -35.92
C TYR A 235 19.59 48.80 -35.00
N GLU A 236 20.01 47.55 -35.11
CA GLU A 236 21.13 47.06 -34.33
C GLU A 236 22.39 46.95 -35.19
N PHE A 237 23.54 47.50 -34.72
CA PHE A 237 24.83 47.19 -35.34
C PHE A 237 25.96 47.18 -34.31
N PHE A 238 27.08 46.58 -34.72
CA PHE A 238 28.31 46.48 -33.91
C PHE A 238 29.29 47.55 -34.37
N PRO A 239 29.52 48.57 -33.56
CA PRO A 239 30.42 49.64 -33.96
C PRO A 239 31.81 49.15 -34.37
N ARG A 240 32.27 48.07 -33.75
CA ARG A 240 33.61 47.57 -34.01
C ARG A 240 33.77 47.10 -35.46
N SER A 241 32.66 46.68 -36.08
CA SER A 241 32.68 46.18 -37.45
C SER A 241 32.90 47.30 -38.46
N GLU A 242 32.54 48.52 -38.10
CA GLU A 242 32.75 49.68 -38.98
C GLU A 242 34.10 50.39 -38.75
N GLY A 243 35.19 49.76 -39.18
CA GLY A 243 36.57 50.31 -39.06
C GLY A 243 37.13 50.69 -40.42
N THR A 244 38.45 50.68 -40.52
CA THR A 244 39.15 51.13 -41.75
C THR A 244 40.10 50.06 -42.22
N PRO A 245 40.70 50.25 -43.43
CA PRO A 245 41.68 49.25 -43.85
C PRO A 245 42.88 49.22 -42.90
N HIS A 246 43.25 50.37 -42.36
CA HIS A 246 44.41 50.45 -41.46
C HIS A 246 44.07 49.96 -40.05
N THR A 247 42.91 50.37 -39.53
CA THR A 247 42.42 49.97 -38.19
C THR A 247 41.07 49.26 -38.36
N PRO A 248 41.09 47.93 -38.62
CA PRO A 248 39.86 47.18 -38.87
C PRO A 248 38.88 47.22 -37.70
N HIS A 249 39.38 47.15 -36.47
CA HIS A 249 38.52 47.32 -35.31
C HIS A 249 37.98 48.75 -35.23
N GLY A 250 36.68 48.89 -35.49
CA GLY A 250 36.04 50.21 -35.52
C GLY A 250 36.04 50.90 -34.17
N THR A 251 36.04 52.22 -34.20
CA THR A 251 35.92 53.06 -33.01
C THR A 251 34.57 53.78 -33.02
N PHE A 252 34.19 54.41 -31.91
CA PHE A 252 32.99 55.24 -31.88
C PHE A 252 33.04 56.38 -32.94
N ARG A 253 34.23 56.94 -33.17
CA ARG A 253 34.41 57.97 -34.17
C ARG A 253 34.31 57.45 -35.60
N THR A 254 34.83 56.26 -35.88
CA THR A 254 34.61 55.66 -37.20
C THR A 254 33.17 55.13 -37.31
N ALA A 255 32.67 54.48 -36.26
CA ALA A 255 31.28 53.94 -36.25
C ALA A 255 30.21 54.98 -36.49
N ALA A 256 30.49 56.24 -36.10
CA ALA A 256 29.55 57.34 -36.21
C ALA A 256 29.24 57.70 -37.67
N ARG A 257 30.13 57.32 -38.56
CA ARG A 257 29.89 57.48 -40.00
C ARG A 257 28.73 56.64 -40.54
N ARG A 258 28.30 55.61 -39.78
CA ARG A 258 27.17 54.77 -40.16
C ARG A 258 25.85 55.38 -39.79
N LEU A 259 25.89 56.34 -38.88
CA LEU A 259 24.66 56.91 -38.36
C LEU A 259 23.81 57.59 -39.45
N PRO A 260 24.42 58.40 -40.34
CA PRO A 260 23.62 59.04 -41.38
C PRO A 260 22.85 58.04 -42.23
N ALA A 261 23.48 56.94 -42.62
CA ALA A 261 22.74 55.87 -43.35
C ALA A 261 21.59 55.24 -42.59
N ILE A 262 21.77 55.08 -41.28
CA ILE A 262 20.74 54.44 -40.45
C ILE A 262 19.57 55.42 -40.31
N ALA A 263 19.89 56.69 -40.03
CA ALA A 263 18.87 57.76 -39.97
C ALA A 263 18.13 57.89 -41.29
N ALA A 264 18.88 57.84 -42.40
CA ALA A 264 18.27 57.90 -43.71
C ALA A 264 17.36 56.72 -44.07
N MET A 265 17.48 55.58 -43.36
CA MET A 265 16.57 54.45 -43.53
C MET A 265 15.28 54.58 -42.71
N GLY A 266 15.10 55.74 -42.08
CA GLY A 266 13.94 56.02 -41.26
C GLY A 266 13.94 55.45 -39.84
N PHE A 267 15.09 55.05 -39.30
CA PHE A 267 15.09 54.48 -37.92
C PHE A 267 15.18 55.56 -36.87
N ASP A 268 14.69 55.24 -35.68
CA ASP A 268 14.68 56.17 -34.53
C ASP A 268 15.60 55.74 -33.39
N VAL A 269 15.90 54.44 -33.30
CA VAL A 269 16.76 53.87 -32.25
C VAL A 269 17.87 53.05 -32.81
N VAL A 270 19.09 53.28 -32.30
CA VAL A 270 20.20 52.40 -32.57
C VAL A 270 20.52 51.59 -31.31
N TYR A 271 20.41 50.27 -31.42
CA TYR A 271 20.71 49.36 -30.31
C TYR A 271 22.13 48.83 -30.52
N LEU A 272 22.99 49.10 -29.56
CA LEU A 272 24.39 48.65 -29.64
C LEU A 272 24.55 47.45 -28.72
N PRO A 273 25.19 46.39 -29.23
CA PRO A 273 25.62 45.34 -28.33
C PRO A 273 26.60 45.94 -27.32
N PRO A 274 26.93 45.18 -26.26
CA PRO A 274 27.81 45.68 -25.20
C PRO A 274 29.10 46.39 -25.66
N ILE A 275 29.31 47.61 -25.15
CA ILE A 275 30.41 48.51 -25.51
C ILE A 275 31.53 48.56 -24.45
N HIS A 276 31.57 47.58 -23.55
CA HIS A 276 32.60 47.56 -22.51
C HIS A 276 33.78 46.70 -22.91
N PRO A 277 34.85 46.72 -22.09
CA PRO A 277 35.92 45.78 -22.36
C PRO A 277 35.40 44.32 -22.38
N ILE A 278 36.16 43.44 -23.03
CA ILE A 278 35.79 42.04 -23.21
C ILE A 278 36.83 41.12 -22.59
N GLY A 279 36.36 40.13 -21.84
CA GLY A 279 37.23 39.18 -21.19
C GLY A 279 38.14 38.46 -22.15
N THR A 280 39.29 38.04 -21.62
CA THR A 280 40.22 37.22 -22.36
C THR A 280 40.07 35.73 -21.99
N THR A 281 39.83 35.43 -20.70
CA THR A 281 39.66 34.04 -20.22
C THR A 281 38.45 33.30 -20.79
N HIS A 282 38.71 32.15 -21.41
CA HIS A 282 37.71 31.39 -22.15
C HIS A 282 37.03 32.17 -23.26
N ARG A 283 37.73 33.17 -23.82
CA ARG A 283 37.15 33.95 -24.91
C ARG A 283 36.83 33.02 -26.06
N LYS A 284 35.70 33.28 -26.73
CA LYS A 284 35.30 32.53 -27.89
C LYS A 284 35.99 33.11 -29.13
N GLY A 285 36.32 32.23 -30.07
CA GLY A 285 36.88 32.64 -31.33
C GLY A 285 35.82 32.69 -32.41
N ARG A 286 36.26 32.67 -33.65
CA ARG A 286 35.32 32.81 -34.76
C ARG A 286 34.37 31.62 -34.86
N ASN A 287 33.13 31.89 -35.26
CA ASN A 287 32.09 30.87 -35.39
C ASN A 287 31.82 30.08 -34.12
N ASN A 288 31.93 30.77 -32.99
CA ASN A 288 31.69 30.17 -31.67
C ASN A 288 32.61 28.99 -31.34
N THR A 289 33.86 29.10 -31.79
CA THR A 289 34.85 28.08 -31.46
C THR A 289 35.30 28.36 -30.03
N LEU A 290 35.74 27.30 -29.36
CA LEU A 290 36.01 27.32 -27.92
C LEU A 290 37.17 28.26 -27.55
N SER A 291 38.32 28.06 -28.18
CA SER A 291 39.52 28.81 -27.86
C SER A 291 39.82 29.85 -28.94
N ALA A 292 39.80 31.12 -28.55
CA ALA A 292 40.17 32.23 -29.41
C ALA A 292 41.67 32.23 -29.68
N THR A 293 42.04 32.63 -30.90
CA THR A 293 43.45 32.73 -31.25
C THR A 293 43.87 34.20 -31.10
N GLY A 294 45.10 34.50 -31.48
CA GLY A 294 45.73 35.77 -31.18
C GLY A 294 44.94 37.04 -31.41
N ASP A 295 44.31 37.16 -32.57
CA ASP A 295 43.65 38.41 -32.90
C ASP A 295 42.13 38.41 -32.70
N ASP A 296 41.57 37.29 -32.23
CA ASP A 296 40.13 37.17 -32.11
C ASP A 296 39.58 38.19 -31.12
N VAL A 297 38.48 38.86 -31.48
CA VAL A 297 37.96 39.98 -30.71
C VAL A 297 36.97 39.58 -29.59
N GLY A 298 36.48 38.35 -29.64
CA GLY A 298 35.56 37.84 -28.64
C GLY A 298 34.15 38.38 -28.79
N VAL A 299 33.33 38.04 -27.82
CA VAL A 299 31.90 38.33 -27.81
C VAL A 299 31.68 39.47 -26.82
N PRO A 300 31.04 40.57 -27.28
CA PRO A 300 30.82 41.76 -26.42
C PRO A 300 30.10 41.47 -25.11
N TRP A 301 29.27 40.45 -25.13
CA TRP A 301 28.51 40.02 -23.93
C TRP A 301 29.35 39.41 -22.82
N ALA A 302 30.55 38.94 -23.17
CA ALA A 302 31.52 38.54 -22.18
C ALA A 302 32.17 39.81 -21.63
N ILE A 303 31.42 40.52 -20.78
CA ILE A 303 31.82 41.83 -20.28
C ILE A 303 32.86 41.76 -19.16
N GLY A 304 33.91 42.56 -19.29
CA GLY A 304 34.81 42.84 -18.18
C GLY A 304 36.21 42.33 -18.34
N SER A 305 37.16 43.19 -17.97
CA SER A 305 38.55 42.85 -17.92
C SER A 305 39.21 43.77 -16.89
N PRO A 306 40.53 43.66 -16.71
CA PRO A 306 41.24 44.62 -15.89
C PRO A 306 41.08 46.06 -16.35
N GLU A 307 40.77 46.24 -17.64
CA GLU A 307 40.54 47.55 -18.22
C GLU A 307 39.24 48.21 -17.72
N GLY A 308 38.31 47.42 -17.21
CA GLY A 308 37.04 47.97 -16.73
C GLY A 308 35.88 47.03 -16.89
N GLY A 309 34.77 47.40 -16.27
CA GLY A 309 33.53 46.61 -16.30
C GLY A 309 32.42 47.36 -17.00
N HIS A 310 31.21 47.24 -16.45
CA HIS A 310 29.98 47.75 -17.06
C HIS A 310 29.89 49.28 -17.11
N ASP A 311 30.77 49.97 -16.37
CA ASP A 311 30.78 51.43 -16.42
C ASP A 311 31.91 51.94 -17.30
N SER A 312 32.57 51.04 -18.03
CA SER A 312 33.72 51.41 -18.88
C SER A 312 33.47 51.23 -20.37
N ILE A 313 34.34 51.87 -21.16
CA ILE A 313 34.37 51.71 -22.62
C ILE A 313 35.52 50.78 -23.01
N HIS A 314 35.23 49.84 -23.90
CA HIS A 314 36.28 49.04 -24.56
C HIS A 314 37.36 50.00 -25.12
N PRO A 315 38.64 49.80 -24.77
CA PRO A 315 39.67 50.75 -25.22
C PRO A 315 39.73 50.92 -26.75
N ALA A 316 39.47 49.85 -27.50
CA ALA A 316 39.51 49.88 -28.95
C ALA A 316 38.34 50.68 -29.54
N LEU A 317 37.29 50.88 -28.75
CA LEU A 317 36.17 51.69 -29.21
C LEU A 317 36.47 53.16 -28.93
N GLY A 318 37.45 53.42 -28.05
CA GLY A 318 37.84 54.78 -27.67
C GLY A 318 37.54 55.11 -26.21
N THR A 319 37.34 56.40 -25.95
CA THR A 319 37.05 56.95 -24.63
C THR A 319 35.56 57.28 -24.45
N LEU A 320 35.19 57.51 -23.19
CA LEU A 320 33.89 58.02 -22.83
C LEU A 320 33.57 59.32 -23.57
N ASP A 321 34.59 60.12 -23.87
CA ASP A 321 34.42 61.34 -24.68
C ASP A 321 34.04 61.01 -26.12
N ASP A 322 34.63 59.94 -26.67
CA ASP A 322 34.31 59.50 -28.02
C ASP A 322 32.87 58.97 -28.06
N PHE A 323 32.47 58.24 -27.01
CA PHE A 323 31.08 57.84 -26.88
C PHE A 323 30.12 59.04 -26.81
N ASP A 324 30.46 60.05 -26.01
CA ASP A 324 29.60 61.23 -25.95
C ASP A 324 29.40 61.81 -27.36
N HIS A 325 30.48 61.80 -28.16
CA HIS A 325 30.45 62.28 -29.55
C HIS A 325 29.48 61.44 -30.39
N PHE A 326 29.54 60.13 -30.24
CA PHE A 326 28.66 59.21 -30.96
C PHE A 326 27.19 59.45 -30.61
N VAL A 327 26.90 59.57 -29.32
CA VAL A 327 25.54 59.83 -28.83
C VAL A 327 25.02 61.19 -29.29
N THR A 328 25.90 62.20 -29.28
CA THR A 328 25.56 63.52 -29.80
C THR A 328 25.25 63.51 -31.29
N GLU A 329 26.09 62.83 -32.06
CA GLU A 329 25.93 62.79 -33.50
C GLU A 329 24.66 62.02 -33.85
N ALA A 330 24.36 60.98 -33.08
CA ALA A 330 23.11 60.22 -33.20
C ALA A 330 21.90 61.13 -32.98
N GLY A 331 21.89 61.84 -31.86
CA GLY A 331 20.79 62.72 -31.48
C GLY A 331 20.47 63.76 -32.55
N LYS A 332 21.50 64.28 -33.18
CA LYS A 332 21.32 65.26 -34.26
C LYS A 332 20.64 64.68 -35.48
N LEU A 333 20.80 63.38 -35.70
CA LEU A 333 20.10 62.66 -36.76
C LEU A 333 18.74 62.12 -36.33
N GLY A 334 18.26 62.49 -35.12
CA GLY A 334 17.01 61.95 -34.57
C GLY A 334 17.10 60.51 -34.09
N LEU A 335 18.32 60.09 -33.73
CA LEU A 335 18.57 58.72 -33.27
C LEU A 335 18.84 58.69 -31.77
N GLU A 336 18.09 57.84 -31.08
CA GLU A 336 18.29 57.55 -29.67
C GLU A 336 19.15 56.31 -29.58
N ILE A 337 20.01 56.28 -28.57
CA ILE A 337 20.83 55.11 -28.37
C ILE A 337 20.18 54.25 -27.32
N ALA A 338 20.18 52.94 -27.60
CA ALA A 338 19.76 51.94 -26.65
C ALA A 338 21.00 51.07 -26.41
N LEU A 339 21.53 51.12 -25.18
CA LEU A 339 22.65 50.28 -24.79
C LEU A 339 22.17 48.93 -24.31
N ASP A 340 22.91 47.89 -24.68
CA ASP A 340 22.74 46.58 -24.09
C ASP A 340 23.12 46.55 -22.59
N PHE A 341 22.21 46.06 -21.74
CA PHE A 341 22.56 45.79 -20.35
C PHE A 341 22.49 44.27 -20.11
N ALA A 342 23.66 43.65 -19.94
CA ALA A 342 23.80 42.23 -19.71
C ALA A 342 24.41 42.06 -18.31
N LEU A 343 23.59 41.71 -17.33
CA LEU A 343 24.06 41.57 -15.96
C LEU A 343 24.67 40.21 -15.75
N GLN A 344 25.95 40.14 -16.09
CA GLN A 344 26.75 38.93 -16.17
C GLN A 344 28.18 39.38 -16.45
N CYS A 345 29.14 38.49 -16.28
CA CYS A 345 30.57 38.91 -16.22
C CYS A 345 31.40 37.89 -16.94
N SER A 346 32.44 38.35 -17.61
CA SER A 346 33.51 37.46 -17.95
C SER A 346 34.22 37.09 -16.67
N PRO A 347 35.00 35.98 -16.70
CA PRO A 347 35.88 35.66 -15.56
C PRO A 347 36.91 36.73 -15.16
N ASP A 348 37.19 37.67 -16.07
CA ASP A 348 38.19 38.70 -15.84
C ASP A 348 37.56 40.00 -15.38
N HIS A 349 36.23 40.05 -15.26
CA HIS A 349 35.54 41.20 -14.68
C HIS A 349 36.00 41.44 -13.23
N PRO A 350 36.21 42.72 -12.85
CA PRO A 350 36.66 43.08 -11.49
C PRO A 350 35.74 42.59 -10.36
N TRP A 351 34.44 42.50 -10.66
CA TRP A 351 33.47 41.98 -9.70
C TRP A 351 33.78 40.57 -9.25
N VAL A 352 34.40 39.76 -10.10
CA VAL A 352 34.74 38.38 -9.71
C VAL A 352 35.64 38.33 -8.44
N HIS A 353 36.59 39.26 -8.32
CA HIS A 353 37.39 39.32 -7.09
C HIS A 353 36.89 40.36 -6.10
N LYS A 354 36.29 41.44 -6.58
CA LYS A 354 35.78 42.48 -5.68
C LYS A 354 34.52 42.10 -4.94
N HIS A 355 33.66 41.32 -5.59
CA HIS A 355 32.39 40.91 -5.03
C HIS A 355 32.14 39.44 -5.30
N PRO A 356 32.92 38.57 -4.67
CA PRO A 356 32.76 37.13 -4.98
C PRO A 356 31.37 36.61 -4.60
N GLU A 357 30.74 37.23 -3.61
CA GLU A 357 29.41 36.76 -3.16
C GLU A 357 28.32 37.10 -4.19
N TRP A 358 28.69 37.82 -5.26
CA TRP A 358 27.74 38.02 -6.39
C TRP A 358 27.77 36.83 -7.37
N PHE A 359 28.43 35.73 -6.99
CA PHE A 359 28.50 34.57 -7.86
C PHE A 359 28.29 33.31 -7.05
N HIS A 360 27.75 32.27 -7.68
CA HIS A 360 27.66 30.98 -7.01
C HIS A 360 28.91 30.18 -7.26
N HIS A 361 29.57 29.80 -6.18
CA HIS A 361 30.78 28.99 -6.26
C HIS A 361 30.52 27.56 -5.87
N ARG A 362 31.10 26.67 -6.64
CA ARG A 362 30.98 25.24 -6.40
C ARG A 362 31.93 24.90 -5.23
N PRO A 363 31.92 23.66 -4.74
CA PRO A 363 32.75 23.35 -3.56
C PRO A 363 34.25 23.55 -3.75
N ASP A 364 34.74 23.51 -5.01
CA ASP A 364 36.16 23.74 -5.35
C ASP A 364 36.48 25.20 -5.60
N GLY A 365 35.49 26.06 -5.39
CA GLY A 365 35.65 27.50 -5.54
C GLY A 365 35.31 28.07 -6.90
N THR A 366 35.21 27.21 -7.91
CA THR A 366 34.98 27.63 -9.29
C THR A 366 33.54 28.11 -9.51
N ILE A 367 33.39 28.97 -10.50
CA ILE A 367 32.08 29.40 -10.92
C ILE A 367 31.72 28.74 -12.23
N ALA A 368 30.60 28.00 -12.25
CA ALA A 368 30.05 27.40 -13.47
C ALA A 368 29.66 28.48 -14.45
N HIS A 369 30.11 28.36 -15.68
CA HIS A 369 29.79 29.33 -16.72
C HIS A 369 28.29 29.30 -17.01
N ALA A 370 27.78 30.39 -17.58
CA ALA A 370 26.35 30.50 -17.86
C ALA A 370 25.94 29.57 -18.99
N GLU A 371 24.65 29.19 -18.96
CA GLU A 371 24.10 28.26 -19.93
C GLU A 371 22.62 28.54 -20.22
N ASN A 372 22.24 28.34 -21.48
CA ASN A 372 20.82 28.34 -21.91
C ASN A 372 20.62 27.08 -22.78
N PRO A 373 20.66 25.88 -22.14
CA PRO A 373 20.85 24.56 -22.78
C PRO A 373 19.97 24.31 -23.99
N PRO A 374 20.55 23.78 -25.09
CA PRO A 374 21.89 23.19 -25.20
C PRO A 374 23.05 24.18 -25.44
N LYS A 375 22.77 25.48 -25.39
CA LYS A 375 23.82 26.49 -25.57
C LYS A 375 24.65 26.69 -24.32
N LYS A 376 25.96 26.71 -24.49
CA LYS A 376 26.89 26.97 -23.41
C LYS A 376 27.63 28.28 -23.65
N TYR A 377 27.80 29.06 -22.60
CA TYR A 377 28.49 30.33 -22.68
C TYR A 377 29.72 30.29 -21.78
N GLN A 378 30.72 29.50 -22.18
CA GLN A 378 31.96 29.28 -21.41
C GLN A 378 32.68 30.56 -21.04
N ASP A 379 32.40 31.61 -21.79
CA ASP A 379 33.10 32.89 -21.65
C ASP A 379 32.46 33.82 -20.63
N ILE A 380 31.35 33.36 -20.00
CA ILE A 380 30.46 34.22 -19.25
C ILE A 380 30.08 33.54 -17.91
N TYR A 381 30.24 34.28 -16.81
CA TYR A 381 29.73 33.88 -15.50
C TYR A 381 28.39 34.56 -15.18
N PRO A 382 27.39 33.78 -14.72
CA PRO A 382 26.10 34.34 -14.30
C PRO A 382 26.20 34.90 -12.89
N ILE A 383 25.39 35.91 -12.61
CA ILE A 383 25.30 36.50 -11.29
C ILE A 383 24.42 35.66 -10.35
N ALA A 384 24.79 35.63 -9.06
CA ALA A 384 24.00 35.00 -7.97
C ALA A 384 23.44 36.15 -7.12
N PHE A 385 22.14 36.10 -6.80
CA PHE A 385 21.39 37.27 -6.29
C PHE A 385 21.02 37.18 -4.80
N ASP A 386 21.25 36.03 -4.21
CA ASP A 386 20.74 35.76 -2.85
C ASP A 386 21.71 36.01 -1.69
N ALA A 387 22.97 36.26 -1.99
CA ALA A 387 23.92 36.59 -0.94
C ALA A 387 23.96 38.09 -0.68
N ASP A 388 23.83 38.92 -1.72
CA ASP A 388 23.89 40.39 -1.55
C ASP A 388 22.94 41.06 -2.55
N PRO A 389 21.63 40.86 -2.38
CA PRO A 389 20.66 41.46 -3.27
C PRO A 389 20.72 42.99 -3.24
N ASP A 390 20.95 43.59 -2.06
CA ASP A 390 21.02 45.04 -1.95
C ASP A 390 22.23 45.65 -2.68
N GLY A 391 23.40 45.00 -2.54
CA GLY A 391 24.60 45.47 -3.23
C GLY A 391 24.46 45.38 -4.73
N LEU A 392 23.93 44.26 -5.22
CA LEU A 392 23.70 44.08 -6.64
C LEU A 392 22.72 45.14 -7.19
N ALA A 393 21.65 45.40 -6.44
CA ALA A 393 20.63 46.38 -6.91
C ALA A 393 21.25 47.77 -6.94
N THR A 394 22.01 48.12 -5.89
CA THR A 394 22.61 49.44 -5.73
C THR A 394 23.60 49.71 -6.86
N GLU A 395 24.40 48.72 -7.19
CA GLU A 395 25.41 48.88 -8.24
C GLU A 395 24.77 48.93 -9.62
N THR A 396 23.76 48.08 -9.83
CA THR A 396 23.01 48.05 -11.10
C THR A 396 22.43 49.45 -11.39
N VAL A 397 21.72 50.02 -10.42
CA VAL A 397 21.15 51.37 -10.64
C VAL A 397 22.22 52.45 -10.78
N ARG A 398 23.39 52.25 -10.17
CA ARG A 398 24.51 53.17 -10.37
C ARG A 398 24.99 53.12 -11.80
N ILE A 399 25.22 51.91 -12.31
CA ILE A 399 25.64 51.72 -13.70
C ILE A 399 24.67 52.38 -14.67
N LEU A 400 23.38 52.09 -14.51
CA LEU A 400 22.36 52.61 -15.37
C LEU A 400 22.33 54.15 -15.38
N ARG A 401 22.37 54.75 -14.19
CA ARG A 401 22.43 56.20 -14.03
C ARG A 401 23.70 56.84 -14.64
N HIS A 402 24.82 56.14 -14.59
CA HIS A 402 26.01 56.56 -15.30
C HIS A 402 25.73 56.73 -16.79
N TRP A 403 25.18 55.70 -17.44
CA TRP A 403 24.93 55.77 -18.89
C TRP A 403 23.80 56.75 -19.22
N MET A 404 22.83 56.82 -18.31
CA MET A 404 21.79 57.84 -18.36
C MET A 404 22.36 59.26 -18.35
N ASP A 405 23.35 59.51 -17.49
CA ASP A 405 23.99 60.83 -17.43
C ASP A 405 24.78 61.13 -18.70
N HIS A 406 25.00 60.11 -19.53
CA HIS A 406 25.63 60.33 -20.84
C HIS A 406 24.65 60.26 -22.03
N GLY A 407 23.35 60.39 -21.73
CA GLY A 407 22.31 60.42 -22.76
C GLY A 407 21.67 59.10 -23.18
N VAL A 408 22.04 57.99 -22.55
CA VAL A 408 21.35 56.73 -22.82
C VAL A 408 20.05 56.65 -22.03
N ARG A 409 18.91 56.64 -22.74
CA ARG A 409 17.59 56.66 -22.10
C ARG A 409 16.79 55.39 -22.42
N ILE A 410 17.46 54.41 -23.04
CA ILE A 410 16.85 53.15 -23.43
C ILE A 410 17.89 52.04 -23.17
N PHE A 411 17.49 51.03 -22.40
CA PHE A 411 18.33 49.88 -22.16
C PHE A 411 17.68 48.65 -22.75
N ARG A 412 18.42 47.95 -23.59
CA ARG A 412 18.04 46.61 -24.06
C ARG A 412 18.63 45.63 -23.05
N VAL A 413 17.75 44.96 -22.29
CA VAL A 413 18.21 44.09 -21.25
C VAL A 413 18.38 42.68 -21.77
N ASP A 414 19.58 42.17 -21.61
CA ASP A 414 19.93 40.89 -22.17
C ASP A 414 19.41 39.79 -21.26
N ASN A 415 18.83 38.75 -21.87
CA ASN A 415 18.31 37.59 -21.20
C ASN A 415 17.84 37.84 -19.74
N PRO A 416 16.85 38.72 -19.55
CA PRO A 416 16.42 39.09 -18.16
C PRO A 416 15.83 37.94 -17.38
N HIS A 417 15.32 36.96 -18.09
CA HIS A 417 14.69 35.80 -17.46
C HIS A 417 15.63 34.83 -16.73
N THR A 418 16.94 35.07 -16.78
CA THR A 418 17.90 34.30 -15.95
C THR A 418 18.32 35.04 -14.67
N LYS A 419 17.70 36.20 -14.43
CA LYS A 419 17.86 36.99 -13.21
C LYS A 419 16.50 37.04 -12.51
N PRO A 420 16.46 37.34 -11.18
CA PRO A 420 15.15 37.30 -10.53
C PRO A 420 14.16 38.34 -11.05
N VAL A 421 12.93 37.90 -11.17
CA VAL A 421 11.86 38.77 -11.54
C VAL A 421 11.75 40.03 -10.64
N ALA A 422 11.76 39.83 -9.32
CA ALA A 422 11.67 40.92 -8.34
C ALA A 422 12.86 41.86 -8.40
N PHE A 423 14.00 41.35 -8.85
CA PHE A 423 15.17 42.18 -9.06
C PHE A 423 14.91 43.23 -10.11
N TRP A 424 14.38 42.82 -11.27
CA TRP A 424 13.99 43.76 -12.33
C TRP A 424 12.92 44.72 -11.85
N GLU A 425 11.92 44.22 -11.11
CA GLU A 425 10.88 45.12 -10.61
C GLU A 425 11.50 46.25 -9.78
N ARG A 426 12.43 45.90 -8.89
CA ARG A 426 13.03 46.84 -7.99
C ARG A 426 13.90 47.84 -8.78
N VAL A 427 14.73 47.32 -9.66
CA VAL A 427 15.64 48.17 -10.45
C VAL A 427 14.85 49.14 -11.31
N ILE A 428 13.85 48.63 -12.03
CA ILE A 428 13.02 49.46 -12.91
C ILE A 428 12.28 50.52 -12.12
N ALA A 429 11.74 50.16 -10.95
CA ALA A 429 10.98 51.10 -10.14
C ALA A 429 11.91 52.15 -9.59
N ASP A 430 13.13 51.74 -9.31
CA ASP A 430 14.11 52.68 -8.78
C ASP A 430 14.52 53.70 -9.87
N ILE A 431 14.85 53.21 -11.05
CA ILE A 431 15.22 54.09 -12.20
C ILE A 431 14.09 55.00 -12.68
N ASN A 432 12.92 54.43 -12.92
CA ASN A 432 11.78 55.22 -13.35
C ASN A 432 11.22 56.18 -12.26
N GLY A 433 11.50 55.86 -11.00
CA GLY A 433 11.21 56.73 -9.87
C GLY A 433 11.81 58.12 -10.01
N THR A 434 13.04 58.20 -10.51
CA THR A 434 13.67 59.51 -10.77
C THR A 434 13.63 59.89 -12.25
N ASP A 435 13.65 58.89 -13.13
CA ASP A 435 13.73 59.12 -14.57
C ASP A 435 12.70 58.28 -15.31
N PRO A 436 11.44 58.72 -15.29
CA PRO A 436 10.37 57.89 -15.86
C PRO A 436 10.41 57.76 -17.39
N ASP A 437 11.27 58.53 -18.07
CA ASP A 437 11.42 58.39 -19.51
C ASP A 437 12.22 57.16 -19.92
N VAL A 438 13.00 56.59 -19.01
CA VAL A 438 13.85 55.46 -19.37
C VAL A 438 13.05 54.23 -19.77
N ILE A 439 13.42 53.71 -20.93
CA ILE A 439 12.74 52.57 -21.51
C ILE A 439 13.59 51.34 -21.33
N PHE A 440 12.97 50.27 -20.85
CA PHE A 440 13.62 48.97 -20.75
C PHE A 440 12.96 47.99 -21.72
N LEU A 441 13.80 47.29 -22.46
CA LEU A 441 13.38 46.28 -23.46
C LEU A 441 13.88 44.95 -23.02
N ALA A 442 12.95 44.01 -22.85
CA ALA A 442 13.26 42.70 -22.27
C ALA A 442 13.47 41.69 -23.36
N GLU A 443 14.70 41.19 -23.48
CA GLU A 443 14.99 40.12 -24.42
C GLU A 443 14.71 38.75 -23.81
N ALA A 444 13.46 38.44 -23.55
CA ALA A 444 13.11 37.19 -22.90
C ALA A 444 12.45 36.21 -23.87
N PHE A 445 13.29 35.43 -24.52
CA PHE A 445 12.82 34.33 -25.34
C PHE A 445 12.65 33.12 -24.45
N THR A 446 11.49 33.08 -23.84
CA THR A 446 11.23 32.07 -22.82
C THR A 446 9.76 31.67 -22.90
N ARG A 447 9.26 31.02 -21.86
CA ARG A 447 7.87 30.55 -21.84
C ARG A 447 6.96 31.75 -21.56
N PRO A 448 5.69 31.64 -21.91
CA PRO A 448 4.78 32.77 -21.78
C PRO A 448 4.60 33.39 -20.39
N ALA A 449 4.62 32.56 -19.34
CA ALA A 449 4.45 33.05 -17.98
C ALA A 449 5.51 34.10 -17.59
N MET A 450 6.78 33.70 -17.73
CA MET A 450 7.91 34.60 -17.48
C MET A 450 7.82 35.83 -18.41
N MET A 451 7.52 35.62 -19.69
CA MET A 451 7.43 36.70 -20.70
C MET A 451 6.42 37.75 -20.31
N ALA A 452 5.24 37.26 -19.91
CA ALA A 452 4.13 38.08 -19.40
C ALA A 452 4.48 38.84 -18.15
N THR A 453 5.02 38.10 -17.18
CA THR A 453 5.32 38.65 -15.88
C THR A 453 6.37 39.73 -16.01
N LEU A 454 7.40 39.51 -16.84
CA LEU A 454 8.42 40.53 -17.04
C LEU A 454 7.84 41.88 -17.49
N ALA A 455 6.92 41.83 -18.45
CA ALA A 455 6.23 43.03 -18.91
C ALA A 455 5.41 43.61 -17.79
N GLN A 456 4.74 42.75 -17.03
CA GLN A 456 3.84 43.22 -15.98
C GLN A 456 4.54 43.93 -14.82
N ILE A 457 5.78 43.53 -14.51
CA ILE A 457 6.50 44.13 -13.42
C ILE A 457 7.23 45.41 -13.78
N GLY A 458 7.17 45.81 -15.06
CA GLY A 458 7.60 47.13 -15.48
C GLY A 458 8.36 47.28 -16.78
N PHE A 459 8.69 46.19 -17.48
CA PHE A 459 9.45 46.33 -18.77
C PHE A 459 8.58 46.98 -19.83
N GLN A 460 9.05 48.12 -20.36
CA GLN A 460 8.26 48.93 -21.26
C GLN A 460 7.99 48.19 -22.56
N GLN A 461 8.94 47.36 -22.96
CA GLN A 461 8.89 46.62 -24.21
C GLN A 461 9.36 45.20 -24.04
N SER A 462 8.88 44.33 -24.90
CA SER A 462 9.26 42.93 -24.91
C SER A 462 9.63 42.42 -26.31
N TYR A 463 10.68 41.63 -26.37
CA TYR A 463 10.93 40.80 -27.53
C TYR A 463 9.82 39.70 -27.54
N THR A 464 9.57 39.15 -28.71
CA THR A 464 8.39 38.30 -28.95
C THR A 464 8.74 37.01 -29.70
N TYR A 465 7.71 36.19 -29.95
CA TYR A 465 7.80 34.96 -30.74
C TYR A 465 7.74 35.25 -32.25
N PHE A 466 7.68 36.52 -32.64
CA PHE A 466 7.56 36.90 -34.08
C PHE A 466 8.34 36.05 -35.08
N THR A 467 9.64 35.88 -34.83
CA THR A 467 10.50 35.23 -35.79
C THR A 467 10.06 33.79 -36.01
N TRP A 468 9.36 33.22 -35.03
CA TRP A 468 8.79 31.88 -35.16
C TRP A 468 7.29 31.89 -35.48
N ARG A 469 6.80 33.01 -35.99
CA ARG A 469 5.45 33.05 -36.59
C ARG A 469 5.51 33.45 -38.07
N ASN A 470 5.37 32.47 -38.95
CA ASN A 470 5.65 32.65 -40.35
C ASN A 470 4.49 32.31 -41.30
N THR A 471 3.60 31.42 -40.86
CA THR A 471 2.42 31.03 -41.63
C THR A 471 1.29 32.00 -41.31
N LYS A 472 0.25 31.97 -42.15
CA LYS A 472 -0.89 32.82 -41.96
C LYS A 472 -1.58 32.53 -40.62
N GLN A 473 -1.72 31.26 -40.30
CA GLN A 473 -2.36 30.87 -39.03
C GLN A 473 -1.54 31.31 -37.85
N GLU A 474 -0.21 31.12 -37.95
CA GLU A 474 0.70 31.52 -36.85
C GLU A 474 0.64 33.02 -36.61
N LEU A 475 0.73 33.80 -37.71
CA LEU A 475 0.72 35.26 -37.65
C LEU A 475 -0.59 35.83 -37.17
N THR A 476 -1.69 35.25 -37.68
CA THR A 476 -3.01 35.63 -37.26
C THR A 476 -3.30 35.31 -35.78
N GLU A 477 -2.99 34.09 -35.35
CA GLU A 477 -3.16 33.72 -33.92
C GLU A 477 -2.31 34.58 -32.99
N TYR A 478 -1.02 34.72 -33.32
CA TYR A 478 -0.10 35.45 -32.43
C TYR A 478 -0.42 36.94 -32.32
N LEU A 479 -0.73 37.60 -33.44
CA LEU A 479 -1.03 39.04 -33.45
C LEU A 479 -2.40 39.35 -32.86
N THR A 480 -3.32 38.40 -32.94
CA THR A 480 -4.61 38.49 -32.25
C THR A 480 -4.37 38.53 -30.76
N GLU A 481 -3.46 37.68 -30.31
CA GLU A 481 -3.07 37.61 -28.90
C GLU A 481 -2.35 38.89 -28.46
N LEU A 482 -1.36 39.33 -29.23
CA LEU A 482 -0.60 40.52 -28.89
C LEU A 482 -1.39 41.83 -28.94
N SER A 483 -2.38 41.91 -29.80
CA SER A 483 -3.21 43.11 -29.97
C SER A 483 -4.47 43.06 -29.11
N GLY A 484 -4.67 41.96 -28.40
CA GLY A 484 -5.80 41.78 -27.49
C GLY A 484 -5.43 42.18 -26.07
N GLU A 485 -5.79 41.35 -25.10
CA GLU A 485 -5.62 41.72 -23.69
C GLU A 485 -4.18 41.92 -23.27
N ALA A 486 -3.24 41.22 -23.91
CA ALA A 486 -1.83 41.41 -23.63
C ALA A 486 -1.34 42.87 -23.88
N ALA A 487 -2.01 43.59 -24.76
CA ALA A 487 -1.59 45.00 -25.05
C ALA A 487 -1.74 45.91 -23.83
N SER A 488 -2.49 45.50 -22.82
CA SER A 488 -2.60 46.28 -21.56
C SER A 488 -1.33 46.18 -20.70
N TYR A 489 -0.44 45.24 -21.02
CA TYR A 489 0.83 45.15 -20.24
C TYR A 489 2.10 44.97 -21.04
N MET A 490 1.98 44.63 -22.31
CA MET A 490 3.14 44.32 -23.14
C MET A 490 3.16 45.17 -24.42
N ARG A 491 4.34 45.72 -24.71
CA ARG A 491 4.58 46.44 -25.97
C ARG A 491 5.63 45.66 -26.75
N PRO A 492 5.28 45.12 -27.92
CA PRO A 492 6.14 44.18 -28.62
C PRO A 492 7.15 44.91 -29.49
N ASN A 493 8.36 44.37 -29.57
CA ASN A 493 9.38 44.86 -30.49
C ASN A 493 9.68 43.71 -31.48
N PHE A 494 9.16 43.88 -32.71
CA PHE A 494 9.30 42.91 -33.76
C PHE A 494 10.65 43.09 -34.50
N PHE A 495 11.69 42.46 -33.98
CA PHE A 495 12.92 42.33 -34.72
C PHE A 495 12.77 41.16 -35.71
N ALA A 496 12.96 41.46 -37.00
CA ALA A 496 12.80 40.45 -38.04
C ALA A 496 13.96 39.45 -38.00
N ASN A 497 15.11 39.91 -37.54
CA ASN A 497 16.25 39.07 -37.21
C ASN A 497 16.99 39.59 -35.98
N THR A 498 17.84 38.76 -35.42
CA THR A 498 18.81 39.18 -34.40
C THR A 498 20.09 38.49 -34.73
N PRO A 499 21.20 38.90 -34.10
CA PRO A 499 22.45 38.14 -34.19
C PRO A 499 22.34 36.65 -33.84
N ASP A 500 21.30 36.28 -33.06
CA ASP A 500 21.13 34.91 -32.57
C ASP A 500 19.99 34.19 -33.30
N ILE A 501 19.31 34.90 -34.18
CA ILE A 501 18.17 34.35 -34.89
C ILE A 501 18.15 34.68 -36.37
N LEU A 502 18.55 33.70 -37.18
CA LEU A 502 18.31 33.71 -38.61
C LEU A 502 17.34 32.57 -38.92
N HIS A 503 16.07 32.90 -39.07
CA HIS A 503 15.06 31.86 -39.21
C HIS A 503 15.15 31.13 -40.55
N ALA A 504 14.78 29.86 -40.55
CA ALA A 504 14.72 29.02 -41.78
C ALA A 504 13.94 29.66 -42.91
N TYR A 505 12.86 30.36 -42.55
CA TYR A 505 12.05 31.07 -43.55
C TYR A 505 12.95 31.95 -44.43
N LEU A 506 13.85 32.70 -43.78
CA LEU A 506 14.79 33.57 -44.48
C LEU A 506 15.89 32.75 -45.17
N GLN A 507 16.44 31.76 -44.48
CA GLN A 507 17.47 30.86 -45.03
C GLN A 507 17.03 30.21 -46.36
N HIS A 508 15.77 29.77 -46.43
CA HIS A 508 15.29 29.08 -47.62
C HIS A 508 14.59 30.04 -48.58
N GLY A 509 14.28 31.24 -48.12
CA GLY A 509 13.43 32.15 -48.87
C GLY A 509 14.19 33.11 -49.78
N GLY A 510 15.41 33.45 -49.39
CA GLY A 510 16.16 34.50 -50.07
C GLY A 510 15.61 35.91 -49.88
N ARG A 511 16.03 36.81 -50.74
CA ARG A 511 15.58 38.20 -50.71
C ARG A 511 14.04 38.41 -50.63
N PRO A 512 13.25 37.62 -51.36
CA PRO A 512 11.78 37.86 -51.28
C PRO A 512 11.23 37.56 -49.88
N ALA A 513 11.87 36.63 -49.20
CA ALA A 513 11.59 36.36 -47.79
C ALA A 513 11.96 37.51 -46.83
N PHE A 514 13.08 38.18 -47.07
CA PHE A 514 13.48 39.36 -46.32
C PHE A 514 12.53 40.53 -46.55
N GLU A 515 12.03 40.62 -47.77
CA GLU A 515 11.02 41.63 -48.11
C GLU A 515 9.72 41.39 -47.33
N VAL A 516 9.23 40.15 -47.37
CA VAL A 516 8.00 39.75 -46.69
C VAL A 516 8.10 40.09 -45.21
N ARG A 517 9.15 39.63 -44.55
CA ARG A 517 9.26 39.79 -43.09
C ARG A 517 9.38 41.24 -42.69
N ALA A 518 9.96 42.07 -43.55
CA ALA A 518 10.13 43.50 -43.29
C ALA A 518 8.77 44.17 -43.32
N VAL A 519 7.97 43.86 -44.34
CA VAL A 519 6.60 44.40 -44.46
C VAL A 519 5.76 44.04 -43.25
N LEU A 520 5.80 42.75 -42.86
CA LEU A 520 5.08 42.24 -41.72
C LEU A 520 5.46 42.89 -40.42
N ALA A 521 6.76 42.98 -40.16
CA ALA A 521 7.23 43.52 -38.89
C ALA A 521 6.81 44.97 -38.77
N ALA A 522 7.03 45.70 -39.86
CA ALA A 522 6.85 47.13 -39.90
C ALA A 522 5.37 47.50 -39.88
N THR A 523 4.50 46.65 -40.41
CA THR A 523 3.09 46.96 -40.43
C THR A 523 2.27 46.32 -39.27
N LEU A 524 2.79 45.27 -38.63
CA LEU A 524 2.01 44.53 -37.62
C LEU A 524 2.30 45.03 -36.23
N SER A 525 3.50 45.54 -35.99
CA SER A 525 3.80 46.13 -34.70
C SER A 525 4.22 47.54 -34.89
N PRO A 526 3.81 48.44 -33.99
CA PRO A 526 4.32 49.82 -34.00
C PRO A 526 5.81 49.94 -33.64
N THR A 527 6.41 48.91 -33.06
CA THR A 527 7.88 48.86 -32.90
C THR A 527 8.45 47.65 -33.61
N TRP A 528 9.40 47.91 -34.50
CA TRP A 528 10.05 46.85 -35.25
C TRP A 528 11.53 47.17 -35.37
N GLY A 529 12.27 46.18 -35.86
CA GLY A 529 13.72 46.31 -35.89
C GLY A 529 14.36 45.28 -36.81
N ILE A 530 15.61 45.56 -37.17
CA ILE A 530 16.47 44.65 -37.93
C ILE A 530 17.88 44.76 -37.36
N TYR A 531 18.63 43.67 -37.51
CA TYR A 531 20.02 43.63 -37.17
C TYR A 531 20.82 43.74 -38.51
N SER A 532 21.75 44.68 -38.52
CA SER A 532 22.62 45.00 -39.69
C SER A 532 23.07 43.76 -40.45
N GLY A 533 22.83 43.74 -41.77
CA GLY A 533 23.05 42.57 -42.60
C GLY A 533 21.73 42.05 -43.17
N TYR A 534 20.64 42.27 -42.45
CA TYR A 534 19.32 41.92 -42.93
C TYR A 534 19.05 42.52 -44.30
N GLU A 535 19.42 43.80 -44.46
CA GLU A 535 19.21 44.56 -45.69
C GLU A 535 19.95 43.95 -46.86
N LEU A 536 21.07 43.30 -46.60
CA LEU A 536 21.86 42.63 -47.65
C LEU A 536 21.38 41.18 -47.84
N CYS A 537 20.37 40.78 -47.06
CA CYS A 537 19.76 39.45 -47.15
C CYS A 537 20.75 38.37 -46.80
N GLU A 538 21.54 38.62 -45.75
CA GLU A 538 22.48 37.65 -45.27
C GLU A 538 21.67 36.50 -44.67
N ASN A 539 21.83 35.32 -45.24
CA ASN A 539 21.00 34.19 -44.87
C ASN A 539 21.72 32.84 -44.93
N THR A 540 23.03 32.84 -44.72
CA THR A 540 23.79 31.60 -44.63
C THR A 540 23.92 31.19 -43.17
N PRO A 541 23.34 30.04 -42.82
CA PRO A 541 23.37 29.65 -41.42
C PRO A 541 24.66 28.94 -41.11
N LEU A 542 24.93 28.74 -39.83
CA LEU A 542 26.08 27.98 -39.35
C LEU A 542 26.04 26.59 -39.99
N ARG A 543 24.85 26.01 -40.08
CA ARG A 543 24.64 24.72 -40.74
C ARG A 543 23.14 24.51 -40.91
N GLU A 544 22.78 23.45 -41.64
CA GLU A 544 21.38 23.16 -41.86
C GLU A 544 20.76 22.87 -40.50
N GLY A 545 19.57 23.43 -40.29
CA GLY A 545 18.84 23.26 -39.03
C GLY A 545 19.28 24.14 -37.89
N SER A 546 20.15 25.12 -38.15
CA SER A 546 20.58 26.10 -37.16
C SER A 546 19.92 27.45 -37.40
N GLU A 547 19.76 28.24 -36.34
CA GLU A 547 19.32 29.62 -36.49
C GLU A 547 20.49 30.59 -36.26
N GLU A 548 21.68 30.06 -35.98
CA GLU A 548 22.89 30.87 -36.03
C GLU A 548 23.30 31.20 -37.50
N TYR A 549 23.73 32.44 -37.69
CA TYR A 549 24.48 32.86 -38.86
C TYR A 549 25.80 32.12 -39.00
N LEU A 550 26.24 31.89 -40.21
CA LEU A 550 27.62 31.46 -40.42
C LEU A 550 28.54 32.69 -40.25
N ASP A 551 29.72 32.49 -39.68
CA ASP A 551 30.69 33.56 -39.51
C ASP A 551 30.01 34.71 -38.76
N SER A 552 29.39 34.38 -37.64
CA SER A 552 28.62 35.35 -36.88
C SER A 552 29.46 36.54 -36.38
N GLU A 553 28.91 37.73 -36.55
CA GLU A 553 29.52 39.00 -36.08
C GLU A 553 29.72 39.07 -34.55
N LYS A 554 29.09 38.17 -33.83
CA LYS A 554 29.26 38.07 -32.38
C LYS A 554 30.71 37.73 -32.07
N TYR A 555 31.35 37.03 -32.99
CA TYR A 555 32.68 36.48 -32.73
C TYR A 555 33.80 37.06 -33.60
N GLN A 556 33.44 37.98 -34.46
CA GLN A 556 34.40 38.54 -35.43
C GLN A 556 33.92 39.88 -35.94
N LEU A 557 34.88 40.67 -36.42
CA LEU A 557 34.61 41.88 -37.16
C LEU A 557 34.03 41.45 -38.48
N LYS A 558 33.03 42.18 -38.94
CA LYS A 558 32.28 41.78 -40.12
C LYS A 558 32.04 43.01 -41.00
N PRO A 559 33.07 43.42 -41.73
CA PRO A 559 33.00 44.59 -42.60
C PRO A 559 32.03 44.36 -43.77
N ARG A 560 31.30 45.39 -44.13
CA ARG A 560 30.35 45.26 -45.22
C ARG A 560 30.58 46.34 -46.25
N ASP A 561 30.51 45.97 -47.52
CA ASP A 561 30.65 46.93 -48.58
C ASP A 561 29.29 47.56 -48.80
N TRP A 562 28.94 48.50 -47.92
CA TRP A 562 27.66 49.21 -47.99
C TRP A 562 27.48 50.03 -49.27
N THR A 563 28.58 50.58 -49.77
CA THR A 563 28.56 51.43 -50.97
C THR A 563 28.28 50.59 -52.22
N ARG A 564 28.99 49.48 -52.35
CA ARG A 564 28.77 48.56 -53.46
C ARG A 564 27.35 48.00 -53.48
N ALA A 565 26.84 47.61 -52.32
CA ALA A 565 25.47 47.06 -52.24
C ALA A 565 24.45 48.05 -52.78
N ALA A 566 24.66 49.33 -52.47
CA ALA A 566 23.74 50.38 -52.87
C ALA A 566 23.75 50.58 -54.35
N ARG A 567 24.95 50.68 -54.91
CA ARG A 567 25.08 50.93 -56.33
C ARG A 567 24.59 49.74 -57.16
N GLU A 568 24.75 48.52 -56.64
CA GLU A 568 24.33 47.31 -57.34
C GLU A 568 22.89 46.89 -57.06
N GLY A 569 22.19 47.63 -56.19
CA GLY A 569 20.81 47.33 -55.80
C GLY A 569 20.61 45.99 -55.10
N THR A 570 21.63 45.52 -54.39
CA THR A 570 21.60 44.19 -53.72
C THR A 570 21.30 44.34 -52.22
N THR A 571 20.59 45.41 -51.91
CA THR A 571 20.18 45.73 -50.55
C THR A 571 18.71 46.04 -50.66
N ILE A 572 17.95 45.63 -49.66
CA ILE A 572 16.55 46.01 -49.58
C ILE A 572 16.41 47.30 -48.73
N ALA A 573 17.48 48.10 -48.67
CA ALA A 573 17.50 49.39 -47.96
C ALA A 573 16.39 50.34 -48.41
N PRO A 574 16.14 50.42 -49.71
CA PRO A 574 15.03 51.30 -50.11
C PRO A 574 13.65 50.86 -49.59
N LEU A 575 13.41 49.56 -49.56
CA LEU A 575 12.13 49.03 -49.09
C LEU A 575 11.98 49.39 -47.64
N VAL A 576 13.06 49.15 -46.87
CA VAL A 576 13.07 49.48 -45.49
C VAL A 576 12.76 50.95 -45.29
N THR A 577 13.42 51.79 -46.08
CA THR A 577 13.24 53.21 -45.96
C THR A 577 11.78 53.57 -46.24
N ARG A 578 11.21 52.91 -47.23
CA ARG A 578 9.84 53.18 -47.65
C ARG A 578 8.86 52.78 -46.54
N LEU A 579 9.13 51.65 -45.91
CA LEU A 579 8.32 51.19 -44.77
C LEU A 579 8.31 52.19 -43.60
N ASN A 580 9.48 52.68 -43.19
CA ASN A 580 9.55 53.66 -42.12
C ASN A 580 8.90 55.02 -42.49
N THR A 581 9.00 55.41 -43.75
CA THR A 581 8.29 56.59 -44.26
C THR A 581 6.78 56.36 -44.18
N ILE A 582 6.32 55.19 -44.61
CA ILE A 582 4.89 54.91 -44.57
C ILE A 582 4.39 54.96 -43.11
N ARG A 583 5.18 54.37 -42.21
CA ARG A 583 4.87 54.40 -40.76
C ARG A 583 4.75 55.83 -40.23
N ARG A 584 5.71 56.68 -40.61
CA ARG A 584 5.76 58.08 -40.18
C ARG A 584 4.63 58.94 -40.75
N GLU A 585 3.99 58.48 -41.83
CA GLU A 585 2.91 59.20 -42.53
C GLU A 585 1.52 58.60 -42.24
N ASN A 586 1.49 57.49 -41.49
CA ASN A 586 0.22 56.78 -41.26
C ASN A 586 0.09 56.37 -39.78
N PRO A 587 -0.58 57.23 -38.97
CA PRO A 587 -0.89 56.97 -37.56
C PRO A 587 -1.41 55.55 -37.24
N ALA A 588 -2.18 54.96 -38.15
CA ALA A 588 -2.65 53.58 -37.94
C ALA A 588 -1.51 52.59 -37.69
N LEU A 589 -0.35 52.89 -38.28
CA LEU A 589 0.82 52.02 -38.11
C LEU A 589 1.62 52.32 -36.83
N ARG A 590 1.22 53.36 -36.10
CA ARG A 590 1.95 53.74 -34.90
C ARG A 590 1.20 53.28 -33.65
N GLN A 591 0.23 52.39 -33.85
CA GLN A 591 -0.51 51.77 -32.77
C GLN A 591 -0.55 50.24 -32.93
N LEU A 592 -0.95 49.59 -31.86
CA LEU A 592 -0.94 48.14 -31.78
C LEU A 592 -2.34 47.51 -31.74
N ARG A 593 -3.21 48.07 -30.92
CA ARG A 593 -4.46 47.41 -30.54
C ARG A 593 -5.52 47.28 -31.63
N ASP A 594 -5.61 48.28 -32.54
CA ASP A 594 -6.57 48.20 -33.67
C ASP A 594 -5.97 47.48 -34.84
N LEU A 595 -6.36 46.22 -34.99
CA LEU A 595 -5.89 45.35 -36.03
C LEU A 595 -6.98 44.35 -36.35
N HIS A 596 -7.33 44.19 -37.64
CA HIS A 596 -8.27 43.15 -38.06
C HIS A 596 -7.77 42.36 -39.26
N PHE A 597 -7.95 41.05 -39.20
CA PHE A 597 -7.56 40.14 -40.26
C PHE A 597 -8.75 39.84 -41.19
N HIS A 598 -8.57 40.13 -42.48
CA HIS A 598 -9.61 39.94 -43.49
C HIS A 598 -9.36 38.64 -44.25
N PRO A 599 -10.42 37.84 -44.53
CA PRO A 599 -10.22 36.51 -45.15
C PRO A 599 -9.77 36.55 -46.60
N THR A 600 -9.06 35.50 -47.05
CA THR A 600 -8.69 35.31 -48.46
C THR A 600 -8.87 33.84 -48.83
N ASP A 601 -8.95 33.55 -50.13
CA ASP A 601 -9.12 32.15 -50.60
C ASP A 601 -7.79 31.42 -50.79
N LYS A 602 -6.70 32.02 -50.29
CA LYS A 602 -5.37 31.42 -50.41
C LYS A 602 -4.68 31.39 -49.06
N GLU A 603 -4.21 30.21 -48.69
CA GLU A 603 -3.56 30.00 -47.41
C GLU A 603 -2.19 30.69 -47.38
N GLU A 604 -1.60 30.94 -48.55
CA GLU A 604 -0.34 31.68 -48.63
C GLU A 604 -0.54 33.19 -48.50
N VAL A 605 -1.78 33.67 -48.63
CA VAL A 605 -2.01 35.12 -48.74
C VAL A 605 -2.80 35.64 -47.55
N ILE A 606 -2.22 36.61 -46.86
CA ILE A 606 -2.77 37.11 -45.61
C ILE A 606 -3.10 38.57 -45.80
N ALA A 607 -4.17 38.97 -45.13
CA ALA A 607 -4.69 40.31 -45.29
C ALA A 607 -5.14 40.84 -43.97
N TYR A 608 -4.84 42.11 -43.74
CA TYR A 608 -5.22 42.72 -42.49
C TYR A 608 -5.28 44.22 -42.59
N SER A 609 -5.94 44.85 -41.63
CA SER A 609 -6.12 46.28 -41.63
C SER A 609 -5.94 46.88 -40.23
N LYS A 610 -5.45 48.12 -40.20
CA LYS A 610 -5.23 48.87 -38.96
C LYS A 610 -5.78 50.28 -39.11
N ARG A 611 -6.38 50.80 -38.04
CA ARG A 611 -6.98 52.13 -38.07
C ARG A 611 -6.59 53.01 -36.90
N GLN A 612 -6.60 54.30 -37.15
CA GLN A 612 -6.36 55.33 -36.12
C GLN A 612 -7.00 56.60 -36.62
N GLY A 613 -8.01 57.09 -35.91
CA GLY A 613 -8.85 58.16 -36.41
C GLY A 613 -9.31 57.82 -37.82
N SER A 614 -9.08 58.75 -38.76
CA SER A 614 -9.50 58.57 -40.14
C SER A 614 -8.48 57.86 -41.03
N ASN A 615 -7.30 57.53 -40.48
CA ASN A 615 -6.28 56.80 -41.24
C ASN A 615 -6.55 55.30 -41.16
N THR A 616 -6.58 54.66 -42.32
CA THR A 616 -6.75 53.21 -42.43
C THR A 616 -5.70 52.66 -43.37
N VAL A 617 -4.92 51.72 -42.89
CA VAL A 617 -4.00 51.01 -43.74
C VAL A 617 -4.46 49.57 -43.94
N LEU A 618 -4.37 49.11 -45.18
CA LEU A 618 -4.77 47.79 -45.55
C LEU A 618 -3.58 47.10 -46.21
N VAL A 619 -3.25 45.93 -45.70
CA VAL A 619 -2.11 45.20 -46.15
C VAL A 619 -2.48 43.82 -46.63
N VAL A 620 -1.95 43.43 -47.78
CA VAL A 620 -2.07 42.07 -48.30
C VAL A 620 -0.67 41.56 -48.57
N VAL A 621 -0.34 40.40 -48.00
CA VAL A 621 0.97 39.82 -48.12
C VAL A 621 0.96 38.42 -48.68
N ASN A 622 1.84 38.16 -49.66
CA ASN A 622 2.10 36.82 -50.12
C ASN A 622 3.22 36.19 -49.28
N LEU A 623 2.84 35.31 -48.35
CA LEU A 623 3.80 34.71 -47.44
C LEU A 623 4.65 33.61 -48.11
N ASP A 624 4.37 33.34 -49.40
CA ASP A 624 5.15 32.42 -50.21
C ASP A 624 6.29 33.17 -50.91
N PRO A 625 7.56 32.94 -50.48
CA PRO A 625 8.69 33.66 -51.09
C PRO A 625 9.19 33.07 -52.42
N ARG A 626 8.56 32.00 -52.90
CA ARG A 626 9.03 31.32 -54.09
C ARG A 626 8.00 31.33 -55.24
N HIS A 627 6.71 31.38 -54.93
CA HIS A 627 5.67 31.31 -55.96
C HIS A 627 4.71 32.48 -55.96
N THR A 628 4.41 32.98 -57.17
CA THR A 628 3.37 33.97 -57.32
C THR A 628 2.09 33.38 -56.76
N GLN A 629 1.32 34.23 -56.09
CA GLN A 629 0.04 33.82 -55.54
C GLN A 629 -1.02 34.82 -55.95
N GLU A 630 -2.09 34.30 -56.54
CA GLU A 630 -3.26 35.10 -56.83
C GLU A 630 -4.38 34.68 -55.90
N ALA A 631 -5.10 35.67 -55.40
CA ALA A 631 -6.11 35.39 -54.41
C ALA A 631 -7.21 36.43 -54.46
N THR A 632 -8.34 36.06 -53.88
CA THR A 632 -9.48 36.94 -53.74
C THR A 632 -9.51 37.34 -52.26
N VAL A 633 -9.29 38.63 -51.99
CA VAL A 633 -9.34 39.21 -50.64
C VAL A 633 -10.74 39.72 -50.37
N SER A 634 -11.38 39.16 -49.35
CA SER A 634 -12.76 39.48 -49.02
C SER A 634 -12.83 40.40 -47.79
N LEU A 635 -12.85 41.70 -48.06
CA LEU A 635 -12.81 42.68 -46.98
C LEU A 635 -14.08 42.70 -46.11
N ASP A 636 -13.89 42.57 -44.80
CA ASP A 636 -14.90 42.92 -43.80
C ASP A 636 -15.18 44.41 -43.86
N MET A 637 -16.10 44.83 -44.73
CA MET A 637 -16.30 46.25 -45.01
C MET A 637 -16.71 47.05 -43.77
N PRO A 638 -17.66 46.52 -42.98
CA PRO A 638 -18.06 47.25 -41.78
C PRO A 638 -16.87 47.45 -40.83
N GLN A 639 -15.96 46.50 -40.82
CA GLN A 639 -14.81 46.58 -39.95
C GLN A 639 -13.82 47.64 -40.41
N LEU A 640 -13.96 48.11 -41.65
CA LEU A 640 -13.24 49.29 -42.14
C LEU A 640 -14.10 50.56 -41.92
N GLY A 641 -15.35 50.36 -41.52
CA GLY A 641 -16.31 51.44 -41.35
C GLY A 641 -16.98 51.81 -42.68
N LEU A 642 -17.27 50.79 -43.48
CA LEU A 642 -17.84 51.00 -44.82
C LEU A 642 -19.03 50.08 -45.01
N ASP A 643 -19.95 50.45 -45.90
CA ASP A 643 -21.07 49.57 -46.25
C ASP A 643 -20.59 48.47 -47.18
N TRP A 644 -21.29 47.34 -47.17
CA TRP A 644 -20.90 46.16 -47.93
C TRP A 644 -20.74 46.40 -49.44
N HIS A 645 -21.59 47.27 -49.96
CA HIS A 645 -21.69 47.55 -51.40
C HIS A 645 -20.71 48.64 -51.82
N GLU A 646 -20.30 49.45 -50.84
CA GLU A 646 -19.31 50.51 -51.04
C GLU A 646 -18.03 49.99 -51.70
N SER A 647 -17.42 50.86 -52.49
CA SER A 647 -16.16 50.57 -53.16
C SER A 647 -15.32 51.83 -53.05
N VAL A 648 -14.31 51.78 -52.19
CA VAL A 648 -13.48 52.93 -51.88
C VAL A 648 -12.05 52.73 -52.41
N PRO A 649 -11.41 53.83 -52.84
CA PRO A 649 -10.16 53.68 -53.54
C PRO A 649 -9.01 53.50 -52.57
N VAL A 650 -7.95 52.85 -53.03
CA VAL A 650 -6.76 52.69 -52.19
C VAL A 650 -5.52 53.13 -52.99
N ARG A 651 -4.41 53.33 -52.30
CA ARG A 651 -3.13 53.57 -52.94
C ARG A 651 -2.15 52.60 -52.33
N ASP A 652 -1.43 51.87 -53.19
CA ASP A 652 -0.36 51.00 -52.72
C ASP A 652 0.86 51.86 -52.49
N GLU A 653 1.24 52.01 -51.23
CA GLU A 653 2.32 52.95 -50.88
C GLU A 653 3.70 52.46 -51.29
N LEU A 654 3.81 51.19 -51.61
CA LEU A 654 5.08 50.63 -52.10
C LEU A 654 5.34 51.02 -53.55
N THR A 655 4.28 51.18 -54.35
CA THR A 655 4.39 51.50 -55.80
C THR A 655 3.75 52.84 -56.23
N GLY A 656 2.91 53.42 -55.38
CA GLY A 656 2.18 54.63 -55.71
C GLY A 656 1.00 54.39 -56.64
N GLU A 657 0.74 53.11 -56.95
CA GLU A 657 -0.32 52.73 -57.90
C GLU A 657 -1.64 52.70 -57.17
N THR A 658 -2.69 53.11 -57.86
CA THR A 658 -4.03 53.22 -57.26
C THR A 658 -4.94 52.09 -57.73
N TYR A 659 -5.80 51.63 -56.82
CA TYR A 659 -6.80 50.63 -57.13
C TYR A 659 -8.14 51.06 -56.50
N HIS A 660 -9.22 50.50 -57.00
CA HIS A 660 -10.53 50.67 -56.40
C HIS A 660 -10.93 49.36 -55.80
N TRP A 661 -10.92 49.28 -54.48
CA TRP A 661 -11.26 48.05 -53.81
C TRP A 661 -12.60 48.13 -53.09
N GLY A 662 -13.19 46.96 -52.86
CA GLY A 662 -14.41 46.84 -52.12
C GLY A 662 -14.46 45.48 -51.47
N ARG A 663 -15.67 44.93 -51.45
CA ARG A 663 -15.98 43.68 -50.78
C ARG A 663 -15.10 42.49 -51.20
N ALA A 664 -14.83 42.35 -52.50
CA ALA A 664 -14.07 41.21 -53.01
C ALA A 664 -13.05 41.69 -54.02
N ASN A 665 -11.77 41.33 -53.83
CA ASN A 665 -10.69 41.90 -54.65
C ASN A 665 -9.66 40.87 -55.06
N TYR A 666 -9.35 40.87 -56.35
CA TYR A 666 -8.29 40.04 -56.88
C TYR A 666 -6.94 40.69 -56.58
N VAL A 667 -5.99 39.88 -56.14
CA VAL A 667 -4.62 40.32 -56.06
C VAL A 667 -3.72 39.28 -56.69
N ARG A 668 -2.59 39.75 -57.19
CA ARG A 668 -1.62 38.89 -57.83
C ARG A 668 -0.27 39.40 -57.36
N LEU A 669 0.42 38.58 -56.59
CA LEU A 669 1.67 38.99 -55.93
C LEU A 669 2.79 38.08 -56.35
N GLU A 670 3.75 38.65 -57.11
CA GLU A 670 4.90 37.91 -57.59
C GLU A 670 6.12 38.19 -56.68
N PRO A 671 6.61 37.15 -55.98
CA PRO A 671 7.82 37.25 -55.19
C PRO A 671 9.02 37.79 -55.97
N GLY A 672 9.70 38.79 -55.43
CA GLY A 672 10.76 39.50 -56.15
C GLY A 672 10.24 40.80 -56.71
N ARG A 673 9.06 40.76 -57.31
CA ARG A 673 8.46 41.98 -57.85
C ARG A 673 7.62 42.69 -56.80
N THR A 674 6.77 41.92 -56.14
CA THR A 674 5.85 42.47 -55.15
C THR A 674 5.74 41.49 -53.99
N PRO A 675 6.36 41.81 -52.84
CA PRO A 675 6.08 40.95 -51.69
C PRO A 675 4.65 41.11 -51.18
N ALA A 676 4.12 42.33 -51.30
CA ALA A 676 2.87 42.66 -50.68
C ALA A 676 2.26 43.97 -51.21
N HIS A 677 0.99 44.19 -50.89
CA HIS A 677 0.36 45.48 -51.14
C HIS A 677 0.18 46.17 -49.80
N VAL A 678 0.78 47.35 -49.64
CA VAL A 678 0.62 48.14 -48.40
C VAL A 678 -0.15 49.38 -48.76
N CYS A 679 -1.46 49.30 -48.61
CA CYS A 679 -2.35 50.30 -49.14
C CYS A 679 -2.92 51.17 -48.05
N THR A 680 -3.08 52.46 -48.34
CA THR A 680 -3.89 53.39 -47.58
C THR A 680 -5.26 53.60 -48.26
N VAL A 681 -6.34 53.61 -47.49
CA VAL A 681 -7.67 53.99 -47.98
C VAL A 681 -7.74 55.52 -48.20
N LEU A 682 -8.06 55.97 -49.41
CA LEU A 682 -7.97 57.41 -49.75
C LEU A 682 -9.18 58.22 -49.30
N ARG A 683 -8.91 59.45 -48.82
CA ARG A 683 -9.90 60.37 -48.22
C ARG A 683 -10.76 61.12 -49.25
N PRO B 35 8.80 47.65 -1.33
CA PRO B 35 8.53 46.22 -1.46
C PRO B 35 7.91 45.89 -2.82
N THR B 36 8.35 44.79 -3.43
CA THR B 36 7.86 44.39 -4.75
C THR B 36 6.56 43.63 -4.67
N VAL B 37 5.88 43.49 -5.82
CA VAL B 37 4.59 42.82 -5.88
C VAL B 37 4.81 41.32 -6.10
N VAL B 38 5.85 40.98 -6.88
CA VAL B 38 6.24 39.62 -7.09
C VAL B 38 7.37 39.28 -6.08
N GLY B 39 7.27 38.07 -5.55
CA GLY B 39 8.20 37.60 -4.55
C GLY B 39 9.36 36.85 -5.17
N ARG B 40 10.22 36.32 -4.30
CA ARG B 40 11.48 35.75 -4.75
C ARG B 40 11.24 34.64 -5.80
N ILE B 41 10.29 33.75 -5.52
CA ILE B 41 9.85 32.75 -6.47
C ILE B 41 8.40 33.08 -6.88
N PRO B 42 8.21 33.58 -8.10
CA PRO B 42 6.90 33.97 -8.60
C PRO B 42 5.85 32.94 -8.34
N VAL B 43 4.85 33.35 -7.57
CA VAL B 43 3.64 32.60 -7.37
C VAL B 43 2.46 33.55 -7.67
N LEU B 44 1.74 33.29 -8.76
CA LEU B 44 0.84 34.28 -9.33
C LEU B 44 -0.52 33.68 -9.71
N ASP B 45 -1.55 34.50 -9.62
CA ASP B 45 -2.89 34.12 -10.11
C ASP B 45 -3.41 32.83 -9.47
N VAL B 46 -3.46 32.85 -8.16
CA VAL B 46 -3.95 31.73 -7.41
C VAL B 46 -5.44 31.59 -7.62
N ARG B 47 -5.87 30.38 -7.94
CA ARG B 47 -7.28 30.06 -8.12
C ARG B 47 -7.71 28.87 -7.27
N PRO B 48 -9.01 28.80 -6.92
CA PRO B 48 -10.08 29.70 -7.23
C PRO B 48 -9.99 31.08 -6.58
N VAL B 49 -10.55 32.05 -7.27
CA VAL B 49 -10.66 33.44 -6.83
C VAL B 49 -12.03 33.97 -7.26
N VAL B 50 -12.64 34.78 -6.41
CA VAL B 50 -14.00 35.30 -6.67
C VAL B 50 -13.97 36.79 -6.41
N GLN B 51 -14.28 37.58 -7.43
CA GLN B 51 -14.29 39.02 -7.26
C GLN B 51 -12.93 39.53 -6.83
N ARG B 52 -11.87 38.91 -7.32
CA ARG B 52 -10.49 39.36 -7.05
C ARG B 52 -10.06 39.17 -5.60
N GLY B 53 -10.75 38.28 -4.88
CA GLY B 53 -10.47 38.05 -3.47
C GLY B 53 -11.40 38.76 -2.51
N ARG B 54 -12.37 39.51 -3.02
CA ARG B 54 -13.26 40.29 -2.18
C ARG B 54 -14.45 39.48 -1.69
N ARG B 55 -14.65 38.32 -2.32
CA ARG B 55 -15.72 37.40 -1.92
C ARG B 55 -15.08 36.04 -1.86
N PRO B 56 -15.58 35.18 -0.97
CA PRO B 56 -14.95 33.88 -0.80
C PRO B 56 -15.26 32.89 -1.89
N ALA B 57 -14.34 31.97 -2.16
CA ALA B 57 -14.65 30.74 -2.87
C ALA B 57 -15.40 29.78 -1.91
N LYS B 58 -16.15 28.83 -2.47
CA LYS B 58 -17.03 27.98 -1.70
C LYS B 58 -16.65 26.51 -1.73
N ALA B 59 -16.92 25.86 -0.61
CA ALA B 59 -16.96 24.42 -0.55
C ALA B 59 -17.94 24.02 0.52
N VAL B 60 -18.10 22.72 0.66
CA VAL B 60 -18.81 22.18 1.81
C VAL B 60 -17.89 21.17 2.45
N THR B 61 -18.28 20.75 3.65
CA THR B 61 -17.54 19.79 4.42
C THR B 61 -17.34 18.49 3.63
N GLY B 62 -16.11 18.01 3.61
CA GLY B 62 -15.76 16.81 2.85
C GLY B 62 -15.55 16.97 1.35
N GLU B 63 -15.79 18.18 0.82
CA GLU B 63 -15.66 18.40 -0.61
C GLU B 63 -14.21 18.72 -0.97
N SER B 64 -13.75 18.08 -2.05
CA SER B 64 -12.43 18.34 -2.61
C SER B 64 -12.51 19.20 -3.87
N PHE B 65 -11.54 20.12 -4.00
CA PHE B 65 -11.41 20.95 -5.18
C PHE B 65 -9.96 21.27 -5.41
N GLU B 66 -9.68 21.77 -6.62
CA GLU B 66 -8.30 22.10 -7.01
C GLU B 66 -7.97 23.54 -6.64
N VAL B 67 -6.84 23.71 -5.97
CA VAL B 67 -6.20 25.02 -5.86
C VAL B 67 -5.05 25.07 -6.88
N SER B 68 -4.99 26.15 -7.62
CA SER B 68 -4.00 26.29 -8.69
C SER B 68 -3.28 27.63 -8.64
N ALA B 69 -2.10 27.68 -9.27
CA ALA B 69 -1.31 28.89 -9.34
C ALA B 69 -0.31 28.78 -10.48
N THR B 70 0.19 29.93 -10.91
CA THR B 70 1.27 29.97 -11.89
C THR B 70 2.54 30.17 -11.11
N VAL B 71 3.37 29.14 -11.13
CA VAL B 71 4.65 29.07 -10.42
C VAL B 71 5.84 28.81 -11.37
N PHE B 72 6.92 29.56 -11.18
CA PHE B 72 8.13 29.46 -12.01
C PHE B 72 9.22 30.29 -11.34
N ARG B 73 10.42 30.20 -11.89
CA ARG B 73 11.53 31.01 -11.39
C ARG B 73 12.42 31.47 -12.53
N GLU B 74 13.37 32.34 -12.19
CA GLU B 74 14.36 32.79 -13.15
C GLU B 74 15.36 31.66 -13.39
N GLY B 75 16.00 31.66 -14.57
CA GLY B 75 16.99 30.63 -14.88
C GLY B 75 16.30 29.33 -15.27
N HIS B 76 17.01 28.23 -15.13
CA HIS B 76 16.57 26.94 -15.68
C HIS B 76 16.32 25.87 -14.61
N ASP B 77 16.52 26.20 -13.33
CA ASP B 77 16.36 25.21 -12.23
C ASP B 77 14.89 24.93 -11.91
N ALA B 78 14.64 23.83 -11.20
CA ALA B 78 13.26 23.39 -10.92
C ALA B 78 12.60 24.22 -9.82
N VAL B 79 11.29 24.40 -9.93
CA VAL B 79 10.49 24.88 -8.80
C VAL B 79 9.67 23.75 -8.23
N GLY B 80 9.20 23.95 -7.00
CA GLY B 80 8.16 23.13 -6.44
C GLY B 80 7.10 24.03 -5.86
N ALA B 81 5.95 23.47 -5.55
CA ALA B 81 4.89 24.24 -4.89
C ALA B 81 4.03 23.35 -4.05
N ASN B 82 3.35 23.99 -3.11
CA ASN B 82 2.38 23.28 -2.26
C ASN B 82 1.28 24.21 -1.77
N VAL B 83 0.14 23.63 -1.38
CA VAL B 83 -0.98 24.40 -0.89
C VAL B 83 -1.07 24.31 0.64
N VAL B 84 -1.26 25.45 1.29
CA VAL B 84 -1.49 25.52 2.72
C VAL B 84 -2.90 25.96 2.96
N LEU B 85 -3.71 25.03 3.43
CA LEU B 85 -5.08 25.31 3.80
C LEU B 85 -5.11 25.57 5.30
N ARG B 86 -5.72 26.68 5.70
CA ARG B 86 -5.83 27.05 7.11
C ARG B 86 -7.29 27.11 7.51
N ASP B 87 -7.58 26.55 8.68
CA ASP B 87 -8.97 26.45 9.19
C ASP B 87 -9.36 27.75 9.86
N PRO B 88 -10.59 27.83 10.39
CA PRO B 88 -11.08 29.05 11.05
C PRO B 88 -10.21 29.50 12.23
N ARG B 89 -9.50 28.56 12.85
CA ARG B 89 -8.56 28.90 13.92
C ARG B 89 -7.18 29.29 13.38
N GLY B 90 -7.01 29.14 12.06
CA GLY B 90 -5.75 29.47 11.43
C GLY B 90 -4.75 28.32 11.42
N ARG B 91 -5.23 27.12 11.70
CA ARG B 91 -4.35 25.96 11.82
C ARG B 91 -4.14 25.37 10.45
N PRO B 92 -2.86 25.11 10.07
CA PRO B 92 -2.50 24.56 8.77
C PRO B 92 -2.95 23.11 8.54
N GLY B 93 -3.21 22.77 7.27
CA GLY B 93 -3.59 21.41 6.90
C GLY B 93 -2.36 20.57 6.63
N PRO B 94 -2.56 19.36 6.04
CA PRO B 94 -1.50 18.44 5.74
C PRO B 94 -0.67 18.93 4.56
N TRP B 95 0.58 18.45 4.51
CA TRP B 95 1.47 18.65 3.35
C TRP B 95 0.73 18.34 2.05
N THR B 96 0.61 19.34 1.18
CA THR B 96 -0.18 19.21 -0.07
C THR B 96 0.64 19.67 -1.28
N PRO B 97 1.50 18.78 -1.78
CA PRO B 97 2.35 19.16 -2.89
C PRO B 97 1.57 19.27 -4.20
N MET B 98 1.93 20.28 -4.98
CA MET B 98 1.33 20.55 -6.26
C MET B 98 2.22 19.96 -7.34
N ARG B 99 1.63 19.85 -8.53
CA ARG B 99 2.31 19.36 -9.74
C ARG B 99 1.96 20.28 -10.90
N GLU B 100 2.87 20.43 -11.84
CA GLU B 100 2.55 21.20 -13.05
C GLU B 100 1.46 20.45 -13.80
N LEU B 101 0.40 21.17 -14.17
CA LEU B 101 -0.82 20.50 -14.70
C LEU B 101 -0.75 20.20 -16.19
N ALA B 102 0.08 20.95 -16.92
CA ALA B 102 0.31 20.68 -18.33
C ALA B 102 1.73 21.13 -18.69
N PRO B 103 2.46 20.35 -19.51
CA PRO B 103 3.88 20.63 -19.75
C PRO B 103 4.10 21.99 -20.42
N GLY B 104 5.13 22.71 -19.96
CA GLY B 104 5.44 24.01 -20.53
C GLY B 104 4.54 25.13 -20.06
N THR B 105 3.50 24.81 -19.27
CA THR B 105 2.45 25.80 -18.90
C THR B 105 2.73 26.63 -17.67
N ASP B 106 3.60 26.14 -16.76
CA ASP B 106 3.89 26.82 -15.50
C ASP B 106 2.66 26.95 -14.62
N ARG B 107 1.66 26.13 -14.88
CA ARG B 107 0.44 26.15 -14.07
C ARG B 107 0.46 24.93 -13.19
N TRP B 108 0.37 25.16 -11.89
CA TRP B 108 0.45 24.11 -10.92
C TRP B 108 -0.88 23.97 -10.19
N GLY B 109 -1.15 22.74 -9.73
CA GLY B 109 -2.36 22.46 -8.96
C GLY B 109 -2.27 21.26 -8.05
N ALA B 110 -3.07 21.31 -6.99
CA ALA B 110 -3.25 20.20 -6.10
C ALA B 110 -4.69 20.19 -5.65
N THR B 111 -5.15 19.01 -5.24
CA THR B 111 -6.47 18.89 -4.64
C THR B 111 -6.39 19.08 -3.13
N VAL B 112 -7.34 19.86 -2.61
CA VAL B 112 -7.49 20.10 -1.18
C VAL B 112 -8.88 19.75 -0.74
N THR B 113 -9.05 19.51 0.56
CA THR B 113 -10.37 19.12 1.07
C THR B 113 -10.79 19.90 2.32
N ALA B 114 -12.04 20.38 2.27
CA ALA B 114 -12.62 21.19 3.32
C ALA B 114 -13.03 20.31 4.49
N GLY B 115 -12.72 20.78 5.70
CA GLY B 115 -13.11 20.12 6.95
C GLY B 115 -14.39 20.71 7.50
N GLU B 116 -14.35 21.14 8.76
CA GLU B 116 -15.48 21.75 9.48
C GLU B 116 -15.92 23.02 8.81
N THR B 117 -17.17 23.39 9.04
CA THR B 117 -17.71 24.62 8.45
C THR B 117 -17.08 25.87 9.08
N GLY B 118 -17.08 26.96 8.31
CA GLY B 118 -16.52 28.24 8.74
C GLY B 118 -15.71 28.89 7.61
N THR B 119 -14.98 29.95 7.96
CA THR B 119 -14.14 30.68 7.04
C THR B 119 -12.71 30.20 7.18
N TRP B 120 -12.21 29.68 6.07
CA TRP B 120 -10.87 29.18 5.92
C TRP B 120 -10.11 30.13 4.98
N SER B 121 -8.83 29.84 4.79
CA SER B 121 -8.03 30.54 3.80
C SER B 121 -7.03 29.59 3.17
N TYR B 122 -6.53 29.94 1.98
CA TYR B 122 -5.55 29.10 1.33
C TYR B 122 -4.48 29.91 0.69
N THR B 123 -3.27 29.42 0.85
CA THR B 123 -2.11 30.03 0.29
C THR B 123 -1.38 28.98 -0.51
N VAL B 124 -0.70 29.42 -1.56
CA VAL B 124 0.25 28.60 -2.31
C VAL B 124 1.67 29.03 -1.96
N GLU B 125 2.50 28.06 -1.58
CA GLU B 125 3.92 28.27 -1.32
C GLU B 125 4.70 27.78 -2.53
N ALA B 126 5.63 28.61 -3.02
CA ALA B 126 6.48 28.27 -4.16
C ALA B 126 7.91 28.31 -3.68
N TRP B 127 8.74 27.49 -4.28
CA TRP B 127 10.11 27.36 -3.81
C TRP B 127 11.01 26.75 -4.88
N GLY B 128 12.29 27.12 -4.84
CA GLY B 128 13.32 26.43 -5.59
C GLY B 128 13.45 25.00 -5.12
N ASP B 129 13.58 24.09 -6.09
CA ASP B 129 13.69 22.66 -5.81
C ASP B 129 15.07 22.21 -6.25
N PRO B 130 16.09 22.52 -5.44
CA PRO B 130 17.46 22.27 -5.87
C PRO B 130 17.79 20.79 -5.97
N VAL B 131 17.09 19.93 -5.23
CA VAL B 131 17.36 18.49 -5.33
C VAL B 131 16.97 17.91 -6.68
N THR B 132 15.79 18.25 -7.20
CA THR B 132 15.35 17.76 -8.50
C THR B 132 16.28 18.24 -9.60
N THR B 133 16.71 19.48 -9.46
CA THR B 133 17.66 20.10 -10.35
C THR B 133 18.97 19.35 -10.36
N TRP B 134 19.51 19.09 -9.16
CA TRP B 134 20.79 18.41 -9.03
C TRP B 134 20.72 17.00 -9.62
N ARG B 135 19.66 16.26 -9.31
CA ARG B 135 19.48 14.90 -9.80
C ARG B 135 19.49 14.85 -11.32
N HIS B 136 18.80 15.79 -11.94
CA HIS B 136 18.74 15.95 -13.40
C HIS B 136 20.16 16.05 -13.97
N HIS B 137 20.98 16.96 -13.42
CA HIS B 137 22.34 17.17 -13.92
C HIS B 137 23.22 15.96 -13.62
N ALA B 138 23.07 15.43 -12.40
CA ALA B 138 23.86 14.30 -11.93
C ALA B 138 23.65 13.05 -12.80
N ARG B 139 22.40 12.78 -13.20
CA ARG B 139 22.11 11.63 -14.05
C ARG B 139 22.76 11.75 -15.42
N ILE B 140 23.04 12.99 -15.84
CA ILE B 140 23.64 13.26 -17.13
C ILE B 140 25.17 13.36 -17.04
N LYS B 141 25.67 14.13 -16.06
CA LYS B 141 27.10 14.38 -15.93
C LYS B 141 27.89 13.17 -15.47
N ILE B 142 27.34 12.40 -14.52
CA ILE B 142 28.06 11.26 -13.91
C ILE B 142 28.34 10.12 -14.90
N PRO B 143 27.36 9.77 -15.76
CA PRO B 143 27.62 8.81 -16.85
C PRO B 143 28.58 9.35 -17.91
N ALA B 144 28.50 10.64 -18.18
CA ALA B 144 29.43 11.32 -19.09
C ALA B 144 30.80 11.58 -18.44
N GLY B 145 30.91 11.36 -17.12
CA GLY B 145 32.17 11.52 -16.42
C GLY B 145 32.58 12.98 -16.28
N LEU B 146 31.62 13.90 -16.29
CA LEU B 146 31.93 15.32 -16.12
C LEU B 146 31.92 15.73 -14.64
N ASP B 147 33.04 16.25 -14.17
CA ASP B 147 33.16 16.83 -12.84
C ASP B 147 32.51 15.97 -11.76
N THR B 148 32.76 14.66 -11.77
CA THR B 148 31.96 13.75 -10.96
C THR B 148 32.13 14.02 -9.44
N ASP B 149 33.36 14.27 -8.98
CA ASP B 149 33.56 14.52 -7.54
C ASP B 149 32.85 15.79 -7.10
N LEU B 150 32.89 16.81 -7.95
CA LEU B 150 32.29 18.08 -7.63
C LEU B 150 30.77 17.95 -7.58
N VAL B 151 30.20 17.28 -8.57
CA VAL B 151 28.76 17.05 -8.61
C VAL B 151 28.29 16.25 -7.41
N LEU B 152 29.07 15.21 -7.05
CA LEU B 152 28.66 14.32 -5.98
C LEU B 152 28.71 15.04 -4.63
N GLU B 153 29.73 15.88 -4.43
CA GLU B 153 29.85 16.67 -3.22
C GLU B 153 28.71 17.68 -3.13
N GLU B 154 28.37 18.30 -4.28
CA GLU B 154 27.23 19.21 -4.36
C GLU B 154 25.92 18.54 -3.92
N GLY B 155 25.73 17.28 -4.32
CA GLY B 155 24.57 16.51 -3.94
C GLY B 155 24.57 16.21 -2.46
N ALA B 156 25.72 15.79 -1.97
CA ALA B 156 25.90 15.53 -0.55
C ALA B 156 25.51 16.72 0.34
N ARG B 157 25.92 17.93 -0.05
CA ARG B 157 25.59 19.13 0.77
C ARG B 157 24.09 19.50 0.74
N LEU B 158 23.44 19.36 -0.41
CA LEU B 158 21.99 19.53 -0.47
C LEU B 158 21.31 18.52 0.45
N TYR B 159 21.71 17.26 0.35
CA TYR B 159 21.06 16.22 1.16
C TYR B 159 21.30 16.42 2.67
N GLU B 160 22.44 17.03 3.03
CA GLU B 160 22.74 17.37 4.44
C GLU B 160 21.80 18.43 4.97
N ARG B 161 21.56 19.45 4.15
CA ARG B 161 20.62 20.51 4.47
C ARG B 161 19.20 19.94 4.57
N ALA B 162 18.86 19.07 3.63
CA ALA B 162 17.55 18.39 3.60
C ALA B 162 17.37 17.57 4.87
N ALA B 163 18.45 16.95 5.33
CA ALA B 163 18.43 16.09 6.51
C ALA B 163 18.22 16.89 7.79
N ALA B 164 18.74 18.11 7.82
CA ALA B 164 18.70 18.96 9.00
C ALA B 164 17.29 19.47 9.30
N ASP B 165 16.42 19.47 8.29
CA ASP B 165 15.02 19.87 8.43
C ASP B 165 14.10 18.71 8.81
N VAL B 166 14.54 17.47 8.60
CA VAL B 166 13.70 16.28 8.81
C VAL B 166 13.48 15.93 10.29
N PRO B 167 12.22 16.03 10.78
CA PRO B 167 11.95 15.68 12.18
C PRO B 167 12.13 14.19 12.53
N GLY B 168 11.69 13.28 11.66
CA GLY B 168 11.89 11.84 11.87
C GLY B 168 13.36 11.50 12.05
N ARG B 169 13.66 10.59 12.97
CA ARG B 169 15.06 10.14 13.18
C ARG B 169 15.45 9.11 12.14
N GLU B 170 14.55 8.18 11.84
CA GLU B 170 14.81 7.16 10.82
C GLU B 170 14.97 7.81 9.44
N ASP B 171 14.12 8.79 9.17
CA ASP B 171 14.24 9.56 7.92
C ASP B 171 15.56 10.34 7.87
N ARG B 172 15.92 11.01 8.96
CA ARG B 172 17.18 11.76 9.03
C ARG B 172 18.37 10.84 8.75
N ARG B 173 18.39 9.67 9.40
CA ARG B 173 19.45 8.67 9.20
C ARG B 173 19.46 8.12 7.77
N GLU B 174 18.28 7.98 7.17
CA GLU B 174 18.18 7.53 5.78
C GLU B 174 18.85 8.53 4.83
N LEU B 175 18.65 9.83 5.08
CA LEU B 175 19.29 10.88 4.27
C LEU B 175 20.80 11.00 4.52
N LEU B 176 21.22 10.91 5.79
CA LEU B 176 22.65 10.97 6.12
C LEU B 176 23.40 9.77 5.55
N ALA B 177 22.73 8.62 5.53
CA ALA B 177 23.25 7.42 4.88
C ALA B 177 23.60 7.66 3.42
N ALA B 178 22.69 8.32 2.70
CA ALA B 178 22.92 8.71 1.30
C ALA B 178 24.05 9.72 1.18
N VAL B 179 24.09 10.70 2.11
CA VAL B 179 25.18 11.67 2.13
C VAL B 179 26.55 10.95 2.17
N ASP B 180 26.69 10.02 3.12
CA ASP B 180 27.93 9.24 3.29
C ASP B 180 28.31 8.51 2.02
N ALA B 181 27.30 7.90 1.40
CA ALA B 181 27.51 7.18 0.15
C ALA B 181 27.94 8.12 -0.97
N LEU B 182 27.28 9.28 -1.07
CA LEU B 182 27.60 10.30 -2.07
C LEU B 182 29.06 10.73 -1.95
N ARG B 183 29.53 10.73 -0.71
CA ARG B 183 30.88 11.21 -0.40
C ARG B 183 31.97 10.13 -0.38
N ASP B 184 31.59 8.87 -0.60
CA ASP B 184 32.54 7.77 -0.48
C ASP B 184 33.36 7.68 -1.76
N GLU B 185 34.49 8.38 -1.74
CA GLU B 185 35.36 8.53 -2.90
C GLU B 185 36.09 7.25 -3.27
N SER B 186 35.93 6.19 -2.49
CA SER B 186 36.48 4.89 -2.85
C SER B 186 35.53 4.08 -3.74
N ARG B 187 34.31 4.58 -3.92
CA ARG B 187 33.29 3.88 -4.71
C ARG B 187 33.08 4.44 -6.11
N PRO B 188 32.62 3.59 -7.05
CA PRO B 188 32.32 4.06 -8.41
C PRO B 188 31.29 5.19 -8.42
N ALA B 189 31.52 6.18 -9.27
CA ALA B 189 30.68 7.41 -9.35
C ALA B 189 29.18 7.10 -9.50
N ALA B 190 28.83 6.22 -10.43
CA ALA B 190 27.42 5.91 -10.68
C ALA B 190 26.80 5.10 -9.53
N SER B 191 27.64 4.44 -8.75
CA SER B 191 27.21 3.76 -7.53
C SER B 191 26.87 4.78 -6.46
N ARG B 192 27.78 5.71 -6.21
CA ARG B 192 27.56 6.74 -5.21
C ARG B 192 26.26 7.48 -5.53
N LEU B 193 26.08 7.82 -6.81
CA LEU B 193 24.86 8.50 -7.26
C LEU B 193 23.59 7.68 -6.99
N ALA B 194 23.59 6.42 -7.41
CA ALA B 194 22.45 5.52 -7.22
C ALA B 194 21.95 5.48 -5.77
N ALA B 195 22.89 5.45 -4.81
CA ALA B 195 22.54 5.43 -3.38
C ALA B 195 21.71 6.63 -2.94
N ALA B 196 21.75 7.74 -3.70
CA ALA B 196 20.96 8.93 -3.38
C ALA B 196 19.63 8.96 -4.16
N LEU B 197 19.38 7.94 -4.98
CA LEU B 197 18.20 7.91 -5.84
C LEU B 197 17.28 6.76 -5.53
N THR B 198 17.44 6.16 -4.36
CA THR B 198 16.66 5.00 -3.99
C THR B 198 15.21 5.37 -3.66
N PRO B 199 14.29 4.40 -3.78
CA PRO B 199 12.89 4.61 -3.40
C PRO B 199 12.66 5.19 -2.01
N GLN B 200 13.41 4.74 -1.00
CA GLN B 200 13.22 5.22 0.38
C GLN B 200 13.78 6.62 0.60
N VAL B 201 14.83 6.96 -0.15
CA VAL B 201 15.34 8.31 -0.14
C VAL B 201 14.31 9.23 -0.80
N ASP B 202 13.74 8.78 -1.91
CA ASP B 202 12.66 9.51 -2.59
C ASP B 202 11.51 9.79 -1.64
N ALA B 203 11.09 8.77 -0.89
CA ALA B 203 9.93 8.88 -0.02
C ALA B 203 10.16 9.92 1.09
N VAL B 204 11.37 9.92 1.64
CA VAL B 204 11.73 10.86 2.69
C VAL B 204 11.65 12.29 2.12
N LEU B 205 12.23 12.47 0.93
CA LEU B 205 12.30 13.78 0.26
C LEU B 205 10.96 14.26 -0.28
N ALA B 206 10.10 13.34 -0.69
CA ALA B 206 8.77 13.67 -1.17
C ALA B 206 7.93 14.24 -0.03
N ARG B 207 8.11 13.69 1.17
CA ARG B 207 7.39 14.11 2.37
C ARG B 207 8.01 15.35 3.03
N HIS B 208 9.34 15.50 2.94
CA HIS B 208 10.07 16.65 3.54
C HIS B 208 11.10 17.27 2.57
N PRO B 209 10.60 17.90 1.49
CA PRO B 209 11.56 18.34 0.48
C PRO B 209 12.44 19.50 0.94
N LEU B 210 13.64 19.59 0.39
CA LEU B 210 14.48 20.76 0.60
C LEU B 210 13.92 21.88 -0.27
N ARG B 211 13.37 22.91 0.38
CA ARG B 211 12.73 24.02 -0.31
C ARG B 211 13.59 25.26 -0.22
N ASP B 212 14.04 25.78 -1.36
CA ASP B 212 14.79 27.03 -1.42
C ASP B 212 13.85 28.21 -1.56
N LEU B 213 14.14 29.32 -0.86
CA LEU B 213 13.54 30.63 -1.18
C LEU B 213 12.02 30.61 -1.16
N VAL B 214 11.46 30.05 -0.09
CA VAL B 214 10.00 29.87 -0.01
C VAL B 214 9.30 31.23 -0.13
N THR B 215 8.31 31.27 -1.04
CA THR B 215 7.55 32.47 -1.34
C THR B 215 6.08 32.09 -1.27
N SER B 216 5.28 32.94 -0.62
CA SER B 216 3.85 32.70 -0.43
C SER B 216 3.02 33.73 -1.13
N SER B 217 1.90 33.27 -1.68
CA SER B 217 0.85 34.18 -2.11
C SER B 217 0.15 34.81 -0.91
N ASP B 218 -0.58 35.89 -1.15
CA ASP B 218 -1.49 36.44 -0.15
C ASP B 218 -2.63 35.45 0.01
N PRO B 219 -3.12 35.24 1.25
CA PRO B 219 -4.17 34.23 1.47
C PRO B 219 -5.46 34.58 0.75
N LEU B 220 -6.18 33.56 0.26
CA LEU B 220 -7.53 33.78 -0.28
C LEU B 220 -8.60 33.11 0.61
N PRO B 221 -9.82 33.70 0.63
CA PRO B 221 -10.89 33.21 1.52
C PRO B 221 -11.70 32.02 0.98
N LEU B 222 -12.00 31.08 1.89
CA LEU B 222 -12.82 29.91 1.59
C LEU B 222 -13.94 29.81 2.62
N LEU B 223 -15.18 29.90 2.16
CA LEU B 223 -16.34 29.68 3.03
C LEU B 223 -16.79 28.24 2.90
N VAL B 224 -16.66 27.49 3.98
CA VAL B 224 -17.03 26.08 4.04
C VAL B 224 -18.39 26.00 4.73
N GLU B 225 -19.36 25.44 4.02
CA GLU B 225 -20.74 25.34 4.52
C GLU B 225 -21.15 23.90 4.61
N ARG B 226 -22.33 23.64 5.16
CA ARG B 226 -22.76 22.28 5.45
C ARG B 226 -23.11 21.48 4.19
N GLU B 227 -23.08 20.15 4.34
CA GLU B 227 -23.23 19.20 3.24
C GLU B 227 -24.44 19.54 2.39
N ARG B 228 -25.54 19.86 3.06
CA ARG B 228 -26.79 20.12 2.33
C ARG B 228 -26.73 21.31 1.35
N ALA B 229 -25.83 22.27 1.56
CA ALA B 229 -25.69 23.37 0.59
C ALA B 229 -25.30 22.82 -0.79
N LEU B 230 -24.54 21.72 -0.83
CA LEU B 230 -24.18 21.09 -2.12
C LEU B 230 -25.04 19.90 -2.50
N TYR B 231 -25.43 19.09 -1.52
CA TYR B 231 -25.96 17.77 -1.79
C TYR B 231 -27.32 17.61 -1.14
N GLY B 232 -28.30 17.15 -1.93
CA GLY B 232 -29.61 16.89 -1.38
C GLY B 232 -30.66 16.75 -2.47
N ALA B 233 -31.72 16.02 -2.15
CA ALA B 233 -32.79 15.75 -3.07
C ALA B 233 -33.98 16.58 -2.58
N TRP B 234 -34.56 17.36 -3.46
CA TRP B 234 -35.65 18.30 -3.14
C TRP B 234 -37.01 17.88 -3.76
N TYR B 235 -38.07 18.01 -2.98
CA TYR B 235 -39.44 17.76 -3.45
C TYR B 235 -40.33 18.97 -3.15
N GLU B 236 -41.01 19.50 -4.16
CA GLU B 236 -41.89 20.64 -3.98
C GLU B 236 -43.34 20.21 -4.06
N PHE B 237 -44.16 20.57 -3.06
CA PHE B 237 -45.64 20.41 -3.18
C PHE B 237 -46.39 21.50 -2.47
N PHE B 238 -47.66 21.63 -2.83
CA PHE B 238 -48.59 22.60 -2.30
C PHE B 238 -49.41 21.87 -1.25
N PRO B 239 -49.19 22.18 0.03
CA PRO B 239 -50.00 21.55 1.10
C PRO B 239 -51.51 21.68 0.93
N ARG B 240 -51.97 22.79 0.35
CA ARG B 240 -53.39 23.00 0.17
C ARG B 240 -54.06 21.97 -0.76
N SER B 241 -53.28 21.39 -1.68
CA SER B 241 -53.78 20.41 -2.62
C SER B 241 -54.04 19.05 -1.95
N GLU B 242 -53.40 18.79 -0.81
CA GLU B 242 -53.62 17.57 -0.05
C GLU B 242 -54.67 17.73 1.08
N GLY B 243 -55.95 17.82 0.69
CA GLY B 243 -57.06 17.95 1.64
C GLY B 243 -57.91 16.70 1.68
N THR B 244 -59.18 16.87 2.04
CA THR B 244 -60.11 15.77 2.24
C THR B 244 -61.36 15.96 1.40
N PRO B 245 -62.19 14.92 1.28
CA PRO B 245 -63.46 15.16 0.59
C PRO B 245 -64.30 16.26 1.29
N HIS B 246 -64.23 16.33 2.62
CA HIS B 246 -65.03 17.29 3.36
C HIS B 246 -64.42 18.69 3.34
N THR B 247 -63.09 18.77 3.52
CA THR B 247 -62.33 20.04 3.47
C THR B 247 -61.27 19.93 2.36
N PRO B 248 -61.66 20.23 1.11
CA PRO B 248 -60.74 20.09 -0.03
C PRO B 248 -59.47 20.87 0.15
N HIS B 249 -59.58 22.08 0.69
CA HIS B 249 -58.37 22.88 0.97
C HIS B 249 -57.60 22.21 2.09
N GLY B 250 -56.45 21.66 1.74
CA GLY B 250 -55.57 20.98 2.67
C GLY B 250 -55.03 21.88 3.75
N THR B 251 -54.74 21.29 4.91
CA THR B 251 -54.15 21.99 6.03
C THR B 251 -52.74 21.41 6.27
N PHE B 252 -51.95 22.03 7.15
CA PHE B 252 -50.68 21.46 7.56
C PHE B 252 -50.81 20.06 8.18
N ARG B 253 -51.89 19.82 8.90
CA ARG B 253 -52.15 18.52 9.51
C ARG B 253 -52.55 17.45 8.49
N THR B 254 -53.33 17.81 7.48
CA THR B 254 -53.62 16.87 6.42
C THR B 254 -52.41 16.72 5.49
N ALA B 255 -51.76 17.84 5.19
CA ALA B 255 -50.61 17.86 4.31
C ALA B 255 -49.44 17.02 4.82
N ALA B 256 -49.35 16.86 6.14
CA ALA B 256 -48.29 16.11 6.78
C ALA B 256 -48.35 14.62 6.43
N ARG B 257 -49.54 14.15 6.04
CA ARG B 257 -49.71 12.76 5.58
C ARG B 257 -48.95 12.45 4.29
N ARG B 258 -48.53 13.47 3.54
CA ARG B 258 -47.73 13.28 2.35
C ARG B 258 -46.26 13.09 2.65
N LEU B 259 -45.83 13.54 3.83
CA LEU B 259 -44.41 13.50 4.19
C LEU B 259 -43.78 12.09 4.18
N PRO B 260 -44.45 11.08 4.79
CA PRO B 260 -43.90 9.72 4.70
C PRO B 260 -43.61 9.23 3.27
N ALA B 261 -44.53 9.47 2.34
CA ALA B 261 -44.34 9.09 0.95
C ALA B 261 -43.15 9.85 0.30
N ILE B 262 -42.94 11.09 0.71
CA ILE B 262 -41.86 11.89 0.14
C ILE B 262 -40.49 11.43 0.70
N ALA B 263 -40.45 11.20 2.02
CA ALA B 263 -39.31 10.61 2.68
C ALA B 263 -38.97 9.23 2.08
N ALA B 264 -39.99 8.43 1.78
CA ALA B 264 -39.76 7.09 1.19
C ALA B 264 -39.19 7.13 -0.23
N MET B 265 -39.39 8.24 -0.92
CA MET B 265 -38.79 8.43 -2.27
C MET B 265 -37.34 8.89 -2.21
N GLY B 266 -36.79 8.94 -0.99
CA GLY B 266 -35.41 9.34 -0.79
C GLY B 266 -35.10 10.83 -0.77
N PHE B 267 -36.10 11.70 -0.55
CA PHE B 267 -35.83 13.15 -0.59
C PHE B 267 -35.36 13.62 0.77
N ASP B 268 -34.60 14.71 0.79
CA ASP B 268 -34.10 15.31 2.03
C ASP B 268 -34.69 16.66 2.38
N VAL B 269 -35.24 17.35 1.38
CA VAL B 269 -35.81 18.69 1.56
C VAL B 269 -37.20 18.76 0.95
N VAL B 270 -38.14 19.35 1.68
CA VAL B 270 -39.46 19.68 1.14
C VAL B 270 -39.58 21.20 1.01
N TYR B 271 -39.81 21.64 -0.22
CA TYR B 271 -39.92 23.05 -0.54
C TYR B 271 -41.41 23.38 -0.70
N LEU B 272 -41.89 24.26 0.17
CA LEU B 272 -43.28 24.68 0.12
C LEU B 272 -43.37 26.04 -0.55
N PRO B 273 -44.34 26.20 -1.46
CA PRO B 273 -44.66 27.55 -1.95
C PRO B 273 -45.15 28.36 -0.74
N PRO B 274 -45.26 29.69 -0.90
CA PRO B 274 -45.70 30.58 0.17
C PRO B 274 -46.92 30.09 0.98
N ILE B 275 -46.73 30.02 2.29
CA ILE B 275 -47.72 29.50 3.25
C ILE B 275 -48.47 30.60 4.02
N HIS B 276 -48.43 31.83 3.52
CA HIS B 276 -49.08 32.96 4.16
C HIS B 276 -50.47 33.23 3.58
N PRO B 277 -51.20 34.18 4.19
CA PRO B 277 -52.48 34.55 3.61
C PRO B 277 -52.28 35.10 2.19
N ILE B 278 -53.33 35.02 1.39
CA ILE B 278 -53.27 35.38 0.00
C ILE B 278 -54.25 36.51 -0.29
N GLY B 279 -53.80 37.51 -1.07
CA GLY B 279 -54.64 38.68 -1.39
C GLY B 279 -55.94 38.32 -2.08
N THR B 280 -56.94 39.21 -1.91
CA THR B 280 -58.19 39.11 -2.63
C THR B 280 -58.28 40.09 -3.83
N THR B 281 -57.72 41.28 -3.68
CA THR B 281 -57.66 42.28 -4.76
C THR B 281 -56.81 41.90 -5.97
N HIS B 282 -57.47 41.89 -7.14
CA HIS B 282 -56.88 41.39 -8.38
C HIS B 282 -56.41 39.93 -8.31
N ARG B 283 -57.01 39.12 -7.42
CA ARG B 283 -56.68 37.73 -7.32
C ARG B 283 -56.90 37.07 -8.67
N LYS B 284 -55.99 36.19 -9.03
CA LYS B 284 -56.11 35.39 -10.24
C LYS B 284 -57.02 34.18 -10.02
N GLY B 285 -57.75 33.79 -11.05
CA GLY B 285 -58.58 32.60 -10.99
C GLY B 285 -57.91 31.44 -11.69
N ARG B 286 -58.70 30.43 -12.04
CA ARG B 286 -58.10 29.21 -12.58
C ARG B 286 -57.46 29.45 -13.96
N ASN B 287 -56.37 28.73 -14.23
CA ASN B 287 -55.63 28.85 -15.47
C ASN B 287 -55.15 30.27 -15.76
N ASN B 288 -54.80 31.00 -14.71
CA ASN B 288 -54.28 32.36 -14.80
C ASN B 288 -55.26 33.32 -15.45
N THR B 289 -56.53 33.13 -15.16
CA THR B 289 -57.54 34.07 -15.62
C THR B 289 -57.46 35.31 -14.74
N LEU B 290 -57.89 36.44 -15.28
CA LEU B 290 -57.76 37.74 -14.62
C LEU B 290 -58.57 37.85 -13.33
N SER B 291 -59.87 37.57 -13.40
CA SER B 291 -60.78 37.77 -12.26
C SER B 291 -61.22 36.46 -11.63
N ALA B 292 -60.81 36.27 -10.37
CA ALA B 292 -61.19 35.07 -9.59
C ALA B 292 -62.65 35.11 -9.19
N THR B 293 -63.30 33.95 -9.17
CA THR B 293 -64.70 33.84 -8.78
C THR B 293 -64.76 33.35 -7.33
N GLY B 294 -65.96 33.07 -6.84
CA GLY B 294 -66.23 32.78 -5.42
C GLY B 294 -65.26 31.85 -4.69
N ASP B 295 -64.97 30.69 -5.28
CA ASP B 295 -64.21 29.69 -4.55
C ASP B 295 -62.73 29.73 -4.87
N ASP B 296 -62.31 30.57 -5.81
CA ASP B 296 -60.94 30.48 -6.32
C ASP B 296 -59.94 30.79 -5.22
N VAL B 297 -58.88 29.97 -5.09
CA VAL B 297 -57.96 30.09 -3.97
C VAL B 297 -56.79 31.08 -4.21
N GLY B 298 -56.60 31.50 -5.45
CA GLY B 298 -55.51 32.45 -5.81
C GLY B 298 -54.12 31.83 -5.79
N VAL B 299 -53.11 32.67 -6.01
CA VAL B 299 -51.73 32.26 -6.11
C VAL B 299 -50.98 32.59 -4.81
N PRO B 300 -50.24 31.61 -4.23
CA PRO B 300 -49.61 31.79 -2.92
C PRO B 300 -48.65 32.94 -2.89
N TRP B 301 -48.04 33.21 -4.03
CA TRP B 301 -47.09 34.28 -4.17
C TRP B 301 -47.69 35.68 -4.05
N ALA B 302 -49.00 35.78 -4.28
CA ALA B 302 -49.72 37.02 -3.98
C ALA B 302 -49.91 37.08 -2.46
N ILE B 303 -48.81 37.39 -1.76
CA ILE B 303 -48.80 37.34 -0.30
C ILE B 303 -49.44 38.56 0.37
N GLY B 304 -50.31 38.30 1.36
CA GLY B 304 -50.75 39.31 2.28
C GLY B 304 -52.22 39.69 2.19
N SER B 305 -52.83 39.80 3.35
CA SER B 305 -54.21 40.22 3.46
C SER B 305 -54.37 40.84 4.85
N PRO B 306 -55.57 41.30 5.19
CA PRO B 306 -55.81 41.75 6.55
C PRO B 306 -55.54 40.66 7.59
N GLU B 307 -55.61 39.39 7.16
CA GLU B 307 -55.31 38.25 8.04
C GLU B 307 -53.84 38.18 8.45
N GLY B 308 -52.95 38.80 7.67
CA GLY B 308 -51.51 38.72 7.95
C GLY B 308 -50.62 38.79 6.73
N GLY B 309 -49.32 38.96 6.96
CA GLY B 309 -48.33 39.04 5.90
C GLY B 309 -47.36 37.90 5.93
N HIS B 310 -46.08 38.21 5.70
CA HIS B 310 -45.01 37.21 5.57
C HIS B 310 -44.64 36.49 6.87
N ASP B 311 -45.11 37.00 8.01
CA ASP B 311 -44.86 36.32 9.28
C ASP B 311 -46.09 35.54 9.75
N SER B 312 -47.09 35.38 8.87
CA SER B 312 -48.34 34.71 9.22
C SER B 312 -48.60 33.44 8.43
N ILE B 313 -49.52 32.62 8.96
CA ILE B 313 -49.99 31.44 8.28
C ILE B 313 -51.36 31.72 7.66
N HIS B 314 -51.53 31.28 6.41
CA HIS B 314 -52.86 31.25 5.76
C HIS B 314 -53.83 30.54 6.72
N PRO B 315 -54.97 31.18 7.06
CA PRO B 315 -55.91 30.55 8.01
C PRO B 315 -56.42 29.15 7.60
N ALA B 316 -56.58 28.90 6.31
CA ALA B 316 -57.00 27.59 5.81
C ALA B 316 -55.90 26.51 5.93
N LEU B 317 -54.64 26.92 6.11
CA LEU B 317 -53.57 25.97 6.32
C LEU B 317 -53.46 25.63 7.80
N GLY B 318 -54.02 26.49 8.64
CA GLY B 318 -54.06 26.29 10.09
C GLY B 318 -53.31 27.38 10.85
N THR B 319 -52.78 27.00 12.01
CA THR B 319 -52.02 27.88 12.90
C THR B 319 -50.52 27.60 12.86
N LEU B 320 -49.77 28.51 13.44
CA LEU B 320 -48.35 28.37 13.62
C LEU B 320 -48.03 27.08 14.40
N ASP B 321 -48.94 26.68 15.30
CA ASP B 321 -48.80 25.39 16.03
C ASP B 321 -48.91 24.22 15.06
N ASP B 322 -49.82 24.32 14.09
CA ASP B 322 -50.00 23.26 13.12
C ASP B 322 -48.76 23.17 12.22
N PHE B 323 -48.20 24.32 11.86
CA PHE B 323 -46.93 24.35 11.14
C PHE B 323 -45.78 23.74 11.94
N ASP B 324 -45.66 24.06 13.23
CA ASP B 324 -44.63 23.43 14.07
C ASP B 324 -44.77 21.90 14.02
N HIS B 325 -46.01 21.42 14.04
CA HIS B 325 -46.30 19.99 13.92
C HIS B 325 -45.79 19.43 12.60
N PHE B 326 -46.05 20.13 11.49
CA PHE B 326 -45.58 19.73 10.15
C PHE B 326 -44.06 19.65 10.11
N VAL B 327 -43.39 20.67 10.65
CA VAL B 327 -41.92 20.73 10.67
C VAL B 327 -41.32 19.63 11.53
N THR B 328 -41.96 19.37 12.67
CA THR B 328 -41.58 18.27 13.57
C THR B 328 -41.74 16.91 12.91
N GLU B 329 -42.85 16.69 12.24
CA GLU B 329 -43.10 15.42 11.63
C GLU B 329 -42.18 15.19 10.44
N ALA B 330 -41.87 16.27 9.73
CA ALA B 330 -40.88 16.23 8.67
C ALA B 330 -39.50 15.80 9.17
N GLY B 331 -39.02 16.51 10.20
CA GLY B 331 -37.72 16.25 10.79
C GLY B 331 -37.54 14.81 11.23
N LYS B 332 -38.59 14.20 11.75
CA LYS B 332 -38.55 12.81 12.18
C LYS B 332 -38.37 11.85 11.02
N LEU B 333 -38.82 12.27 9.84
CA LEU B 333 -38.60 11.49 8.61
C LEU B 333 -37.32 11.84 7.88
N GLY B 334 -36.46 12.64 8.50
CA GLY B 334 -35.24 13.12 7.83
C GLY B 334 -35.48 14.15 6.75
N LEU B 335 -36.59 14.89 6.87
CA LEU B 335 -36.94 15.96 5.95
C LEU B 335 -36.71 17.34 6.57
N GLU B 336 -35.96 18.18 5.87
CA GLU B 336 -35.84 19.59 6.18
C GLU B 336 -36.88 20.39 5.40
N ILE B 337 -37.37 21.48 5.99
CA ILE B 337 -38.32 22.34 5.28
C ILE B 337 -37.60 23.53 4.68
N ALA B 338 -37.92 23.81 3.44
CA ALA B 338 -37.46 24.99 2.75
C ALA B 338 -38.67 25.84 2.43
N LEU B 339 -38.75 27.01 3.02
CA LEU B 339 -39.84 27.92 2.78
C LEU B 339 -39.51 28.84 1.64
N ASP B 340 -40.51 29.09 0.83
CA ASP B 340 -40.45 30.17 -0.12
C ASP B 340 -40.37 31.53 0.54
N PHE B 341 -39.40 32.35 0.12
CA PHE B 341 -39.38 33.76 0.51
C PHE B 341 -39.51 34.66 -0.75
N ALA B 342 -40.69 35.27 -0.90
CA ALA B 342 -41.01 36.13 -2.04
C ALA B 342 -41.25 37.55 -1.52
N LEU B 343 -40.27 38.41 -1.68
CA LEU B 343 -40.33 39.76 -1.16
C LEU B 343 -41.11 40.67 -2.12
N GLN B 344 -42.43 40.59 -1.96
CA GLN B 344 -43.43 41.21 -2.82
C GLN B 344 -44.75 41.08 -2.08
N CYS B 345 -45.77 41.79 -2.52
CA CYS B 345 -46.98 41.96 -1.73
C CYS B 345 -48.20 41.93 -2.64
N SER B 346 -49.29 41.33 -2.16
CA SER B 346 -50.57 41.62 -2.77
C SER B 346 -50.96 43.04 -2.38
N PRO B 347 -51.96 43.63 -3.06
CA PRO B 347 -52.43 44.97 -2.73
C PRO B 347 -53.05 45.04 -1.34
N ASP B 348 -53.39 43.87 -0.79
CA ASP B 348 -54.09 43.80 0.51
C ASP B 348 -53.10 43.55 1.65
N HIS B 349 -51.82 43.39 1.34
CA HIS B 349 -50.78 43.27 2.36
C HIS B 349 -50.74 44.51 3.26
N PRO B 350 -50.65 44.31 4.58
CA PRO B 350 -50.56 45.42 5.56
C PRO B 350 -49.47 46.45 5.23
N TRP B 351 -48.36 45.99 4.66
CA TRP B 351 -47.25 46.87 4.27
C TRP B 351 -47.67 47.97 3.35
N VAL B 352 -48.64 47.68 2.49
CA VAL B 352 -49.10 48.68 1.54
C VAL B 352 -49.59 49.98 2.24
N HIS B 353 -50.28 49.86 3.38
CA HIS B 353 -50.67 51.06 4.13
C HIS B 353 -49.70 51.37 5.26
N LYS B 354 -49.06 50.36 5.81
CA LYS B 354 -48.12 50.59 6.93
C LYS B 354 -46.75 51.15 6.49
N HIS B 355 -46.33 50.79 5.29
CA HIS B 355 -45.02 51.20 4.79
C HIS B 355 -45.16 51.57 3.31
N PRO B 356 -45.92 52.62 3.02
CA PRO B 356 -46.10 53.01 1.62
C PRO B 356 -44.81 53.33 0.87
N GLU B 357 -43.78 53.79 1.59
CA GLU B 357 -42.51 54.14 0.93
C GLU B 357 -41.71 52.90 0.51
N TRP B 358 -42.21 51.70 0.86
CA TRP B 358 -41.64 50.46 0.33
C TRP B 358 -42.17 50.12 -1.07
N PHE B 359 -42.90 51.05 -1.70
CA PHE B 359 -43.48 50.83 -3.02
C PHE B 359 -43.32 52.09 -3.84
N HIS B 360 -43.13 51.93 -5.14
CA HIS B 360 -43.15 53.08 -6.03
C HIS B 360 -44.57 53.40 -6.46
N HIS B 361 -44.98 54.65 -6.21
CA HIS B 361 -46.27 55.13 -6.62
C HIS B 361 -46.14 56.05 -7.81
N ARG B 362 -47.05 55.86 -8.74
CA ARG B 362 -47.12 56.65 -9.93
C ARG B 362 -47.74 57.99 -9.52
N PRO B 363 -47.81 58.97 -10.45
CA PRO B 363 -48.33 60.28 -10.06
C PRO B 363 -49.77 60.31 -9.55
N ASP B 364 -50.59 59.31 -9.94
CA ASP B 364 -51.98 59.21 -9.47
C ASP B 364 -52.09 58.41 -8.16
N GLY B 365 -50.94 58.05 -7.57
CA GLY B 365 -50.92 57.32 -6.32
C GLY B 365 -50.88 55.81 -6.42
N THR B 366 -51.23 55.27 -7.59
CA THR B 366 -51.30 53.80 -7.79
C THR B 366 -49.92 53.15 -7.84
N ILE B 367 -49.87 51.87 -7.49
CA ILE B 367 -48.66 51.09 -7.61
C ILE B 367 -48.80 50.12 -8.79
N ALA B 368 -47.91 50.25 -9.78
CA ALA B 368 -47.83 49.34 -10.92
C ALA B 368 -47.59 47.91 -10.45
N HIS B 369 -48.41 46.97 -10.90
CA HIS B 369 -48.25 45.56 -10.53
C HIS B 369 -46.95 45.01 -11.11
N ALA B 370 -46.48 43.91 -10.54
CA ALA B 370 -45.20 43.35 -10.94
C ALA B 370 -45.31 42.68 -12.31
N GLU B 371 -44.19 42.59 -13.00
CA GLU B 371 -44.12 42.02 -14.34
C GLU B 371 -42.81 41.29 -14.63
N ASN B 372 -42.90 40.21 -15.42
CA ASN B 372 -41.72 39.53 -15.99
C ASN B 372 -42.00 39.30 -17.48
N PRO B 373 -42.00 40.40 -18.29
CA PRO B 373 -42.62 40.47 -19.61
C PRO B 373 -42.25 39.31 -20.55
N PRO B 374 -43.24 38.73 -21.26
CA PRO B 374 -44.61 39.23 -21.46
C PRO B 374 -45.61 38.90 -20.37
N LYS B 375 -45.14 38.27 -19.29
CA LYS B 375 -46.03 37.90 -18.18
C LYS B 375 -46.36 39.11 -17.29
N LYS B 376 -47.63 39.23 -16.96
CA LYS B 376 -48.09 40.25 -16.02
C LYS B 376 -48.57 39.57 -14.75
N TYR B 377 -48.23 40.16 -13.61
CA TYR B 377 -48.65 39.66 -12.30
C TYR B 377 -49.53 40.70 -11.63
N GLN B 378 -50.73 40.88 -12.18
CA GLN B 378 -51.70 41.90 -11.72
C GLN B 378 -52.03 41.79 -10.23
N ASP B 379 -51.80 40.59 -9.67
CA ASP B 379 -52.15 40.29 -8.31
C ASP B 379 -51.05 40.65 -7.31
N ILE B 380 -49.94 41.20 -7.79
CA ILE B 380 -48.71 41.29 -7.03
C ILE B 380 -48.06 42.66 -7.21
N TYR B 381 -47.78 43.33 -6.11
CA TYR B 381 -46.99 44.58 -6.11
C TYR B 381 -45.52 44.32 -5.80
N PRO B 382 -44.60 44.85 -6.64
CA PRO B 382 -43.16 44.75 -6.32
C PRO B 382 -42.72 45.76 -5.26
N ILE B 383 -41.67 45.42 -4.51
CA ILE B 383 -41.08 46.30 -3.49
C ILE B 383 -40.11 47.31 -4.13
N ALA B 384 -40.11 48.53 -3.62
CA ALA B 384 -39.16 49.58 -4.00
C ALA B 384 -38.16 49.73 -2.84
N PHE B 385 -36.88 49.80 -3.17
CA PHE B 385 -35.81 49.62 -2.17
C PHE B 385 -35.03 50.89 -1.85
N ASP B 386 -35.27 51.97 -2.57
CA ASP B 386 -34.45 53.19 -2.44
C ASP B 386 -34.94 54.27 -1.45
N ALA B 387 -36.14 54.16 -0.93
CA ALA B 387 -36.62 55.15 0.04
C ALA B 387 -36.31 54.74 1.47
N ASP B 388 -36.40 53.44 1.79
CA ASP B 388 -36.14 52.95 3.15
C ASP B 388 -35.44 51.59 3.07
N PRO B 389 -34.19 51.58 2.56
CA PRO B 389 -33.46 50.32 2.45
C PRO B 389 -33.23 49.68 3.82
N ASP B 390 -33.01 50.49 4.84
CA ASP B 390 -32.71 49.98 6.18
C ASP B 390 -33.95 49.32 6.84
N GLY B 391 -35.12 49.92 6.66
CA GLY B 391 -36.36 49.38 7.19
C GLY B 391 -36.65 48.06 6.51
N LEU B 392 -36.48 48.01 5.19
CA LEU B 392 -36.74 46.79 4.44
C LEU B 392 -35.81 45.68 4.90
N ALA B 393 -34.54 46.00 5.09
CA ALA B 393 -33.52 45.03 5.48
C ALA B 393 -33.77 44.48 6.88
N THR B 394 -34.09 45.38 7.79
CA THR B 394 -34.41 45.03 9.19
C THR B 394 -35.62 44.10 9.28
N GLU B 395 -36.67 44.42 8.53
CA GLU B 395 -37.91 43.61 8.56
C GLU B 395 -37.70 42.24 7.89
N THR B 396 -36.98 42.24 6.77
CA THR B 396 -36.68 41.00 6.04
C THR B 396 -35.95 40.02 6.99
N VAL B 397 -34.91 40.48 7.67
CA VAL B 397 -34.19 39.59 8.57
C VAL B 397 -35.03 39.20 9.77
N ARG B 398 -35.95 40.06 10.18
CA ARG B 398 -36.87 39.72 11.26
C ARG B 398 -37.78 38.57 10.83
N ILE B 399 -38.37 38.68 9.63
CA ILE B 399 -39.21 37.62 9.07
C ILE B 399 -38.47 36.29 9.01
N LEU B 400 -37.28 36.32 8.42
CA LEU B 400 -36.45 35.11 8.28
C LEU B 400 -36.12 34.45 9.61
N ARG B 401 -35.72 35.25 10.60
CA ARG B 401 -35.46 34.76 11.96
C ARG B 401 -36.69 34.18 12.66
N HIS B 402 -37.87 34.73 12.37
CA HIS B 402 -39.13 34.15 12.83
C HIS B 402 -39.27 32.71 12.32
N TRP B 403 -39.09 32.49 11.02
CA TRP B 403 -39.27 31.12 10.46
C TRP B 403 -38.12 30.23 10.92
N MET B 404 -36.94 30.82 11.04
CA MET B 404 -35.79 30.11 11.62
C MET B 404 -36.06 29.64 13.06
N ASP B 405 -36.67 30.49 13.89
CA ASP B 405 -37.06 30.08 15.25
C ASP B 405 -38.10 28.97 15.23
N HIS B 406 -38.72 28.70 14.08
CA HIS B 406 -39.64 27.57 13.95
C HIS B 406 -39.08 26.38 13.19
N GLY B 407 -37.75 26.33 13.07
CA GLY B 407 -37.06 25.23 12.40
C GLY B 407 -36.84 25.32 10.90
N VAL B 408 -37.22 26.42 10.25
CA VAL B 408 -36.88 26.60 8.85
C VAL B 408 -35.43 27.10 8.70
N ARG B 409 -34.58 26.27 8.08
CA ARG B 409 -33.14 26.58 7.96
C ARG B 409 -32.73 26.68 6.49
N ILE B 410 -33.73 26.71 5.60
CA ILE B 410 -33.52 26.81 4.16
C ILE B 410 -34.62 27.72 3.58
N PHE B 411 -34.21 28.76 2.87
CA PHE B 411 -35.14 29.63 2.18
C PHE B 411 -34.93 29.53 0.66
N ARG B 412 -36.02 29.22 -0.05
CA ARG B 412 -36.06 29.29 -1.52
C ARG B 412 -36.53 30.68 -1.86
N VAL B 413 -35.63 31.48 -2.44
CA VAL B 413 -35.86 32.89 -2.61
C VAL B 413 -36.41 33.13 -3.98
N ASP B 414 -37.61 33.69 -4.00
CA ASP B 414 -38.36 33.80 -5.23
C ASP B 414 -37.81 34.97 -6.03
N ASN B 415 -37.63 34.76 -7.33
CA ASN B 415 -37.17 35.79 -8.26
C ASN B 415 -36.27 36.86 -7.62
N PRO B 416 -35.10 36.47 -7.08
CA PRO B 416 -34.23 37.41 -6.37
C PRO B 416 -33.68 38.52 -7.26
N HIS B 417 -33.61 38.23 -8.55
CA HIS B 417 -33.03 39.17 -9.52
C HIS B 417 -33.85 40.42 -9.78
N THR B 418 -35.05 40.52 -9.24
CA THR B 418 -35.88 41.74 -9.36
C THR B 418 -35.77 42.59 -8.09
N LYS B 419 -34.88 42.19 -7.17
CA LYS B 419 -34.56 42.95 -5.94
C LYS B 419 -33.06 43.29 -6.04
N PRO B 420 -32.59 44.33 -5.33
CA PRO B 420 -31.18 44.71 -5.51
C PRO B 420 -30.18 43.63 -5.07
N VAL B 421 -29.14 43.50 -5.87
CA VAL B 421 -28.06 42.56 -5.59
C VAL B 421 -27.47 42.79 -4.21
N ALA B 422 -27.16 44.05 -3.89
CA ALA B 422 -26.59 44.45 -2.60
C ALA B 422 -27.52 44.20 -1.42
N PHE B 423 -28.82 44.26 -1.69
CA PHE B 423 -29.79 43.90 -0.69
C PHE B 423 -29.62 42.46 -0.24
N TRP B 424 -29.57 41.52 -1.20
CA TRP B 424 -29.35 40.10 -0.85
C TRP B 424 -28.00 39.90 -0.14
N GLU B 425 -26.98 40.60 -0.58
CA GLU B 425 -25.67 40.50 0.07
C GLU B 425 -25.74 40.87 1.58
N ARG B 426 -26.45 41.94 1.88
CA ARG B 426 -26.59 42.42 3.24
C ARG B 426 -27.46 41.46 4.05
N VAL B 427 -28.57 41.03 3.48
CA VAL B 427 -29.49 40.11 4.21
C VAL B 427 -28.81 38.78 4.50
N ILE B 428 -28.16 38.20 3.50
CA ILE B 428 -27.51 36.90 3.64
C ILE B 428 -26.37 36.99 4.65
N ALA B 429 -25.60 38.07 4.59
CA ALA B 429 -24.48 38.27 5.49
C ALA B 429 -25.00 38.50 6.91
N ASP B 430 -26.14 39.15 7.03
CA ASP B 430 -26.74 39.36 8.33
C ASP B 430 -27.23 38.03 8.95
N ILE B 431 -27.96 37.22 8.18
CA ILE B 431 -28.49 35.93 8.65
C ILE B 431 -27.39 34.90 8.93
N ASN B 432 -26.46 34.72 8.01
CA ASN B 432 -25.35 33.77 8.21
C ASN B 432 -24.33 34.22 9.27
N GLY B 433 -24.29 35.52 9.52
CA GLY B 433 -23.55 36.12 10.63
C GLY B 433 -23.89 35.52 11.98
N THR B 434 -25.17 35.23 12.21
CA THR B 434 -25.58 34.57 13.45
C THR B 434 -25.93 33.10 13.26
N ASP B 435 -26.40 32.76 12.07
CA ASP B 435 -26.86 31.40 11.78
C ASP B 435 -26.26 30.91 10.47
N PRO B 436 -25.00 30.47 10.51
CA PRO B 436 -24.32 30.14 9.25
C PRO B 436 -24.83 28.86 8.60
N ASP B 437 -25.69 28.10 9.29
CA ASP B 437 -26.29 26.92 8.70
C ASP B 437 -27.41 27.25 7.69
N VAL B 438 -27.97 28.45 7.74
CA VAL B 438 -29.10 28.82 6.84
C VAL B 438 -28.68 28.85 5.36
N ILE B 439 -29.44 28.11 4.56
CA ILE B 439 -29.17 27.93 3.15
C ILE B 439 -30.16 28.75 2.37
N PHE B 440 -29.64 29.52 1.43
CA PHE B 440 -30.48 30.28 0.53
C PHE B 440 -30.32 29.70 -0.88
N LEU B 441 -31.46 29.46 -1.50
CA LEU B 441 -31.55 29.01 -2.90
C LEU B 441 -32.16 30.13 -3.75
N ALA B 442 -31.41 30.53 -4.78
CA ALA B 442 -31.78 31.67 -5.63
C ALA B 442 -32.51 31.21 -6.89
N GLU B 443 -33.80 31.53 -7.01
CA GLU B 443 -34.57 31.19 -8.22
C GLU B 443 -34.40 32.24 -9.32
N ALA B 444 -33.19 32.38 -9.84
CA ALA B 444 -32.87 33.46 -10.76
C ALA B 444 -32.77 32.97 -12.16
N PHE B 445 -33.93 32.88 -12.85
CA PHE B 445 -33.92 32.55 -14.26
C PHE B 445 -33.72 33.81 -15.07
N THR B 446 -32.46 34.15 -15.23
CA THR B 446 -32.11 35.41 -15.83
C THR B 446 -30.85 35.21 -16.63
N ARG B 447 -30.19 36.31 -16.99
CA ARG B 447 -28.97 36.24 -17.76
C ARG B 447 -27.80 35.81 -16.88
N PRO B 448 -26.72 35.36 -17.50
CA PRO B 448 -25.60 34.77 -16.71
C PRO B 448 -24.89 35.72 -15.70
N ALA B 449 -24.73 37.01 -16.05
CA ALA B 449 -24.04 37.96 -15.17
C ALA B 449 -24.75 38.03 -13.80
N MET B 450 -26.06 38.30 -13.84
CA MET B 450 -26.88 38.34 -12.63
C MET B 450 -26.87 37.00 -11.90
N MET B 451 -27.02 35.90 -12.63
CA MET B 451 -27.08 34.53 -12.04
C MET B 451 -25.79 34.21 -11.28
N ALA B 452 -24.68 34.48 -11.94
CA ALA B 452 -23.32 34.37 -11.35
C ALA B 452 -23.15 35.27 -10.14
N THR B 453 -23.50 36.55 -10.29
CA THR B 453 -23.26 37.51 -9.25
C THR B 453 -24.05 37.13 -8.02
N LEU B 454 -25.30 36.72 -8.21
CA LEU B 454 -26.13 36.28 -7.07
C LEU B 454 -25.45 35.20 -6.22
N ALA B 455 -24.86 34.19 -6.88
CA ALA B 455 -24.13 33.12 -6.18
C ALA B 455 -22.92 33.72 -5.49
N GLN B 456 -22.24 34.64 -6.18
CA GLN B 456 -20.99 35.20 -5.66
C GLN B 456 -21.18 36.06 -4.42
N ILE B 457 -22.34 36.71 -4.28
CA ILE B 457 -22.60 37.56 -3.12
C ILE B 457 -23.17 36.84 -1.92
N GLY B 458 -23.38 35.53 -2.05
CA GLY B 458 -23.68 34.66 -0.89
C GLY B 458 -24.72 33.57 -1.02
N PHE B 459 -25.44 33.50 -2.14
CA PHE B 459 -26.48 32.44 -2.29
C PHE B 459 -25.88 31.05 -2.36
N GLN B 460 -26.25 30.19 -1.42
CA GLN B 460 -25.61 28.88 -1.27
C GLN B 460 -25.86 28.04 -2.49
N GLN B 461 -27.05 28.22 -3.08
CA GLN B 461 -27.51 27.42 -4.19
C GLN B 461 -28.19 28.29 -5.24
N SER B 462 -28.18 27.82 -6.46
CA SER B 462 -28.80 28.52 -7.57
C SER B 462 -29.66 27.59 -8.38
N TYR B 463 -30.79 28.10 -8.86
CA TYR B 463 -31.52 27.47 -9.92
C TYR B 463 -30.70 27.71 -11.20
N THR B 464 -30.94 26.90 -12.21
CA THR B 464 -30.08 26.89 -13.41
C THR B 464 -30.84 26.83 -14.72
N TYR B 465 -30.10 26.77 -15.83
CA TYR B 465 -30.66 26.62 -17.16
C TYR B 465 -31.01 25.17 -17.49
N PHE B 466 -30.81 24.24 -16.55
CA PHE B 466 -31.01 22.80 -16.77
C PHE B 466 -32.20 22.44 -17.65
N THR B 467 -33.37 22.97 -17.33
CA THR B 467 -34.58 22.60 -18.05
C THR B 467 -34.49 22.95 -19.54
N TRP B 468 -33.66 23.95 -19.86
CA TRP B 468 -33.42 24.32 -21.26
C TRP B 468 -32.12 23.74 -21.83
N ARG B 469 -31.61 22.70 -21.20
CA ARG B 469 -30.50 21.94 -21.77
C ARG B 469 -30.92 20.49 -21.96
N ASN B 470 -31.27 20.15 -23.20
CA ASN B 470 -31.91 18.88 -23.48
C ASN B 470 -31.19 17.99 -24.50
N THR B 471 -30.38 18.59 -25.39
CA THR B 471 -29.53 17.87 -26.33
C THR B 471 -28.18 17.52 -25.70
N LYS B 472 -27.45 16.63 -26.34
CA LYS B 472 -26.18 16.17 -25.81
C LYS B 472 -25.20 17.34 -25.76
N GLN B 473 -25.18 18.16 -26.81
CA GLN B 473 -24.29 19.31 -26.87
C GLN B 473 -24.64 20.33 -25.82
N GLU B 474 -25.92 20.60 -25.66
CA GLU B 474 -26.40 21.51 -24.61
C GLU B 474 -26.00 21.02 -23.20
N LEU B 475 -26.30 19.76 -22.90
CA LEU B 475 -26.03 19.16 -21.56
C LEU B 475 -24.54 19.11 -21.28
N THR B 476 -23.78 18.74 -22.30
CA THR B 476 -22.32 18.66 -22.19
C THR B 476 -21.67 20.01 -21.99
N GLU B 477 -22.03 20.99 -22.82
CA GLU B 477 -21.51 22.36 -22.66
C GLU B 477 -21.87 22.95 -21.30
N TYR B 478 -23.15 22.85 -20.93
CA TYR B 478 -23.61 23.47 -19.69
C TYR B 478 -22.98 22.85 -18.44
N LEU B 479 -22.91 21.52 -18.39
CA LEU B 479 -22.35 20.83 -17.22
C LEU B 479 -20.84 20.94 -17.14
N THR B 480 -20.21 21.12 -18.28
CA THR B 480 -18.76 21.42 -18.33
C THR B 480 -18.54 22.76 -17.63
N GLU B 481 -19.42 23.72 -17.95
CA GLU B 481 -19.39 25.03 -17.34
C GLU B 481 -19.68 24.94 -15.84
N LEU B 482 -20.76 24.26 -15.45
CA LEU B 482 -21.12 24.18 -14.02
C LEU B 482 -20.13 23.42 -13.15
N SER B 483 -19.47 22.42 -13.71
CA SER B 483 -18.53 21.61 -12.96
C SER B 483 -17.12 22.19 -13.03
N GLY B 484 -16.94 23.28 -13.77
CA GLY B 484 -15.64 23.92 -13.94
C GLY B 484 -15.51 25.06 -12.98
N GLU B 485 -15.04 26.22 -13.46
CA GLU B 485 -14.71 27.33 -12.57
C GLU B 485 -15.91 27.90 -11.80
N ALA B 486 -17.12 27.82 -12.37
CA ALA B 486 -18.31 28.26 -11.65
C ALA B 486 -18.51 27.49 -10.32
N ALA B 487 -18.00 26.25 -10.23
CA ALA B 487 -18.23 25.47 -8.98
C ALA B 487 -17.55 26.10 -7.76
N SER B 488 -16.63 27.04 -7.96
CA SER B 488 -16.07 27.78 -6.84
C SER B 488 -17.03 28.81 -6.24
N TYR B 489 -18.15 29.10 -6.93
CA TYR B 489 -19.08 30.07 -6.37
C TYR B 489 -20.58 29.72 -6.48
N MET B 490 -20.90 28.70 -7.28
CA MET B 490 -22.28 28.31 -7.51
C MET B 490 -22.51 26.82 -7.22
N ARG B 491 -23.59 26.54 -6.50
CA ARG B 491 -24.04 25.18 -6.26
C ARG B 491 -25.37 25.08 -6.96
N PRO B 492 -25.41 24.31 -8.05
CA PRO B 492 -26.68 24.15 -8.80
C PRO B 492 -27.72 23.24 -8.16
N ASN B 493 -28.99 23.63 -8.31
CA ASN B 493 -30.10 22.79 -7.92
C ASN B 493 -30.90 22.49 -9.18
N PHE B 494 -30.76 21.25 -9.65
CA PHE B 494 -31.40 20.77 -10.88
C PHE B 494 -32.86 20.28 -10.63
N PHE B 495 -33.80 21.20 -10.73
CA PHE B 495 -35.20 20.81 -10.70
C PHE B 495 -35.57 20.42 -12.11
N ALA B 496 -36.02 19.17 -12.29
CA ALA B 496 -36.39 18.68 -13.61
C ALA B 496 -37.62 19.43 -14.15
N ASN B 497 -38.50 19.80 -13.23
CA ASN B 497 -39.61 20.67 -13.53
C ASN B 497 -39.87 21.65 -12.38
N THR B 498 -40.69 22.66 -12.67
CA THR B 498 -41.18 23.57 -11.66
C THR B 498 -42.64 23.84 -12.00
N PRO B 499 -43.39 24.44 -11.08
CA PRO B 499 -44.75 24.92 -11.41
C PRO B 499 -44.84 25.87 -12.61
N ASP B 500 -43.71 26.50 -12.98
CA ASP B 500 -43.66 27.53 -14.04
C ASP B 500 -42.92 26.99 -15.26
N ILE B 501 -42.40 25.77 -15.15
CA ILE B 501 -41.65 25.17 -16.26
C ILE B 501 -42.05 23.72 -16.52
N LEU B 502 -42.86 23.52 -17.55
CA LEU B 502 -43.04 22.21 -18.18
C LEU B 502 -42.43 22.29 -19.56
N HIS B 503 -41.18 21.83 -19.70
CA HIS B 503 -40.48 21.94 -20.97
C HIS B 503 -41.12 21.09 -22.08
N ALA B 504 -41.01 21.56 -23.31
CA ALA B 504 -41.47 20.86 -24.52
C ALA B 504 -40.92 19.43 -24.66
N TYR B 505 -39.68 19.20 -24.21
CA TYR B 505 -39.09 17.88 -24.18
C TYR B 505 -40.02 16.91 -23.46
N LEU B 506 -40.52 17.31 -22.30
CA LEU B 506 -41.43 16.50 -21.50
C LEU B 506 -42.82 16.41 -22.14
N GLN B 507 -43.33 17.55 -22.63
CA GLN B 507 -44.63 17.61 -23.31
C GLN B 507 -44.71 16.63 -24.47
N HIS B 508 -43.64 16.55 -25.25
CA HIS B 508 -43.66 15.73 -26.46
C HIS B 508 -43.04 14.37 -26.20
N GLY B 509 -42.36 14.22 -25.07
CA GLY B 509 -41.66 12.98 -24.75
C GLY B 509 -42.46 11.90 -24.01
N GLY B 510 -43.44 12.31 -23.22
CA GLY B 510 -44.17 11.39 -22.32
C GLY B 510 -43.33 10.85 -21.19
N ARG B 511 -43.80 9.75 -20.60
CA ARG B 511 -43.08 9.09 -19.53
C ARG B 511 -41.56 8.82 -19.76
N PRO B 512 -41.20 8.28 -20.93
CA PRO B 512 -39.78 8.02 -21.15
C PRO B 512 -38.93 9.30 -21.04
N ALA B 513 -39.51 10.45 -21.38
CA ALA B 513 -38.81 11.76 -21.19
C ALA B 513 -38.68 12.14 -19.73
N PHE B 514 -39.68 11.81 -18.91
CA PHE B 514 -39.60 12.02 -17.47
C PHE B 514 -38.53 11.15 -16.86
N GLU B 515 -38.39 9.94 -17.37
CA GLU B 515 -37.40 8.99 -16.87
C GLU B 515 -36.01 9.52 -17.18
N VAL B 516 -35.81 9.98 -18.41
CA VAL B 516 -34.53 10.54 -18.87
C VAL B 516 -34.12 11.74 -18.00
N ARG B 517 -34.99 12.72 -17.87
CA ARG B 517 -34.66 13.94 -17.15
C ARG B 517 -34.40 13.69 -15.67
N ALA B 518 -35.07 12.70 -15.09
CA ALA B 518 -34.88 12.35 -13.68
C ALA B 518 -33.46 11.77 -13.48
N VAL B 519 -33.08 10.85 -14.35
CA VAL B 519 -31.76 10.27 -14.34
C VAL B 519 -30.66 11.34 -14.47
N LEU B 520 -30.83 12.24 -15.44
CA LEU B 520 -29.87 13.29 -15.71
C LEU B 520 -29.71 14.20 -14.51
N ALA B 521 -30.84 14.63 -13.96
CA ALA B 521 -30.80 15.60 -12.86
C ALA B 521 -30.10 15.01 -11.67
N ALA B 522 -30.46 13.78 -11.39
CA ALA B 522 -30.03 13.07 -10.21
C ALA B 522 -28.57 12.67 -10.31
N THR B 523 -28.06 12.43 -11.52
CA THR B 523 -26.67 12.02 -11.67
C THR B 523 -25.70 13.14 -12.05
N LEU B 524 -26.20 14.26 -12.59
CA LEU B 524 -25.32 15.34 -13.07
C LEU B 524 -25.10 16.41 -12.02
N SER B 525 -26.06 16.60 -11.14
CA SER B 525 -25.84 17.51 -10.02
C SER B 525 -26.04 16.79 -8.70
N PRO B 526 -25.22 17.11 -7.69
CA PRO B 526 -25.44 16.58 -6.34
C PRO B 526 -26.70 17.12 -5.68
N THR B 527 -27.28 18.20 -6.20
CA THR B 527 -28.62 18.61 -5.74
C THR B 527 -29.59 18.58 -6.90
N TRP B 528 -30.73 17.93 -6.69
CA TRP B 528 -31.79 17.87 -7.73
C TRP B 528 -33.12 17.93 -7.07
N GLY B 529 -34.17 18.08 -7.90
CA GLY B 529 -35.50 18.21 -7.36
C GLY B 529 -36.58 18.02 -8.41
N ILE B 530 -37.78 17.79 -7.92
CA ILE B 530 -38.97 17.69 -8.76
C ILE B 530 -40.12 18.38 -8.06
N TYR B 531 -41.10 18.82 -8.86
CA TYR B 531 -42.32 19.41 -8.36
C TYR B 531 -43.43 18.34 -8.53
N SER B 532 -44.14 18.08 -7.44
CA SER B 532 -45.20 17.09 -7.36
C SER B 532 -46.05 17.05 -8.61
N GLY B 533 -46.19 15.85 -9.18
CA GLY B 533 -46.89 15.68 -10.44
C GLY B 533 -45.93 15.16 -11.49
N TYR B 534 -44.65 15.47 -11.30
CA TYR B 534 -43.61 14.99 -12.21
C TYR B 534 -43.61 13.45 -12.28
N GLU B 535 -43.80 12.83 -11.10
CA GLU B 535 -43.81 11.37 -10.96
C GLU B 535 -44.95 10.76 -11.72
N LEU B 536 -46.04 11.49 -11.90
CA LEU B 536 -47.20 10.99 -12.64
C LEU B 536 -47.09 11.35 -14.12
N CYS B 537 -45.99 12.01 -14.46
CA CYS B 537 -45.71 12.41 -15.84
C CYS B 537 -46.76 13.37 -16.39
N GLU B 538 -47.17 14.30 -15.53
CA GLU B 538 -48.10 15.34 -15.93
C GLU B 538 -47.40 16.23 -16.94
N ASN B 539 -47.94 16.28 -18.15
CA ASN B 539 -47.26 16.97 -19.24
C ASN B 539 -48.17 17.67 -20.22
N THR B 540 -49.35 18.07 -19.76
CA THR B 540 -50.26 18.83 -20.63
C THR B 540 -50.07 20.33 -20.41
N PRO B 541 -49.67 21.06 -21.48
CA PRO B 541 -49.35 22.46 -21.31
C PRO B 541 -50.61 23.27 -21.45
N LEU B 542 -50.52 24.54 -21.04
CA LEU B 542 -51.62 25.48 -21.20
C LEU B 542 -52.02 25.53 -22.67
N ARG B 543 -51.03 25.48 -23.55
CA ARG B 543 -51.25 25.44 -25.00
C ARG B 543 -49.92 25.08 -25.69
N GLU B 544 -49.97 24.84 -27.00
CA GLU B 544 -48.75 24.58 -27.76
C GLU B 544 -47.84 25.82 -27.65
N GLY B 545 -46.57 25.58 -27.43
CA GLY B 545 -45.57 26.63 -27.31
C GLY B 545 -45.53 27.30 -25.95
N SER B 546 -46.26 26.77 -24.98
CA SER B 546 -46.21 27.28 -23.60
C SER B 546 -45.41 26.34 -22.72
N GLU B 547 -44.81 26.88 -21.65
CA GLU B 547 -44.18 26.04 -20.65
C GLU B 547 -45.03 26.02 -19.38
N GLU B 548 -46.15 26.73 -19.37
CA GLU B 548 -47.15 26.56 -18.32
C GLU B 548 -47.90 25.21 -18.45
N TYR B 549 -48.14 24.58 -17.32
CA TYR B 549 -49.08 23.47 -17.19
C TYR B 549 -50.52 23.92 -17.49
N LEU B 550 -51.34 23.03 -18.02
CA LEU B 550 -52.78 23.28 -18.09
C LEU B 550 -53.31 23.09 -16.68
N ASP B 551 -54.27 23.93 -16.28
CA ASP B 551 -54.92 23.80 -14.97
C ASP B 551 -53.88 23.85 -13.86
N SER B 552 -53.04 24.86 -13.94
CA SER B 552 -51.91 24.98 -13.04
C SER B 552 -52.32 25.07 -11.57
N GLU B 553 -51.65 24.28 -10.73
CA GLU B 553 -51.81 24.21 -9.29
C GLU B 553 -51.54 25.56 -8.60
N LYS B 554 -50.93 26.49 -9.33
CA LYS B 554 -50.69 27.83 -8.82
C LYS B 554 -52.02 28.52 -8.57
N TYR B 555 -53.04 28.14 -9.34
CA TYR B 555 -54.30 28.88 -9.34
C TYR B 555 -55.48 28.06 -8.83
N GLN B 556 -55.23 26.83 -8.43
CA GLN B 556 -56.30 25.92 -8.04
C GLN B 556 -55.75 24.77 -7.20
N LEU B 557 -56.65 24.20 -6.42
CA LEU B 557 -56.38 22.97 -5.70
C LEU B 557 -56.25 21.88 -6.75
N LYS B 558 -55.29 20.99 -6.57
CA LYS B 558 -55.02 19.95 -7.55
C LYS B 558 -54.83 18.60 -6.85
N PRO B 559 -55.93 17.97 -6.43
CA PRO B 559 -55.88 16.66 -5.78
C PRO B 559 -55.34 15.53 -6.69
N ARG B 560 -54.57 14.61 -6.13
CA ARG B 560 -54.04 13.51 -6.90
C ARG B 560 -54.35 12.18 -6.22
N ASP B 561 -54.78 11.19 -7.01
CA ASP B 561 -55.00 9.84 -6.49
C ASP B 561 -53.63 9.11 -6.48
N TRP B 562 -52.83 9.40 -5.45
CA TRP B 562 -51.50 8.81 -5.28
C TRP B 562 -51.53 7.28 -5.10
N THR B 563 -52.58 6.78 -4.45
CA THR B 563 -52.72 5.34 -4.17
C THR B 563 -53.04 4.57 -5.44
N ARG B 564 -53.97 5.09 -6.22
CA ARG B 564 -54.29 4.50 -7.52
C ARG B 564 -53.08 4.49 -8.49
N ALA B 565 -52.35 5.60 -8.56
CA ALA B 565 -51.17 5.69 -9.43
C ALA B 565 -50.12 4.61 -9.09
N ALA B 566 -49.94 4.35 -7.80
CA ALA B 566 -49.02 3.37 -7.30
C ALA B 566 -49.46 1.94 -7.67
N ARG B 567 -50.73 1.61 -7.47
CA ARG B 567 -51.23 0.27 -7.79
C ARG B 567 -51.30 0.00 -9.29
N GLU B 568 -51.56 1.04 -10.09
CA GLU B 568 -51.60 0.93 -11.54
C GLU B 568 -50.24 1.13 -12.23
N GLY B 569 -49.20 1.43 -11.46
CA GLY B 569 -47.84 1.57 -12.00
C GLY B 569 -47.68 2.76 -12.94
N THR B 570 -48.49 3.79 -12.75
CA THR B 570 -48.50 4.99 -13.61
C THR B 570 -47.76 6.16 -12.92
N THR B 571 -46.80 5.79 -12.10
CA THR B 571 -45.94 6.74 -11.42
C THR B 571 -44.53 6.24 -11.62
N ILE B 572 -43.60 7.15 -11.86
CA ILE B 572 -42.18 6.79 -11.89
C ILE B 572 -41.53 6.93 -10.51
N ALA B 573 -42.34 6.84 -9.45
CA ALA B 573 -41.89 6.91 -8.07
C ALA B 573 -40.81 5.88 -7.75
N PRO B 574 -40.95 4.65 -8.24
CA PRO B 574 -39.87 3.66 -7.95
C PRO B 574 -38.50 4.00 -8.57
N LEU B 575 -38.52 4.53 -9.79
CA LEU B 575 -37.29 4.97 -10.44
C LEU B 575 -36.68 6.09 -9.60
N VAL B 576 -37.49 7.06 -9.22
CA VAL B 576 -37.03 8.17 -8.40
C VAL B 576 -36.42 7.68 -7.10
N THR B 577 -37.11 6.74 -6.45
CA THR B 577 -36.64 6.17 -5.23
C THR B 577 -35.30 5.49 -5.45
N ARG B 578 -35.17 4.76 -6.56
CA ARG B 578 -33.94 4.07 -6.88
C ARG B 578 -32.79 5.06 -7.10
N LEU B 579 -33.07 6.16 -7.78
CA LEU B 579 -32.06 7.23 -8.01
C LEU B 579 -31.51 7.83 -6.72
N ASN B 580 -32.39 8.15 -5.79
CA ASN B 580 -31.97 8.70 -4.49
C ASN B 580 -31.21 7.69 -3.62
N THR B 581 -31.62 6.42 -3.69
CA THR B 581 -30.86 5.35 -3.07
C THR B 581 -29.46 5.24 -3.70
N ILE B 582 -29.37 5.24 -5.02
CA ILE B 582 -28.07 5.16 -5.70
C ILE B 582 -27.16 6.35 -5.22
N ARG B 583 -27.74 7.54 -5.17
CA ARG B 583 -27.05 8.74 -4.71
C ARG B 583 -26.53 8.59 -3.28
N ARG B 584 -27.38 8.06 -2.39
CA ARG B 584 -27.03 7.86 -1.00
C ARG B 584 -25.97 6.79 -0.77
N GLU B 585 -25.79 5.89 -1.74
CA GLU B 585 -24.83 4.78 -1.66
C GLU B 585 -23.56 5.02 -2.48
N ASN B 586 -23.51 6.15 -3.22
CA ASN B 586 -22.38 6.43 -4.12
C ASN B 586 -21.89 7.87 -3.97
N PRO B 587 -20.81 8.08 -3.16
CA PRO B 587 -20.22 9.38 -2.89
C PRO B 587 -19.91 10.18 -4.15
N ALA B 588 -19.57 9.50 -5.24
CA ALA B 588 -19.32 10.16 -6.50
C ALA B 588 -20.50 11.05 -6.92
N LEU B 589 -21.70 10.63 -6.55
CA LEU B 589 -22.90 11.36 -6.94
C LEU B 589 -23.27 12.48 -5.96
N ARG B 590 -22.52 12.59 -4.88
CA ARG B 590 -22.73 13.64 -3.90
C ARG B 590 -21.74 14.78 -4.07
N GLN B 591 -21.06 14.81 -5.21
CA GLN B 591 -20.15 15.91 -5.59
C GLN B 591 -20.42 16.39 -7.01
N LEU B 592 -19.86 17.54 -7.33
CA LEU B 592 -20.16 18.25 -8.55
C LEU B 592 -18.99 18.29 -9.51
N ARG B 593 -17.82 18.62 -8.99
CA ARG B 593 -16.69 19.03 -9.81
C ARG B 593 -16.05 17.93 -10.61
N ASP B 594 -16.04 16.72 -10.08
CA ASP B 594 -15.47 15.60 -10.81
C ASP B 594 -16.55 15.00 -11.72
N LEU B 595 -16.44 15.34 -12.99
CA LEU B 595 -17.34 14.87 -14.01
C LEU B 595 -16.58 14.85 -15.30
N HIS B 596 -16.67 13.74 -16.03
CA HIS B 596 -16.10 13.67 -17.37
C HIS B 596 -17.07 13.05 -18.38
N PHE B 597 -17.12 13.64 -19.58
CA PHE B 597 -17.97 13.16 -20.65
C PHE B 597 -17.18 12.28 -21.62
N HIS B 598 -17.65 11.04 -21.78
CA HIS B 598 -17.00 10.05 -22.64
C HIS B 598 -17.73 9.97 -23.97
N PRO B 599 -16.96 9.91 -25.08
CA PRO B 599 -17.60 10.00 -26.42
C PRO B 599 -18.44 8.78 -26.79
N THR B 600 -19.45 8.99 -27.64
CA THR B 600 -20.25 7.91 -28.24
C THR B 600 -20.48 8.20 -29.72
N ASP B 601 -20.83 7.15 -30.48
CA ASP B 601 -21.04 7.32 -31.93
C ASP B 601 -22.47 7.74 -32.27
N LYS B 602 -23.25 8.11 -31.26
CA LYS B 602 -24.65 8.49 -31.47
C LYS B 602 -24.94 9.82 -30.80
N GLU B 603 -25.48 10.75 -31.56
CA GLU B 603 -25.78 12.07 -31.07
C GLU B 603 -26.92 12.04 -30.04
N GLU B 604 -27.75 11.02 -30.13
CA GLU B 604 -28.85 10.84 -29.15
C GLU B 604 -28.34 10.26 -27.83
N VAL B 605 -27.12 9.73 -27.80
CA VAL B 605 -26.66 8.96 -26.65
C VAL B 605 -25.49 9.64 -25.96
N ILE B 606 -25.66 9.94 -24.67
CA ILE B 606 -24.67 10.70 -23.92
C ILE B 606 -24.11 9.82 -22.82
N ALA B 607 -22.81 9.99 -22.54
CA ALA B 607 -22.12 9.18 -21.53
C ALA B 607 -21.19 10.04 -20.71
N TYR B 608 -21.18 9.78 -19.41
CA TYR B 608 -20.34 10.54 -18.52
C TYR B 608 -20.03 9.76 -17.27
N SER B 609 -19.00 10.20 -16.56
CA SER B 609 -18.57 9.51 -15.35
C SER B 609 -18.22 10.50 -14.26
N LYS B 610 -18.45 10.09 -13.01
CA LYS B 610 -18.10 10.89 -11.83
C LYS B 610 -17.33 10.03 -10.84
N ARG B 611 -16.40 10.66 -10.12
CA ARG B 611 -15.59 9.93 -9.12
C ARG B 611 -15.48 10.65 -7.78
N GLN B 612 -15.30 9.85 -6.72
CA GLN B 612 -15.01 10.35 -5.38
C GLN B 612 -14.31 9.23 -4.64
N GLY B 613 -13.06 9.47 -4.23
CA GLY B 613 -12.21 8.39 -3.75
C GLY B 613 -12.24 7.24 -4.73
N SER B 614 -12.56 6.05 -4.23
CA SER B 614 -12.59 4.82 -5.03
C SER B 614 -13.96 4.48 -5.60
N ASN B 615 -14.96 5.35 -5.37
CA ASN B 615 -16.29 5.22 -6.00
C ASN B 615 -16.28 5.91 -7.37
N THR B 616 -16.68 5.15 -8.37
CA THR B 616 -16.83 5.65 -9.72
C THR B 616 -18.19 5.23 -10.23
N VAL B 617 -18.96 6.21 -10.68
CA VAL B 617 -20.24 5.95 -11.31
C VAL B 617 -20.18 6.32 -12.79
N LEU B 618 -20.65 5.41 -13.63
CA LEU B 618 -20.65 5.59 -15.07
C LEU B 618 -22.10 5.58 -15.54
N VAL B 619 -22.47 6.60 -16.31
CA VAL B 619 -23.84 6.79 -16.75
C VAL B 619 -23.90 6.93 -18.27
N VAL B 620 -24.82 6.18 -18.89
CA VAL B 620 -25.11 6.32 -20.31
C VAL B 620 -26.60 6.57 -20.43
N VAL B 621 -26.96 7.59 -21.20
CA VAL B 621 -28.36 7.98 -21.38
C VAL B 621 -28.76 8.06 -22.85
N ASN B 622 -29.93 7.50 -23.17
CA ASN B 622 -30.57 7.73 -24.47
C ASN B 622 -31.49 8.95 -24.39
N LEU B 623 -31.04 10.07 -24.94
CA LEU B 623 -31.81 11.31 -24.87
C LEU B 623 -33.01 11.34 -25.83
N ASP B 624 -33.16 10.29 -26.64
CA ASP B 624 -34.30 10.14 -27.54
C ASP B 624 -35.44 9.40 -26.79
N PRO B 625 -36.55 10.10 -26.50
CA PRO B 625 -37.64 9.47 -25.73
C PRO B 625 -38.63 8.68 -26.58
N ARG B 626 -38.40 8.61 -27.89
CA ARG B 626 -39.30 7.91 -28.81
C ARG B 626 -38.66 6.73 -29.55
N HIS B 627 -37.35 6.75 -29.77
CA HIS B 627 -36.70 5.65 -30.51
C HIS B 627 -35.56 4.97 -29.76
N THR B 628 -35.52 3.64 -29.86
CA THR B 628 -34.41 2.88 -29.37
C THR B 628 -33.13 3.37 -30.06
N GLN B 629 -32.06 3.44 -29.29
CA GLN B 629 -30.77 3.86 -29.80
C GLN B 629 -29.71 2.85 -29.36
N GLU B 630 -28.97 2.37 -30.35
CA GLU B 630 -27.79 1.56 -30.09
C GLU B 630 -26.56 2.39 -30.42
N ALA B 631 -25.54 2.26 -29.58
CA ALA B 631 -24.33 3.04 -29.75
C ALA B 631 -23.14 2.32 -29.19
N THR B 632 -21.97 2.83 -29.57
CA THR B 632 -20.72 2.39 -29.03
C THR B 632 -20.22 3.50 -28.12
N VAL B 633 -20.13 3.20 -26.83
CA VAL B 633 -19.59 4.13 -25.83
C VAL B 633 -18.08 3.88 -25.73
N SER B 634 -17.28 4.91 -26.04
CA SER B 634 -15.82 4.81 -26.04
C SER B 634 -15.21 5.47 -24.80
N LEU B 635 -15.01 4.67 -23.76
CA LEU B 635 -14.53 5.19 -22.48
C LEU B 635 -13.08 5.71 -22.52
N ASP B 636 -12.90 6.96 -22.08
CA ASP B 636 -11.58 7.50 -21.69
C ASP B 636 -11.05 6.75 -20.48
N MET B 637 -10.38 5.63 -20.71
CA MET B 637 -10.01 4.71 -19.62
C MET B 637 -9.12 5.36 -18.58
N PRO B 638 -8.09 6.12 -19.02
CA PRO B 638 -7.22 6.76 -18.04
C PRO B 638 -8.00 7.72 -17.17
N GLN B 639 -9.03 8.34 -17.74
CA GLN B 639 -9.85 9.29 -17.00
C GLN B 639 -10.72 8.61 -15.95
N LEU B 640 -10.87 7.28 -16.05
CA LEU B 640 -11.46 6.48 -14.99
C LEU B 640 -10.36 5.95 -14.04
N GLY B 641 -9.09 6.13 -14.43
CA GLY B 641 -7.95 5.59 -13.69
C GLY B 641 -7.67 4.14 -14.06
N LEU B 642 -7.80 3.83 -15.35
CA LEU B 642 -7.65 2.46 -15.83
C LEU B 642 -6.77 2.45 -17.07
N ASP B 643 -6.13 1.32 -17.34
CA ASP B 643 -5.32 1.16 -18.56
C ASP B 643 -6.24 0.95 -19.76
N TRP B 644 -5.78 1.34 -20.94
CA TRP B 644 -6.60 1.29 -22.16
C TRP B 644 -7.15 -0.09 -22.51
N HIS B 645 -6.35 -1.11 -22.18
CA HIS B 645 -6.66 -2.51 -22.51
C HIS B 645 -7.55 -3.16 -21.45
N GLU B 646 -7.50 -2.60 -20.24
CA GLU B 646 -8.27 -3.06 -19.10
C GLU B 646 -9.74 -3.19 -19.46
N SER B 647 -10.39 -4.15 -18.82
CA SER B 647 -11.81 -4.33 -18.93
C SER B 647 -12.29 -4.60 -17.52
N VAL B 648 -12.91 -3.58 -16.90
CA VAL B 648 -13.33 -3.67 -15.52
C VAL B 648 -14.85 -3.81 -15.44
N PRO B 649 -15.34 -4.59 -14.46
CA PRO B 649 -16.75 -4.91 -14.46
C PRO B 649 -17.60 -3.77 -13.90
N VAL B 650 -18.86 -3.72 -14.31
CA VAL B 650 -19.79 -2.72 -13.80
C VAL B 650 -21.08 -3.40 -13.33
N ARG B 651 -21.89 -2.67 -12.58
CA ARG B 651 -23.25 -3.10 -12.26
C ARG B 651 -24.17 -1.95 -12.60
N ASP B 652 -25.21 -2.22 -13.39
CA ASP B 652 -26.24 -1.22 -13.67
C ASP B 652 -27.16 -1.21 -12.46
N GLU B 653 -27.13 -0.10 -11.73
CA GLU B 653 -27.85 -0.02 -10.46
C GLU B 653 -29.36 0.09 -10.64
N LEU B 654 -29.81 0.43 -11.85
CA LEU B 654 -31.24 0.45 -12.14
C LEU B 654 -31.83 -0.95 -12.30
N THR B 655 -31.04 -1.89 -12.82
CA THR B 655 -31.51 -3.27 -13.06
C THR B 655 -30.81 -4.34 -12.20
N GLY B 656 -29.66 -4.01 -11.63
CA GLY B 656 -28.86 -5.01 -10.92
C GLY B 656 -28.07 -5.93 -11.85
N GLU B 657 -28.12 -5.67 -13.16
CA GLU B 657 -27.48 -6.52 -14.16
C GLU B 657 -26.02 -6.11 -14.28
N THR B 658 -25.14 -7.11 -14.46
CA THR B 658 -23.70 -6.92 -14.47
C THR B 658 -23.14 -7.01 -15.88
N TYR B 659 -22.16 -6.16 -16.18
CA TYR B 659 -21.49 -6.17 -17.48
C TYR B 659 -19.99 -6.05 -17.27
N HIS B 660 -19.22 -6.42 -18.28
CA HIS B 660 -17.78 -6.19 -18.27
C HIS B 660 -17.50 -5.15 -19.33
N TRP B 661 -17.20 -3.94 -18.91
CA TRP B 661 -16.96 -2.86 -19.87
C TRP B 661 -15.49 -2.47 -19.93
N GLY B 662 -15.13 -1.89 -21.05
CA GLY B 662 -13.78 -1.41 -21.27
C GLY B 662 -13.79 -0.26 -22.23
N ARG B 663 -12.74 -0.24 -23.06
CA ARG B 663 -12.49 0.83 -24.02
C ARG B 663 -13.68 1.17 -24.94
N ALA B 664 -14.34 0.14 -25.48
CA ALA B 664 -15.43 0.32 -26.43
C ALA B 664 -16.58 -0.61 -26.09
N ASN B 665 -17.78 -0.06 -25.93
CA ASN B 665 -18.92 -0.85 -25.42
C ASN B 665 -20.20 -0.57 -26.18
N TYR B 666 -20.83 -1.66 -26.60
CA TYR B 666 -22.13 -1.58 -27.24
C TYR B 666 -23.19 -1.39 -26.16
N VAL B 667 -24.11 -0.46 -26.42
CA VAL B 667 -25.30 -0.33 -25.60
C VAL B 667 -26.52 -0.28 -26.50
N ARG B 668 -27.64 -0.70 -25.95
CA ARG B 668 -28.89 -0.67 -26.66
C ARG B 668 -29.96 -0.23 -25.68
N LEU B 669 -30.54 0.94 -25.91
CA LEU B 669 -31.44 1.58 -24.94
C LEU B 669 -32.80 1.83 -25.55
N GLU B 670 -33.81 1.12 -25.05
CA GLU B 670 -35.18 1.22 -25.56
C GLU B 670 -36.02 2.09 -24.63
N PRO B 671 -36.50 3.25 -25.14
CA PRO B 671 -37.37 4.15 -24.36
C PRO B 671 -38.62 3.45 -23.85
N GLY B 672 -38.91 3.59 -22.56
CA GLY B 672 -40.00 2.85 -21.92
C GLY B 672 -39.46 1.65 -21.17
N ARG B 673 -38.50 0.94 -21.76
CA ARG B 673 -37.87 -0.17 -21.07
C ARG B 673 -36.65 0.30 -20.30
N THR B 674 -35.77 1.04 -20.97
CA THR B 674 -34.52 1.50 -20.38
C THR B 674 -34.24 2.94 -20.82
N PRO B 675 -34.40 3.91 -19.90
CA PRO B 675 -33.94 5.26 -20.26
C PRO B 675 -32.41 5.37 -20.34
N ALA B 676 -31.72 4.67 -19.41
CA ALA B 676 -30.31 4.85 -19.21
C ALA B 676 -29.65 3.65 -18.52
N HIS B 677 -28.33 3.64 -18.55
CA HIS B 677 -27.54 2.76 -17.70
C HIS B 677 -26.88 3.60 -16.64
N VAL B 678 -27.13 3.30 -15.37
CA VAL B 678 -26.49 3.99 -14.25
C VAL B 678 -25.63 2.96 -13.52
N CYS B 679 -24.36 2.91 -13.90
CA CYS B 679 -23.49 1.82 -13.50
C CYS B 679 -22.45 2.28 -12.48
N THR B 680 -22.15 1.41 -11.53
CA THR B 680 -21.00 1.54 -10.64
C THR B 680 -19.87 0.61 -11.10
N VAL B 681 -18.64 1.11 -11.13
CA VAL B 681 -17.46 0.28 -11.41
C VAL B 681 -17.13 -0.53 -10.18
N LEU B 682 -17.08 -1.86 -10.32
CA LEU B 682 -16.95 -2.74 -9.16
C LEU B 682 -15.49 -2.82 -8.70
N ARG B 683 -15.29 -2.75 -7.39
CA ARG B 683 -13.97 -2.36 -6.88
C ARG B 683 -12.86 -3.35 -7.24
N PRO C 35 -0.17 -25.17 40.70
CA PRO C 35 -0.34 -24.76 39.30
C PRO C 35 -0.28 -25.93 38.33
N THR C 36 -1.14 -25.92 37.31
CA THR C 36 -1.18 -26.98 36.30
C THR C 36 -0.16 -26.73 35.18
N VAL C 37 0.11 -27.75 34.39
CA VAL C 37 1.06 -27.64 33.28
C VAL C 37 0.36 -27.17 32.04
N VAL C 38 -0.90 -27.57 31.84
CA VAL C 38 -1.70 -27.03 30.77
C VAL C 38 -2.57 -25.86 31.29
N GLY C 39 -2.68 -24.82 30.48
CA GLY C 39 -3.44 -23.62 30.81
C GLY C 39 -4.87 -23.65 30.34
N ARG C 40 -5.60 -22.56 30.56
CA ARG C 40 -7.03 -22.57 30.30
C ARG C 40 -7.39 -22.96 28.85
N ILE C 41 -6.69 -22.37 27.88
CA ILE C 41 -6.79 -22.78 26.48
C ILE C 41 -5.45 -23.40 26.10
N PRO C 42 -5.43 -24.73 25.97
CA PRO C 42 -4.22 -25.49 25.65
C PRO C 42 -3.42 -24.89 24.52
N VAL C 43 -2.18 -24.49 24.83
CA VAL C 43 -1.22 -24.05 23.80
C VAL C 43 0.07 -24.78 24.11
N LEU C 44 0.42 -25.70 23.20
CA LEU C 44 1.42 -26.70 23.50
C LEU C 44 2.44 -26.85 22.35
N ASP C 45 3.67 -27.22 22.71
CA ASP C 45 4.68 -27.57 21.69
C ASP C 45 4.96 -26.44 20.70
N VAL C 46 5.27 -25.25 21.23
CA VAL C 46 5.62 -24.10 20.42
C VAL C 46 6.93 -24.42 19.74
N ARG C 47 6.93 -24.25 18.43
CA ARG C 47 8.15 -24.36 17.62
C ARG C 47 8.42 -23.07 16.86
N PRO C 48 9.68 -22.82 16.52
CA PRO C 48 10.86 -23.65 16.72
C PRO C 48 11.31 -23.77 18.19
N VAL C 49 11.96 -24.89 18.49
CA VAL C 49 12.54 -25.16 19.82
C VAL C 49 13.91 -25.84 19.61
N VAL C 50 14.88 -25.48 20.43
CA VAL C 50 16.20 -26.08 20.33
C VAL C 50 16.56 -26.57 21.73
N GLN C 51 16.83 -27.85 21.85
CA GLN C 51 17.28 -28.40 23.09
C GLN C 51 16.25 -28.15 24.17
N ARG C 52 14.97 -28.19 23.81
CA ARG C 52 13.88 -28.13 24.76
C ARG C 52 13.78 -26.76 25.38
N GLY C 53 14.36 -25.76 24.72
CA GLY C 53 14.38 -24.38 25.22
C GLY C 53 15.67 -23.95 25.85
N ARG C 54 16.63 -24.85 25.95
CA ARG C 54 17.87 -24.59 26.70
C ARG C 54 18.89 -23.85 25.83
N ARG C 55 18.63 -23.83 24.54
CA ARG C 55 19.44 -23.12 23.58
C ARG C 55 18.50 -22.35 22.66
N PRO C 56 18.93 -21.19 22.16
CA PRO C 56 18.05 -20.37 21.35
C PRO C 56 17.88 -20.86 19.93
N ALA C 57 16.71 -20.58 19.35
CA ALA C 57 16.53 -20.66 17.89
C ALA C 57 17.20 -19.48 17.27
N LYS C 58 17.49 -19.58 15.98
CA LYS C 58 18.25 -18.57 15.29
C LYS C 58 17.49 -17.87 14.16
N ALA C 59 17.79 -16.60 14.01
CA ALA C 59 17.48 -15.88 12.80
C ALA C 59 18.56 -14.82 12.57
N VAL C 60 18.40 -14.10 11.49
CA VAL C 60 19.19 -12.89 11.26
C VAL C 60 18.23 -11.77 11.01
N THR C 61 18.75 -10.55 11.08
CA THR C 61 17.96 -9.35 10.87
C THR C 61 17.24 -9.40 9.50
N GLY C 62 15.95 -9.10 9.50
CA GLY C 62 15.12 -9.15 8.29
C GLY C 62 14.66 -10.54 7.83
N GLU C 63 15.06 -11.60 8.54
CA GLU C 63 14.66 -12.96 8.15
C GLU C 63 13.31 -13.34 8.74
N SER C 64 12.47 -13.94 7.90
CA SER C 64 11.16 -14.46 8.32
C SER C 64 11.19 -15.97 8.48
N PHE C 65 10.49 -16.43 9.51
CA PHE C 65 10.31 -17.87 9.75
C PHE C 65 8.95 -18.09 10.39
N GLU C 66 8.52 -19.34 10.41
CA GLU C 66 7.23 -19.71 11.04
C GLU C 66 7.37 -20.06 12.53
N VAL C 67 6.53 -19.45 13.36
CA VAL C 67 6.31 -19.90 14.72
C VAL C 67 5.02 -20.72 14.73
N SER C 68 5.09 -21.91 15.31
CA SER C 68 3.92 -22.80 15.31
C SER C 68 3.65 -23.35 16.71
N ALA C 69 2.45 -23.88 16.87
CA ALA C 69 1.99 -24.43 18.14
C ALA C 69 0.80 -25.32 17.93
N THR C 70 0.54 -26.19 18.88
CA THR C 70 -0.71 -26.95 18.96
C THR C 70 -1.70 -26.28 19.92
N VAL C 71 -2.79 -25.77 19.36
CA VAL C 71 -3.80 -24.98 20.06
C VAL C 71 -5.20 -25.58 19.83
N PHE C 72 -5.97 -25.68 20.93
CA PHE C 72 -7.34 -26.24 20.89
C PHE C 72 -8.00 -25.96 22.24
N ARG C 73 -9.29 -26.27 22.33
CA ARG C 73 -9.99 -26.12 23.58
C ARG C 73 -10.97 -27.26 23.79
N GLU C 74 -11.57 -27.29 24.98
CA GLU C 74 -12.61 -28.25 25.29
C GLU C 74 -13.88 -27.85 24.59
N GLY C 75 -14.73 -28.82 24.29
CA GLY C 75 -16.02 -28.53 23.65
C GLY C 75 -15.84 -28.26 22.17
N HIS C 76 -16.80 -27.57 21.58
CA HIS C 76 -16.90 -27.47 20.12
C HIS C 76 -16.70 -26.03 19.59
N ASP C 77 -16.48 -25.07 20.48
CA ASP C 77 -16.32 -23.67 20.07
C ASP C 77 -14.96 -23.37 19.46
N ALA C 78 -14.87 -22.25 18.76
CA ALA C 78 -13.66 -21.89 18.01
C ALA C 78 -12.55 -21.37 18.91
N VAL C 79 -11.29 -21.63 18.52
CA VAL C 79 -10.13 -20.95 19.13
C VAL C 79 -9.49 -20.01 18.15
N GLY C 80 -8.69 -19.11 18.68
CA GLY C 80 -7.79 -18.28 17.90
C GLY C 80 -6.42 -18.31 18.53
N ALA C 81 -5.40 -17.93 17.76
CA ALA C 81 -4.03 -17.79 18.32
C ALA C 81 -3.25 -16.70 17.63
N ASN C 82 -2.17 -16.27 18.29
CA ASN C 82 -1.31 -15.27 17.75
C ASN C 82 0.07 -15.37 18.36
N VAL C 83 1.07 -14.89 17.62
CA VAL C 83 2.45 -14.88 18.15
C VAL C 83 2.83 -13.53 18.69
N VAL C 84 3.49 -13.52 19.84
CA VAL C 84 4.01 -12.31 20.42
C VAL C 84 5.53 -12.41 20.48
N LEU C 85 6.13 -11.63 19.63
CA LEU C 85 7.57 -11.56 19.53
C LEU C 85 7.99 -10.38 20.38
N ARG C 86 8.97 -10.60 21.23
CA ARG C 86 9.50 -9.53 22.06
C ARG C 86 10.97 -9.32 21.75
N ASP C 87 11.36 -8.06 21.67
CA ASP C 87 12.75 -7.69 21.36
C ASP C 87 13.64 -7.75 22.60
N PRO C 88 14.95 -7.45 22.45
CA PRO C 88 15.87 -7.44 23.60
C PRO C 88 15.45 -6.52 24.76
N ARG C 89 14.69 -5.47 24.47
CA ARG C 89 14.15 -4.61 25.52
C ARG C 89 12.82 -5.14 26.08
N GLY C 90 12.33 -6.21 25.48
CA GLY C 90 11.10 -6.85 25.94
C GLY C 90 9.86 -6.24 25.32
N ARG C 91 10.04 -5.45 24.27
CA ARG C 91 8.94 -4.73 23.64
C ARG C 91 8.25 -5.65 22.64
N PRO C 92 6.92 -5.75 22.71
CA PRO C 92 6.13 -6.64 21.85
C PRO C 92 6.08 -6.19 20.39
N GLY C 93 5.99 -7.15 19.49
CA GLY C 93 5.90 -6.86 18.08
C GLY C 93 4.47 -6.55 17.68
N PRO C 94 4.20 -6.51 16.36
CA PRO C 94 2.88 -6.29 15.84
C PRO C 94 1.98 -7.49 16.05
N TRP C 95 0.70 -7.22 16.05
CA TRP C 95 -0.34 -8.24 16.00
C TRP C 95 -0.04 -9.29 14.92
N THR C 96 0.15 -10.53 15.34
CA THR C 96 0.51 -11.61 14.41
C THR C 96 -0.45 -12.80 14.57
N PRO C 97 -1.63 -12.72 13.92
CA PRO C 97 -2.58 -13.82 14.06
C PRO C 97 -2.14 -15.09 13.34
N MET C 98 -2.38 -16.22 13.98
CA MET C 98 -2.06 -17.52 13.46
C MET C 98 -3.27 -18.13 12.81
N ARG C 99 -3.05 -19.17 12.04
CA ARG C 99 -4.10 -19.92 11.34
C ARG C 99 -3.80 -21.41 11.53
N GLU C 100 -4.83 -22.24 11.57
CA GLU C 100 -4.61 -23.69 11.59
C GLU C 100 -3.95 -24.07 10.28
N LEU C 101 -2.84 -24.81 10.35
CA LEU C 101 -2.02 -25.07 9.16
C LEU C 101 -2.49 -26.25 8.33
N ALA C 102 -3.25 -27.14 8.94
CA ALA C 102 -3.96 -28.18 8.16
C ALA C 102 -5.21 -28.62 8.90
N PRO C 103 -6.29 -28.95 8.16
CA PRO C 103 -7.58 -29.24 8.80
C PRO C 103 -7.52 -30.46 9.71
N GLY C 104 -8.17 -30.36 10.86
CA GLY C 104 -8.20 -31.46 11.82
C GLY C 104 -6.95 -31.60 12.67
N THR C 105 -5.89 -30.88 12.34
CA THR C 105 -4.60 -31.08 13.00
C THR C 105 -4.40 -30.35 14.32
N ASP C 106 -5.09 -29.23 14.54
CA ASP C 106 -4.89 -28.41 15.75
C ASP C 106 -3.51 -27.83 15.82
N ARG C 107 -2.85 -27.74 14.66
CA ARG C 107 -1.55 -27.12 14.58
C ARG C 107 -1.67 -25.76 13.94
N TRP C 108 -1.23 -24.73 14.65
CA TRP C 108 -1.36 -23.38 14.21
C TRP C 108 0.01 -22.75 13.92
N GLY C 109 0.04 -21.80 12.99
CA GLY C 109 1.27 -21.09 12.63
C GLY C 109 1.07 -19.70 12.08
N ALA C 110 2.08 -18.86 12.26
CA ALA C 110 2.19 -17.56 11.65
C ALA C 110 3.63 -17.27 11.34
N THR C 111 3.84 -16.39 10.39
CA THR C 111 5.18 -15.96 10.04
C THR C 111 5.55 -14.73 10.87
N VAL C 112 6.75 -14.73 11.38
CA VAL C 112 7.31 -13.60 12.15
C VAL C 112 8.64 -13.20 11.52
N THR C 113 9.07 -11.96 11.80
CA THR C 113 10.29 -11.40 11.18
C THR C 113 11.17 -10.69 12.22
N ALA C 114 12.45 -11.05 12.19
CA ALA C 114 13.43 -10.56 13.13
C ALA C 114 13.84 -9.14 12.79
N GLY C 115 13.94 -8.30 13.84
CA GLY C 115 14.44 -6.95 13.71
C GLY C 115 15.94 -6.91 14.05
N GLU C 116 16.29 -5.99 14.96
CA GLU C 116 17.68 -5.74 15.37
C GLU C 116 18.28 -6.97 16.03
N THR C 117 19.61 -7.01 16.08
CA THR C 117 20.31 -8.16 16.63
C THR C 117 20.19 -8.15 18.16
N GLY C 118 20.32 -9.34 18.74
CA GLY C 118 20.21 -9.53 20.17
C GLY C 118 19.36 -10.75 20.49
N THR C 119 19.05 -10.89 21.78
CA THR C 119 18.23 -12.02 22.27
C THR C 119 16.78 -11.58 22.44
N TRP C 120 15.93 -12.25 21.68
CA TRP C 120 14.50 -12.02 21.66
C TRP C 120 13.83 -13.21 22.31
N SER C 121 12.49 -13.14 22.42
CA SER C 121 11.72 -14.28 22.84
C SER C 121 10.40 -14.29 22.10
N TYR C 122 9.76 -15.45 22.09
CA TYR C 122 8.46 -15.55 21.46
C TYR C 122 7.53 -16.39 22.25
N THR C 123 6.31 -15.89 22.36
CA THR C 123 5.25 -16.56 23.05
C THR C 123 4.10 -16.71 22.04
N VAL C 124 3.35 -17.80 22.19
CA VAL C 124 2.12 -18.01 21.48
C VAL C 124 0.99 -17.80 22.48
N GLU C 125 0.02 -16.97 22.10
CA GLU C 125 -1.18 -16.72 22.86
C GLU C 125 -2.34 -17.46 22.19
N ALA C 126 -3.10 -18.18 23.00
CA ALA C 126 -4.27 -18.94 22.52
C ALA C 126 -5.50 -18.49 23.29
N TRP C 127 -6.65 -18.53 22.65
CA TRP C 127 -7.84 -17.91 23.20
C TRP C 127 -9.09 -18.43 22.53
N GLY C 128 -10.17 -18.46 23.30
CA GLY C 128 -11.51 -18.72 22.77
C GLY C 128 -11.90 -17.62 21.82
N ASP C 129 -12.50 -18.00 20.68
CA ASP C 129 -12.93 -17.07 19.65
C ASP C 129 -14.46 -17.15 19.61
N PRO C 130 -15.11 -16.50 20.56
CA PRO C 130 -16.59 -16.62 20.61
C PRO C 130 -17.35 -15.95 19.43
N VAL C 131 -16.76 -14.95 18.80
CA VAL C 131 -17.40 -14.29 17.67
C VAL C 131 -17.51 -15.22 16.46
N THR C 132 -16.46 -15.95 16.13
CA THR C 132 -16.49 -16.91 15.02
C THR C 132 -17.53 -18.00 15.25
N THR C 133 -17.57 -18.44 16.50
CA THR C 133 -18.50 -19.45 16.98
C THR C 133 -19.93 -18.97 16.84
N TRP C 134 -20.18 -17.78 17.32
CA TRP C 134 -21.53 -17.20 17.21
C TRP C 134 -21.99 -17.06 15.76
N ARG C 135 -21.14 -16.48 14.91
CA ARG C 135 -21.45 -16.25 13.51
C ARG C 135 -21.86 -17.55 12.79
N HIS C 136 -21.11 -18.61 13.07
CA HIS C 136 -21.42 -19.93 12.57
C HIS C 136 -22.87 -20.35 12.89
N HIS C 137 -23.26 -20.24 14.17
CA HIS C 137 -24.61 -20.64 14.60
C HIS C 137 -25.68 -19.69 14.08
N ALA C 138 -25.36 -18.39 14.11
CA ALA C 138 -26.26 -17.35 13.63
C ALA C 138 -26.63 -17.51 12.14
N ARG C 139 -25.64 -17.82 11.29
CA ARG C 139 -25.90 -18.04 9.87
C ARG C 139 -26.83 -19.22 9.62
N ILE C 140 -26.85 -20.15 10.56
CA ILE C 140 -27.67 -21.35 10.44
C ILE C 140 -29.04 -21.20 11.11
N LYS C 141 -29.04 -20.70 12.34
CA LYS C 141 -30.28 -20.56 13.11
C LYS C 141 -31.23 -19.47 12.58
N ILE C 142 -30.69 -18.33 12.17
CA ILE C 142 -31.51 -17.18 11.75
C ILE C 142 -32.34 -17.47 10.48
N PRO C 143 -31.73 -18.15 9.47
CA PRO C 143 -32.50 -18.56 8.29
C PRO C 143 -33.51 -19.66 8.59
N ALA C 144 -33.17 -20.55 9.52
CA ALA C 144 -34.10 -21.56 10.00
C ALA C 144 -35.12 -21.01 10.99
N GLY C 145 -34.96 -19.76 11.41
CA GLY C 145 -35.90 -19.12 12.32
C GLY C 145 -35.85 -19.66 13.74
N LEU C 146 -34.69 -20.19 14.16
CA LEU C 146 -34.57 -20.73 15.52
C LEU C 146 -34.11 -19.62 16.45
N ASP C 147 -34.90 -19.37 17.50
CA ASP C 147 -34.54 -18.46 18.59
C ASP C 147 -33.88 -17.19 18.12
N THR C 148 -34.48 -16.51 17.15
CA THR C 148 -33.78 -15.44 16.46
C THR C 148 -33.45 -14.26 17.40
N ASP C 149 -34.40 -13.84 18.25
CA ASP C 149 -34.17 -12.72 19.15
C ASP C 149 -33.05 -13.06 20.17
N LEU C 150 -33.05 -14.29 20.66
CA LEU C 150 -32.04 -14.74 21.62
C LEU C 150 -30.65 -14.78 20.97
N VAL C 151 -30.57 -15.35 19.77
CA VAL C 151 -29.30 -15.42 19.01
C VAL C 151 -28.76 -14.02 18.71
N LEU C 152 -29.65 -13.13 18.29
CA LEU C 152 -29.26 -11.77 17.88
C LEU C 152 -28.77 -10.95 19.08
N GLU C 153 -29.43 -11.12 20.22
CA GLU C 153 -29.00 -10.47 21.43
C GLU C 153 -27.65 -11.02 21.90
N GLU C 154 -27.46 -12.32 21.79
CA GLU C 154 -26.19 -12.96 22.14
C GLU C 154 -25.05 -12.40 21.31
N GLY C 155 -25.31 -12.13 20.04
CA GLY C 155 -24.33 -11.50 19.17
C GLY C 155 -24.03 -10.07 19.58
N ALA C 156 -25.08 -9.32 19.86
CA ALA C 156 -24.95 -7.95 20.31
C ALA C 156 -24.03 -7.85 21.52
N ARG C 157 -24.19 -8.74 22.51
CA ARG C 157 -23.38 -8.66 23.74
C ARG C 157 -21.91 -8.99 23.48
N LEU C 158 -21.64 -9.94 22.58
CA LEU C 158 -20.24 -10.22 22.20
C LEU C 158 -19.63 -9.00 21.55
N TYR C 159 -20.34 -8.42 20.59
CA TYR C 159 -19.83 -7.26 19.87
C TYR C 159 -19.63 -6.04 20.78
N GLU C 160 -20.45 -5.93 21.84
CA GLU C 160 -20.29 -4.86 22.84
C GLU C 160 -19.00 -5.02 23.62
N ARG C 161 -18.70 -6.25 24.00
CA ARG C 161 -17.47 -6.59 24.71
C ARG C 161 -16.24 -6.36 23.83
N ALA C 162 -16.36 -6.76 22.56
CA ALA C 162 -15.31 -6.53 21.56
C ALA C 162 -15.05 -5.05 21.39
N ALA C 163 -16.13 -4.28 21.42
CA ALA C 163 -16.08 -2.83 21.23
C ALA C 163 -15.39 -2.13 22.39
N ALA C 164 -15.59 -2.64 23.60
CA ALA C 164 -15.06 -2.01 24.80
C ALA C 164 -13.54 -2.10 24.89
N ASP C 165 -12.93 -3.02 24.14
CA ASP C 165 -11.46 -3.18 24.09
C ASP C 165 -10.78 -2.40 22.95
N VAL C 166 -11.57 -1.93 21.98
CA VAL C 166 -11.04 -1.26 20.78
C VAL C 166 -10.57 0.17 21.08
N PRO C 167 -9.24 0.44 20.92
CA PRO C 167 -8.73 1.79 21.18
C PRO C 167 -9.18 2.86 20.17
N GLY C 168 -9.22 2.53 18.88
CA GLY C 168 -9.79 3.45 17.88
C GLY C 168 -11.23 3.87 18.21
N ARG C 169 -11.54 5.14 18.00
CA ARG C 169 -12.89 5.66 18.23
C ARG C 169 -13.80 5.33 17.05
N GLU C 170 -13.27 5.47 15.83
CA GLU C 170 -14.05 5.14 14.62
C GLU C 170 -14.36 3.64 14.58
N ASP C 171 -13.38 2.83 14.99
CA ASP C 171 -13.58 1.39 15.06
C ASP C 171 -14.59 1.02 16.14
N ARG C 172 -14.48 1.65 17.30
CA ARG C 172 -15.44 1.45 18.38
C ARG C 172 -16.88 1.76 17.92
N ARG C 173 -17.05 2.91 17.28
CA ARG C 173 -18.35 3.34 16.73
C ARG C 173 -18.84 2.37 15.65
N GLU C 174 -17.93 1.81 14.85
CA GLU C 174 -18.30 0.84 13.83
C GLU C 174 -18.92 -0.42 14.47
N LEU C 175 -18.32 -0.87 15.59
CA LEU C 175 -18.82 -2.04 16.32
C LEU C 175 -20.14 -1.77 17.05
N LEU C 176 -20.25 -0.60 17.69
CA LEU C 176 -21.50 -0.21 18.38
C LEU C 176 -22.63 -0.05 17.37
N ALA C 177 -22.30 0.45 16.19
CA ALA C 177 -23.23 0.49 15.08
C ALA C 177 -23.88 -0.88 14.79
N ALA C 178 -23.04 -1.90 14.75
CA ALA C 178 -23.52 -3.28 14.51
C ALA C 178 -24.34 -3.78 15.68
N VAL C 179 -23.91 -3.42 16.89
CA VAL C 179 -24.66 -3.77 18.09
C VAL C 179 -26.12 -3.25 18.01
N ASP C 180 -26.26 -1.96 17.69
CA ASP C 180 -27.55 -1.31 17.52
C ASP C 180 -28.42 -2.00 16.48
N ALA C 181 -27.82 -2.32 15.35
CA ALA C 181 -28.52 -3.03 14.27
C ALA C 181 -28.96 -4.43 14.70
N LEU C 182 -28.07 -5.15 15.43
CA LEU C 182 -28.37 -6.48 15.93
C LEU C 182 -29.58 -6.45 16.83
N ARG C 183 -29.72 -5.34 17.56
CA ARG C 183 -30.77 -5.18 18.55
C ARG C 183 -32.04 -4.53 18.03
N ASP C 184 -32.06 -4.14 16.75
CA ASP C 184 -33.20 -3.41 16.18
C ASP C 184 -34.30 -4.39 15.80
N GLU C 185 -35.20 -4.60 16.76
CA GLU C 185 -36.25 -5.60 16.66
C GLU C 185 -37.34 -5.25 15.67
N SER C 186 -37.28 -4.04 15.09
CA SER C 186 -38.22 -3.70 14.05
C SER C 186 -37.78 -4.28 12.70
N ARG C 187 -36.53 -4.71 12.60
CA ARG C 187 -35.97 -5.15 11.32
C ARG C 187 -36.03 -6.65 11.14
N PRO C 188 -36.07 -7.10 9.87
CA PRO C 188 -36.00 -8.53 9.61
C PRO C 188 -34.74 -9.17 10.24
N ALA C 189 -34.92 -10.36 10.79
CA ALA C 189 -33.86 -11.10 11.45
C ALA C 189 -32.57 -11.26 10.62
N ALA C 190 -32.70 -11.73 9.38
CA ALA C 190 -31.53 -11.97 8.55
C ALA C 190 -30.86 -10.64 8.11
N SER C 191 -31.61 -9.55 8.18
CA SER C 191 -31.07 -8.21 7.97
C SER C 191 -30.20 -7.77 9.16
N ARG C 192 -30.74 -7.91 10.37
CA ARG C 192 -30.03 -7.52 11.59
C ARG C 192 -28.71 -8.29 11.63
N LEU C 193 -28.78 -9.59 11.33
CA LEU C 193 -27.58 -10.46 11.28
C LEU C 193 -26.53 -9.97 10.26
N ALA C 194 -26.97 -9.72 9.03
CA ALA C 194 -26.08 -9.24 7.96
C ALA C 194 -25.27 -8.00 8.39
N ALA C 195 -25.92 -7.07 9.11
CA ALA C 195 -25.27 -5.85 9.64
C ALA C 195 -24.05 -6.12 10.54
N ALA C 196 -24.00 -7.31 11.13
CA ALA C 196 -22.84 -7.72 11.93
C ALA C 196 -21.78 -8.47 11.11
N LEU C 197 -22.04 -8.69 9.82
CA LEU C 197 -21.16 -9.54 9.00
C LEU C 197 -20.57 -8.77 7.83
N THR C 198 -20.58 -7.45 7.93
CA THR C 198 -20.07 -6.60 6.88
C THR C 198 -18.55 -6.65 6.80
N PRO C 199 -18.00 -6.32 5.61
CA PRO C 199 -16.55 -6.22 5.46
C PRO C 199 -15.81 -5.33 6.47
N GLN C 200 -16.37 -4.16 6.80
CA GLN C 200 -15.71 -3.21 7.72
C GLN C 200 -15.79 -3.67 9.16
N VAL C 201 -16.86 -4.38 9.49
CA VAL C 201 -16.91 -5.02 10.78
C VAL C 201 -15.85 -6.12 10.87
N ASP C 202 -15.74 -6.94 9.82
CA ASP C 202 -14.73 -7.99 9.73
C ASP C 202 -13.35 -7.40 9.95
N ALA C 203 -13.08 -6.27 9.30
CA ALA C 203 -11.74 -5.64 9.35
C ALA C 203 -11.37 -5.14 10.74
N VAL C 204 -12.34 -4.56 11.43
CA VAL C 204 -12.15 -4.10 12.81
C VAL C 204 -11.84 -5.31 13.71
N LEU C 205 -12.61 -6.38 13.54
CA LEU C 205 -12.49 -7.61 14.35
C LEU C 205 -11.24 -8.43 14.04
N ALA C 206 -10.78 -8.39 12.79
CA ALA C 206 -9.55 -9.08 12.42
C ALA C 206 -8.34 -8.42 13.10
N ARG C 207 -8.39 -7.08 13.24
CA ARG C 207 -7.32 -6.30 13.88
C ARG C 207 -7.42 -6.30 15.43
N HIS C 208 -8.65 -6.33 15.96
CA HIS C 208 -8.89 -6.32 17.42
C HIS C 208 -9.91 -7.37 17.87
N PRO C 209 -9.55 -8.66 17.73
CA PRO C 209 -10.56 -9.67 18.00
C PRO C 209 -10.98 -9.72 19.46
N LEU C 210 -12.22 -10.14 19.72
CA LEU C 210 -12.64 -10.49 21.09
C LEU C 210 -12.04 -11.85 21.45
N ARG C 211 -11.09 -11.82 22.37
CA ARG C 211 -10.38 -13.01 22.79
C ARG C 211 -10.82 -13.43 24.18
N ASP C 212 -11.35 -14.64 24.30
CA ASP C 212 -11.73 -15.24 25.58
C ASP C 212 -10.55 -15.99 26.17
N LEU C 213 -10.36 -15.89 27.48
CA LEU C 213 -9.52 -16.85 28.21
C LEU C 213 -8.08 -16.98 27.68
N VAL C 214 -7.43 -15.83 27.50
CA VAL C 214 -6.10 -15.77 26.88
C VAL C 214 -5.10 -16.59 27.68
N THR C 215 -4.42 -17.48 26.99
CA THR C 215 -3.47 -18.38 27.59
C THR C 215 -2.18 -18.26 26.81
N SER C 216 -1.06 -18.20 27.53
CA SER C 216 0.27 -18.05 26.94
C SER C 216 1.18 -19.23 27.22
N SER C 217 1.95 -19.60 26.21
CA SER C 217 3.10 -20.49 26.43
C SER C 217 4.21 -19.77 27.20
N ASP C 218 5.14 -20.57 27.73
CA ASP C 218 6.35 -20.02 28.36
C ASP C 218 7.20 -19.49 27.22
N PRO C 219 7.77 -18.29 27.38
CA PRO C 219 8.55 -17.71 26.29
C PRO C 219 9.74 -18.61 25.84
N LEU C 220 10.00 -18.64 24.55
CA LEU C 220 11.18 -19.31 24.03
C LEU C 220 12.20 -18.29 23.50
N PRO C 221 13.50 -18.65 23.58
CA PRO C 221 14.55 -17.75 23.15
C PRO C 221 14.83 -17.70 21.62
N LEU C 222 15.06 -16.50 21.12
CA LEU C 222 15.49 -16.31 19.74
C LEU C 222 16.76 -15.43 19.73
N LEU C 223 17.84 -15.98 19.20
CA LEU C 223 19.05 -15.19 18.98
C LEU C 223 19.04 -14.65 17.55
N VAL C 224 19.02 -13.32 17.43
CA VAL C 224 19.04 -12.64 16.15
C VAL C 224 20.46 -12.11 15.95
N GLU C 225 21.07 -12.52 14.84
CA GLU C 225 22.44 -12.16 14.50
C GLU C 225 22.48 -11.40 13.18
N ARG C 226 23.66 -10.92 12.81
CA ARG C 226 23.79 -10.04 11.64
C ARG C 226 23.63 -10.81 10.32
N GLU C 227 23.31 -10.04 9.28
CA GLU C 227 22.98 -10.58 7.96
C GLU C 227 24.04 -11.56 7.47
N ARG C 228 25.32 -11.22 7.67
CA ARG C 228 26.40 -12.05 7.17
C ARG C 228 26.41 -13.47 7.75
N ALA C 229 25.83 -13.68 8.93
CA ALA C 229 25.77 -15.03 9.44
C ALA C 229 25.00 -15.96 8.50
N LEU C 230 23.97 -15.42 7.85
CA LEU C 230 23.15 -16.20 6.93
C LEU C 230 23.59 -16.03 5.46
N TYR C 231 23.96 -14.81 5.09
CA TYR C 231 24.10 -14.46 3.68
C TYR C 231 25.49 -13.93 3.38
N GLY C 232 26.13 -14.49 2.37
CA GLY C 232 27.46 -13.99 1.93
C GLY C 232 28.15 -14.95 0.99
N ALA C 233 29.02 -14.39 0.16
CA ALA C 233 29.80 -15.16 -0.81
C ALA C 233 31.21 -15.24 -0.30
N TRP C 234 31.76 -16.45 -0.25
CA TRP C 234 33.08 -16.70 0.35
C TRP C 234 34.11 -17.15 -0.71
N TYR C 235 35.35 -16.66 -0.54
CA TYR C 235 36.43 -17.02 -1.40
C TYR C 235 37.64 -17.36 -0.58
N GLU C 236 38.17 -18.55 -0.78
CA GLU C 236 39.35 -19.00 -0.01
C GLU C 236 40.61 -18.95 -0.88
N PHE C 237 41.69 -18.33 -0.40
CA PHE C 237 42.99 -18.46 -1.05
C PHE C 237 44.14 -18.40 -0.05
N PHE C 238 45.29 -18.88 -0.50
CA PHE C 238 46.56 -18.92 0.26
C PHE C 238 47.36 -17.71 -0.16
N PRO C 239 47.48 -16.72 0.73
CA PRO C 239 48.30 -15.55 0.41
C PRO C 239 49.74 -15.86 -0.06
N ARG C 240 50.31 -16.94 0.46
CA ARG C 240 51.69 -17.29 0.12
C ARG C 240 51.86 -17.63 -1.35
N SER C 241 50.77 -18.10 -1.99
CA SER C 241 50.82 -18.49 -3.38
C SER C 241 50.90 -17.29 -4.31
N GLU C 242 50.46 -16.14 -3.84
CA GLU C 242 50.51 -14.91 -4.62
C GLU C 242 51.77 -14.09 -4.39
N GLY C 243 52.91 -14.59 -4.89
CA GLY C 243 54.20 -13.93 -4.76
C GLY C 243 54.68 -13.41 -6.09
N THR C 244 56.01 -13.32 -6.24
CA THR C 244 56.62 -12.69 -7.41
C THR C 244 57.70 -13.60 -8.00
N PRO C 245 58.23 -13.26 -9.19
CA PRO C 245 59.35 -14.07 -9.70
C PRO C 245 60.56 -14.01 -8.78
N HIS C 246 60.77 -12.88 -8.12
CA HIS C 246 61.90 -12.73 -7.22
C HIS C 246 61.67 -13.39 -5.86
N THR C 247 60.48 -13.16 -5.28
CA THR C 247 60.09 -13.76 -3.98
C THR C 247 58.82 -14.59 -4.18
N PRO C 248 58.98 -15.87 -4.57
CA PRO C 248 57.82 -16.72 -4.88
C PRO C 248 56.85 -16.84 -3.70
N HIS C 249 57.38 -16.97 -2.49
CA HIS C 249 56.52 -16.98 -1.30
C HIS C 249 55.87 -15.62 -1.08
N GLY C 250 54.57 -15.55 -1.29
CA GLY C 250 53.82 -14.31 -1.21
C GLY C 250 53.79 -13.73 0.17
N THR C 251 53.60 -12.41 0.25
CA THR C 251 53.44 -11.70 1.52
C THR C 251 52.04 -11.12 1.60
N PHE C 252 51.63 -10.61 2.76
CA PHE C 252 50.35 -9.92 2.86
C PHE C 252 50.26 -8.72 1.90
N ARG C 253 51.38 -8.03 1.70
CA ARG C 253 51.43 -6.90 0.78
C ARG C 253 51.33 -7.31 -0.68
N THR C 254 51.97 -8.41 -1.07
CA THR C 254 51.77 -8.93 -2.43
C THR C 254 50.37 -9.57 -2.56
N ALA C 255 49.98 -10.35 -1.56
CA ALA C 255 48.66 -11.02 -1.58
C ALA C 255 47.49 -10.07 -1.70
N ALA C 256 47.65 -8.84 -1.22
CA ALA C 256 46.58 -7.83 -1.26
C ALA C 256 46.21 -7.39 -2.66
N ARG C 257 47.13 -7.58 -3.60
CA ARG C 257 46.88 -7.35 -5.00
C ARG C 257 45.77 -8.24 -5.58
N ARG C 258 45.45 -9.35 -4.91
CA ARG C 258 44.42 -10.29 -5.34
C ARG C 258 43.05 -9.82 -4.94
N LEU C 259 43.00 -8.97 -3.93
CA LEU C 259 41.72 -8.53 -3.38
C LEU C 259 40.80 -7.85 -4.42
N PRO C 260 41.32 -6.94 -5.29
CA PRO C 260 40.46 -6.30 -6.27
C PRO C 260 39.78 -7.29 -7.19
N ALA C 261 40.51 -8.31 -7.67
CA ALA C 261 39.89 -9.37 -8.48
C ALA C 261 38.81 -10.21 -7.73
N ILE C 262 39.00 -10.43 -6.43
CA ILE C 262 38.06 -11.21 -5.62
C ILE C 262 36.79 -10.40 -5.37
N ALA C 263 36.98 -9.14 -5.00
CA ALA C 263 35.91 -8.20 -4.85
C ALA C 263 35.13 -8.03 -6.16
N ALA C 264 35.84 -7.93 -7.30
CA ALA C 264 35.17 -7.85 -8.63
C ALA C 264 34.33 -9.09 -9.00
N MET C 265 34.60 -10.23 -8.37
CA MET C 265 33.79 -11.45 -8.56
C MET C 265 32.52 -11.50 -7.68
N GLY C 266 32.28 -10.41 -6.94
CA GLY C 266 31.12 -10.30 -6.06
C GLY C 266 31.22 -10.96 -4.70
N PHE C 267 32.42 -11.27 -4.21
CA PHE C 267 32.50 -11.96 -2.89
C PHE C 267 32.50 -10.95 -1.74
N ASP C 268 32.08 -11.42 -0.55
CA ASP C 268 32.02 -10.58 0.63
C ASP C 268 33.00 -10.99 1.70
N VAL C 269 33.43 -12.25 1.70
CA VAL C 269 34.39 -12.76 2.68
C VAL C 269 35.55 -13.44 2.00
N VAL C 270 36.74 -13.17 2.52
CA VAL C 270 37.96 -13.89 2.13
C VAL C 270 38.39 -14.74 3.31
N TYR C 271 38.40 -16.05 3.10
CA TYR C 271 38.82 -17.00 4.14
C TYR C 271 40.28 -17.40 3.87
N LEU C 272 41.14 -17.11 4.84
CA LEU C 272 42.55 -17.46 4.76
C LEU C 272 42.84 -18.68 5.59
N PRO C 273 43.55 -19.68 5.01
CA PRO C 273 44.14 -20.71 5.82
C PRO C 273 45.10 -20.09 6.85
N PRO C 274 45.52 -20.88 7.85
CA PRO C 274 46.40 -20.39 8.92
C PRO C 274 47.60 -19.53 8.49
N ILE C 275 47.68 -18.32 9.06
CA ILE C 275 48.67 -17.31 8.73
C ILE C 275 49.83 -17.20 9.75
N HIS C 276 49.99 -18.23 10.57
CA HIS C 276 51.04 -18.22 11.59
C HIS C 276 52.31 -18.92 11.13
N PRO C 277 53.39 -18.86 11.93
CA PRO C 277 54.55 -19.68 11.59
C PRO C 277 54.17 -21.17 11.46
N ILE C 278 54.98 -21.91 10.74
CA ILE C 278 54.73 -23.32 10.45
C ILE C 278 55.90 -24.18 10.94
N GLY C 279 55.58 -25.29 11.62
CA GLY C 279 56.60 -26.17 12.21
C GLY C 279 57.58 -26.73 11.20
N THR C 280 58.80 -27.05 11.67
CA THR C 280 59.79 -27.71 10.84
C THR C 280 59.77 -29.22 11.11
N THR C 281 59.57 -29.63 12.38
CA THR C 281 59.62 -31.04 12.77
C THR C 281 58.49 -31.87 12.19
N HIS C 282 58.88 -32.94 11.46
CA HIS C 282 57.95 -33.78 10.71
C HIS C 282 57.14 -33.00 9.66
N ARG C 283 57.69 -31.89 9.17
CA ARG C 283 57.00 -31.10 8.14
C ARG C 283 56.76 -31.99 6.92
N LYS C 284 55.60 -31.81 6.29
CA LYS C 284 55.23 -32.52 5.08
C LYS C 284 55.86 -31.80 3.88
N GLY C 285 56.25 -32.57 2.88
CA GLY C 285 56.68 -32.00 1.62
C GLY C 285 55.58 -31.97 0.58
N ARG C 286 55.98 -31.85 -0.68
CA ARG C 286 54.99 -31.74 -1.74
C ARG C 286 54.16 -33.03 -1.91
N ASN C 287 52.90 -32.85 -2.28
CA ASN C 287 51.96 -33.98 -2.45
C ASN C 287 51.85 -34.88 -1.22
N ASN C 288 51.92 -34.27 -0.04
CA ASN C 288 51.76 -34.97 1.24
C ASN C 288 52.83 -36.05 1.47
N THR C 289 54.04 -35.78 1.00
CA THR C 289 55.13 -36.70 1.22
C THR C 289 55.62 -36.50 2.64
N LEU C 290 56.20 -37.55 3.21
CA LEU C 290 56.51 -37.62 4.63
C LEU C 290 57.58 -36.61 5.06
N SER C 291 58.71 -36.62 4.38
CA SER C 291 59.84 -35.76 4.72
C SER C 291 60.00 -34.60 3.73
N ALA C 292 59.86 -33.37 4.24
CA ALA C 292 60.05 -32.16 3.43
C ALA C 292 61.53 -31.96 3.12
N THR C 293 61.83 -31.48 1.90
CA THR C 293 63.20 -31.21 1.51
C THR C 293 63.45 -29.71 1.74
N GLY C 294 64.62 -29.25 1.32
CA GLY C 294 65.14 -27.93 1.68
C GLY C 294 64.20 -26.75 1.55
N ASP C 295 63.50 -26.65 0.44
CA ASP C 295 62.71 -25.45 0.19
C ASP C 295 61.21 -25.63 0.46
N ASP C 296 60.80 -26.83 0.87
CA ASP C 296 59.37 -27.09 1.05
C ASP C 296 58.73 -26.20 2.12
N VAL C 297 57.53 -25.66 1.84
CA VAL C 297 56.92 -24.64 2.71
C VAL C 297 56.06 -25.24 3.84
N GLY C 298 55.71 -26.52 3.71
CA GLY C 298 54.86 -27.20 4.71
C GLY C 298 53.38 -26.81 4.62
N VAL C 299 52.61 -27.31 5.59
CA VAL C 299 51.17 -27.13 5.69
C VAL C 299 50.86 -26.05 6.75
N PRO C 300 50.05 -25.00 6.40
CA PRO C 300 49.75 -23.90 7.30
C PRO C 300 49.12 -24.37 8.61
N TRP C 301 48.40 -25.47 8.54
CA TRP C 301 47.74 -26.04 9.73
C TRP C 301 48.68 -26.66 10.79
N ALA C 302 49.90 -27.01 10.39
CA ALA C 302 50.95 -27.34 11.33
C ALA C 302 51.47 -26.03 11.94
N ILE C 303 50.66 -25.47 12.83
CA ILE C 303 50.93 -24.16 13.44
C ILE C 303 52.00 -24.22 14.54
N GLY C 304 52.95 -23.29 14.46
CA GLY C 304 53.84 -23.02 15.56
C GLY C 304 55.28 -23.35 15.35
N SER C 305 56.12 -22.42 15.77
CA SER C 305 57.57 -22.64 15.78
C SER C 305 58.15 -21.75 16.88
N PRO C 306 59.46 -21.81 17.10
CA PRO C 306 60.09 -20.80 17.96
C PRO C 306 59.78 -19.34 17.58
N GLU C 307 59.46 -19.09 16.31
CA GLU C 307 59.09 -17.77 15.83
C GLU C 307 57.77 -17.28 16.42
N GLY C 308 56.90 -18.20 16.86
CA GLY C 308 55.57 -17.80 17.36
C GLY C 308 54.52 -18.85 17.15
N GLY C 309 53.38 -18.63 17.81
CA GLY C 309 52.24 -19.54 17.74
C GLY C 309 51.04 -18.86 17.10
N HIS C 310 49.88 -19.12 17.67
CA HIS C 310 48.57 -18.71 17.08
C HIS C 310 48.31 -17.21 17.17
N ASP C 311 49.10 -16.50 17.95
CA ASP C 311 48.97 -15.04 18.01
C ASP C 311 50.03 -14.36 17.14
N SER C 312 50.74 -15.13 16.31
CA SER C 312 51.84 -14.58 15.50
C SER C 312 51.58 -14.65 14.00
N ILE C 313 52.34 -13.86 13.25
CA ILE C 313 52.37 -13.95 11.79
C ILE C 313 53.61 -14.73 11.33
N HIS C 314 53.42 -15.63 10.38
CA HIS C 314 54.53 -16.25 9.66
C HIS C 314 55.48 -15.14 9.15
N PRO C 315 56.78 -15.22 9.47
CA PRO C 315 57.71 -14.17 9.02
C PRO C 315 57.72 -13.91 7.50
N ALA C 316 57.55 -14.96 6.69
CA ALA C 316 57.50 -14.81 5.21
C ALA C 316 56.23 -14.10 4.70
N LEU C 317 55.19 -14.06 5.53
CA LEU C 317 53.97 -13.35 5.17
C LEU C 317 54.10 -11.87 5.58
N GLY C 318 55.06 -11.59 6.47
CA GLY C 318 55.34 -10.20 6.91
C GLY C 318 55.08 -10.00 8.40
N THR C 319 54.75 -8.76 8.76
CA THR C 319 54.42 -8.35 10.12
C THR C 319 52.93 -8.15 10.35
N LEU C 320 52.57 -8.04 11.62
CA LEU C 320 51.22 -7.71 12.04
C LEU C 320 50.75 -6.38 11.42
N ASP C 321 51.69 -5.48 11.17
CA ASP C 321 51.39 -4.23 10.45
C ASP C 321 51.00 -4.51 8.99
N ASP C 322 51.68 -5.45 8.35
CA ASP C 322 51.34 -5.84 6.98
C ASP C 322 49.98 -6.52 6.91
N PHE C 323 49.67 -7.34 7.90
CA PHE C 323 48.34 -7.88 8.03
C PHE C 323 47.29 -6.78 8.20
N ASP C 324 47.55 -5.78 9.03
CA ASP C 324 46.56 -4.71 9.22
C ASP C 324 46.27 -4.07 7.88
N HIS C 325 47.32 -3.91 7.07
CA HIS C 325 47.21 -3.34 5.72
C HIS C 325 46.31 -4.20 4.84
N PHE C 326 46.51 -5.51 4.87
CA PHE C 326 45.67 -6.47 4.15
C PHE C 326 44.22 -6.36 4.53
N VAL C 327 43.95 -6.34 5.84
CA VAL C 327 42.59 -6.23 6.34
C VAL C 327 41.94 -4.89 6.01
N THR C 328 42.71 -3.82 6.10
CA THR C 328 42.24 -2.49 5.73
C THR C 328 41.87 -2.43 4.27
N GLU C 329 42.73 -3.01 3.42
CA GLU C 329 42.51 -2.95 1.99
C GLU C 329 41.31 -3.79 1.60
N ALA C 330 41.13 -4.90 2.31
CA ALA C 330 39.99 -5.76 2.11
C ALA C 330 38.69 -5.02 2.44
N GLY C 331 38.66 -4.41 3.63
CA GLY C 331 37.51 -3.65 4.11
C GLY C 331 37.06 -2.56 3.15
N LYS C 332 38.01 -1.87 2.53
CA LYS C 332 37.70 -0.83 1.55
C LYS C 332 37.04 -1.37 0.30
N LEU C 333 37.34 -2.62 -0.04
CA LEU C 333 36.69 -3.30 -1.17
C LEU C 333 35.38 -4.00 -0.77
N GLY C 334 34.91 -3.78 0.46
CA GLY C 334 33.74 -4.51 0.98
C GLY C 334 34.01 -5.98 1.28
N LEU C 335 35.27 -6.30 1.60
CA LEU C 335 35.66 -7.67 1.97
C LEU C 335 35.95 -7.78 3.45
N GLU C 336 35.27 -8.73 4.09
CA GLU C 336 35.59 -9.11 5.44
C GLU C 336 36.59 -10.23 5.42
N ILE C 337 37.46 -10.28 6.43
CA ILE C 337 38.36 -11.38 6.54
C ILE C 337 37.81 -12.42 7.52
N ALA C 338 37.93 -13.68 7.14
CA ALA C 338 37.73 -14.79 8.00
C ALA C 338 39.05 -15.54 8.18
N LEU C 339 39.60 -15.53 9.41
CA LEU C 339 40.80 -16.29 9.72
C LEU C 339 40.46 -17.71 10.12
N ASP C 340 41.27 -18.64 9.67
CA ASP C 340 41.27 -19.99 10.17
C ASP C 340 41.71 -20.05 11.65
N PHE C 341 40.90 -20.70 12.48
CA PHE C 341 41.29 -21.07 13.83
C PHE C 341 41.39 -22.60 13.98
N ALA C 342 42.60 -23.10 14.08
CA ALA C 342 42.92 -24.50 14.18
C ALA C 342 43.60 -24.71 15.53
N LEU C 343 42.84 -25.23 16.51
CA LEU C 343 43.36 -25.47 17.84
C LEU C 343 44.11 -26.80 17.91
N GLN C 344 45.38 -26.71 17.50
CA GLN C 344 46.30 -27.83 17.39
C GLN C 344 47.69 -27.21 17.17
N CYS C 345 48.75 -28.01 17.22
CA CYS C 345 50.13 -27.49 17.29
C CYS C 345 51.06 -28.37 16.45
N SER C 346 52.01 -27.75 15.77
CA SER C 346 53.19 -28.51 15.38
C SER C 346 53.98 -28.87 16.63
N PRO C 347 54.89 -29.86 16.51
CA PRO C 347 55.80 -30.20 17.61
C PRO C 347 56.70 -29.06 18.07
N ASP C 348 56.86 -28.05 17.23
CA ASP C 348 57.77 -26.95 17.53
C ASP C 348 57.03 -25.75 18.13
N HIS C 349 55.71 -25.88 18.28
CA HIS C 349 54.91 -24.85 18.95
C HIS C 349 55.40 -24.66 20.39
N PRO C 350 55.57 -23.40 20.84
CA PRO C 350 55.90 -23.09 22.24
C PRO C 350 55.04 -23.77 23.33
N TRP C 351 53.75 -23.96 23.05
CA TRP C 351 52.85 -24.64 23.97
C TRP C 351 53.33 -26.04 24.36
N VAL C 352 54.00 -26.75 23.44
CA VAL C 352 54.49 -28.10 23.72
C VAL C 352 55.44 -28.13 24.97
N HIS C 353 56.27 -27.12 25.15
CA HIS C 353 57.09 -27.06 26.37
C HIS C 353 56.49 -26.15 27.43
N LYS C 354 55.76 -25.10 27.04
CA LYS C 354 55.15 -24.20 28.03
C LYS C 354 53.95 -24.77 28.76
N HIS C 355 53.18 -25.60 28.07
CA HIS C 355 51.94 -26.17 28.59
C HIS C 355 51.83 -27.63 28.20
N PRO C 356 52.75 -28.44 28.70
CA PRO C 356 52.71 -29.86 28.36
C PRO C 356 51.38 -30.56 28.70
N GLU C 357 50.68 -30.08 29.71
CA GLU C 357 49.40 -30.71 30.11
C GLU C 357 48.26 -30.40 29.11
N TRP C 358 48.52 -29.56 28.11
CA TRP C 358 47.59 -29.37 27.00
C TRP C 358 47.71 -30.51 25.97
N PHE C 359 48.48 -31.56 26.26
CA PHE C 359 48.70 -32.66 25.31
C PHE C 359 48.68 -33.97 26.03
N HIS C 360 48.24 -35.03 25.36
CA HIS C 360 48.34 -36.37 25.92
C HIS C 360 49.69 -37.01 25.64
N HIS C 361 50.42 -37.39 26.69
CA HIS C 361 51.70 -38.04 26.55
C HIS C 361 51.59 -39.51 26.82
N ARG C 362 52.27 -40.28 25.99
CA ARG C 362 52.32 -41.72 26.12
C ARG C 362 53.31 -42.01 27.29
N PRO C 363 53.44 -43.28 27.72
CA PRO C 363 54.27 -43.57 28.88
C PRO C 363 55.76 -43.21 28.73
N ASP C 364 56.25 -43.16 27.49
CA ASP C 364 57.65 -42.77 27.22
C ASP C 364 57.81 -41.24 27.07
N GLY C 365 56.73 -40.50 27.30
CA GLY C 365 56.76 -39.03 27.23
C GLY C 365 56.36 -38.41 25.90
N THR C 366 56.35 -39.21 24.82
CA THR C 366 56.00 -38.68 23.49
C THR C 366 54.53 -38.33 23.34
N ILE C 367 54.25 -37.44 22.38
CA ILE C 367 52.89 -37.10 21.99
C ILE C 367 52.55 -37.71 20.62
N ALA C 368 51.54 -38.59 20.57
CA ALA C 368 51.01 -39.14 19.31
C ALA C 368 50.48 -38.02 18.42
N HIS C 369 50.94 -38.02 17.17
CA HIS C 369 50.50 -37.03 16.20
C HIS C 369 49.00 -37.18 15.94
N ALA C 370 48.38 -36.13 15.44
CA ALA C 370 46.94 -36.13 15.18
C ALA C 370 46.57 -37.01 13.99
N GLU C 371 45.35 -37.51 14.03
CA GLU C 371 44.85 -38.44 13.01
C GLU C 371 43.37 -38.26 12.73
N ASN C 372 42.98 -38.46 11.47
CA ASN C 372 41.56 -38.57 11.06
C ASN C 372 41.48 -39.83 10.18
N PRO C 373 41.64 -41.03 10.79
CA PRO C 373 41.95 -42.30 10.12
C PRO C 373 41.08 -42.62 8.90
N PRO C 374 41.70 -43.08 7.80
CA PRO C 374 43.10 -43.51 7.64
C PRO C 374 44.14 -42.40 7.39
N LYS C 375 43.74 -41.13 7.47
CA LYS C 375 44.68 -40.02 7.31
C LYS C 375 45.52 -39.78 8.57
N LYS C 376 46.83 -39.62 8.37
CA LYS C 376 47.74 -39.32 9.45
C LYS C 376 48.33 -37.93 9.25
N TYR C 377 48.42 -37.19 10.35
CA TYR C 377 48.94 -35.85 10.32
C TYR C 377 50.19 -35.82 11.18
N GLN C 378 51.26 -36.48 10.70
CA GLN C 378 52.53 -36.60 11.44
C GLN C 378 53.14 -35.25 11.85
N ASP C 379 52.70 -34.19 11.19
CA ASP C 379 53.21 -32.85 11.39
C ASP C 379 52.48 -32.05 12.46
N ILE C 380 51.50 -32.67 13.10
CA ILE C 380 50.55 -31.98 13.92
C ILE C 380 50.28 -32.75 15.22
N TYR C 381 50.33 -32.06 16.34
CA TYR C 381 49.89 -32.59 17.63
C TYR C 381 48.49 -32.09 18.02
N PRO C 382 47.57 -33.01 18.35
CA PRO C 382 46.24 -32.62 18.86
C PRO C 382 46.29 -32.14 20.32
N ILE C 383 45.34 -31.27 20.70
CA ILE C 383 45.22 -30.79 22.07
C ILE C 383 44.44 -31.75 22.95
N ALA C 384 44.84 -31.83 24.21
CA ALA C 384 44.16 -32.57 25.28
C ALA C 384 43.49 -31.52 26.15
N PHE C 385 42.23 -31.74 26.52
CA PHE C 385 41.39 -30.69 27.16
C PHE C 385 41.03 -30.95 28.63
N ASP C 386 41.39 -32.11 29.14
CA ASP C 386 40.90 -32.55 30.45
C ASP C 386 41.84 -32.28 31.63
N ALA C 387 43.06 -31.86 31.33
CA ALA C 387 43.99 -31.56 32.42
C ALA C 387 43.92 -30.08 32.82
N ASP C 388 43.72 -29.18 31.85
CA ASP C 388 43.61 -27.75 32.14
C ASP C 388 42.56 -27.09 31.20
N PRO C 389 41.28 -27.44 31.37
CA PRO C 389 40.25 -26.87 30.51
C PRO C 389 40.15 -25.34 30.66
N ASP C 390 40.35 -24.82 31.87
CA ASP C 390 40.27 -23.38 32.12
C ASP C 390 41.40 -22.60 31.41
N GLY C 391 42.61 -23.14 31.44
CA GLY C 391 43.75 -22.50 30.79
C GLY C 391 43.59 -22.49 29.29
N LEU C 392 43.17 -23.62 28.73
CA LEU C 392 42.90 -23.69 27.29
C LEU C 392 41.81 -22.72 26.84
N ALA C 393 40.73 -22.64 27.62
CA ALA C 393 39.62 -21.71 27.33
C ALA C 393 40.07 -20.25 27.41
N THR C 394 40.84 -19.93 28.44
CA THR C 394 41.35 -18.56 28.67
C THR C 394 42.28 -18.10 27.54
N GLU C 395 43.17 -18.97 27.13
CA GLU C 395 44.14 -18.63 26.08
C GLU C 395 43.45 -18.54 24.71
N THR C 396 42.52 -19.45 24.44
CA THR C 396 41.76 -19.46 23.18
C THR C 396 41.07 -18.12 22.98
N VAL C 397 40.32 -17.69 23.98
CA VAL C 397 39.62 -16.41 23.85
C VAL C 397 40.58 -15.23 23.80
N ARG C 398 41.77 -15.36 24.41
CA ARG C 398 42.78 -14.31 24.31
C ARG C 398 43.22 -14.22 22.87
N ILE C 399 43.55 -15.35 22.27
CA ILE C 399 43.99 -15.38 20.88
C ILE C 399 42.92 -14.74 19.96
N LEU C 400 41.69 -15.17 20.14
CA LEU C 400 40.59 -14.68 19.32
C LEU C 400 40.41 -13.17 19.40
N ARG C 401 40.46 -12.64 20.63
CA ARG C 401 40.32 -11.21 20.89
C ARG C 401 41.48 -10.41 20.29
N HIS C 402 42.66 -11.01 20.26
CA HIS C 402 43.80 -10.40 19.56
C HIS C 402 43.45 -10.16 18.11
N TRP C 403 42.99 -11.18 17.39
CA TRP C 403 42.71 -11.01 15.96
C TRP C 403 41.49 -10.12 15.77
N MET C 404 40.55 -10.21 16.70
CA MET C 404 39.38 -9.33 16.74
C MET C 404 39.77 -7.85 16.90
N ASP C 405 40.74 -7.56 17.76
CA ASP C 405 41.29 -6.21 17.87
C ASP C 405 42.02 -5.76 16.60
N HIS C 406 42.33 -6.68 15.69
CA HIS C 406 42.90 -6.30 14.38
C HIS C 406 41.89 -6.40 13.21
N GLY C 407 40.60 -6.41 13.54
CA GLY C 407 39.53 -6.43 12.58
C GLY C 407 39.02 -7.77 12.08
N VAL C 408 39.51 -8.89 12.62
CA VAL C 408 38.97 -10.18 12.21
C VAL C 408 37.71 -10.45 13.03
N ARG C 409 36.56 -10.51 12.36
CA ARG C 409 35.24 -10.68 13.02
C ARG C 409 34.57 -11.98 12.61
N ILE C 410 35.30 -12.82 11.87
CA ILE C 410 34.81 -14.13 11.39
C ILE C 410 35.94 -15.15 11.54
N PHE C 411 35.68 -16.23 12.26
CA PHE C 411 36.63 -17.31 12.41
C PHE C 411 36.09 -18.57 11.76
N ARG C 412 36.88 -19.16 10.88
CA ARG C 412 36.62 -20.48 10.28
C ARG C 412 37.31 -21.46 11.17
N VAL C 413 36.54 -22.24 11.91
CA VAL C 413 37.12 -23.12 12.91
C VAL C 413 37.41 -24.47 12.26
N ASP C 414 38.67 -24.88 12.36
CA ASP C 414 39.13 -26.08 11.72
C ASP C 414 38.72 -27.28 12.55
N ASN C 415 38.25 -28.33 11.86
CA ASN C 415 37.81 -29.60 12.47
C ASN C 415 37.37 -29.49 13.94
N PRO C 416 36.31 -28.72 14.23
CA PRO C 416 35.90 -28.46 15.62
C PRO C 416 35.44 -29.71 16.35
N HIS C 417 34.97 -30.68 15.59
CA HIS C 417 34.48 -31.94 16.13
C HIS C 417 35.54 -32.85 16.79
N THR C 418 36.82 -32.49 16.72
CA THR C 418 37.87 -33.23 17.45
C THR C 418 38.25 -32.55 18.75
N LYS C 419 37.55 -31.47 19.07
CA LYS C 419 37.69 -30.76 20.32
C LYS C 419 36.34 -30.87 21.02
N PRO C 420 36.30 -30.68 22.35
CA PRO C 420 35.01 -30.93 23.01
C PRO C 420 33.89 -29.98 22.63
N VAL C 421 32.69 -30.53 22.52
CA VAL C 421 31.50 -29.75 22.25
C VAL C 421 31.30 -28.61 23.22
N ALA C 422 31.36 -28.91 24.55
CA ALA C 422 31.22 -27.90 25.61
C ALA C 422 32.31 -26.85 25.60
N PHE C 423 33.47 -27.21 25.08
CA PHE C 423 34.55 -26.26 24.91
C PHE C 423 34.13 -25.15 23.96
N TRP C 424 33.61 -25.53 22.80
CA TRP C 424 33.13 -24.55 21.82
C TRP C 424 31.97 -23.72 22.37
N GLU C 425 31.07 -24.36 23.11
CA GLU C 425 30.00 -23.64 23.72
C GLU C 425 30.51 -22.54 24.62
N ARG C 426 31.51 -22.85 25.41
CA ARG C 426 32.04 -21.91 26.39
C ARG C 426 32.75 -20.79 25.68
N VAL C 427 33.62 -21.15 24.73
CA VAL C 427 34.38 -20.16 23.98
C VAL C 427 33.47 -19.20 23.23
N ILE C 428 32.50 -19.76 22.49
CA ILE C 428 31.60 -18.95 21.68
C ILE C 428 30.79 -18.01 22.55
N ALA C 429 30.29 -18.54 23.68
CA ALA C 429 29.50 -17.76 24.60
C ALA C 429 30.36 -16.65 25.18
N ASP C 430 31.62 -16.95 25.40
CA ASP C 430 32.51 -15.98 26.00
C ASP C 430 32.78 -14.84 24.99
N ILE C 431 33.09 -15.21 23.74
CA ILE C 431 33.35 -14.21 22.67
C ILE C 431 32.12 -13.39 22.29
N ASN C 432 30.99 -14.05 22.02
CA ASN C 432 29.74 -13.32 21.69
C ASN C 432 29.15 -12.53 22.86
N GLY C 433 29.49 -12.93 24.10
CA GLY C 433 29.17 -12.17 25.31
C GLY C 433 29.65 -10.72 25.30
N THR C 434 30.83 -10.48 24.76
CA THR C 434 31.32 -9.10 24.58
C THR C 434 31.22 -8.61 23.15
N ASP C 435 31.31 -9.53 22.19
CA ASP C 435 31.34 -9.16 20.76
C ASP C 435 30.36 -10.03 19.97
N PRO C 436 29.05 -9.72 20.07
CA PRO C 436 28.05 -10.61 19.45
C PRO C 436 28.06 -10.59 17.93
N ASP C 437 28.84 -9.70 17.30
CA ASP C 437 28.98 -9.71 15.82
C ASP C 437 29.90 -10.83 15.31
N VAL C 438 30.76 -11.37 16.18
CA VAL C 438 31.68 -12.42 15.74
C VAL C 438 30.97 -13.67 15.24
N ILE C 439 31.35 -14.08 14.02
CA ILE C 439 30.77 -15.22 13.36
C ILE C 439 31.73 -16.37 13.40
N PHE C 440 31.23 -17.53 13.82
CA PHE C 440 32.04 -18.75 13.82
C PHE C 440 31.44 -19.67 12.77
N LEU C 441 32.32 -20.18 11.90
CA LEU C 441 31.97 -21.19 10.89
C LEU C 441 32.64 -22.52 11.29
N ALA C 442 31.82 -23.57 11.41
CA ALA C 442 32.25 -24.85 11.89
C ALA C 442 32.52 -25.80 10.74
N GLU C 443 33.79 -26.17 10.54
CA GLU C 443 34.17 -27.14 9.51
C GLU C 443 34.05 -28.56 10.01
N ALA C 444 32.85 -28.98 10.33
CA ALA C 444 32.63 -30.29 10.91
C ALA C 444 32.07 -31.26 9.86
N PHE C 445 32.97 -31.91 9.13
CA PHE C 445 32.61 -33.02 8.25
C PHE C 445 32.57 -34.30 9.04
N THR C 446 31.43 -34.54 9.67
CA THR C 446 31.32 -35.65 10.64
C THR C 446 29.90 -36.16 10.56
N ARG C 447 29.48 -36.94 11.56
CA ARG C 447 28.15 -37.49 11.58
C ARG C 447 27.14 -36.43 11.96
N PRO C 448 25.86 -36.67 11.67
CA PRO C 448 24.85 -35.59 11.88
C PRO C 448 24.65 -35.06 13.29
N ALA C 449 24.72 -35.96 14.28
CA ALA C 449 24.54 -35.58 15.67
C ALA C 449 25.51 -34.46 16.07
N MET C 450 26.81 -34.73 15.85
CA MET C 450 27.86 -33.73 16.14
C MET C 450 27.64 -32.48 15.32
N MET C 451 27.32 -32.64 14.03
CA MET C 451 27.10 -31.51 13.10
C MET C 451 26.00 -30.58 13.56
N ALA C 452 24.84 -31.19 13.87
CA ALA C 452 23.68 -30.50 14.50
C ALA C 452 24.00 -29.85 15.84
N THR C 453 24.67 -30.60 16.73
CA THR C 453 24.98 -30.12 18.08
C THR C 453 25.90 -28.93 18.00
N LEU C 454 26.91 -28.98 17.13
CA LEU C 454 27.80 -27.84 16.97
C LEU C 454 27.08 -26.54 16.66
N ALA C 455 26.15 -26.60 15.72
CA ALA C 455 25.29 -25.46 15.37
C ALA C 455 24.47 -25.03 16.54
N GLN C 456 23.90 -26.00 17.25
CA GLN C 456 22.98 -25.72 18.36
C GLN C 456 23.68 -25.05 19.55
N ILE C 457 24.96 -25.35 19.76
CA ILE C 457 25.66 -24.80 20.91
C ILE C 457 26.26 -23.42 20.66
N GLY C 458 26.15 -22.93 19.43
CA GLY C 458 26.43 -21.52 19.09
C GLY C 458 27.13 -21.20 17.77
N PHE C 459 27.55 -22.19 17.00
CA PHE C 459 28.21 -21.89 15.71
C PHE C 459 27.23 -21.24 14.72
N GLN C 460 27.55 -20.02 14.29
CA GLN C 460 26.66 -19.24 13.43
C GLN C 460 26.43 -19.93 12.10
N GLN C 461 27.46 -20.63 11.63
CA GLN C 461 27.46 -21.28 10.32
C GLN C 461 28.10 -22.66 10.36
N SER C 462 27.67 -23.51 9.44
CA SER C 462 28.18 -24.85 9.32
C SER C 462 28.57 -25.21 7.90
N TYR C 463 29.69 -25.91 7.76
CA TYR C 463 29.98 -26.67 6.57
C TYR C 463 29.03 -27.88 6.51
N THR C 464 28.85 -28.41 5.30
CA THR C 464 27.79 -29.33 5.02
C THR C 464 28.23 -30.50 4.16
N TYR C 465 27.26 -31.37 3.86
CA TYR C 465 27.46 -32.51 3.00
C TYR C 465 27.34 -32.17 1.51
N PHE C 466 27.14 -30.88 1.19
CA PHE C 466 26.91 -30.43 -0.18
C PHE C 466 27.74 -31.15 -1.24
N THR C 467 29.06 -31.21 -1.03
CA THR C 467 29.94 -31.74 -2.05
C THR C 467 29.68 -33.20 -2.34
N TRP C 468 29.07 -33.90 -1.38
CA TRP C 468 28.62 -35.28 -1.60
C TRP C 468 27.11 -35.40 -1.96
N ARG C 469 26.50 -34.30 -2.41
CA ARG C 469 25.11 -34.32 -2.92
C ARG C 469 25.12 -33.82 -4.36
N ASN C 470 25.08 -34.77 -5.29
CA ASN C 470 25.28 -34.45 -6.71
C ASN C 470 24.16 -34.83 -7.65
N THR C 471 23.36 -35.83 -7.28
CA THR C 471 22.16 -36.22 -8.03
C THR C 471 20.97 -35.36 -7.60
N LYS C 472 19.92 -35.43 -8.40
CA LYS C 472 18.71 -34.69 -8.13
C LYS C 472 18.11 -35.13 -6.79
N GLN C 473 18.04 -36.45 -6.56
CA GLN C 473 17.46 -36.98 -5.34
C GLN C 473 18.29 -36.57 -4.13
N GLU C 474 19.62 -36.63 -4.28
CA GLU C 474 20.52 -36.23 -3.20
C GLU C 474 20.33 -34.76 -2.85
N LEU C 475 20.35 -33.91 -3.87
CA LEU C 475 20.24 -32.45 -3.69
C LEU C 475 18.88 -32.07 -3.13
N THR C 476 17.85 -32.70 -3.67
CA THR C 476 16.49 -32.46 -3.20
C THR C 476 16.27 -32.92 -1.74
N GLU C 477 16.67 -34.14 -1.41
CA GLU C 477 16.57 -34.64 -0.02
C GLU C 477 17.35 -33.77 0.97
N TYR C 478 18.61 -33.48 0.64
CA TYR C 478 19.47 -32.71 1.55
C TYR C 478 19.02 -31.29 1.77
N LEU C 479 18.63 -30.59 0.69
CA LEU C 479 18.18 -29.18 0.79
C LEU C 479 16.79 -29.05 1.42
N THR C 480 15.97 -30.09 1.29
CA THR C 480 14.69 -30.18 2.02
C THR C 480 14.96 -30.21 3.54
N GLU C 481 15.95 -31.00 3.91
CA GLU C 481 16.39 -31.11 5.31
C GLU C 481 16.98 -29.77 5.80
N LEU C 482 17.87 -29.19 5.03
CA LEU C 482 18.52 -27.95 5.45
C LEU C 482 17.59 -26.73 5.54
N SER C 483 16.57 -26.70 4.69
CA SER C 483 15.63 -25.57 4.62
C SER C 483 14.41 -25.81 5.49
N GLY C 484 14.37 -26.97 6.16
CA GLY C 484 13.31 -27.33 7.07
C GLY C 484 13.68 -26.98 8.49
N GLU C 485 13.41 -27.88 9.41
CA GLU C 485 13.53 -27.58 10.85
C GLU C 485 14.95 -27.25 11.26
N ALA C 486 15.94 -27.79 10.55
CA ALA C 486 17.32 -27.45 10.86
C ALA C 486 17.62 -25.96 10.72
N ALA C 487 16.87 -25.26 9.89
CA ALA C 487 17.11 -23.82 9.65
C ALA C 487 16.90 -22.98 10.94
N SER C 488 16.25 -23.54 11.96
CA SER C 488 16.14 -22.88 13.24
C SER C 488 17.45 -22.89 14.05
N TYR C 489 18.41 -23.71 13.64
CA TYR C 489 19.68 -23.76 14.39
C TYR C 489 20.97 -23.77 13.53
N MET C 490 20.85 -24.04 12.26
CA MET C 490 22.01 -24.17 11.38
C MET C 490 21.91 -23.22 10.17
N ARG C 491 23.03 -22.55 9.86
CA ARG C 491 23.15 -21.76 8.68
C ARG C 491 24.24 -22.42 7.82
N PRO C 492 23.86 -23.00 6.69
CA PRO C 492 24.82 -23.69 5.86
C PRO C 492 25.75 -22.77 5.02
N ASN C 493 26.99 -23.21 4.84
CA ASN C 493 27.93 -22.59 3.92
C ASN C 493 28.32 -23.62 2.86
N PHE C 494 27.78 -23.43 1.66
CA PHE C 494 27.99 -24.31 0.51
C PHE C 494 29.28 -23.98 -0.25
N PHE C 495 30.39 -24.56 0.19
CA PHE C 495 31.64 -24.48 -0.58
C PHE C 495 31.62 -25.56 -1.63
N ALA C 496 31.71 -25.16 -2.92
CA ALA C 496 31.66 -26.12 -4.06
C ALA C 496 32.87 -27.04 -4.07
N ASN C 497 33.98 -26.50 -3.61
CA ASN C 497 35.17 -27.29 -3.36
C ASN C 497 35.88 -26.78 -2.12
N THR C 498 36.85 -27.56 -1.66
CA THR C 498 37.77 -27.11 -0.60
C THR C 498 39.15 -27.65 -0.97
N PRO C 499 40.20 -27.19 -0.30
CA PRO C 499 41.54 -27.78 -0.50
C PRO C 499 41.60 -29.29 -0.28
N ASP C 500 40.62 -29.83 0.46
CA ASP C 500 40.60 -31.22 0.88
C ASP C 500 39.53 -32.01 0.12
N ILE C 501 38.77 -31.30 -0.71
CA ILE C 501 37.65 -31.91 -1.41
C ILE C 501 37.59 -31.49 -2.86
N LEU C 502 38.08 -32.36 -3.75
CA LEU C 502 37.79 -32.28 -5.16
C LEU C 502 36.95 -33.49 -5.53
N HIS C 503 35.63 -33.30 -5.59
CA HIS C 503 34.74 -34.43 -5.80
C HIS C 503 34.89 -35.03 -7.20
N ALA C 504 34.65 -36.33 -7.30
CA ALA C 504 34.60 -37.07 -8.57
C ALA C 504 33.72 -36.47 -9.65
N TYR C 505 32.58 -35.92 -9.24
CA TYR C 505 31.70 -35.20 -10.13
C TYR C 505 32.49 -34.18 -10.95
N LEU C 506 33.33 -33.40 -10.28
CA LEU C 506 34.15 -32.40 -10.93
C LEU C 506 35.30 -33.03 -11.71
N GLN C 507 35.99 -34.00 -11.10
CA GLN C 507 37.08 -34.74 -11.75
C GLN C 507 36.67 -35.33 -13.10
N HIS C 508 35.47 -35.90 -13.18
CA HIS C 508 35.01 -36.54 -14.40
C HIS C 508 34.16 -35.59 -15.26
N GLY C 509 33.74 -34.47 -14.70
CA GLY C 509 32.79 -33.59 -15.38
C GLY C 509 33.41 -32.49 -16.22
N GLY C 510 34.61 -32.04 -15.85
CA GLY C 510 35.25 -30.90 -16.48
C GLY C 510 34.58 -29.57 -16.18
N ARG C 511 34.90 -28.56 -16.99
CA ARG C 511 34.30 -27.22 -16.84
C ARG C 511 32.75 -27.19 -16.71
N PRO C 512 32.01 -27.98 -17.50
CA PRO C 512 30.55 -27.93 -17.37
C PRO C 512 30.07 -28.35 -15.98
N ALA C 513 30.81 -29.25 -15.35
CA ALA C 513 30.60 -29.64 -13.96
C ALA C 513 30.88 -28.54 -12.93
N PHE C 514 31.92 -27.74 -13.17
CA PHE C 514 32.21 -26.58 -12.36
C PHE C 514 31.13 -25.53 -12.48
N GLU C 515 30.61 -25.37 -13.68
CA GLU C 515 29.51 -24.45 -13.93
C GLU C 515 28.26 -24.86 -13.15
N VAL C 516 27.90 -26.14 -13.25
CA VAL C 516 26.75 -26.67 -12.53
C VAL C 516 26.85 -26.42 -11.03
N ARG C 517 27.97 -26.86 -10.42
CA ARG C 517 28.07 -26.82 -8.96
C ARG C 517 28.10 -25.39 -8.44
N ALA C 518 28.58 -24.46 -9.24
CA ALA C 518 28.57 -23.06 -8.92
C ALA C 518 27.14 -22.49 -8.87
N VAL C 519 26.37 -22.76 -9.93
CA VAL C 519 24.97 -22.35 -9.96
C VAL C 519 24.18 -22.90 -8.74
N LEU C 520 24.32 -24.20 -8.47
CA LEU C 520 23.66 -24.85 -7.38
C LEU C 520 24.00 -24.24 -6.02
N ALA C 521 25.30 -24.04 -5.78
CA ALA C 521 25.73 -23.57 -4.47
C ALA C 521 25.24 -22.14 -4.23
N ALA C 522 25.34 -21.33 -5.27
CA ALA C 522 24.97 -19.93 -5.23
C ALA C 522 23.45 -19.74 -5.12
N THR C 523 22.67 -20.64 -5.71
CA THR C 523 21.22 -20.44 -5.71
C THR C 523 20.49 -21.25 -4.62
N LEU C 524 21.13 -22.29 -4.07
CA LEU C 524 20.47 -23.13 -3.02
C LEU C 524 20.73 -22.69 -1.60
N SER C 525 21.90 -22.13 -1.32
CA SER C 525 22.15 -21.59 -0.02
C SER C 525 22.41 -20.10 -0.15
N PRO C 526 21.97 -19.31 0.83
CA PRO C 526 22.32 -17.89 0.90
C PRO C 526 23.79 -17.64 1.24
N THR C 527 24.50 -18.65 1.72
CA THR C 527 25.98 -18.57 1.86
C THR C 527 26.65 -19.67 1.02
N TRP C 528 27.56 -19.26 0.15
CA TRP C 528 28.31 -20.23 -0.64
C TRP C 528 29.73 -19.80 -0.74
N GLY C 529 30.55 -20.67 -1.32
CA GLY C 529 31.97 -20.38 -1.46
C GLY C 529 32.70 -21.26 -2.46
N ILE C 530 33.89 -20.80 -2.85
CA ILE C 530 34.82 -21.61 -3.65
C ILE C 530 36.23 -21.42 -3.13
N TYR C 531 37.06 -22.42 -3.37
CA TYR C 531 38.48 -22.35 -3.03
C TYR C 531 39.23 -22.06 -4.37
N SER C 532 40.06 -21.02 -4.35
CA SER C 532 40.85 -20.55 -5.51
C SER C 532 41.41 -21.67 -6.35
N GLY C 533 41.13 -21.61 -7.66
CA GLY C 533 41.47 -22.69 -8.58
C GLY C 533 40.20 -23.30 -9.16
N TYR C 534 39.11 -23.21 -8.40
CA TYR C 534 37.80 -23.68 -8.86
C TYR C 534 37.44 -23.02 -10.18
N GLU C 535 37.67 -21.70 -10.25
CA GLU C 535 37.36 -20.89 -11.42
C GLU C 535 38.13 -21.34 -12.65
N LEU C 536 39.33 -21.90 -12.47
CA LEU C 536 40.14 -22.38 -13.58
C LEU C 536 39.81 -23.85 -13.86
N CYS C 537 38.86 -24.40 -13.10
CA CYS C 537 38.42 -25.79 -13.28
C CYS C 537 39.54 -26.79 -13.03
N GLU C 538 40.35 -26.53 -12.01
CA GLU C 538 41.38 -27.44 -11.60
C GLU C 538 40.74 -28.71 -11.06
N ASN C 539 41.02 -29.83 -11.69
CA ASN C 539 40.32 -31.07 -11.38
C ASN C 539 41.15 -32.34 -11.53
N THR C 540 42.47 -32.22 -11.38
CA THR C 540 43.33 -33.41 -11.40
C THR C 540 43.56 -33.92 -9.99
N PRO C 541 43.12 -35.16 -9.69
CA PRO C 541 43.18 -35.61 -8.31
C PRO C 541 44.56 -36.23 -8.07
N LEU C 542 44.87 -36.47 -6.79
CA LEU C 542 46.09 -37.14 -6.41
C LEU C 542 46.16 -38.51 -7.13
N ARG C 543 45.03 -39.19 -7.22
CA ARG C 543 44.93 -40.47 -7.92
C ARG C 543 43.45 -40.82 -8.09
N GLU C 544 43.18 -41.87 -8.83
CA GLU C 544 41.81 -42.32 -9.02
C GLU C 544 41.28 -42.71 -7.66
N GLY C 545 40.06 -42.30 -7.38
CA GLY C 545 39.38 -42.60 -6.12
C GLY C 545 39.75 -41.70 -4.97
N SER C 546 40.49 -40.62 -5.25
CA SER C 546 40.88 -39.66 -4.21
C SER C 546 40.12 -38.37 -4.38
N GLU C 547 39.90 -37.66 -3.26
CA GLU C 547 39.30 -36.34 -3.33
C GLU C 547 40.36 -35.28 -3.06
N GLU C 548 41.60 -35.71 -2.84
CA GLU C 548 42.73 -34.80 -2.85
C GLU C 548 43.10 -34.34 -4.28
N TYR C 549 43.39 -33.05 -4.42
CA TYR C 549 44.05 -32.50 -5.60
C TYR C 549 45.43 -33.09 -5.81
N LEU C 550 45.88 -33.19 -7.06
CA LEU C 550 47.29 -33.49 -7.32
C LEU C 550 48.07 -32.19 -7.11
N ASP C 551 49.26 -32.30 -6.51
CA ASP C 551 50.14 -31.14 -6.30
C ASP C 551 49.40 -30.11 -5.45
N SER C 552 48.85 -30.57 -4.34
CA SER C 552 47.98 -29.75 -3.51
C SER C 552 48.69 -28.51 -2.95
N GLU C 553 48.00 -27.38 -2.98
CA GLU C 553 48.45 -26.08 -2.45
C GLU C 553 48.66 -26.08 -0.93
N LYS C 554 48.15 -27.12 -0.26
CA LYS C 554 48.41 -27.31 1.15
C LYS C 554 49.89 -27.56 1.42
N TYR C 555 50.60 -28.11 0.44
CA TYR C 555 52.00 -28.53 0.62
C TYR C 555 53.01 -27.78 -0.26
N GLN C 556 52.54 -26.82 -1.04
CA GLN C 556 53.40 -26.11 -2.00
C GLN C 556 52.77 -24.79 -2.40
N LEU C 557 53.65 -23.87 -2.79
CA LEU C 557 53.24 -22.62 -3.39
C LEU C 557 52.65 -23.02 -4.74
N LYS C 558 51.55 -22.38 -5.12
CA LYS C 558 50.82 -22.76 -6.33
C LYS C 558 50.46 -21.50 -7.11
N PRO C 559 51.44 -20.93 -7.82
CA PRO C 559 51.23 -19.71 -8.58
C PRO C 559 50.25 -19.91 -9.72
N ARG C 560 49.44 -18.90 -9.97
CA ARG C 560 48.45 -19.00 -11.04
C ARG C 560 48.53 -17.76 -11.92
N ASP C 561 48.51 -17.98 -13.23
CA ASP C 561 48.51 -16.89 -14.17
C ASP C 561 47.06 -16.42 -14.36
N TRP C 562 46.59 -15.62 -13.43
CA TRP C 562 45.22 -15.08 -13.44
C TRP C 562 44.92 -14.18 -14.67
N THR C 563 45.93 -13.45 -15.13
CA THR C 563 45.80 -12.57 -16.31
C THR C 563 45.66 -13.37 -17.60
N ARG C 564 46.50 -14.37 -17.75
CA ARG C 564 46.39 -15.29 -18.89
C ARG C 564 45.06 -16.01 -18.97
N ALA C 565 44.57 -16.52 -17.84
CA ALA C 565 43.33 -17.24 -17.81
C ALA C 565 42.16 -16.35 -18.28
N ALA C 566 42.20 -15.07 -17.89
CA ALA C 566 41.17 -14.11 -18.24
C ALA C 566 41.18 -13.84 -19.73
N ARG C 567 42.35 -13.59 -20.28
CA ARG C 567 42.47 -13.26 -21.69
C ARG C 567 42.14 -14.45 -22.59
N GLU C 568 42.44 -15.66 -22.12
CA GLU C 568 42.17 -16.89 -22.85
C GLU C 568 40.77 -17.47 -22.58
N GLY C 569 40.00 -16.84 -21.69
CA GLY C 569 38.63 -17.29 -21.39
C GLY C 569 38.52 -18.66 -20.72
N THR C 570 39.59 -19.06 -20.02
CA THR C 570 39.68 -20.39 -19.42
C THR C 570 39.32 -20.38 -17.94
N THR C 571 38.53 -19.39 -17.56
CA THR C 571 38.10 -19.21 -16.21
C THR C 571 36.58 -19.05 -16.26
N ILE C 572 35.88 -19.62 -15.28
CA ILE C 572 34.45 -19.37 -15.15
C ILE C 572 34.17 -18.18 -14.26
N ALA C 573 35.15 -17.28 -14.16
CA ALA C 573 35.02 -16.06 -13.34
C ALA C 573 33.81 -15.22 -13.69
N PRO C 574 33.53 -15.03 -14.99
CA PRO C 574 32.37 -14.23 -15.32
C PRO C 574 31.03 -14.83 -14.81
N LEU C 575 30.90 -16.15 -14.90
CA LEU C 575 29.73 -16.83 -14.38
C LEU C 575 29.62 -16.56 -12.88
N VAL C 576 30.73 -16.72 -12.18
CA VAL C 576 30.77 -16.54 -10.72
C VAL C 576 30.36 -15.14 -10.38
N THR C 577 30.86 -14.18 -11.16
CA THR C 577 30.52 -12.79 -10.98
C THR C 577 29.02 -12.57 -11.17
N ARG C 578 28.48 -13.18 -12.21
CA ARG C 578 27.10 -13.03 -12.55
C ARG C 578 26.19 -13.59 -11.46
N LEU C 579 26.56 -14.74 -10.93
CA LEU C 579 25.85 -15.34 -9.79
C LEU C 579 25.77 -14.41 -8.57
N ASN C 580 26.88 -13.84 -8.17
CA ASN C 580 26.89 -12.96 -7.00
C ASN C 580 26.09 -11.66 -7.22
N THR C 581 26.13 -11.16 -8.45
CA THR C 581 25.32 -10.03 -8.84
C THR C 581 23.84 -10.38 -8.77
N ILE C 582 23.47 -11.55 -9.27
CA ILE C 582 22.08 -11.99 -9.21
C ILE C 582 21.62 -12.09 -7.75
N ARG C 583 22.47 -12.66 -6.90
CA ARG C 583 22.20 -12.79 -5.47
C ARG C 583 21.98 -11.41 -4.83
N ARG C 584 22.85 -10.45 -5.16
CA ARG C 584 22.78 -9.09 -4.64
C ARG C 584 21.56 -8.29 -5.10
N GLU C 585 20.94 -8.72 -6.20
CA GLU C 585 19.77 -8.05 -6.79
C GLU C 585 18.46 -8.80 -6.51
N ASN C 586 18.55 -9.95 -5.84
CA ASN C 586 17.37 -10.80 -5.62
C ASN C 586 17.30 -11.32 -4.20
N PRO C 587 16.50 -10.63 -3.33
CA PRO C 587 16.29 -10.99 -1.91
C PRO C 587 15.92 -12.45 -1.69
N ALA C 588 15.21 -13.07 -2.62
CA ALA C 588 14.87 -14.50 -2.53
C ALA C 588 16.12 -15.38 -2.35
N LEU C 589 17.23 -14.95 -2.94
CA LEU C 589 18.48 -15.70 -2.90
C LEU C 589 19.30 -15.42 -1.66
N ARG C 590 18.86 -14.46 -0.85
CA ARG C 590 19.56 -14.12 0.37
C ARG C 590 18.89 -14.74 1.59
N GLN C 591 17.98 -15.69 1.35
CA GLN C 591 17.36 -16.48 2.40
C GLN C 591 17.47 -17.98 2.13
N LEU C 592 17.14 -18.77 3.17
CA LEU C 592 17.30 -20.22 3.14
C LEU C 592 15.97 -20.98 3.15
N ARG C 593 15.07 -20.58 4.04
CA ARG C 593 13.93 -21.41 4.41
C ARG C 593 12.83 -21.53 3.32
N ASP C 594 12.65 -20.51 2.50
CA ASP C 594 11.69 -20.57 1.38
C ASP C 594 12.31 -21.14 0.13
N LEU C 595 12.05 -22.43 -0.09
CA LEU C 595 12.62 -23.16 -1.20
C LEU C 595 11.66 -24.27 -1.56
N HIS C 596 11.28 -24.36 -2.83
CA HIS C 596 10.41 -25.45 -3.29
C HIS C 596 10.94 -26.09 -4.56
N PHE C 597 10.86 -27.40 -4.60
CA PHE C 597 11.32 -28.17 -5.76
C PHE C 597 10.14 -28.53 -6.69
N HIS C 598 10.26 -28.15 -7.94
CA HIS C 598 9.22 -28.34 -8.95
C HIS C 598 9.59 -29.54 -9.83
N PRO C 599 8.63 -30.44 -10.12
CA PRO C 599 8.97 -31.70 -10.81
C PRO C 599 9.39 -31.49 -12.28
N THR C 600 10.19 -32.42 -12.80
CA THR C 600 10.56 -32.46 -14.23
C THR C 600 10.50 -33.91 -14.73
N ASP C 601 10.41 -34.09 -16.05
CA ASP C 601 10.33 -35.45 -16.62
C ASP C 601 11.71 -36.06 -16.89
N LYS C 602 12.77 -35.42 -16.36
CA LYS C 602 14.15 -35.88 -16.61
C LYS C 602 14.91 -35.94 -15.30
N GLU C 603 15.48 -37.11 -15.01
CA GLU C 603 16.14 -37.35 -13.75
C GLU C 603 17.45 -36.57 -13.68
N GLU C 604 17.99 -36.18 -14.83
CA GLU C 604 19.16 -35.31 -14.88
C GLU C 604 18.84 -33.82 -14.65
N VAL C 605 17.56 -33.45 -14.72
CA VAL C 605 17.19 -32.04 -14.72
C VAL C 605 16.38 -31.66 -13.48
N ILE C 606 16.88 -30.68 -12.75
CA ILE C 606 16.30 -30.34 -11.46
C ILE C 606 15.77 -28.92 -11.53
N ALA C 607 14.67 -28.67 -10.84
CA ALA C 607 14.03 -27.34 -10.84
C ALA C 607 13.57 -26.96 -9.46
N TYR C 608 13.72 -25.68 -9.14
CA TYR C 608 13.32 -25.22 -7.82
C TYR C 608 13.13 -23.71 -7.80
N SER C 609 12.43 -23.23 -6.78
CA SER C 609 12.12 -21.83 -6.68
C SER C 609 12.26 -21.32 -5.26
N LYS C 610 12.62 -20.04 -5.15
CA LYS C 610 12.76 -19.37 -3.86
C LYS C 610 12.06 -18.03 -3.87
N ARG C 611 11.48 -17.63 -2.75
CA ARG C 611 10.76 -16.35 -2.66
C ARG C 611 11.09 -15.51 -1.44
N GLN C 612 10.94 -14.21 -1.60
CA GLN C 612 11.09 -13.26 -0.52
C GLN C 612 10.29 -12.03 -0.94
N GLY C 613 9.25 -11.71 -0.16
CA GLY C 613 8.29 -10.69 -0.57
C GLY C 613 7.84 -10.98 -1.98
N SER C 614 7.97 -9.99 -2.86
CA SER C 614 7.50 -10.10 -4.25
C SER C 614 8.60 -10.57 -5.21
N ASN C 615 9.82 -10.84 -4.71
CA ASN C 615 10.89 -11.42 -5.53
C ASN C 615 10.75 -12.94 -5.54
N THR C 616 10.74 -13.49 -6.75
CA THR C 616 10.71 -14.92 -6.95
C THR C 616 11.79 -15.29 -7.95
N VAL C 617 12.68 -16.18 -7.55
CA VAL C 617 13.65 -16.74 -8.49
C VAL C 617 13.32 -18.18 -8.79
N LEU C 618 13.46 -18.54 -10.06
CA LEU C 618 13.20 -19.89 -10.50
C LEU C 618 14.44 -20.40 -11.22
N VAL C 619 14.89 -21.57 -10.79
CA VAL C 619 16.13 -22.16 -11.30
C VAL C 619 15.89 -23.55 -11.88
N VAL C 620 16.47 -23.79 -13.06
CA VAL C 620 16.49 -25.13 -13.65
C VAL C 620 17.92 -25.48 -14.00
N VAL C 621 18.33 -26.69 -13.63
CA VAL C 621 19.68 -27.15 -13.82
C VAL C 621 19.77 -28.49 -14.49
N ASN C 622 20.65 -28.59 -15.48
CA ASN C 622 21.04 -29.88 -16.03
C ASN C 622 22.23 -30.48 -15.30
N LEU C 623 21.97 -31.44 -14.42
CA LEU C 623 23.03 -32.04 -13.59
C LEU C 623 23.93 -33.01 -14.36
N ASP C 624 23.65 -33.21 -15.65
CA ASP C 624 24.50 -34.00 -16.55
C ASP C 624 25.55 -33.11 -17.21
N PRO C 625 26.85 -33.26 -16.84
CA PRO C 625 27.89 -32.41 -17.41
C PRO C 625 28.41 -32.86 -18.79
N ARG C 626 27.87 -33.95 -19.34
CA ARG C 626 28.34 -34.49 -20.61
C ARG C 626 27.28 -34.52 -21.72
N HIS C 627 26.00 -34.60 -21.37
CA HIS C 627 24.94 -34.68 -22.40
C HIS C 627 23.91 -33.58 -22.27
N THR C 628 23.51 -33.04 -23.42
CA THR C 628 22.37 -32.15 -23.49
C THR C 628 21.14 -32.86 -22.96
N GLN C 629 20.31 -32.13 -22.23
CA GLN C 629 19.09 -32.67 -21.65
C GLN C 629 17.94 -31.72 -21.94
N GLU C 630 16.89 -32.29 -22.51
CA GLU C 630 15.65 -31.55 -22.70
C GLU C 630 14.62 -32.11 -21.76
N ALA C 631 13.78 -31.23 -21.22
CA ALA C 631 12.82 -31.67 -20.26
C ALA C 631 11.64 -30.72 -20.20
N THR C 632 10.58 -31.22 -19.60
CA THR C 632 9.40 -30.46 -19.34
C THR C 632 9.39 -30.20 -17.84
N VAL C 633 9.51 -28.92 -17.49
CA VAL C 633 9.45 -28.48 -16.10
C VAL C 633 8.00 -28.15 -15.78
N SER C 634 7.44 -28.87 -14.80
CA SER C 634 6.05 -28.72 -14.40
C SER C 634 5.89 -27.92 -13.12
N LEU C 635 5.73 -26.60 -13.27
CA LEU C 635 5.69 -25.73 -12.11
C LEU C 635 4.46 -25.92 -11.21
N ASP C 636 4.70 -26.11 -9.91
CA ASP C 636 3.69 -25.93 -8.86
C ASP C 636 3.25 -24.47 -8.79
N MET C 637 2.27 -24.10 -9.59
CA MET C 637 1.92 -22.69 -9.76
C MET C 637 1.46 -22.03 -8.46
N PRO C 638 0.60 -22.72 -7.69
CA PRO C 638 0.13 -22.12 -6.44
C PRO C 638 1.30 -21.87 -5.50
N GLN C 639 2.32 -22.72 -5.58
CA GLN C 639 3.50 -22.57 -4.74
C GLN C 639 4.34 -21.36 -5.15
N LEU C 640 4.11 -20.83 -6.36
CA LEU C 640 4.68 -19.56 -6.76
C LEU C 640 3.70 -18.41 -6.43
N GLY C 641 2.49 -18.76 -6.03
CA GLY C 641 1.43 -17.79 -5.77
C GLY C 641 0.67 -17.42 -7.04
N LEU C 642 0.46 -18.41 -7.91
CA LEU C 642 -0.16 -18.17 -9.22
C LEU C 642 -1.23 -19.21 -9.47
N ASP C 643 -2.20 -18.89 -10.32
CA ASP C 643 -3.23 -19.84 -10.70
C ASP C 643 -2.65 -20.83 -11.72
N TRP C 644 -3.23 -22.03 -11.78
CA TRP C 644 -2.70 -23.10 -12.63
C TRP C 644 -2.62 -22.74 -14.11
N HIS C 645 -3.56 -21.94 -14.58
CA HIS C 645 -3.68 -21.57 -15.98
C HIS C 645 -2.82 -20.36 -16.31
N GLU C 646 -2.51 -19.57 -15.29
CA GLU C 646 -1.67 -18.39 -15.42
C GLU C 646 -0.35 -18.70 -16.13
N SER C 647 0.18 -17.71 -16.84
CA SER C 647 1.49 -17.80 -17.45
C SER C 647 2.20 -16.47 -17.21
N VAL C 648 3.19 -16.48 -16.32
CA VAL C 648 3.91 -15.27 -15.93
C VAL C 648 5.29 -15.23 -16.57
N PRO C 649 5.76 -14.02 -16.93
CA PRO C 649 6.97 -13.94 -17.73
C PRO C 649 8.20 -14.04 -16.84
N VAL C 650 9.29 -14.51 -17.41
CA VAL C 650 10.54 -14.63 -16.67
C VAL C 650 11.67 -14.00 -17.46
N ARG C 651 12.80 -13.80 -16.80
CA ARG C 651 14.03 -13.40 -17.44
C ARG C 651 15.12 -14.31 -16.93
N ASP C 652 15.86 -14.94 -17.85
CA ASP C 652 17.01 -15.75 -17.46
C ASP C 652 18.14 -14.75 -17.22
N GLU C 653 18.56 -14.67 -15.96
CA GLU C 653 19.53 -13.66 -15.56
C GLU C 653 20.94 -13.98 -16.05
N LEU C 654 21.16 -15.23 -16.47
CA LEU C 654 22.45 -15.61 -17.06
C LEU C 654 22.65 -15.08 -18.49
N THR C 655 21.56 -15.00 -19.25
CA THR C 655 21.59 -14.57 -20.65
C THR C 655 20.85 -13.26 -20.94
N GLY C 656 19.98 -12.83 -20.03
CA GLY C 656 19.13 -11.67 -20.27
C GLY C 656 17.95 -11.95 -21.20
N GLU C 657 17.79 -13.22 -21.59
CA GLU C 657 16.74 -13.62 -22.52
C GLU C 657 15.44 -13.81 -21.76
N THR C 658 14.33 -13.43 -22.38
CA THR C 658 13.01 -13.45 -21.75
C THR C 658 12.15 -14.61 -22.29
N TYR C 659 11.38 -15.20 -21.39
CA TYR C 659 10.45 -16.29 -21.73
C TYR C 659 9.11 -16.04 -21.04
N HIS C 660 8.08 -16.71 -21.52
CA HIS C 660 6.79 -16.71 -20.84
C HIS C 660 6.55 -18.12 -20.35
N TRP C 661 6.67 -18.32 -19.04
CA TRP C 661 6.51 -19.66 -18.48
C TRP C 661 5.23 -19.80 -17.69
N GLY C 662 4.79 -21.06 -17.58
CA GLY C 662 3.59 -21.39 -16.83
C GLY C 662 3.68 -22.80 -16.31
N ARG C 663 2.53 -23.46 -16.30
CA ARG C 663 2.36 -24.79 -15.75
C ARG C 663 3.33 -25.85 -16.28
N ALA C 664 3.55 -25.85 -17.60
CA ALA C 664 4.43 -26.87 -18.21
C ALA C 664 5.35 -26.21 -19.23
N ASN C 665 6.66 -26.40 -19.07
CA ASN C 665 7.64 -25.65 -19.87
C ASN C 665 8.77 -26.51 -20.38
N TYR C 666 9.04 -26.39 -21.68
CA TYR C 666 10.15 -27.09 -22.31
C TYR C 666 11.46 -26.32 -22.03
N VAL C 667 12.50 -27.06 -21.69
CA VAL C 667 13.85 -26.50 -21.63
C VAL C 667 14.80 -27.44 -22.34
N ARG C 668 15.88 -26.85 -22.84
CA ARG C 668 16.89 -27.60 -23.53
C ARG C 668 18.24 -27.04 -23.12
N LEU C 669 19.02 -27.85 -22.40
CA LEU C 669 20.25 -27.37 -21.76
C LEU C 669 21.47 -28.16 -22.25
N GLU C 670 22.35 -27.48 -22.96
CA GLU C 670 23.55 -28.10 -23.53
C GLU C 670 24.79 -27.79 -22.67
N PRO C 671 25.42 -28.83 -22.10
CA PRO C 671 26.62 -28.66 -21.26
C PRO C 671 27.75 -28.00 -22.03
N GLY C 672 28.37 -26.96 -21.44
CA GLY C 672 29.34 -26.14 -22.14
C GLY C 672 28.71 -24.85 -22.62
N ARG C 673 27.49 -24.94 -23.13
CA ARG C 673 26.79 -23.76 -23.56
C ARG C 673 25.88 -23.20 -22.48
N THR C 674 25.06 -24.06 -21.89
CA THR C 674 24.10 -23.65 -20.85
C THR C 674 24.12 -24.71 -19.73
N PRO C 675 24.68 -24.38 -18.57
CA PRO C 675 24.51 -25.33 -17.45
C PRO C 675 23.08 -25.32 -16.90
N ALA C 676 22.46 -24.13 -16.89
CA ALA C 676 21.19 -23.96 -16.20
C ALA C 676 20.47 -22.67 -16.61
N HIS C 677 19.22 -22.54 -16.16
CA HIS C 677 18.46 -21.29 -16.26
C HIS C 677 18.26 -20.73 -14.88
N VAL C 678 18.70 -19.49 -14.68
CA VAL C 678 18.47 -18.79 -13.43
C VAL C 678 17.53 -17.63 -13.74
N CYS C 679 16.25 -17.87 -13.53
CA CYS C 679 15.24 -16.90 -13.95
C CYS C 679 14.62 -16.16 -12.78
N THR C 680 14.30 -14.87 -12.99
CA THR C 680 13.43 -14.10 -12.12
C THR C 680 12.04 -13.99 -12.75
N VAL C 681 11.00 -14.17 -11.94
CA VAL C 681 9.64 -13.90 -12.37
C VAL C 681 9.38 -12.38 -12.38
N LEU C 682 8.98 -11.83 -13.53
CA LEU C 682 8.90 -10.37 -13.68
C LEU C 682 7.63 -9.79 -13.07
N ARG C 683 7.79 -8.60 -12.45
CA ARG C 683 6.75 -7.85 -11.74
C ARG C 683 5.96 -6.96 -12.71
N PRO D 35 27.88 -21.75 33.00
CA PRO D 35 27.71 -23.19 32.80
C PRO D 35 27.15 -23.53 31.42
N THR D 36 27.68 -24.59 30.81
CA THR D 36 27.25 -25.00 29.48
C THR D 36 26.03 -25.91 29.56
N VAL D 37 25.38 -26.10 28.42
CA VAL D 37 24.18 -26.91 28.33
C VAL D 37 24.57 -28.37 28.04
N VAL D 38 25.59 -28.54 27.21
CA VAL D 38 26.12 -29.87 26.90
C VAL D 38 27.25 -30.17 27.88
N GLY D 39 27.35 -31.45 28.25
CA GLY D 39 28.37 -31.96 29.15
C GLY D 39 29.56 -32.56 28.44
N ARG D 40 30.52 -33.01 29.23
CA ARG D 40 31.81 -33.44 28.68
C ARG D 40 31.65 -34.49 27.58
N ILE D 41 30.87 -35.52 27.85
CA ILE D 41 30.47 -36.49 26.87
C ILE D 41 28.98 -36.21 26.55
N PRO D 42 28.70 -35.67 25.37
CA PRO D 42 27.34 -35.37 24.92
C PRO D 42 26.33 -36.50 25.16
N VAL D 43 25.32 -36.21 25.94
CA VAL D 43 24.14 -37.09 26.12
C VAL D 43 22.91 -36.19 25.95
N LEU D 44 22.15 -36.44 24.90
CA LEU D 44 21.15 -35.51 24.44
C LEU D 44 19.85 -36.21 24.11
N ASP D 45 18.74 -35.50 24.25
CA ASP D 45 17.45 -36.01 23.79
C ASP D 45 17.09 -37.37 24.38
N VAL D 46 17.14 -37.45 25.69
CA VAL D 46 16.77 -38.66 26.38
C VAL D 46 15.26 -38.92 26.24
N ARG D 47 14.92 -40.13 25.80
CA ARG D 47 13.50 -40.56 25.65
C ARG D 47 13.23 -41.82 26.44
N PRO D 48 11.95 -42.00 26.88
CA PRO D 48 10.77 -41.17 26.67
C PRO D 48 10.75 -39.80 27.39
N VAL D 49 10.06 -38.85 26.78
CA VAL D 49 9.88 -37.49 27.36
C VAL D 49 8.47 -37.01 27.01
N VAL D 50 7.83 -36.35 27.96
CA VAL D 50 6.46 -35.93 27.82
C VAL D 50 6.38 -34.46 28.17
N GLN D 51 5.89 -33.65 27.25
CA GLN D 51 5.76 -32.22 27.50
C GLN D 51 7.10 -31.59 27.87
N ARG D 52 8.19 -32.08 27.27
CA ARG D 52 9.53 -31.55 27.50
C ARG D 52 10.07 -31.79 28.90
N GLY D 53 9.53 -32.78 29.60
CA GLY D 53 9.90 -33.06 30.98
C GLY D 53 8.97 -32.49 32.03
N ARG D 54 7.90 -31.79 31.62
CA ARG D 54 7.03 -31.10 32.55
C ARG D 54 5.96 -32.06 33.10
N ARG D 55 5.82 -33.20 32.43
CA ARG D 55 4.89 -34.23 32.82
C ARG D 55 5.64 -35.54 32.75
N PRO D 56 5.27 -36.50 33.62
CA PRO D 56 5.99 -37.75 33.64
C PRO D 56 5.67 -38.69 32.51
N ALA D 57 6.66 -39.53 32.15
CA ALA D 57 6.39 -40.72 31.35
C ALA D 57 5.75 -41.76 32.29
N LYS D 58 5.09 -42.75 31.70
CA LYS D 58 4.32 -43.75 32.46
C LYS D 58 4.84 -45.16 32.32
N ALA D 59 4.70 -45.90 33.42
CA ALA D 59 4.79 -47.33 33.36
C ALA D 59 3.87 -47.91 34.45
N VAL D 60 3.81 -49.22 34.55
CA VAL D 60 3.24 -49.88 35.71
C VAL D 60 4.26 -50.87 36.24
N THR D 61 4.01 -51.39 37.44
CA THR D 61 4.91 -52.33 38.11
C THR D 61 5.17 -53.55 37.24
N GLY D 62 6.43 -53.93 37.12
CA GLY D 62 6.85 -55.04 36.26
C GLY D 62 6.89 -54.76 34.76
N GLU D 63 6.53 -53.56 34.33
CA GLU D 63 6.53 -53.23 32.89
C GLU D 63 7.92 -52.76 32.46
N SER D 64 8.37 -53.28 31.34
CA SER D 64 9.64 -52.91 30.72
C SER D 64 9.42 -51.97 29.55
N PHE D 65 10.31 -50.99 29.42
CA PHE D 65 10.33 -50.09 28.27
C PHE D 65 11.77 -49.65 28.00
N GLU D 66 11.98 -49.06 26.82
CA GLU D 66 13.30 -48.59 26.40
C GLU D 66 13.54 -47.15 26.79
N VAL D 67 14.68 -46.91 27.42
CA VAL D 67 15.20 -45.56 27.60
C VAL D 67 16.29 -45.37 26.55
N SER D 68 16.21 -44.26 25.82
CA SER D 68 17.11 -43.98 24.76
C SER D 68 17.68 -42.57 24.84
N ALA D 69 18.81 -42.37 24.17
CA ALA D 69 19.51 -41.09 24.15
C ALA D 69 20.49 -41.04 23.00
N THR D 70 20.85 -39.82 22.62
CA THR D 70 21.89 -39.61 21.61
C THR D 70 23.17 -39.36 22.38
N VAL D 71 24.09 -40.31 22.23
CA VAL D 71 25.38 -40.32 22.91
C VAL D 71 26.52 -40.40 21.87
N PHE D 72 27.54 -39.59 22.09
CA PHE D 72 28.73 -39.58 21.23
C PHE D 72 29.80 -38.70 21.88
N ARG D 73 30.99 -38.71 21.31
CA ARG D 73 32.06 -37.85 21.79
C ARG D 73 32.84 -37.26 20.61
N GLU D 74 33.72 -36.32 20.94
CA GLU D 74 34.64 -35.75 19.96
C GLU D 74 35.73 -36.77 19.64
N GLY D 75 36.33 -36.67 18.45
CA GLY D 75 37.42 -37.56 18.06
C GLY D 75 36.86 -38.92 17.67
N HIS D 76 37.72 -39.93 17.74
CA HIS D 76 37.45 -41.23 17.10
C HIS D 76 37.31 -42.39 18.09
N ASP D 77 37.50 -42.10 19.37
CA ASP D 77 37.47 -43.14 20.39
C ASP D 77 36.08 -43.59 20.73
N ALA D 78 35.97 -44.73 21.41
CA ALA D 78 34.67 -45.33 21.72
C ALA D 78 33.97 -44.64 22.88
N VAL D 79 32.63 -44.58 22.83
CA VAL D 79 31.84 -44.22 24.01
C VAL D 79 31.11 -45.43 24.55
N GLY D 80 30.65 -45.29 25.79
CA GLY D 80 29.71 -46.22 26.36
C GLY D 80 28.61 -45.42 27.05
N ALA D 81 27.51 -46.08 27.37
CA ALA D 81 26.43 -45.46 28.08
C ALA D 81 25.67 -46.47 28.93
N ASN D 82 24.95 -45.95 29.93
CA ASN D 82 24.09 -46.78 30.77
C ASN D 82 22.93 -45.97 31.35
N VAL D 83 21.86 -46.67 31.72
CA VAL D 83 20.65 -46.03 32.31
C VAL D 83 20.62 -46.22 33.83
N VAL D 84 20.36 -45.14 34.53
CA VAL D 84 20.28 -45.14 36.00
C VAL D 84 18.82 -44.81 36.32
N LEU D 85 18.14 -45.83 36.79
CA LEU D 85 16.77 -45.74 37.23
C LEU D 85 16.79 -45.56 38.74
N ARG D 86 16.10 -44.54 39.23
CA ARG D 86 16.04 -44.28 40.65
C ARG D 86 14.63 -44.38 41.13
N ASP D 87 14.45 -45.05 42.28
CA ASP D 87 13.13 -45.29 42.85
C ASP D 87 12.64 -44.07 43.65
N PRO D 88 11.42 -44.14 44.22
CA PRO D 88 10.87 -43.03 44.99
C PRO D 88 11.76 -42.59 46.16
N ARG D 89 12.59 -43.50 46.67
CA ARG D 89 13.56 -43.15 47.72
C ARG D 89 14.87 -42.61 47.14
N GLY D 90 15.00 -42.68 45.83
CA GLY D 90 16.18 -42.17 45.15
C GLY D 90 17.27 -43.21 45.02
N ARG D 91 16.92 -44.46 45.23
CA ARG D 91 17.88 -45.54 45.22
C ARG D 91 18.09 -46.02 43.78
N PRO D 92 19.35 -46.17 43.37
CA PRO D 92 19.69 -46.54 41.98
C PRO D 92 19.37 -48.01 41.69
N GLY D 93 19.04 -48.28 40.43
CA GLY D 93 18.79 -49.63 40.00
C GLY D 93 20.08 -50.34 39.66
N PRO D 94 19.97 -51.51 39.03
CA PRO D 94 21.11 -52.31 38.64
C PRO D 94 21.85 -51.67 37.48
N TRP D 95 23.10 -52.03 37.33
CA TRP D 95 23.89 -51.72 36.12
C TRP D 95 23.10 -52.04 34.85
N THR D 96 22.80 -51.00 34.06
CA THR D 96 21.99 -51.15 32.83
C THR D 96 22.71 -50.57 31.62
N PRO D 97 23.62 -51.37 31.04
CA PRO D 97 24.38 -50.83 29.91
C PRO D 97 23.53 -50.70 28.65
N MET D 98 23.78 -49.63 27.92
CA MET D 98 23.10 -49.34 26.66
C MET D 98 23.99 -49.79 25.51
N ARG D 99 23.37 -49.89 24.34
CA ARG D 99 24.02 -50.26 23.09
C ARG D 99 23.55 -49.30 22.00
N GLU D 100 24.41 -49.00 21.04
CA GLU D 100 23.97 -48.21 19.88
C GLU D 100 22.89 -49.03 19.14
N LEU D 101 21.75 -48.42 18.84
CA LEU D 101 20.61 -49.15 18.31
C LEU D 101 20.67 -49.37 16.80
N ALA D 102 21.43 -48.54 16.11
CA ALA D 102 21.74 -48.79 14.71
C ALA D 102 23.06 -48.15 14.38
N PRO D 103 23.87 -48.83 13.55
CA PRO D 103 25.19 -48.30 13.18
C PRO D 103 25.16 -46.91 12.54
N GLY D 104 26.10 -46.07 12.95
CA GLY D 104 26.21 -44.71 12.41
C GLY D 104 25.23 -43.71 13.03
N THR D 105 24.24 -44.19 13.80
CA THR D 105 23.15 -43.33 14.29
C THR D 105 23.43 -42.54 15.55
N ASP D 106 24.36 -42.99 16.39
CA ASP D 106 24.63 -42.36 17.69
C ASP D 106 23.43 -42.36 18.62
N ARG D 107 22.47 -43.26 18.35
CA ARG D 107 21.30 -43.39 19.20
C ARG D 107 21.46 -44.68 20.03
N TRP D 108 21.42 -44.51 21.33
CA TRP D 108 21.67 -45.62 22.25
C TRP D 108 20.40 -45.93 23.02
N GLY D 109 20.24 -47.19 23.40
CA GLY D 109 19.10 -47.62 24.19
C GLY D 109 19.38 -48.84 25.05
N ALA D 110 18.66 -48.92 26.17
CA ALA D 110 18.64 -50.10 27.01
C ALA D 110 17.22 -50.25 27.57
N THR D 111 16.85 -51.49 27.87
CA THR D 111 15.55 -51.74 28.48
C THR D 111 15.65 -51.63 30.01
N VAL D 112 14.67 -50.97 30.60
CA VAL D 112 14.56 -50.83 32.03
C VAL D 112 13.23 -51.38 32.49
N THR D 113 13.14 -51.75 33.77
CA THR D 113 11.87 -52.31 34.33
C THR D 113 11.46 -51.62 35.65
N ALA D 114 10.18 -51.23 35.71
CA ALA D 114 9.61 -50.52 36.84
C ALA D 114 9.36 -51.47 37.97
N GLY D 115 9.69 -51.03 39.17
CA GLY D 115 9.44 -51.78 40.40
C GLY D 115 8.14 -51.32 41.03
N GLU D 116 8.23 -51.01 42.32
CA GLU D 116 7.10 -50.56 43.13
C GLU D 116 6.51 -49.29 42.55
N THR D 117 5.24 -49.04 42.87
CA THR D 117 4.58 -47.85 42.39
C THR D 117 5.15 -46.58 43.06
N GLY D 118 5.02 -45.45 42.37
CA GLY D 118 5.47 -44.17 42.87
C GLY D 118 6.14 -43.36 41.77
N THR D 119 6.73 -42.26 42.17
CA THR D 119 7.44 -41.37 41.23
C THR D 119 8.93 -41.71 41.25
N TRP D 120 9.42 -42.10 40.09
CA TRP D 120 10.80 -42.46 39.85
C TRP D 120 11.43 -41.41 38.96
N SER D 121 12.74 -41.58 38.70
CA SER D 121 13.39 -40.78 37.67
C SER D 121 14.43 -41.63 36.93
N TYR D 122 14.81 -41.16 35.74
CA TYR D 122 15.81 -41.85 34.99
C TYR D 122 16.79 -40.89 34.40
N THR D 123 18.05 -41.28 34.49
CA THR D 123 19.11 -40.57 33.88
C THR D 123 19.84 -41.53 32.93
N VAL D 124 20.42 -40.93 31.89
CA VAL D 124 21.43 -41.63 31.09
C VAL D 124 22.82 -41.09 31.42
N GLU D 125 23.76 -42.01 31.67
CA GLU D 125 25.16 -41.69 31.87
C GLU D 125 25.93 -42.05 30.61
N ALA D 126 26.75 -41.11 30.15
CA ALA D 126 27.61 -41.31 28.97
C ALA D 126 29.07 -41.20 29.38
N TRP D 127 29.94 -41.93 28.70
CA TRP D 127 31.35 -41.96 29.14
C TRP D 127 32.25 -42.43 27.99
N GLY D 128 33.51 -41.98 28.03
CA GLY D 128 34.57 -42.55 27.19
C GLY D 128 34.83 -43.99 27.57
N ASP D 129 35.01 -44.85 26.56
CA ASP D 129 35.29 -46.26 26.75
C ASP D 129 36.69 -46.54 26.23
N PRO D 130 37.71 -46.22 27.03
CA PRO D 130 39.11 -46.33 26.54
C PRO D 130 39.59 -47.76 26.33
N VAL D 131 39.03 -48.72 27.05
CA VAL D 131 39.42 -50.11 26.89
C VAL D 131 39.03 -50.70 25.52
N THR D 132 37.81 -50.43 25.05
CA THR D 132 37.39 -50.86 23.71
C THR D 132 38.28 -50.22 22.62
N THR D 133 38.62 -48.96 22.86
CA THR D 133 39.44 -48.15 21.98
C THR D 133 40.86 -48.74 21.89
N TRP D 134 41.44 -49.01 23.06
CA TRP D 134 42.78 -49.62 23.13
C TRP D 134 42.83 -51.00 22.43
N ARG D 135 41.86 -51.86 22.74
CA ARG D 135 41.80 -53.19 22.12
C ARG D 135 41.81 -53.15 20.60
N HIS D 136 41.02 -52.24 20.05
CA HIS D 136 40.96 -51.99 18.61
C HIS D 136 42.34 -51.72 18.00
N HIS D 137 43.07 -50.78 18.59
CA HIS D 137 44.43 -50.46 18.12
C HIS D 137 45.43 -51.60 18.39
N ALA D 138 45.33 -52.20 19.57
CA ALA D 138 46.21 -53.30 19.98
C ALA D 138 46.10 -54.50 19.04
N ARG D 139 44.88 -54.87 18.65
CA ARG D 139 44.70 -55.99 17.71
C ARG D 139 45.35 -55.73 16.36
N ILE D 140 45.53 -54.45 16.01
CA ILE D 140 46.14 -54.07 14.75
C ILE D 140 47.65 -53.81 14.85
N LYS D 141 48.07 -53.05 15.86
CA LYS D 141 49.49 -52.69 16.05
C LYS D 141 50.39 -53.85 16.43
N ILE D 142 49.89 -54.71 17.31
CA ILE D 142 50.70 -55.82 17.86
C ILE D 142 51.08 -56.88 16.81
N PRO D 143 50.13 -57.24 15.91
CA PRO D 143 50.47 -58.13 14.79
C PRO D 143 51.38 -57.48 13.76
N ALA D 144 51.21 -56.17 13.57
CA ALA D 144 52.08 -55.42 12.67
C ALA D 144 53.42 -55.11 13.32
N GLY D 145 53.55 -55.39 14.62
CA GLY D 145 54.79 -55.17 15.34
C GLY D 145 55.13 -53.70 15.49
N LEU D 146 54.11 -52.84 15.53
CA LEU D 146 54.34 -51.39 15.70
C LEU D 146 54.27 -51.00 17.18
N ASP D 147 55.38 -50.47 17.70
CA ASP D 147 55.46 -49.92 19.07
C ASP D 147 54.89 -50.86 20.11
N THR D 148 55.26 -52.13 20.04
CA THR D 148 54.53 -53.15 20.79
C THR D 148 54.63 -52.94 22.31
N ASP D 149 55.82 -52.60 22.82
CA ASP D 149 56.00 -52.41 24.25
C ASP D 149 55.18 -51.21 24.73
N LEU D 150 55.14 -50.16 23.93
CA LEU D 150 54.40 -48.97 24.30
C LEU D 150 52.88 -49.28 24.34
N VAL D 151 52.38 -49.94 23.29
CA VAL D 151 50.97 -50.32 23.19
C VAL D 151 50.58 -51.23 24.37
N LEU D 152 51.44 -52.20 24.68
CA LEU D 152 51.14 -53.17 25.74
C LEU D 152 51.13 -52.54 27.12
N GLU D 153 52.04 -51.60 27.35
CA GLU D 153 52.09 -50.86 28.61
C GLU D 153 50.87 -49.97 28.76
N GLU D 154 50.47 -49.34 27.66
CA GLU D 154 49.25 -48.55 27.64
C GLU D 154 48.02 -49.36 28.03
N GLY D 155 47.95 -50.60 27.54
CA GLY D 155 46.87 -51.50 27.91
C GLY D 155 46.92 -51.90 29.35
N ALA D 156 48.12 -52.22 29.82
CA ALA D 156 48.31 -52.56 31.22
C ALA D 156 47.81 -51.48 32.16
N ARG D 157 48.13 -50.22 31.88
CA ARG D 157 47.72 -49.11 32.77
C ARG D 157 46.20 -48.86 32.77
N LEU D 158 45.56 -49.02 31.61
CA LEU D 158 44.07 -48.98 31.56
C LEU D 158 43.50 -50.09 32.44
N TYR D 159 43.98 -51.31 32.25
CA TYR D 159 43.46 -52.46 33.00
C TYR D 159 43.72 -52.34 34.51
N GLU D 160 44.81 -51.66 34.89
CA GLU D 160 45.09 -51.37 36.31
C GLU D 160 44.08 -50.42 36.93
N ARG D 161 43.73 -49.38 36.17
CA ARG D 161 42.71 -48.40 36.58
C ARG D 161 41.33 -49.03 36.67
N ALA D 162 41.01 -49.88 35.68
CA ALA D 162 39.75 -50.65 35.68
C ALA D 162 39.69 -51.56 36.91
N ALA D 163 40.84 -52.15 37.25
CA ALA D 163 40.97 -53.07 38.39
C ALA D 163 40.73 -52.36 39.74
N ALA D 164 41.16 -51.10 39.86
CA ALA D 164 41.08 -50.38 41.13
C ALA D 164 39.64 -50.08 41.55
N ASP D 165 38.75 -50.06 40.56
CA ASP D 165 37.33 -49.77 40.78
C ASP D 165 36.46 -51.03 40.99
N VAL D 166 37.01 -52.20 40.70
CA VAL D 166 36.32 -53.48 40.84
C VAL D 166 36.17 -53.89 42.32
N PRO D 167 34.92 -53.95 42.83
CA PRO D 167 34.71 -54.35 44.23
C PRO D 167 35.05 -55.81 44.53
N GLY D 168 34.71 -56.73 43.64
CA GLY D 168 35.09 -58.13 43.79
C GLY D 168 36.60 -58.32 43.91
N ARG D 169 37.02 -59.23 44.78
CA ARG D 169 38.45 -59.54 44.94
C ARG D 169 38.92 -60.49 43.83
N GLU D 170 38.09 -61.49 43.52
CA GLU D 170 38.43 -62.44 42.46
C GLU D 170 38.50 -61.73 41.11
N ASP D 171 37.56 -60.81 40.89
CA ASP D 171 37.57 -60.00 39.67
C ASP D 171 38.79 -59.10 39.62
N ARG D 172 39.11 -58.45 40.74
CA ARG D 172 40.28 -57.60 40.81
C ARG D 172 41.56 -58.38 40.46
N ARG D 173 41.72 -59.56 41.06
CA ARG D 173 42.87 -60.44 40.77
C ARG D 173 42.89 -60.90 39.31
N GLU D 174 41.70 -61.12 38.75
CA GLU D 174 41.62 -61.52 37.33
C GLU D 174 42.18 -60.42 36.42
N LEU D 175 41.86 -59.17 36.73
CA LEU D 175 42.35 -58.02 35.95
C LEU D 175 43.86 -57.77 36.18
N LEU D 176 44.31 -57.87 37.42
CA LEU D 176 45.74 -57.70 37.72
C LEU D 176 46.60 -58.82 37.09
N ALA D 177 46.03 -60.02 37.02
CA ALA D 177 46.61 -61.14 36.29
C ALA D 177 46.87 -60.78 34.82
N ALA D 178 45.91 -60.15 34.17
CA ALA D 178 46.05 -59.68 32.78
C ALA D 178 47.07 -58.56 32.67
N VAL D 179 47.05 -57.66 33.65
CA VAL D 179 48.04 -56.57 33.71
C VAL D 179 49.47 -57.16 33.70
N ASP D 180 49.72 -58.13 34.58
CA ASP D 180 51.02 -58.80 34.65
C ASP D 180 51.41 -59.41 33.32
N ALA D 181 50.47 -60.09 32.68
CA ALA D 181 50.72 -60.76 31.41
C ALA D 181 51.04 -59.75 30.32
N LEU D 182 50.28 -58.63 30.30
CA LEU D 182 50.53 -57.52 29.38
C LEU D 182 51.94 -56.98 29.53
N ARG D 183 52.42 -56.97 30.77
CA ARG D 183 53.73 -56.40 31.11
C ARG D 183 54.89 -57.39 31.08
N ASP D 184 54.63 -58.66 30.81
CA ASP D 184 55.67 -59.70 30.84
C ASP D 184 56.46 -59.63 29.55
N GLU D 185 57.53 -58.83 29.60
CA GLU D 185 58.37 -58.56 28.43
C GLU D 185 59.20 -59.75 27.98
N SER D 186 59.17 -60.85 28.72
CA SER D 186 59.85 -62.09 28.29
C SER D 186 58.96 -62.93 27.36
N ARG D 187 57.70 -62.53 27.19
CA ARG D 187 56.76 -63.25 26.36
C ARG D 187 56.51 -62.59 24.99
N PRO D 188 56.18 -63.40 23.98
CA PRO D 188 55.78 -62.85 22.67
C PRO D 188 54.65 -61.82 22.78
N ALA D 189 54.76 -60.75 22.00
CA ALA D 189 53.78 -59.65 22.00
C ALA D 189 52.31 -60.11 21.82
N ALA D 190 52.05 -60.94 20.81
CA ALA D 190 50.69 -61.41 20.54
C ALA D 190 50.16 -62.37 21.63
N SER D 191 51.09 -62.96 22.39
CA SER D 191 50.74 -63.77 23.55
C SER D 191 50.31 -62.86 24.70
N ARG D 192 51.11 -61.84 24.98
CA ARG D 192 50.79 -60.92 26.08
C ARG D 192 49.41 -60.32 25.82
N LEU D 193 49.18 -59.90 24.59
CA LEU D 193 47.90 -59.31 24.18
C LEU D 193 46.73 -60.28 24.41
N ALA D 194 46.86 -61.50 23.93
CA ALA D 194 45.81 -62.53 24.10
C ALA D 194 45.33 -62.66 25.55
N ALA D 195 46.28 -62.63 26.48
CA ALA D 195 45.98 -62.72 27.92
C ALA D 195 45.04 -61.61 28.45
N ALA D 196 44.96 -60.49 27.74
CA ALA D 196 44.04 -59.39 28.07
C ALA D 196 42.71 -59.48 27.30
N LEU D 197 42.52 -60.50 26.46
CA LEU D 197 41.34 -60.58 25.60
C LEU D 197 40.50 -61.83 25.86
N THR D 198 40.74 -62.48 26.99
CA THR D 198 40.06 -63.72 27.32
C THR D 198 38.58 -63.49 27.70
N PRO D 199 37.75 -64.54 27.61
CA PRO D 199 36.35 -64.46 28.02
C PRO D 199 36.11 -63.96 29.45
N GLN D 200 36.92 -64.39 30.41
CA GLN D 200 36.76 -63.98 31.82
C GLN D 200 37.19 -62.55 32.08
N VAL D 201 38.20 -62.09 31.34
CA VAL D 201 38.59 -60.70 31.38
C VAL D 201 37.46 -59.82 30.78
N ASP D 202 36.90 -60.27 29.65
CA ASP D 202 35.73 -59.62 29.03
C ASP D 202 34.56 -59.49 30.02
N ALA D 203 34.27 -60.57 30.74
CA ALA D 203 33.12 -60.63 31.62
C ALA D 203 33.27 -59.66 32.81
N VAL D 204 34.49 -59.56 33.33
CA VAL D 204 34.79 -58.61 34.40
C VAL D 204 34.56 -57.18 33.94
N LEU D 205 35.05 -56.88 32.73
CA LEU D 205 34.99 -55.53 32.17
C LEU D 205 33.58 -55.14 31.69
N ALA D 206 32.80 -56.12 31.26
CA ALA D 206 31.42 -55.90 30.87
C ALA D 206 30.56 -55.48 32.09
N ARG D 207 30.88 -56.08 33.24
CA ARG D 207 30.17 -55.80 34.49
C ARG D 207 30.70 -54.56 35.20
N HIS D 208 31.99 -54.27 35.07
CA HIS D 208 32.63 -53.10 35.71
C HIS D 208 33.54 -52.32 34.77
N PRO D 209 32.94 -51.68 33.78
CA PRO D 209 33.80 -51.08 32.77
C PRO D 209 34.59 -49.89 33.31
N LEU D 210 35.77 -49.65 32.74
CA LEU D 210 36.48 -48.41 33.00
C LEU D 210 35.78 -47.31 32.22
N ARG D 211 35.15 -46.40 32.95
CA ARG D 211 34.42 -45.30 32.35
C ARG D 211 35.19 -44.00 32.51
N ASP D 212 35.51 -43.36 31.38
CA ASP D 212 36.13 -42.03 31.37
C ASP D 212 35.07 -40.94 31.34
N LEU D 213 35.30 -39.85 32.06
CA LEU D 213 34.55 -38.59 31.82
C LEU D 213 33.02 -38.76 31.88
N VAL D 214 32.55 -39.39 32.95
CA VAL D 214 31.14 -39.71 33.10
C VAL D 214 30.27 -38.44 33.12
N THR D 215 29.26 -38.44 32.26
CA THR D 215 28.38 -37.29 32.03
C THR D 215 26.95 -37.77 32.14
N SER D 216 26.12 -36.99 32.85
CA SER D 216 24.72 -37.35 33.11
C SER D 216 23.76 -36.35 32.52
N SER D 217 22.66 -36.88 32.00
CA SER D 217 21.53 -36.02 31.64
C SER D 217 20.84 -35.53 32.91
N ASP D 218 20.01 -34.50 32.77
CA ASP D 218 19.13 -34.12 33.87
C ASP D 218 18.08 -35.23 33.99
N PRO D 219 17.72 -35.62 35.24
CA PRO D 219 16.78 -36.70 35.44
C PRO D 219 15.41 -36.41 34.80
N LEU D 220 14.76 -37.45 34.26
CA LEU D 220 13.39 -37.32 33.79
C LEU D 220 12.44 -38.09 34.67
N PRO D 221 11.18 -37.60 34.79
CA PRO D 221 10.22 -38.21 35.70
C PRO D 221 9.50 -39.43 35.16
N LEU D 222 9.36 -40.45 36.01
CA LEU D 222 8.58 -41.64 35.66
C LEU D 222 7.55 -41.95 36.76
N LEU D 223 6.29 -41.92 36.37
CA LEU D 223 5.23 -42.31 37.27
C LEU D 223 4.94 -43.76 37.03
N VAL D 224 5.13 -44.56 38.07
CA VAL D 224 4.86 -45.99 38.05
C VAL D 224 3.57 -46.23 38.82
N GLU D 225 2.58 -46.81 38.14
CA GLU D 225 1.25 -47.04 38.73
C GLU D 225 0.99 -48.53 38.81
N ARG D 226 -0.14 -48.91 39.40
CA ARG D 226 -0.43 -50.32 39.67
C ARG D 226 -0.80 -51.06 38.40
N GLU D 227 -0.66 -52.38 38.46
CA GLU D 227 -0.83 -53.27 37.31
C GLU D 227 -2.11 -52.97 36.55
N ARG D 228 -3.19 -52.76 37.29
CA ARG D 228 -4.49 -52.58 36.66
C ARG D 228 -4.59 -51.35 35.75
N ALA D 229 -3.77 -50.34 35.98
CA ALA D 229 -3.74 -49.19 35.09
C ALA D 229 -3.43 -49.61 33.63
N LEU D 230 -2.58 -50.63 33.48
CA LEU D 230 -2.24 -51.17 32.16
C LEU D 230 -3.01 -52.43 31.76
N TYR D 231 -3.22 -53.33 32.72
CA TYR D 231 -3.72 -54.66 32.42
C TYR D 231 -5.04 -54.97 33.14
N GLY D 232 -6.02 -55.47 32.39
CA GLY D 232 -7.30 -55.86 33.01
C GLY D 232 -8.39 -56.05 31.98
N ALA D 233 -9.38 -56.85 32.35
CA ALA D 233 -10.53 -57.14 31.49
C ALA D 233 -11.73 -56.46 32.09
N TRP D 234 -12.46 -55.68 31.27
CA TRP D 234 -13.58 -54.83 31.74
C TRP D 234 -14.92 -55.33 31.19
N TYR D 235 -15.94 -55.29 32.03
CA TYR D 235 -17.32 -55.64 31.66
C TYR D 235 -18.27 -54.54 32.10
N GLU D 236 -19.03 -54.00 31.17
CA GLU D 236 -19.97 -52.93 31.48
C GLU D 236 -21.38 -53.49 31.51
N PHE D 237 -22.14 -53.24 32.57
CA PHE D 237 -23.59 -53.53 32.58
C PHE D 237 -24.36 -52.52 33.43
N PHE D 238 -25.66 -52.49 33.19
CA PHE D 238 -26.59 -51.63 33.86
C PHE D 238 -27.24 -52.51 34.93
N PRO D 239 -26.90 -52.27 36.21
CA PRO D 239 -27.57 -53.01 37.29
C PRO D 239 -29.11 -53.00 37.22
N ARG D 240 -29.71 -51.92 36.73
CA ARG D 240 -31.18 -51.80 36.72
C ARG D 240 -31.83 -52.84 35.79
N SER D 241 -31.08 -53.30 34.80
CA SER D 241 -31.57 -54.27 33.84
C SER D 241 -31.67 -55.67 34.45
N GLU D 242 -30.90 -55.93 35.49
CA GLU D 242 -30.94 -57.22 36.18
C GLU D 242 -31.91 -57.22 37.35
N GLY D 243 -33.22 -57.21 37.04
CA GLY D 243 -34.27 -57.25 38.06
C GLY D 243 -34.99 -58.60 38.05
N THR D 244 -36.25 -58.60 38.47
CA THR D 244 -37.03 -59.84 38.58
C THR D 244 -38.37 -59.70 37.90
N PRO D 245 -39.10 -60.81 37.75
CA PRO D 245 -40.45 -60.64 37.19
C PRO D 245 -41.33 -59.72 38.05
N HIS D 246 -41.14 -59.77 39.37
CA HIS D 246 -41.97 -58.96 40.26
C HIS D 246 -41.50 -57.50 40.31
N THR D 247 -40.17 -57.28 40.40
CA THR D 247 -39.57 -55.95 40.43
C THR D 247 -38.59 -55.83 39.24
N PRO D 248 -39.10 -55.41 38.08
CA PRO D 248 -38.28 -55.37 36.86
C PRO D 248 -37.07 -54.46 37.00
N HIS D 249 -37.25 -53.32 37.66
CA HIS D 249 -36.09 -52.42 37.88
C HIS D 249 -35.14 -53.05 38.89
N GLY D 250 -33.98 -53.45 38.40
CA GLY D 250 -33.00 -54.15 39.24
C GLY D 250 -32.47 -53.28 40.33
N THR D 251 -32.03 -53.93 41.41
CA THR D 251 -31.42 -53.26 42.55
C THR D 251 -29.99 -53.72 42.68
N PHE D 252 -29.21 -53.06 43.52
CA PHE D 252 -27.83 -53.53 43.75
C PHE D 252 -27.80 -54.96 44.30
N ARG D 253 -28.80 -55.31 45.09
CA ARG D 253 -28.91 -56.67 45.64
C ARG D 253 -29.25 -57.70 44.59
N THR D 254 -30.14 -57.36 43.66
CA THR D 254 -30.44 -58.29 42.58
C THR D 254 -29.29 -58.29 41.59
N ALA D 255 -28.78 -57.11 41.27
CA ALA D 255 -27.71 -56.94 40.32
C ALA D 255 -26.45 -57.72 40.70
N ALA D 256 -26.24 -57.94 42.00
CA ALA D 256 -25.06 -58.64 42.52
C ALA D 256 -25.04 -60.14 42.17
N ARG D 257 -26.22 -60.68 41.83
CA ARG D 257 -26.32 -62.02 41.28
C ARG D 257 -25.66 -62.22 39.92
N ARG D 258 -25.39 -61.13 39.20
CA ARG D 258 -24.73 -61.19 37.88
C ARG D 258 -23.23 -61.30 38.04
N LEU D 259 -22.73 -60.89 39.20
CA LEU D 259 -21.30 -60.84 39.39
C LEU D 259 -20.61 -62.21 39.20
N PRO D 260 -21.16 -63.31 39.77
CA PRO D 260 -20.50 -64.62 39.59
C PRO D 260 -20.33 -65.01 38.13
N ALA D 261 -21.35 -64.75 37.31
CA ALA D 261 -21.23 -64.94 35.85
C ALA D 261 -20.14 -64.08 35.15
N ILE D 262 -19.99 -62.84 35.62
CA ILE D 262 -19.02 -61.89 35.03
C ILE D 262 -17.61 -62.29 35.45
N ALA D 263 -17.47 -62.62 36.73
CA ALA D 263 -16.20 -63.14 37.28
C ALA D 263 -15.82 -64.45 36.58
N ALA D 264 -16.79 -65.34 36.38
CA ALA D 264 -16.56 -66.59 35.64
C ALA D 264 -16.09 -66.41 34.17
N MET D 265 -16.38 -65.26 33.57
CA MET D 265 -15.88 -64.93 32.22
C MET D 265 -14.44 -64.37 32.21
N GLY D 266 -13.81 -64.34 33.38
CA GLY D 266 -12.44 -63.87 33.54
C GLY D 266 -12.27 -62.35 33.62
N PHE D 267 -13.32 -61.59 33.93
CA PHE D 267 -13.17 -60.11 33.98
C PHE D 267 -12.65 -59.68 35.35
N ASP D 268 -11.99 -58.52 35.38
CA ASP D 268 -11.42 -57.98 36.61
C ASP D 268 -12.10 -56.70 37.08
N VAL D 269 -12.73 -55.97 36.14
CA VAL D 269 -13.40 -54.71 36.45
C VAL D 269 -14.83 -54.75 35.95
N VAL D 270 -15.73 -54.29 36.80
CA VAL D 270 -17.07 -54.03 36.36
C VAL D 270 -17.28 -52.51 36.29
N TYR D 271 -17.61 -52.01 35.11
CA TYR D 271 -17.91 -50.60 34.90
C TYR D 271 -19.44 -50.38 34.88
N LEU D 272 -19.90 -49.59 35.82
CA LEU D 272 -21.33 -49.24 35.90
C LEU D 272 -21.58 -47.87 35.34
N PRO D 273 -22.63 -47.72 34.54
CA PRO D 273 -23.13 -46.41 34.18
C PRO D 273 -23.64 -45.71 35.45
N PRO D 274 -23.96 -44.41 35.36
CA PRO D 274 -24.31 -43.59 36.51
C PRO D 274 -25.38 -44.22 37.39
N ILE D 275 -25.06 -44.39 38.67
CA ILE D 275 -25.94 -45.05 39.65
C ILE D 275 -26.72 -44.06 40.56
N HIS D 276 -26.84 -42.81 40.13
CA HIS D 276 -27.51 -41.79 40.91
C HIS D 276 -28.96 -41.61 40.47
N PRO D 277 -29.73 -40.80 41.22
CA PRO D 277 -31.06 -40.46 40.72
C PRO D 277 -31.02 -39.82 39.34
N ILE D 278 -32.14 -39.91 38.62
CA ILE D 278 -32.21 -39.49 37.25
C ILE D 278 -33.31 -38.43 37.07
N GLY D 279 -33.00 -37.35 36.36
CA GLY D 279 -33.93 -36.26 36.16
C GLY D 279 -35.24 -36.66 35.51
N THR D 280 -36.29 -35.91 35.81
CA THR D 280 -37.60 -36.09 35.16
C THR D 280 -37.80 -35.09 34.03
N THR D 281 -37.31 -33.86 34.19
CA THR D 281 -37.47 -32.80 33.17
C THR D 281 -36.72 -33.05 31.85
N HIS D 282 -37.48 -33.06 30.75
CA HIS D 282 -36.98 -33.44 29.42
C HIS D 282 -36.38 -34.86 29.37
N ARG D 283 -36.84 -35.75 30.26
CA ARG D 283 -36.36 -37.10 30.26
C ARG D 283 -36.63 -37.72 28.92
N LYS D 284 -35.66 -38.50 28.44
CA LYS D 284 -35.80 -39.23 27.18
C LYS D 284 -36.59 -40.51 27.42
N GLY D 285 -37.38 -40.90 26.44
CA GLY D 285 -38.09 -42.17 26.50
C GLY D 285 -37.36 -43.23 25.72
N ARG D 286 -38.08 -44.29 25.37
CA ARG D 286 -37.48 -45.42 24.71
C ARG D 286 -36.94 -45.04 23.33
N ASN D 287 -35.81 -45.64 22.96
CA ASN D 287 -35.18 -45.39 21.65
C ASN D 287 -34.86 -43.92 21.39
N ASN D 288 -34.47 -43.22 22.45
CA ASN D 288 -34.09 -41.80 22.37
C ASN D 288 -35.23 -40.90 21.85
N THR D 289 -36.46 -41.23 22.21
CA THR D 289 -37.60 -40.38 21.89
C THR D 289 -37.59 -39.20 22.85
N LEU D 290 -38.15 -38.08 22.39
CA LEU D 290 -38.02 -36.78 23.09
C LEU D 290 -38.74 -36.78 24.44
N SER D 291 -40.02 -37.16 24.44
CA SER D 291 -40.83 -37.12 25.66
C SER D 291 -41.07 -38.50 26.24
N ALA D 292 -40.59 -38.72 27.47
CA ALA D 292 -40.77 -39.97 28.20
C ALA D 292 -42.21 -40.13 28.67
N THR D 293 -42.74 -41.36 28.61
CA THR D 293 -44.10 -41.63 29.04
C THR D 293 -44.05 -42.15 30.48
N GLY D 294 -45.20 -42.56 30.99
CA GLY D 294 -45.39 -42.88 32.41
C GLY D 294 -44.35 -43.74 33.08
N ASP D 295 -43.94 -44.83 32.44
CA ASP D 295 -43.02 -45.76 33.11
C ASP D 295 -41.55 -45.60 32.72
N ASP D 296 -41.25 -44.69 31.81
CA ASP D 296 -39.91 -44.65 31.22
C ASP D 296 -38.84 -44.31 32.23
N VAL D 297 -37.72 -45.04 32.23
CA VAL D 297 -36.73 -44.89 33.30
C VAL D 297 -35.68 -43.81 33.03
N GLY D 298 -35.60 -43.34 31.80
CA GLY D 298 -34.62 -42.30 31.42
C GLY D 298 -33.18 -42.81 31.28
N VAL D 299 -32.27 -41.86 31.05
CA VAL D 299 -30.87 -42.12 30.79
C VAL D 299 -30.13 -41.82 32.08
N PRO D 300 -29.34 -42.81 32.61
CA PRO D 300 -28.54 -42.60 33.82
C PRO D 300 -27.67 -41.34 33.81
N TRP D 301 -27.19 -40.95 32.63
CA TRP D 301 -26.29 -39.80 32.50
C TRP D 301 -26.97 -38.47 32.72
N ALA D 302 -28.31 -38.48 32.62
CA ALA D 302 -29.08 -37.32 33.07
C ALA D 302 -29.18 -37.38 34.61
N ILE D 303 -28.08 -36.99 35.26
CA ILE D 303 -27.94 -37.14 36.70
C ILE D 303 -28.64 -36.02 37.50
N GLY D 304 -29.37 -36.42 38.51
CA GLY D 304 -29.83 -35.49 39.54
C GLY D 304 -31.33 -35.25 39.57
N SER D 305 -31.85 -35.25 40.78
CA SER D 305 -33.24 -34.92 41.05
C SER D 305 -33.31 -34.38 42.48
N PRO D 306 -34.49 -34.00 42.95
CA PRO D 306 -34.66 -33.68 44.36
C PRO D 306 -34.23 -34.82 45.29
N GLU D 307 -34.21 -36.06 44.78
CA GLU D 307 -33.77 -37.22 45.56
C GLU D 307 -32.26 -37.20 45.83
N GLY D 308 -31.50 -36.47 45.03
CA GLY D 308 -30.04 -36.42 45.21
C GLY D 308 -29.29 -36.22 43.93
N GLY D 309 -28.00 -35.95 44.08
CA GLY D 309 -27.09 -35.73 42.96
C GLY D 309 -26.01 -36.80 42.88
N HIS D 310 -24.79 -36.36 42.57
CA HIS D 310 -23.67 -37.26 42.29
C HIS D 310 -23.14 -38.01 43.51
N ASP D 311 -23.57 -37.60 44.70
CA ASP D 311 -23.18 -38.31 45.90
C ASP D 311 -24.30 -39.22 46.41
N SER D 312 -25.34 -39.42 45.61
CA SER D 312 -26.49 -40.23 46.00
C SER D 312 -26.68 -41.51 45.16
N ILE D 313 -27.47 -42.44 45.71
CA ILE D 313 -27.91 -43.64 44.99
C ILE D 313 -29.35 -43.45 44.49
N HIS D 314 -29.59 -43.82 43.24
CA HIS D 314 -30.95 -43.91 42.69
C HIS D 314 -31.83 -44.74 43.65
N PRO D 315 -32.96 -44.20 44.10
CA PRO D 315 -33.76 -44.95 45.10
C PRO D 315 -34.18 -46.36 44.68
N ALA D 316 -34.43 -46.56 43.38
CA ALA D 316 -34.78 -47.90 42.87
C ALA D 316 -33.59 -48.88 42.89
N LEU D 317 -32.38 -48.37 42.98
CA LEU D 317 -31.20 -49.23 43.02
C LEU D 317 -30.97 -49.62 44.47
N GLY D 318 -31.55 -48.86 45.40
CA GLY D 318 -31.44 -49.15 46.83
C GLY D 318 -30.72 -48.04 47.59
N THR D 319 -30.07 -48.44 48.70
CA THR D 319 -29.33 -47.57 49.59
C THR D 319 -27.80 -47.73 49.40
N LEU D 320 -27.06 -46.79 49.97
CA LEU D 320 -25.63 -46.84 50.05
C LEU D 320 -25.15 -48.10 50.75
N ASP D 321 -25.96 -48.64 51.67
CA ASP D 321 -25.67 -49.93 52.29
C ASP D 321 -25.77 -51.07 51.29
N ASP D 322 -26.77 -51.02 50.41
CA ASP D 322 -26.92 -52.01 49.38
C ASP D 322 -25.74 -51.96 48.40
N PHE D 323 -25.30 -50.75 48.06
CA PHE D 323 -24.10 -50.57 47.24
C PHE D 323 -22.85 -51.16 47.92
N ASP D 324 -22.68 -50.90 49.22
CA ASP D 324 -21.52 -51.50 49.94
C ASP D 324 -21.56 -53.04 49.80
N HIS D 325 -22.76 -53.60 49.85
CA HIS D 325 -22.96 -55.04 49.65
C HIS D 325 -22.52 -55.50 48.25
N PHE D 326 -22.90 -54.75 47.24
CA PHE D 326 -22.51 -55.02 45.87
C PHE D 326 -20.99 -54.99 45.72
N VAL D 327 -20.35 -53.97 46.29
CA VAL D 327 -18.91 -53.82 46.16
C VAL D 327 -18.19 -54.94 46.91
N THR D 328 -18.73 -55.31 48.07
CA THR D 328 -18.20 -56.41 48.86
C THR D 328 -18.30 -57.74 48.13
N GLU D 329 -19.44 -57.98 47.52
CA GLU D 329 -19.63 -59.19 46.75
C GLU D 329 -18.74 -59.23 45.53
N ALA D 330 -18.55 -58.07 44.89
CA ALA D 330 -17.66 -57.93 43.73
C ALA D 330 -16.23 -58.28 44.09
N GLY D 331 -15.72 -57.64 45.14
CA GLY D 331 -14.40 -57.86 45.64
C GLY D 331 -14.08 -59.32 45.97
N LYS D 332 -15.06 -60.05 46.51
CA LYS D 332 -14.88 -61.48 46.81
C LYS D 332 -14.73 -62.32 45.55
N LEU D 333 -15.31 -61.86 44.44
CA LEU D 333 -15.15 -62.52 43.15
C LEU D 333 -13.94 -62.03 42.36
N GLY D 334 -13.10 -61.21 42.97
CA GLY D 334 -11.96 -60.59 42.28
C GLY D 334 -12.34 -59.51 41.31
N LEU D 335 -13.50 -58.87 41.54
CA LEU D 335 -13.99 -57.77 40.72
C LEU D 335 -13.82 -56.40 41.41
N GLU D 336 -13.16 -55.47 40.73
CA GLU D 336 -13.12 -54.07 41.13
C GLU D 336 -14.27 -53.34 40.47
N ILE D 337 -14.80 -52.34 41.15
CA ILE D 337 -15.83 -51.52 40.55
C ILE D 337 -15.24 -50.25 39.95
N ALA D 338 -15.70 -49.90 38.76
CA ALA D 338 -15.38 -48.64 38.12
C ALA D 338 -16.68 -47.84 37.93
N LEU D 339 -16.83 -46.73 38.63
CA LEU D 339 -18.05 -45.89 38.53
C LEU D 339 -17.87 -44.86 37.43
N ASP D 340 -18.94 -44.68 36.66
CA ASP D 340 -19.04 -43.55 35.79
C ASP D 340 -19.02 -42.20 36.56
N PHE D 341 -18.12 -41.31 36.15
CA PHE D 341 -18.18 -39.91 36.59
C PHE D 341 -18.50 -38.99 35.37
N ALA D 342 -19.73 -38.46 35.34
CA ALA D 342 -20.23 -37.57 34.31
C ALA D 342 -20.54 -36.20 34.90
N LEU D 343 -19.61 -35.24 34.69
CA LEU D 343 -19.73 -33.95 35.32
C LEU D 343 -20.67 -33.07 34.47
N GLN D 344 -21.96 -33.27 34.74
CA GLN D 344 -23.08 -32.70 34.01
C GLN D 344 -24.31 -32.99 34.85
N CYS D 345 -25.43 -32.37 34.52
CA CYS D 345 -26.61 -32.37 35.41
C CYS D 345 -27.88 -32.47 34.57
N SER D 346 -28.88 -33.16 35.11
CA SER D 346 -30.23 -32.93 34.62
C SER D 346 -30.70 -31.56 35.11
N PRO D 347 -31.79 -31.03 34.51
CA PRO D 347 -32.37 -29.77 34.97
C PRO D 347 -32.92 -29.84 36.39
N ASP D 348 -33.11 -31.04 36.91
CA ASP D 348 -33.67 -31.23 38.25
C ASP D 348 -32.58 -31.44 39.30
N HIS D 349 -31.31 -31.48 38.88
CA HIS D 349 -30.18 -31.57 39.82
C HIS D 349 -30.20 -30.37 40.77
N PRO D 350 -29.98 -30.60 42.08
CA PRO D 350 -29.90 -29.53 43.06
C PRO D 350 -28.93 -28.39 42.71
N TRP D 351 -27.80 -28.74 42.07
CA TRP D 351 -26.82 -27.75 41.63
C TRP D 351 -27.41 -26.66 40.76
N VAL D 352 -28.42 -26.99 39.95
CA VAL D 352 -29.04 -26.00 39.07
C VAL D 352 -29.54 -24.78 39.84
N HIS D 353 -30.13 -25.00 41.02
CA HIS D 353 -30.55 -23.87 41.84
C HIS D 353 -29.54 -23.50 42.92
N LYS D 354 -28.78 -24.47 43.41
CA LYS D 354 -27.80 -24.21 44.46
C LYS D 354 -26.52 -23.53 43.95
N HIS D 355 -26.15 -23.80 42.71
CA HIS D 355 -24.90 -23.25 42.14
C HIS D 355 -25.17 -22.84 40.70
N PRO D 356 -26.01 -21.82 40.51
CA PRO D 356 -26.32 -21.42 39.15
C PRO D 356 -25.12 -20.98 38.34
N GLU D 357 -24.09 -20.47 39.02
CA GLU D 357 -22.88 -20.01 38.32
C GLU D 357 -22.04 -21.17 37.78
N TRP D 358 -22.43 -22.41 38.08
CA TRP D 358 -21.80 -23.58 37.49
C TRP D 358 -22.40 -23.89 36.10
N PHE D 359 -23.21 -22.98 35.57
CA PHE D 359 -23.88 -23.19 34.29
C PHE D 359 -23.87 -21.91 33.50
N HIS D 360 -23.82 -22.03 32.17
CA HIS D 360 -23.93 -20.89 31.28
C HIS D 360 -25.40 -20.64 30.95
N HIS D 361 -25.87 -19.45 31.30
CA HIS D 361 -27.23 -19.05 31.03
C HIS D 361 -27.26 -18.11 29.86
N ARG D 362 -28.27 -18.30 29.02
CA ARG D 362 -28.51 -17.46 27.88
C ARG D 362 -29.18 -16.17 28.38
N PRO D 363 -29.39 -15.17 27.50
CA PRO D 363 -29.91 -13.89 27.98
C PRO D 363 -31.30 -13.96 28.62
N ASP D 364 -32.09 -14.98 28.27
CA ASP D 364 -33.43 -15.16 28.86
C ASP D 364 -33.38 -15.99 30.13
N GLY D 365 -32.18 -16.34 30.59
CA GLY D 365 -31.98 -17.12 31.84
C GLY D 365 -31.86 -18.62 31.68
N THR D 366 -32.28 -19.15 30.54
CA THR D 366 -32.29 -20.59 30.31
C THR D 366 -30.86 -21.16 30.13
N ILE D 367 -30.71 -22.46 30.41
CA ILE D 367 -29.45 -23.18 30.17
C ILE D 367 -29.63 -24.10 28.96
N ALA D 368 -28.85 -23.85 27.91
CA ALA D 368 -28.88 -24.72 26.72
C ALA D 368 -28.45 -26.09 27.13
N HIS D 369 -29.20 -27.07 26.67
CA HIS D 369 -28.90 -28.44 26.91
C HIS D 369 -27.60 -28.83 26.22
N ALA D 370 -26.99 -29.89 26.70
CA ALA D 370 -25.71 -30.34 26.18
C ALA D 370 -25.87 -30.92 24.80
N GLU D 371 -24.76 -30.87 24.07
CA GLU D 371 -24.70 -31.38 22.70
C GLU D 371 -23.34 -31.99 22.35
N ASN D 372 -23.36 -33.04 21.51
CA ASN D 372 -22.16 -33.60 20.88
C ASN D 372 -22.50 -33.77 19.38
N PRO D 373 -22.62 -32.64 18.66
CA PRO D 373 -23.31 -32.51 17.35
C PRO D 373 -22.91 -33.55 16.30
N PRO D 374 -23.89 -34.12 15.58
CA PRO D 374 -25.31 -33.76 15.51
C PRO D 374 -26.22 -34.30 16.64
N LYS D 375 -25.66 -34.95 17.64
CA LYS D 375 -26.45 -35.48 18.77
C LYS D 375 -26.83 -34.36 19.76
N LYS D 376 -28.11 -34.33 20.15
CA LYS D 376 -28.60 -33.39 21.14
C LYS D 376 -29.00 -34.14 22.40
N TYR D 377 -28.65 -33.56 23.55
CA TYR D 377 -28.96 -34.17 24.82
C TYR D 377 -29.86 -33.26 25.62
N GLN D 378 -31.11 -33.16 25.18
CA GLN D 378 -32.12 -32.27 25.75
C GLN D 378 -32.37 -32.52 27.25
N ASP D 379 -32.00 -33.70 27.72
CA ASP D 379 -32.18 -34.12 29.09
C ASP D 379 -31.04 -33.73 30.05
N ILE D 380 -30.04 -33.05 29.52
CA ILE D 380 -28.76 -32.87 30.20
C ILE D 380 -28.22 -31.45 30.03
N TYR D 381 -27.85 -30.83 31.15
CA TYR D 381 -27.15 -29.54 31.16
C TYR D 381 -25.63 -29.71 31.36
N PRO D 382 -24.81 -29.07 30.50
CA PRO D 382 -23.38 -29.03 30.68
C PRO D 382 -22.94 -28.04 31.74
N ILE D 383 -21.81 -28.34 32.39
CA ILE D 383 -21.22 -27.44 33.39
C ILE D 383 -20.44 -26.28 32.72
N ALA D 384 -20.44 -25.10 33.35
CA ALA D 384 -19.63 -23.94 32.99
C ALA D 384 -18.53 -23.80 34.06
N PHE D 385 -17.28 -23.65 33.63
CA PHE D 385 -16.13 -23.76 34.56
C PHE D 385 -15.44 -22.45 34.93
N ASP D 386 -15.83 -21.36 34.30
CA ASP D 386 -15.09 -20.11 34.43
C ASP D 386 -15.60 -19.14 35.51
N ALA D 387 -16.75 -19.43 36.09
CA ALA D 387 -17.33 -18.57 37.12
C ALA D 387 -16.86 -18.97 38.51
N ASP D 388 -16.78 -20.28 38.75
CA ASP D 388 -16.33 -20.81 40.05
C ASP D 388 -15.52 -22.10 39.85
N PRO D 389 -14.34 -21.96 39.25
CA PRO D 389 -13.50 -23.13 39.04
C PRO D 389 -13.09 -23.81 40.33
N ASP D 390 -12.87 -23.04 41.39
CA ASP D 390 -12.45 -23.58 42.67
C ASP D 390 -13.57 -24.39 43.37
N GLY D 391 -14.79 -23.89 43.31
CA GLY D 391 -15.95 -24.58 43.91
C GLY D 391 -16.24 -25.88 43.17
N LEU D 392 -16.17 -25.84 41.85
CA LEU D 392 -16.35 -27.04 41.04
C LEU D 392 -15.27 -28.08 41.31
N ALA D 393 -14.01 -27.63 41.44
CA ALA D 393 -12.91 -28.55 41.73
C ALA D 393 -13.05 -29.19 43.12
N THR D 394 -13.38 -28.37 44.10
CA THR D 394 -13.52 -28.81 45.50
C THR D 394 -14.63 -29.83 45.64
N GLU D 395 -15.76 -29.58 44.98
CA GLU D 395 -16.90 -30.47 45.06
C GLU D 395 -16.64 -31.80 44.31
N THR D 396 -16.03 -31.70 43.13
CA THR D 396 -15.68 -32.87 42.34
C THR D 396 -14.82 -33.81 43.16
N VAL D 397 -13.75 -33.30 43.76
CA VAL D 397 -12.90 -34.18 44.55
C VAL D 397 -13.58 -34.69 45.81
N ARG D 398 -14.56 -33.95 46.34
CA ARG D 398 -15.35 -34.41 47.48
C ARG D 398 -16.18 -35.63 47.06
N ILE D 399 -16.88 -35.49 45.93
CA ILE D 399 -17.68 -36.57 45.35
C ILE D 399 -16.85 -37.84 45.16
N LEU D 400 -15.70 -37.70 44.49
CA LEU D 400 -14.83 -38.80 44.21
C LEU D 400 -14.32 -39.52 45.45
N ARG D 401 -13.90 -38.75 46.47
CA ARG D 401 -13.51 -39.28 47.75
C ARG D 401 -14.63 -40.02 48.49
N HIS D 402 -15.86 -39.56 48.32
CA HIS D 402 -17.01 -40.27 48.85
C HIS D 402 -17.09 -41.69 48.28
N TRP D 403 -17.05 -41.82 46.95
CA TRP D 403 -17.15 -43.14 46.33
C TRP D 403 -15.89 -43.96 46.61
N MET D 404 -14.76 -43.26 46.72
CA MET D 404 -13.50 -43.90 47.15
C MET D 404 -13.58 -44.49 48.56
N ASP D 405 -14.17 -43.74 49.49
CA ASP D 405 -14.41 -44.26 50.86
C ASP D 405 -15.37 -45.45 50.87
N HIS D 406 -16.05 -45.71 49.77
CA HIS D 406 -16.90 -46.90 49.67
C HIS D 406 -16.33 -48.01 48.78
N GLY D 407 -15.02 -47.92 48.51
CA GLY D 407 -14.31 -48.93 47.77
C GLY D 407 -14.21 -48.72 46.26
N VAL D 408 -14.69 -47.61 45.74
CA VAL D 408 -14.51 -47.34 44.30
C VAL D 408 -13.13 -46.74 44.06
N ARG D 409 -12.28 -47.47 43.35
CA ARG D 409 -10.88 -47.02 43.11
C ARG D 409 -10.59 -46.79 41.62
N ILE D 410 -11.63 -46.83 40.79
CA ILE D 410 -11.54 -46.63 39.33
C ILE D 410 -12.78 -45.77 38.90
N PHE D 411 -12.51 -44.64 38.26
CA PHE D 411 -13.55 -43.82 37.70
C PHE D 411 -13.45 -43.82 36.19
N ARG D 412 -14.55 -44.16 35.52
CA ARG D 412 -14.68 -43.98 34.08
C ARG D 412 -15.26 -42.58 33.87
N VAL D 413 -14.48 -41.69 33.26
CA VAL D 413 -14.87 -40.31 33.15
C VAL D 413 -15.55 -40.06 31.82
N ASP D 414 -16.78 -39.58 31.90
CA ASP D 414 -17.62 -39.46 30.74
C ASP D 414 -17.16 -38.22 29.98
N ASN D 415 -17.01 -38.37 28.67
CA ASN D 415 -16.69 -37.27 27.77
C ASN D 415 -15.87 -36.15 28.37
N PRO D 416 -14.68 -36.45 28.82
CA PRO D 416 -13.86 -35.49 29.54
C PRO D 416 -13.44 -34.30 28.66
N HIS D 417 -13.42 -34.53 27.36
CA HIS D 417 -12.97 -33.51 26.37
C HIS D 417 -13.95 -32.34 26.18
N THR D 418 -15.12 -32.38 26.84
CA THR D 418 -16.03 -31.22 26.87
C THR D 418 -15.88 -30.39 28.17
N LYS D 419 -14.94 -30.77 29.03
CA LYS D 419 -14.60 -30.04 30.28
C LYS D 419 -13.15 -29.57 30.10
N PRO D 420 -12.74 -28.54 30.86
CA PRO D 420 -11.37 -28.05 30.65
C PRO D 420 -10.25 -29.06 30.94
N VAL D 421 -9.25 -29.05 30.07
CA VAL D 421 -8.08 -29.89 30.24
C VAL D 421 -7.44 -29.71 31.59
N ALA D 422 -7.23 -28.46 31.99
CA ALA D 422 -6.57 -28.12 33.27
C ALA D 422 -7.40 -28.51 34.47
N PHE D 423 -8.72 -28.56 34.28
CA PHE D 423 -9.62 -29.06 35.29
C PHE D 423 -9.29 -30.51 35.64
N TRP D 424 -9.20 -31.37 34.63
CA TRP D 424 -8.83 -32.77 34.85
C TRP D 424 -7.42 -32.91 35.44
N GLU D 425 -6.47 -32.11 34.97
CA GLU D 425 -5.14 -32.15 35.56
C GLU D 425 -5.17 -31.89 37.08
N ARG D 426 -5.95 -30.88 37.48
CA ARG D 426 -6.02 -30.48 38.86
C ARG D 426 -6.71 -31.55 39.68
N VAL D 427 -7.84 -32.03 39.18
CA VAL D 427 -8.62 -33.06 39.89
C VAL D 427 -7.83 -34.34 40.05
N ILE D 428 -7.21 -34.81 38.95
CA ILE D 428 -6.45 -36.03 38.98
C ILE D 428 -5.23 -35.93 39.92
N ALA D 429 -4.53 -34.79 39.88
CA ALA D 429 -3.38 -34.58 40.77
C ALA D 429 -3.83 -34.48 42.21
N ASP D 430 -5.02 -33.94 42.44
CA ASP D 430 -5.52 -33.78 43.80
C ASP D 430 -5.88 -35.15 44.39
N ILE D 431 -6.61 -35.96 43.63
CA ILE D 431 -6.97 -37.34 44.06
C ILE D 431 -5.80 -38.31 44.20
N ASN D 432 -4.93 -38.36 43.19
CA ASN D 432 -3.74 -39.23 43.27
C ASN D 432 -2.68 -38.75 44.28
N GLY D 433 -2.72 -37.47 44.63
CA GLY D 433 -1.92 -36.90 45.73
C GLY D 433 -2.11 -37.59 47.07
N THR D 434 -3.35 -37.97 47.38
CA THR D 434 -3.61 -38.71 48.60
C THR D 434 -3.80 -40.21 48.32
N ASP D 435 -4.30 -40.54 47.15
CA ASP D 435 -4.69 -41.90 46.80
C ASP D 435 -4.18 -42.28 45.43
N PRO D 436 -2.89 -42.60 45.33
CA PRO D 436 -2.31 -42.79 43.99
C PRO D 436 -2.75 -44.08 43.31
N ASP D 437 -3.48 -44.95 44.00
CA ASP D 437 -4.05 -46.14 43.39
C ASP D 437 -5.29 -45.86 42.50
N VAL D 438 -5.94 -44.70 42.66
CA VAL D 438 -7.13 -44.37 41.84
C VAL D 438 -6.83 -44.24 40.34
N ILE D 439 -7.58 -44.99 39.55
CA ILE D 439 -7.41 -45.06 38.11
C ILE D 439 -8.52 -44.27 37.46
N PHE D 440 -8.14 -43.39 36.55
CA PHE D 440 -9.10 -42.66 35.77
C PHE D 440 -8.98 -43.13 34.32
N LEU D 441 -10.16 -43.38 33.73
CA LEU D 441 -10.29 -43.77 32.34
C LEU D 441 -11.05 -42.67 31.61
N ALA D 442 -10.41 -42.14 30.56
CA ALA D 442 -10.92 -41.01 29.79
C ALA D 442 -11.69 -41.48 28.55
N GLU D 443 -13.00 -41.24 28.54
CA GLU D 443 -13.82 -41.61 27.36
C GLU D 443 -13.80 -40.50 26.32
N ALA D 444 -12.65 -40.25 25.72
CA ALA D 444 -12.47 -39.13 24.80
C ALA D 444 -12.42 -39.57 23.35
N PHE D 445 -13.58 -39.71 22.74
CA PHE D 445 -13.66 -39.99 21.33
C PHE D 445 -13.58 -38.66 20.58
N THR D 446 -12.35 -38.21 20.35
CA THR D 446 -12.10 -36.88 19.81
C THR D 446 -10.87 -36.91 18.92
N ARG D 447 -10.31 -35.73 18.63
CA ARG D 447 -9.14 -35.63 17.77
C ARG D 447 -7.88 -36.01 18.57
N PRO D 448 -6.81 -36.37 17.88
CA PRO D 448 -5.63 -36.95 18.57
C PRO D 448 -4.92 -36.02 19.57
N ALA D 449 -4.86 -34.71 19.28
CA ALA D 449 -4.25 -33.72 20.21
C ALA D 449 -4.89 -33.76 21.60
N MET D 450 -6.19 -33.56 21.66
CA MET D 450 -6.94 -33.61 22.91
C MET D 450 -6.76 -35.01 23.55
N MET D 451 -6.88 -36.08 22.76
CA MET D 451 -6.86 -37.46 23.25
C MET D 451 -5.55 -37.72 23.95
N ALA D 452 -4.49 -37.38 23.24
CA ALA D 452 -3.11 -37.43 23.72
C ALA D 452 -2.91 -36.55 24.99
N THR D 453 -3.34 -35.29 24.94
CA THR D 453 -3.11 -34.35 26.01
C THR D 453 -3.82 -34.84 27.26
N LEU D 454 -5.05 -35.33 27.11
CA LEU D 454 -5.79 -35.87 28.29
C LEU D 454 -4.96 -36.96 29.02
N ALA D 455 -4.34 -37.86 28.24
CA ALA D 455 -3.47 -38.90 28.84
C ALA D 455 -2.27 -38.26 29.51
N GLN D 456 -1.70 -37.24 28.86
CA GLN D 456 -0.45 -36.63 29.31
C GLN D 456 -0.59 -35.85 30.61
N ILE D 457 -1.78 -35.30 30.85
CA ILE D 457 -2.04 -34.54 32.04
C ILE D 457 -2.50 -35.38 33.25
N GLY D 458 -2.70 -36.68 33.06
CA GLY D 458 -2.79 -37.65 34.17
C GLY D 458 -3.74 -38.83 34.07
N PHE D 459 -4.52 -38.92 32.98
CA PHE D 459 -5.49 -40.05 32.82
C PHE D 459 -4.77 -41.35 32.63
N GLN D 460 -4.99 -42.30 33.56
CA GLN D 460 -4.22 -43.54 33.58
C GLN D 460 -4.51 -44.36 32.34
N GLN D 461 -5.73 -44.23 31.84
CA GLN D 461 -6.25 -45.03 30.71
C GLN D 461 -7.08 -44.19 29.76
N SER D 462 -7.12 -44.60 28.50
CA SER D 462 -7.86 -43.91 27.49
C SER D 462 -8.69 -44.86 26.63
N TYR D 463 -9.90 -44.43 26.31
CA TYR D 463 -10.64 -45.02 25.19
C TYR D 463 -9.95 -44.61 23.88
N THR D 464 -10.18 -45.39 22.85
CA THR D 464 -9.40 -45.34 21.61
C THR D 464 -10.29 -45.38 20.36
N TYR D 465 -9.61 -45.31 19.20
CA TYR D 465 -10.22 -45.47 17.90
C TYR D 465 -10.45 -46.95 17.50
N PHE D 466 -10.15 -47.89 18.38
CA PHE D 466 -10.28 -49.32 18.11
C PHE D 466 -11.50 -49.73 17.28
N THR D 467 -12.70 -49.35 17.74
CA THR D 467 -13.95 -49.77 17.10
C THR D 467 -13.99 -49.32 15.63
N TRP D 468 -13.23 -48.27 15.28
CA TRP D 468 -13.14 -47.81 13.88
C TRP D 468 -11.86 -48.27 13.17
N ARG D 469 -11.22 -49.30 13.72
CA ARG D 469 -10.10 -49.92 13.05
C ARG D 469 -10.44 -51.38 12.81
N ASN D 470 -10.85 -51.68 11.59
CA ASN D 470 -11.41 -52.99 11.27
C ASN D 470 -10.65 -53.78 10.18
N THR D 471 -9.97 -53.07 9.28
CA THR D 471 -9.12 -53.65 8.24
C THR D 471 -7.70 -53.89 8.76
N LYS D 472 -6.96 -54.71 8.04
CA LYS D 472 -5.62 -55.06 8.44
C LYS D 472 -4.75 -53.84 8.46
N GLN D 473 -4.86 -52.99 7.45
CA GLN D 473 -4.06 -51.76 7.39
C GLN D 473 -4.39 -50.83 8.55
N GLU D 474 -5.69 -50.69 8.84
CA GLU D 474 -6.17 -49.86 9.95
C GLU D 474 -5.65 -50.35 11.30
N LEU D 475 -5.83 -51.64 11.55
CA LEU D 475 -5.37 -52.27 12.78
C LEU D 475 -3.86 -52.21 12.95
N THR D 476 -3.14 -52.49 11.87
CA THR D 476 -1.67 -52.47 11.87
C THR D 476 -1.12 -51.06 12.09
N GLU D 477 -1.64 -50.08 11.36
CA GLU D 477 -1.23 -48.67 11.55
C GLU D 477 -1.53 -48.19 12.98
N TYR D 478 -2.76 -48.43 13.44
CA TYR D 478 -3.16 -47.92 14.75
C TYR D 478 -2.39 -48.53 15.93
N LEU D 479 -2.20 -49.85 15.90
CA LEU D 479 -1.53 -50.54 16.98
C LEU D 479 -0.03 -50.32 16.97
N THR D 480 0.53 -50.02 15.80
CA THR D 480 1.93 -49.61 15.67
C THR D 480 2.09 -48.28 16.43
N GLU D 481 1.11 -47.42 16.25
CA GLU D 481 1.11 -46.14 16.92
C GLU D 481 0.92 -46.32 18.45
N LEU D 482 -0.07 -47.10 18.86
CA LEU D 482 -0.39 -47.27 20.28
C LEU D 482 0.72 -47.98 21.06
N SER D 483 1.43 -48.87 20.38
CA SER D 483 2.49 -49.64 21.01
C SER D 483 3.87 -48.98 20.85
N GLY D 484 3.91 -47.83 20.18
CA GLY D 484 5.14 -47.08 20.00
C GLY D 484 5.30 -46.00 21.05
N GLU D 485 5.68 -44.81 20.61
CA GLU D 485 5.95 -43.71 21.54
C GLU D 485 4.75 -43.24 22.38
N ALA D 486 3.54 -43.37 21.86
CA ALA D 486 2.33 -43.07 22.64
C ALA D 486 2.22 -43.91 23.94
N ALA D 487 2.81 -45.10 23.94
CA ALA D 487 2.82 -45.94 25.16
C ALA D 487 3.52 -45.32 26.37
N SER D 488 4.32 -44.28 26.16
CA SER D 488 4.95 -43.57 27.27
C SER D 488 3.97 -42.65 27.99
N TYR D 489 2.77 -42.42 27.43
CA TYR D 489 1.78 -41.61 28.12
C TYR D 489 0.31 -42.10 28.11
N MET D 490 0.00 -43.07 27.27
CA MET D 490 -1.34 -43.57 27.08
C MET D 490 -1.44 -45.08 27.25
N ARG D 491 -2.40 -45.51 28.05
CA ARG D 491 -2.73 -46.89 28.23
C ARG D 491 -4.14 -47.07 27.65
N PRO D 492 -4.25 -47.82 26.57
CA PRO D 492 -5.50 -47.98 25.86
C PRO D 492 -6.42 -49.00 26.52
N ASN D 493 -7.73 -48.72 26.48
CA ASN D 493 -8.72 -49.67 26.90
C ASN D 493 -9.60 -49.98 25.65
N PHE D 494 -9.41 -51.18 25.12
CA PHE D 494 -10.09 -51.66 23.90
C PHE D 494 -11.43 -52.25 24.26
N PHE D 495 -12.44 -51.39 24.29
CA PHE D 495 -13.81 -51.88 24.35
C PHE D 495 -14.21 -52.23 22.93
N ALA D 496 -14.58 -53.51 22.71
CA ALA D 496 -15.08 -53.96 21.41
C ALA D 496 -16.43 -53.33 21.01
N ASN D 497 -17.27 -53.04 22.00
CA ASN D 497 -18.45 -52.22 21.83
C ASN D 497 -18.70 -51.31 23.03
N THR D 498 -19.59 -50.35 22.84
CA THR D 498 -20.07 -49.57 23.99
C THR D 498 -21.56 -49.38 23.77
N PRO D 499 -22.29 -48.92 24.79
CA PRO D 499 -23.70 -48.56 24.59
C PRO D 499 -23.98 -47.57 23.44
N ASP D 500 -22.95 -46.83 23.04
CA ASP D 500 -23.08 -45.76 22.04
C ASP D 500 -22.42 -46.16 20.71
N ILE D 501 -21.81 -47.35 20.68
CA ILE D 501 -21.04 -47.81 19.50
C ILE D 501 -21.27 -49.27 19.18
N LEU D 502 -22.12 -49.50 18.18
CA LEU D 502 -22.26 -50.78 17.53
C LEU D 502 -21.77 -50.60 16.11
N HIS D 503 -20.52 -50.96 15.85
CA HIS D 503 -19.94 -50.74 14.51
C HIS D 503 -20.60 -51.59 13.43
N ALA D 504 -20.64 -51.05 12.20
CA ALA D 504 -21.14 -51.75 11.01
C ALA D 504 -20.51 -53.13 10.80
N TYR D 505 -19.22 -53.25 11.11
CA TYR D 505 -18.53 -54.52 11.04
C TYR D 505 -19.32 -55.60 11.78
N LEU D 506 -19.77 -55.27 13.00
CA LEU D 506 -20.55 -56.20 13.80
C LEU D 506 -21.99 -56.36 13.27
N GLN D 507 -22.61 -55.24 12.90
CA GLN D 507 -23.95 -55.23 12.31
C GLN D 507 -24.07 -56.17 11.09
N HIS D 508 -23.07 -56.16 10.23
CA HIS D 508 -23.12 -56.94 8.99
C HIS D 508 -22.43 -58.28 9.15
N GLY D 509 -21.65 -58.43 10.22
CA GLY D 509 -20.81 -59.60 10.39
C GLY D 509 -21.46 -60.77 11.11
N GLY D 510 -22.40 -60.46 12.01
CA GLY D 510 -22.97 -61.47 12.88
C GLY D 510 -22.00 -61.99 13.92
N ARG D 511 -22.34 -63.15 14.48
CA ARG D 511 -21.51 -63.79 15.51
C ARG D 511 -20.02 -63.95 15.16
N PRO D 512 -19.71 -64.41 13.94
CA PRO D 512 -18.29 -64.53 13.60
C PRO D 512 -17.51 -63.20 13.71
N ALA D 513 -18.20 -62.09 13.47
CA ALA D 513 -17.63 -60.73 13.69
C ALA D 513 -17.39 -60.39 15.15
N PHE D 514 -18.30 -60.83 16.02
CA PHE D 514 -18.13 -60.69 17.46
C PHE D 514 -16.97 -61.51 17.98
N GLU D 515 -16.80 -62.70 17.40
CA GLU D 515 -15.67 -63.57 17.73
C GLU D 515 -14.35 -62.89 17.33
N VAL D 516 -14.27 -62.37 16.11
CA VAL D 516 -13.08 -61.68 15.62
C VAL D 516 -12.68 -60.51 16.55
N ARG D 517 -13.62 -59.61 16.79
CA ARG D 517 -13.31 -58.39 17.51
C ARG D 517 -12.90 -58.69 18.96
N ALA D 518 -13.47 -59.75 19.53
CA ALA D 518 -13.12 -60.18 20.89
C ALA D 518 -11.67 -60.67 20.94
N VAL D 519 -11.29 -61.53 19.98
CA VAL D 519 -9.90 -62.00 19.88
C VAL D 519 -8.91 -60.84 19.74
N LEU D 520 -9.20 -59.92 18.83
CA LEU D 520 -8.36 -58.75 18.57
C LEU D 520 -8.18 -57.87 19.79
N ALA D 521 -9.30 -57.52 20.44
CA ALA D 521 -9.26 -56.62 21.59
C ALA D 521 -8.44 -57.24 22.73
N ALA D 522 -8.70 -58.53 22.97
CA ALA D 522 -8.11 -59.24 24.07
C ALA D 522 -6.64 -59.54 23.83
N THR D 523 -6.25 -59.71 22.58
CA THR D 523 -4.82 -59.99 22.29
C THR D 523 -3.97 -58.77 21.92
N LEU D 524 -4.59 -57.66 21.49
CA LEU D 524 -3.83 -56.50 21.05
C LEU D 524 -3.57 -55.47 22.13
N SER D 525 -4.47 -55.34 23.07
CA SER D 525 -4.24 -54.48 24.20
C SER D 525 -4.29 -55.29 25.48
N PRO D 526 -3.43 -54.94 26.45
CA PRO D 526 -3.49 -55.56 27.77
C PRO D 526 -4.73 -55.15 28.56
N THR D 527 -5.43 -54.10 28.16
CA THR D 527 -6.76 -53.83 28.72
C THR D 527 -7.83 -53.85 27.62
N TRP D 528 -8.89 -54.62 27.84
CA TRP D 528 -10.00 -54.71 26.91
C TRP D 528 -11.32 -54.77 27.65
N GLY D 529 -12.42 -54.66 26.91
CA GLY D 529 -13.72 -54.67 27.51
C GLY D 529 -14.85 -54.89 26.54
N ILE D 530 -15.99 -55.22 27.11
CA ILE D 530 -17.23 -55.38 26.33
C ILE D 530 -18.36 -54.82 27.15
N TYR D 531 -19.40 -54.42 26.44
CA TYR D 531 -20.63 -53.98 27.10
C TYR D 531 -21.63 -55.13 26.96
N SER D 532 -22.24 -55.49 28.09
CA SER D 532 -23.24 -56.57 28.20
C SER D 532 -24.20 -56.62 27.02
N GLY D 533 -24.30 -57.79 26.40
CA GLY D 533 -25.10 -57.97 25.17
C GLY D 533 -24.19 -58.33 24.02
N TYR D 534 -22.94 -57.91 24.11
CA TYR D 534 -21.90 -58.29 23.11
C TYR D 534 -21.83 -59.82 22.97
N GLU D 535 -21.89 -60.51 24.10
CA GLU D 535 -21.75 -61.96 24.17
C GLU D 535 -22.89 -62.63 23.46
N LEU D 536 -24.06 -61.98 23.42
CA LEU D 536 -25.24 -62.54 22.75
C LEU D 536 -25.26 -62.11 21.29
N CYS D 537 -24.24 -61.36 20.89
CA CYS D 537 -24.07 -60.88 19.53
C CYS D 537 -25.23 -59.97 19.10
N GLU D 538 -25.62 -59.10 20.02
CA GLU D 538 -26.68 -58.12 19.75
C GLU D 538 -26.14 -57.11 18.76
N ASN D 539 -26.78 -57.05 17.59
CA ASN D 539 -26.23 -56.26 16.49
C ASN D 539 -27.28 -55.63 15.62
N THR D 540 -28.45 -55.34 16.18
CA THR D 540 -29.47 -54.62 15.44
C THR D 540 -29.34 -53.15 15.74
N PRO D 541 -28.99 -52.38 14.71
CA PRO D 541 -28.82 -50.97 14.94
C PRO D 541 -30.17 -50.25 14.95
N LEU D 542 -30.14 -49.01 15.40
CA LEU D 542 -31.30 -48.14 15.34
C LEU D 542 -31.81 -48.10 13.89
N ARG D 543 -30.89 -48.03 12.93
CA ARG D 543 -31.22 -48.03 11.50
C ARG D 543 -29.94 -48.23 10.69
N GLU D 544 -30.09 -48.42 9.38
CA GLU D 544 -28.94 -48.55 8.50
C GLU D 544 -28.12 -47.27 8.59
N GLY D 545 -26.82 -47.43 8.68
CA GLY D 545 -25.89 -46.31 8.79
C GLY D 545 -25.78 -45.68 10.17
N SER D 546 -26.35 -46.32 11.20
CA SER D 546 -26.22 -45.83 12.58
C SER D 546 -25.27 -46.72 13.35
N GLU D 547 -24.61 -46.15 14.37
CA GLU D 547 -23.87 -46.96 15.31
C GLU D 547 -24.63 -47.12 16.63
N GLU D 548 -25.83 -46.53 16.73
CA GLU D 548 -26.71 -46.81 17.87
C GLU D 548 -27.37 -48.19 17.76
N TYR D 549 -27.45 -48.89 18.90
CA TYR D 549 -28.30 -50.06 19.05
C TYR D 549 -29.78 -49.73 18.90
N LEU D 550 -30.59 -50.64 18.36
CA LEU D 550 -32.03 -50.49 18.43
C LEU D 550 -32.47 -50.81 19.87
N ASP D 551 -33.46 -50.09 20.39
CA ASP D 551 -34.01 -50.37 21.73
C ASP D 551 -32.90 -50.30 22.77
N SER D 552 -32.14 -49.21 22.70
CA SER D 552 -30.96 -49.04 23.50
C SER D 552 -31.24 -49.06 25.02
N GLU D 553 -30.41 -49.81 25.75
CA GLU D 553 -30.47 -49.96 27.22
C GLU D 553 -30.23 -48.66 27.95
N LYS D 554 -29.72 -47.66 27.24
CA LYS D 554 -29.59 -46.33 27.79
C LYS D 554 -30.98 -45.76 28.21
N TYR D 555 -32.02 -46.15 27.49
CA TYR D 555 -33.35 -45.55 27.61
C TYR D 555 -34.41 -46.47 28.19
N GLN D 556 -34.01 -47.69 28.50
CA GLN D 556 -34.96 -48.72 28.93
C GLN D 556 -34.25 -49.82 29.67
N LEU D 557 -35.04 -50.50 30.52
CA LEU D 557 -34.62 -51.75 31.12
C LEU D 557 -34.53 -52.76 29.98
N LYS D 558 -33.50 -53.60 30.01
CA LYS D 558 -33.24 -54.55 28.94
C LYS D 558 -32.89 -55.91 29.51
N PRO D 559 -33.91 -56.66 29.94
CA PRO D 559 -33.72 -57.96 30.60
C PRO D 559 -33.18 -58.99 29.63
N ARG D 560 -32.29 -59.85 30.11
CA ARG D 560 -31.73 -60.87 29.26
C ARG D 560 -31.88 -62.22 29.93
N ASP D 561 -32.29 -63.23 29.17
CA ASP D 561 -32.39 -64.59 29.68
C ASP D 561 -31.00 -65.23 29.54
N TRP D 562 -30.12 -64.92 30.49
CA TRP D 562 -28.73 -65.41 30.50
C TRP D 562 -28.66 -66.94 30.63
N THR D 563 -29.58 -67.54 31.37
CA THR D 563 -29.61 -69.00 31.58
C THR D 563 -29.99 -69.73 30.30
N ARG D 564 -31.06 -69.24 29.66
CA ARG D 564 -31.45 -69.80 28.37
C ARG D 564 -30.35 -69.66 27.29
N ALA D 565 -29.69 -68.52 27.22
CA ALA D 565 -28.60 -68.28 26.24
C ALA D 565 -27.46 -69.29 26.39
N ALA D 566 -27.13 -69.59 27.63
CA ALA D 566 -26.04 -70.48 27.96
C ALA D 566 -26.43 -71.91 27.60
N ARG D 567 -27.64 -72.35 27.93
CA ARG D 567 -28.06 -73.70 27.58
C ARG D 567 -28.24 -73.90 26.07
N GLU D 568 -28.69 -72.86 25.36
CA GLU D 568 -28.87 -72.92 23.90
C GLU D 568 -27.59 -72.55 23.09
N GLY D 569 -26.50 -72.23 23.77
CA GLY D 569 -25.20 -71.96 23.10
C GLY D 569 -25.18 -70.72 22.20
N THR D 570 -26.04 -69.76 22.51
CA THR D 570 -26.20 -68.56 21.69
C THR D 570 -25.46 -67.38 22.29
N THR D 571 -24.38 -67.70 23.01
CA THR D 571 -23.52 -66.72 23.63
C THR D 571 -22.09 -67.11 23.27
N ILE D 572 -21.25 -66.13 23.02
CA ILE D 572 -19.82 -66.38 22.83
C ILE D 572 -19.07 -66.25 24.15
N ALA D 573 -19.80 -66.47 25.24
CA ALA D 573 -19.27 -66.42 26.58
C ALA D 573 -18.08 -67.38 26.79
N PRO D 574 -18.15 -68.61 26.25
CA PRO D 574 -17.00 -69.52 26.46
C PRO D 574 -15.72 -69.01 25.77
N LEU D 575 -15.87 -68.43 24.58
CA LEU D 575 -14.72 -67.88 23.87
C LEU D 575 -14.12 -66.75 24.69
N VAL D 576 -14.98 -65.87 25.18
CA VAL D 576 -14.54 -64.75 26.00
C VAL D 576 -13.80 -65.26 27.24
N THR D 577 -14.36 -66.29 27.87
CA THR D 577 -13.76 -66.87 29.04
C THR D 577 -12.38 -67.43 28.70
N ARG D 578 -12.28 -68.09 27.55
CA ARG D 578 -11.03 -68.67 27.11
C ARG D 578 -9.96 -67.60 26.84
N LEU D 579 -10.38 -66.49 26.23
CA LEU D 579 -9.48 -65.35 26.03
C LEU D 579 -8.88 -64.80 27.33
N ASN D 580 -9.71 -64.60 28.33
CA ASN D 580 -9.23 -64.05 29.58
C ASN D 580 -8.32 -65.03 30.34
N THR D 581 -8.61 -66.33 30.19
CA THR D 581 -7.75 -67.39 30.76
C THR D 581 -6.42 -67.36 30.06
N ILE D 582 -6.43 -67.26 28.74
CA ILE D 582 -5.17 -67.18 28.01
C ILE D 582 -4.34 -65.97 28.45
N ARG D 583 -4.99 -64.83 28.59
CA ARG D 583 -4.36 -63.58 29.05
C ARG D 583 -3.74 -63.77 30.44
N ARG D 584 -4.49 -64.40 31.35
CA ARG D 584 -4.04 -64.65 32.71
C ARG D 584 -2.88 -65.65 32.82
N GLU D 585 -2.69 -66.47 31.77
CA GLU D 585 -1.62 -67.50 31.73
C GLU D 585 -0.43 -67.09 30.86
N ASN D 586 -0.53 -65.93 30.20
CA ASN D 586 0.51 -65.52 29.24
C ASN D 586 0.90 -64.06 29.43
N PRO D 587 2.00 -63.82 30.17
CA PRO D 587 2.53 -62.46 30.45
C PRO D 587 2.69 -61.58 29.21
N ALA D 588 2.99 -62.16 28.06
CA ALA D 588 3.07 -61.44 26.82
C ALA D 588 1.81 -60.63 26.51
N LEU D 589 0.68 -61.16 26.93
CA LEU D 589 -0.60 -60.52 26.68
C LEU D 589 -0.98 -59.48 27.73
N ARG D 590 -0.17 -59.36 28.78
CA ARG D 590 -0.40 -58.39 29.83
C ARG D 590 0.48 -57.15 29.65
N GLN D 591 1.06 -57.00 28.46
CA GLN D 591 1.86 -55.82 28.12
C GLN D 591 1.45 -55.27 26.76
N LEU D 592 1.90 -54.06 26.49
CA LEU D 592 1.47 -53.32 25.33
C LEU D 592 2.58 -53.13 24.30
N ARG D 593 3.77 -52.74 24.78
CA ARG D 593 4.80 -52.20 23.92
C ARG D 593 5.48 -53.21 22.99
N ASP D 594 5.61 -54.46 23.43
CA ASP D 594 6.18 -55.49 22.59
C ASP D 594 5.12 -56.12 21.74
N LEU D 595 5.09 -55.69 20.47
CA LEU D 595 4.14 -56.19 19.49
C LEU D 595 4.78 -56.08 18.13
N HIS D 596 4.73 -57.16 17.35
CA HIS D 596 5.19 -57.12 15.97
C HIS D 596 4.21 -57.77 15.01
N PHE D 597 4.03 -57.14 13.85
CA PHE D 597 3.14 -57.64 12.80
C PHE D 597 3.91 -58.42 11.73
N HIS D 598 3.52 -59.67 11.53
CA HIS D 598 4.18 -60.57 10.59
C HIS D 598 3.36 -60.62 9.30
N PRO D 599 4.03 -60.58 8.13
CA PRO D 599 3.30 -60.47 6.86
C PRO D 599 2.53 -61.74 6.47
N THR D 600 1.45 -61.57 5.71
CA THR D 600 0.66 -62.67 5.15
C THR D 600 0.30 -62.35 3.70
N ASP D 601 -0.04 -63.37 2.92
CA ASP D 601 -0.40 -63.18 1.51
C ASP D 601 -1.88 -62.87 1.29
N LYS D 602 -2.60 -62.58 2.38
CA LYS D 602 -4.05 -62.33 2.31
C LYS D 602 -4.41 -61.07 3.07
N GLU D 603 -5.13 -60.16 2.41
CA GLU D 603 -5.46 -58.90 3.01
C GLU D 603 -6.49 -59.04 4.10
N GLU D 604 -7.26 -60.13 4.04
CA GLU D 604 -8.24 -60.44 5.07
C GLU D 604 -7.57 -61.06 6.30
N VAL D 605 -6.31 -61.49 6.21
CA VAL D 605 -5.70 -62.29 7.27
C VAL D 605 -4.52 -61.54 7.90
N ILE D 606 -4.60 -61.34 9.20
CA ILE D 606 -3.60 -60.51 9.91
C ILE D 606 -2.88 -61.39 10.90
N ALA D 607 -1.61 -61.10 11.11
CA ALA D 607 -0.79 -61.89 12.00
C ALA D 607 0.16 -61.00 12.82
N TYR D 608 0.31 -61.33 14.09
CA TYR D 608 1.15 -60.53 14.97
C TYR D 608 1.60 -61.33 16.17
N SER D 609 2.65 -60.84 16.83
CA SER D 609 3.25 -61.55 17.95
C SER D 609 3.60 -60.59 19.08
N LYS D 610 3.50 -61.09 20.31
CA LYS D 610 3.86 -60.34 21.50
C LYS D 610 4.74 -61.18 22.43
N ARG D 611 5.68 -60.53 23.11
CA ARG D 611 6.63 -61.23 23.99
C ARG D 611 6.83 -60.58 25.33
N GLN D 612 7.17 -61.40 26.31
CA GLN D 612 7.48 -60.96 27.66
C GLN D 612 8.31 -62.08 28.25
N GLY D 613 9.57 -61.77 28.58
CA GLY D 613 10.53 -62.79 28.98
C GLY D 613 10.51 -63.91 27.96
N SER D 614 10.31 -65.13 28.44
CA SER D 614 10.30 -66.33 27.58
C SER D 614 8.92 -66.71 27.05
N ASN D 615 7.89 -65.94 27.40
CA ASN D 615 6.55 -66.14 26.86
C ASN D 615 6.40 -65.39 25.55
N THR D 616 5.96 -66.12 24.54
CA THR D 616 5.68 -65.57 23.24
C THR D 616 4.31 -66.05 22.80
N VAL D 617 3.43 -65.11 22.48
CA VAL D 617 2.17 -65.46 21.87
C VAL D 617 2.15 -65.03 20.40
N LEU D 618 1.65 -65.92 19.55
CA LEU D 618 1.49 -65.62 18.13
C LEU D 618 0.02 -65.77 17.75
N VAL D 619 -0.50 -64.72 17.11
CA VAL D 619 -1.93 -64.64 16.78
C VAL D 619 -2.14 -64.40 15.31
N VAL D 620 -3.05 -65.19 14.74
CA VAL D 620 -3.44 -65.02 13.35
C VAL D 620 -4.96 -64.92 13.32
N VAL D 621 -5.45 -63.89 12.63
CA VAL D 621 -6.90 -63.62 12.57
C VAL D 621 -7.41 -63.52 11.13
N ASN D 622 -8.54 -64.17 10.87
CA ASN D 622 -9.30 -63.91 9.65
C ASN D 622 -10.31 -62.79 9.88
N LEU D 623 -9.99 -61.60 9.38
CA LEU D 623 -10.84 -60.44 9.59
C LEU D 623 -12.12 -60.48 8.72
N ASP D 624 -12.26 -61.51 7.87
CA ASP D 624 -13.45 -61.71 7.05
C ASP D 624 -14.47 -62.55 7.81
N PRO D 625 -15.61 -61.97 8.21
CA PRO D 625 -16.59 -62.71 9.01
C PRO D 625 -17.58 -63.53 8.17
N ARG D 626 -17.44 -63.51 6.84
CA ARG D 626 -18.35 -64.26 5.97
C ARG D 626 -17.67 -65.36 5.14
N HIS D 627 -16.38 -65.24 4.83
CA HIS D 627 -15.72 -66.23 3.99
C HIS D 627 -14.48 -66.84 4.63
N THR D 628 -14.34 -68.15 4.45
CA THR D 628 -13.13 -68.84 4.82
C THR D 628 -11.95 -68.23 4.08
N GLN D 629 -10.83 -68.11 4.77
CA GLN D 629 -9.62 -67.54 4.21
C GLN D 629 -8.45 -68.46 4.50
N GLU D 630 -7.73 -68.82 3.45
CA GLU D 630 -6.47 -69.52 3.61
C GLU D 630 -5.34 -68.58 3.27
N ALA D 631 -4.25 -68.70 4.02
CA ALA D 631 -3.15 -67.78 3.81
C ALA D 631 -1.84 -68.41 4.26
N THR D 632 -0.76 -67.81 3.79
CA THR D 632 0.57 -68.18 4.19
C THR D 632 1.06 -67.06 5.09
N VAL D 633 1.31 -67.41 6.34
CA VAL D 633 1.86 -66.50 7.33
C VAL D 633 3.40 -66.64 7.32
N SER D 634 4.08 -65.53 7.00
CA SER D 634 5.54 -65.51 6.86
C SER D 634 6.20 -64.87 8.08
N LEU D 635 6.55 -65.69 9.06
CA LEU D 635 7.09 -65.18 10.32
C LEU D 635 8.48 -64.54 10.21
N ASP D 636 8.59 -63.30 10.70
CA ASP D 636 9.87 -62.68 11.04
C ASP D 636 10.55 -63.45 12.16
N MET D 637 11.30 -64.50 11.82
CA MET D 637 11.83 -65.41 12.83
C MET D 637 12.76 -64.74 13.84
N PRO D 638 13.70 -63.90 13.37
CA PRO D 638 14.56 -63.19 14.31
C PRO D 638 13.75 -62.33 15.29
N GLN D 639 12.63 -61.80 14.83
CA GLN D 639 11.77 -60.98 15.69
C GLN D 639 11.07 -61.80 16.76
N LEU D 640 11.05 -63.12 16.60
CA LEU D 640 10.64 -64.03 17.68
C LEU D 640 11.84 -64.49 18.49
N GLY D 641 13.04 -64.16 18.02
CA GLY D 641 14.29 -64.62 18.63
C GLY D 641 14.69 -66.00 18.14
N LEU D 642 14.45 -66.27 16.86
CA LEU D 642 14.69 -67.60 16.29
C LEU D 642 15.47 -67.47 14.99
N ASP D 643 16.18 -68.52 14.61
CA ASP D 643 16.89 -68.54 13.33
C ASP D 643 15.89 -68.79 12.22
N TRP D 644 16.22 -68.32 11.02
CA TRP D 644 15.31 -68.39 9.87
C TRP D 644 14.86 -69.81 9.52
N HIS D 645 15.75 -70.76 9.74
CA HIS D 645 15.53 -72.17 9.36
C HIS D 645 14.81 -72.93 10.47
N GLU D 646 14.94 -72.43 11.69
CA GLU D 646 14.29 -72.99 12.86
C GLU D 646 12.79 -73.20 12.64
N SER D 647 12.26 -74.22 13.29
CA SER D 647 10.83 -74.50 13.29
C SER D 647 10.47 -74.88 14.71
N VAL D 648 9.78 -73.99 15.40
CA VAL D 648 9.46 -74.18 16.83
C VAL D 648 7.97 -74.50 16.97
N PRO D 649 7.62 -75.35 17.95
CA PRO D 649 6.25 -75.82 18.02
C PRO D 649 5.35 -74.80 18.70
N VAL D 650 4.06 -74.83 18.37
CA VAL D 650 3.08 -73.95 18.98
C VAL D 650 1.90 -74.75 19.49
N ARG D 651 1.07 -74.11 20.30
CA ARG D 651 -0.21 -74.66 20.69
C ARG D 651 -1.24 -73.56 20.46
N ASP D 652 -2.31 -73.88 19.73
CA ASP D 652 -3.43 -72.96 19.58
C ASP D 652 -4.25 -73.09 20.85
N GLU D 653 -4.27 -72.01 21.64
CA GLU D 653 -4.90 -72.06 22.95
C GLU D 653 -6.42 -72.07 22.88
N LEU D 654 -6.97 -71.73 21.73
CA LEU D 654 -8.41 -71.81 21.53
C LEU D 654 -8.90 -73.24 21.36
N THR D 655 -8.10 -74.09 20.74
CA THR D 655 -8.49 -75.47 20.43
C THR D 655 -7.65 -76.52 21.18
N GLY D 656 -6.49 -76.13 21.69
CA GLY D 656 -5.56 -77.09 22.30
C GLY D 656 -4.77 -77.90 21.29
N GLU D 657 -4.95 -77.58 20.00
CA GLU D 657 -4.30 -78.31 18.92
C GLU D 657 -2.88 -77.78 18.73
N THR D 658 -1.95 -78.68 18.44
CA THR D 658 -0.53 -78.34 18.30
C THR D 658 -0.09 -78.30 16.86
N TYR D 659 0.81 -77.37 16.56
CA TYR D 659 1.41 -77.28 15.24
C TYR D 659 2.91 -77.06 15.35
N HIS D 660 3.63 -77.34 14.28
CA HIS D 660 5.05 -77.00 14.20
C HIS D 660 5.17 -75.92 13.17
N TRP D 661 5.41 -74.70 13.63
CA TRP D 661 5.51 -73.56 12.72
C TRP D 661 6.94 -73.04 12.59
N GLY D 662 7.18 -72.37 11.47
CA GLY D 662 8.46 -71.75 11.20
C GLY D 662 8.27 -70.57 10.27
N ARG D 663 9.24 -70.42 9.37
CA ARG D 663 9.33 -69.29 8.45
C ARG D 663 8.08 -69.03 7.63
N ALA D 664 7.46 -70.07 7.09
CA ALA D 664 6.29 -69.94 6.22
C ALA D 664 5.25 -70.98 6.60
N ASN D 665 4.01 -70.54 6.90
CA ASN D 665 2.98 -71.42 7.45
C ASN D 665 1.60 -71.23 6.85
N TYR D 666 1.00 -72.33 6.43
CA TYR D 666 -0.34 -72.32 5.88
C TYR D 666 -1.34 -72.28 7.03
N VAL D 667 -2.36 -71.44 6.90
CA VAL D 667 -3.51 -71.48 7.79
C VAL D 667 -4.79 -71.43 6.99
N ARG D 668 -5.83 -72.00 7.58
CA ARG D 668 -7.13 -72.05 6.94
C ARG D 668 -8.18 -71.77 8.00
N LEU D 669 -8.87 -70.64 7.87
CA LEU D 669 -9.74 -70.12 8.94
C LEU D 669 -11.16 -69.94 8.46
N GLU D 670 -12.06 -70.77 9.00
CA GLU D 670 -13.45 -70.77 8.58
C GLU D 670 -14.31 -70.03 9.61
N PRO D 671 -14.95 -68.91 9.19
CA PRO D 671 -15.80 -68.10 10.08
C PRO D 671 -16.94 -68.93 10.65
N GLY D 672 -17.14 -68.86 11.95
CA GLY D 672 -18.08 -69.73 12.64
C GLY D 672 -17.36 -70.90 13.31
N ARG D 673 -16.39 -71.50 12.61
CA ARG D 673 -15.61 -72.59 13.21
C ARG D 673 -14.33 -72.07 13.86
N THR D 674 -13.57 -71.23 13.15
CA THR D 674 -12.35 -70.63 13.68
C THR D 674 -12.26 -69.16 13.30
N PRO D 675 -12.40 -68.25 14.28
CA PRO D 675 -12.11 -66.86 13.92
C PRO D 675 -10.62 -66.60 13.76
N ALA D 676 -9.81 -67.28 14.57
CA ALA D 676 -8.39 -67.01 14.63
C ALA D 676 -7.59 -68.14 15.30
N HIS D 677 -6.27 -68.04 15.19
CA HIS D 677 -5.34 -68.90 15.93
C HIS D 677 -4.66 -68.05 16.99
N VAL D 678 -4.79 -68.44 18.25
CA VAL D 678 -4.12 -67.77 19.34
C VAL D 678 -3.12 -68.76 19.93
N CYS D 679 -1.89 -68.70 19.43
CA CYS D 679 -0.90 -69.72 19.72
C CYS D 679 0.17 -69.23 20.68
N THR D 680 0.60 -70.12 21.58
CA THR D 680 1.80 -69.93 22.39
C THR D 680 2.95 -70.76 21.81
N VAL D 681 4.16 -70.18 21.76
CA VAL D 681 5.38 -70.93 21.42
C VAL D 681 5.80 -71.80 22.61
N LEU D 682 5.96 -73.10 22.38
CA LEU D 682 6.23 -74.05 23.48
C LEU D 682 7.72 -74.11 23.87
N ARG D 683 7.99 -74.27 25.17
CA ARG D 683 9.34 -74.24 25.78
C ARG D 683 10.11 -75.56 25.72
#